data_8BT6
#
_entry.id   8BT6
#
_cell.length_a   121.399
_cell.length_b   146.661
_cell.length_c   185.918
_cell.angle_alpha   90.000
_cell.angle_beta   90.000
_cell.angle_gamma   90.000
#
_symmetry.space_group_name_H-M   'P 21 21 21'
#
loop_
_entity.id
_entity.type
_entity.pdbx_description
1 polymer 'Putative anonymous antigen-1'
2 non-polymer 'ACETATE ION'
3 non-polymer 'POTASSIUM ION'
4 water water
#
_entity_poly.entity_id   1
_entity_poly.type   'polypeptide(L)'
_entity_poly.pdbx_seq_one_letter_code
;G(MSE)AIGKVKRNPDAGVATAVQSVIQHQTFKR(MSE)LLFGLRSLADFCSPSNQLYQENALDALDRGVLSAIQTAVTT
FSDDDDL(MSE)LCASRVLWA(MSE)SVAIKEE(MSE)DPAHIARVHSEGSPVIVAVVNSSPTDPQTIEDS(MSE)NFVD
NLKRAGAPVDGASLAGG(MSE)LSIFTKTALD(MSE)KTAKRVTAALAIAAETAEGSTALYNAGGTSVLLTYCLDQGDLS
DAGVE(MSE)VEGAFDTVRY(MSE)AGYQCTDATTLPQCIAL(MSE)DKYRGRKSASAKGSSALAA(MSE)IGPEQLQKC
LNTLKTAEAGSAEYDEALVTLGS(MSE)SYISSFTDEIVRAGGVPLLIELINSGLPQ(MSE)EGNPEKIAS(MSE)ISGA
AK(MSE)LARIASNPVNVDAIVQAGGVATLCTAVSYCTES(MSE)EALGALC(MSE)ALVPLASRESLAHEIVQYQTFAT
VLPILYQNVESPEIAALA(MSE)ELVATGSQHEEIQEH(MSE)LQNQAAEICSLCCQYHTADASYQQHAISALNRLVPRL
TTLHGVSEYGGIQGVIASLNANVNNEQVALLAVQLLDNFSEVSDAKTY(MSE)SDGTCVDAVLAA(MSE)LEHEGNDLLI
SAGVHCLARIATEDDCARHLNVLDTAIQTARGNPDGVYRVLAAISGLSRVPSLRQIFEEKNASDTILAGISSWIECSRFE
GQNRIIKAALKTVKN(MSE)KISGDGDLTSCFAA(MSE)CDVACLPQVKRVVELEEPDNNILVADTAAFRDLAAT(MSE)
RITGAENLERCIESVLRV(MSE)RKYPDSRRAQLNCLETLNYLAQCDGGEGVAILSRTGGLNAVVQYLTRAP(MSE)YLD
AQIAGFTVLATSAKIDSNVGETLRKCNCLQALKVA(MSE)RTHAKSKELKRTIAPLVALL(MSE)PTDALETEIQELLNE
CASACEKNNFPHLHENLAALNELLISSEGAKIAARLGIGAH(MSE)CKYQEYISAHEQDALAVTDYDILGKDLFDATVSE
CAHA(MSE)EQVASTRSGRNALIKAGNVATLISLYESLKAPQSQYSEEAAIHCLEALRILLKSDKRSAELAFERNFVSTL
CVGIDSFPHSAPVLGATCACLAA(MSE)ATTPERVQ(MSE)LTAQPAFESLLQKLVFVIQNDPSKDNKLVA(MSE)RALQ
ELVEITNDAT(MSE)ANKIAEAGAVTALFRIIDEYGDDEQLTVQAAEVLALLGAFEDLRRFYDNDVRFPAQVLTAALTKQ
KNNETAVVHLLDVLNKLATSEDRAVLRELGV(MSE)EQVADA(MSE)RVHSESEAVTRLGGELFAK(MSE)GADEQIKSL
(MSE)LQIIETVESGAEDTAQTVDILCGRLAVFLAAPLEDPRDALQHTEKCLGSLVATLQTYPGSERLEGNVALVCRRLC
DRCFDDADDPYGAWAVAASG(MSE)LAQFAG(MSE)VAGETVLANKKFLGPAYRTFTACCANAYC(MSE)PT(MSE)VEV
APSFLPQTYTLLE(MSE)HKNDAETVARVLEFLRYFAEDPTACGLIVQN(MSE)SGSSGDVVALTVLL(MSE)QQHQNND
AVVCAG(MSE)EFLGALAYTLSQAGYEPLPTLADGSVLRDCDAL(MSE)GSNSSSARQLAH(MSE)H(MSE)IEK(MSE)
LLSKAYNDALIQEQALKKLT(MSE)SLKAEDDKKRFSDEERAGLYAA(MSE)ACVLLAAGGAGLTGE(MSE)EKFNGFEV
VLQAIEEFGENPTVIKEVNRALQGLS(MSE)ADVN(MSE)TARTVKEAVPKLCTEATTAIQTDAECADTFCDL(MSE)LQ
LVSQEGNGRQLLQVYGLEETLQGVENLAAYYGEDFGTQLSEKVA(MSE)IRQA(MSE)EDDQPREKTCKDVYDLLNSRVQ
QGLSVAISEVAILQEEVEFLVSQ(MSE)G(MSE)YNQEQLDHQTA(MSE)GADHQYGN(MSE)AFELLAATSANVKLLQA
NEFSK(MSE)ELALIKGQADPEIVLYAVKALTAFCKFPPAAQDTARIQGCPALVTEACSKINKSGLPNERKEEHLCARYF
LVERTAINRNLYNKTPI(MSE)TELINSWNDYDKGAYTTTLLRFVFRA(MSE)RRVVSDAHVEELLKANVLQRLIGIISD
VNAD(MSE)ALLPDVLFLLGSLAVVPEIKTKIGELNGIAACTDLLQRALPKPNTAPVVTNVCLAFANICIGHKKNTEIFS
KLGGPALNVKVLNDRGHEYDVCNAASVLLCNLLYKNES(MSE)KKLLGTNGAPAALVKGLSNYDGSEEKTAIRCLESVFK
AISNLSLYTPNIQPFLDAGIENAYSTWLSNLSETFPDAQLETGCRTLVNLV(MSE)ENEENN(MSE)RKFGVCLLPC
(MSE)AVAKQGRTDTKALLLLLDIEASLCRLKENAEAFAANGGIETTIRLIHQFDYDVGLLTLGIHLLGIQSAVKDSIQR
(MSE)(MSE)DADVFSILVGCVEVDAEGNEVTDLVVGGLRCTRRIVRSEELAFEYCNAGGIATIANVICKSINQP(MSE)
V(MSE)LEACRVLLGLLFYTTRSQADRQAAVEALHAQCQQRAEQ(MSE)HAQAQADYEAGVVSEPPPEE(MSE)EVPEPD
PDELANAAYGGWYQ(MSE)G(MSE)DEV(MSE)IDAILQAVCACAAVEAHAKQLRLQRVCLGLAAYFASEQ(MSE)GTSS
LVGSGIEQVLTQI(MSE)TNFAGEGTT(MSE)QLSCVIINSIA(MSE)TSGD(MSE)YEEIKTSALLSALKTSVGK
(MSE)ATKKPEEKALKETCAATLEAASSGEDPFDAFSKTVTELDFKFTEWNVDPYPNGVHDLPSNVKEALRKGGKLKVFL
PEKEKEEIRWRSSQDLNVFEWC(MSE)GNDQDYNNRIPIVRIRNVAKGLVHPALKAAAKKEPRKVAAKFT(MSE)CLFGP
PNDDFPEGVELP(MSE)VAKSQKERDAFVE(MSE)(MSE)VQWRDAATYNFHHHHHH
;
_entity_poly.pdbx_strand_id   A
#
loop_
_chem_comp.id
_chem_comp.type
_chem_comp.name
_chem_comp.formula
ACT non-polymer 'ACETATE ION' 'C2 H3 O2 -1'
K non-polymer 'POTASSIUM ION' 'K 1'
#
# COMPACT_ATOMS: atom_id res chain seq x y z
N LYS A 8 -4.60 -18.85 13.61
CA LYS A 8 -3.25 -18.46 13.99
C LYS A 8 -2.25 -19.39 13.31
N ARG A 9 -1.06 -18.86 13.01
CA ARG A 9 -0.08 -19.60 12.23
C ARG A 9 0.63 -20.64 13.08
N ASN A 10 1.40 -21.56 12.37
CA ASN A 10 2.27 -22.54 13.00
C ASN A 10 3.68 -21.98 13.11
N PRO A 11 4.46 -22.44 14.10
CA PRO A 11 5.86 -22.03 14.19
C PRO A 11 6.72 -22.77 13.16
N ASP A 12 7.93 -22.26 12.99
CA ASP A 12 8.93 -22.97 12.19
C ASP A 12 9.31 -24.27 12.89
N ALA A 13 9.28 -25.37 12.13
CA ALA A 13 9.57 -26.68 12.73
C ALA A 13 10.97 -26.70 13.34
N GLY A 14 11.92 -26.02 12.72
CA GLY A 14 13.29 -26.00 13.22
C GLY A 14 13.44 -25.39 14.61
N VAL A 15 12.40 -24.74 15.12
CA VAL A 15 12.46 -24.17 16.47
C VAL A 15 12.54 -25.28 17.51
N ALA A 16 11.84 -26.39 17.27
CA ALA A 16 11.92 -27.52 18.19
C ALA A 16 13.32 -28.15 18.18
N THR A 17 14.02 -28.06 17.04
CA THR A 17 15.38 -28.56 16.99
C THR A 17 16.36 -27.58 17.63
N ALA A 18 16.04 -26.28 17.60
CA ALA A 18 16.87 -25.31 18.30
C ALA A 18 16.66 -25.40 19.81
N VAL A 19 15.39 -25.32 20.24
CA VAL A 19 15.08 -25.52 21.66
C VAL A 19 15.73 -26.81 22.16
N GLN A 20 15.59 -27.88 21.39
CA GLN A 20 16.22 -29.14 21.76
C GLN A 20 17.72 -28.99 21.91
N SER A 21 18.36 -28.23 21.01
CA SER A 21 19.80 -28.08 21.06
C SER A 21 20.25 -27.34 22.33
N VAL A 22 19.47 -26.38 22.80
CA VAL A 22 19.88 -25.60 23.97
C VAL A 22 19.47 -26.28 25.28
N ILE A 23 18.35 -27.01 25.28
CA ILE A 23 18.00 -27.81 26.46
C ILE A 23 19.11 -28.81 26.75
N GLN A 24 19.36 -29.69 25.79
CA GLN A 24 20.65 -30.35 25.72
C GLN A 24 21.74 -29.28 25.57
N HIS A 25 22.97 -29.66 25.88
CA HIS A 25 24.11 -28.78 25.72
C HIS A 25 23.98 -27.47 26.50
N GLN A 26 23.12 -27.42 27.52
CA GLN A 26 23.16 -26.28 28.43
C GLN A 26 24.60 -26.02 28.88
N THR A 27 25.35 -27.10 29.11
CA THR A 27 26.71 -27.05 29.61
C THR A 27 27.71 -26.90 28.47
N PHE A 28 27.57 -27.70 27.41
CA PHE A 28 28.46 -27.61 26.25
C PHE A 28 28.30 -26.23 25.64
N LYS A 29 29.26 -25.34 25.95
CA LYS A 29 29.05 -23.92 25.72
C LYS A 29 28.94 -23.58 24.24
N ARG A 30 29.82 -24.15 23.41
CA ARG A 30 29.77 -23.83 21.99
C ARG A 30 28.51 -24.39 21.33
N MSE A 31 28.01 -25.52 21.81
CA MSE A 31 26.77 -26.08 21.31
C MSE A 31 25.60 -25.22 21.76
O MSE A 31 24.69 -24.92 20.98
CB MSE A 31 26.58 -27.52 21.80
CG MSE A 31 27.57 -28.53 21.22
SE MSE A 31 27.72 -28.51 19.28
CE MSE A 31 29.12 -27.16 19.10
H MSE A 31 28.38 -25.99 22.43
HA MSE A 31 26.79 -26.12 20.34
HB2 MSE A 31 25.70 -27.81 21.55
HB3 MSE A 31 26.68 -27.53 22.75
HG2 MSE A 31 27.30 -29.42 21.49
HG3 MSE A 31 28.45 -28.33 21.58
HE1 MSE A 31 29.37 -27.09 18.17
HE2 MSE A 31 29.88 -27.43 19.64
HE3 MSE A 31 28.78 -26.31 19.41
N LEU A 32 25.62 -24.82 23.04
CA LEU A 32 24.65 -23.87 23.55
C LEU A 32 24.58 -22.63 22.66
N LEU A 33 25.74 -22.06 22.34
CA LEU A 33 25.75 -20.83 21.55
C LEU A 33 25.16 -21.05 20.17
N PHE A 34 25.43 -22.20 19.56
CA PHE A 34 24.80 -22.49 18.28
C PHE A 34 23.28 -22.48 18.42
N GLY A 35 22.76 -23.25 19.38
CA GLY A 35 21.31 -23.36 19.53
C GLY A 35 20.65 -22.02 19.82
N LEU A 36 21.20 -21.27 20.78
CA LEU A 36 20.61 -19.97 21.13
C LEU A 36 20.73 -18.99 19.97
N ARG A 37 21.89 -18.96 19.31
CA ARG A 37 22.03 -18.16 18.10
C ARG A 37 20.97 -18.55 17.07
N SER A 38 20.69 -19.85 16.96
CA SER A 38 19.65 -20.32 16.05
C SER A 38 18.27 -19.90 16.55
N LEU A 39 18.00 -20.11 17.84
CA LEU A 39 16.71 -19.74 18.40
C LEU A 39 16.47 -18.24 18.31
N ALA A 40 17.54 -17.44 18.41
CA ALA A 40 17.39 -16.00 18.30
C ALA A 40 16.86 -15.60 16.93
N ASP A 41 17.44 -16.17 15.86
CA ASP A 41 16.99 -15.83 14.51
C ASP A 41 15.54 -16.26 14.29
N PHE A 42 15.13 -17.39 14.87
CA PHE A 42 13.72 -17.76 14.82
C PHE A 42 12.86 -16.76 15.57
N CYS A 43 13.41 -16.12 16.60
CA CYS A 43 12.69 -15.14 17.40
C CYS A 43 13.00 -13.70 16.97
N SER A 44 13.70 -13.52 15.84
CA SER A 44 13.95 -12.19 15.31
C SER A 44 12.83 -11.78 14.37
N PRO A 45 12.48 -10.48 14.34
CA PRO A 45 11.33 -10.06 13.53
C PRO A 45 11.53 -10.24 12.04
N SER A 46 12.77 -10.42 11.57
CA SER A 46 12.97 -10.79 10.17
C SER A 46 12.16 -12.03 9.82
N ASN A 47 11.92 -12.89 10.80
CA ASN A 47 11.05 -14.05 10.63
C ASN A 47 9.60 -13.63 10.79
N GLN A 48 8.76 -13.98 9.81
CA GLN A 48 7.34 -13.70 9.91
C GLN A 48 6.66 -14.45 11.04
N LEU A 49 7.37 -15.34 11.72
CA LEU A 49 6.79 -16.18 12.76
C LEU A 49 7.49 -15.99 14.10
N TYR A 50 8.15 -14.83 14.30
CA TYR A 50 8.98 -14.67 15.49
C TYR A 50 8.15 -14.75 16.77
N GLN A 51 6.99 -14.11 16.81
CA GLN A 51 6.13 -14.24 17.97
C GLN A 51 5.68 -15.67 18.18
N GLU A 52 5.23 -16.33 17.10
CA GLU A 52 4.77 -17.71 17.22
C GLU A 52 5.92 -18.64 17.58
N ASN A 53 7.12 -18.39 17.05
CA ASN A 53 8.27 -19.21 17.41
C ASN A 53 8.65 -19.03 18.88
N ALA A 54 8.65 -17.78 19.35
CA ALA A 54 9.02 -17.51 20.74
C ALA A 54 8.05 -18.19 21.71
N LEU A 55 6.75 -18.05 21.46
CA LEU A 55 5.77 -18.80 22.25
C LEU A 55 6.03 -20.30 22.17
N ASP A 56 6.44 -20.79 21.00
CA ASP A 56 6.74 -22.21 20.86
C ASP A 56 7.89 -22.62 21.76
N ALA A 57 8.95 -21.81 21.78
CA ALA A 57 10.11 -22.12 22.63
C ALA A 57 9.75 -22.04 24.10
N LEU A 58 8.89 -21.08 24.46
CA LEU A 58 8.38 -21.00 25.84
C LEU A 58 7.69 -22.30 26.23
N ASP A 59 6.70 -22.72 25.43
CA ASP A 59 5.92 -23.89 25.78
C ASP A 59 6.77 -25.15 25.86
N ARG A 60 7.89 -25.19 25.14
CA ARG A 60 8.77 -26.35 25.16
C ARG A 60 9.74 -26.35 26.33
N GLY A 61 9.76 -25.29 27.14
CA GLY A 61 10.52 -25.30 28.37
C GLY A 61 11.95 -24.87 28.24
N VAL A 62 12.21 -23.84 27.42
CA VAL A 62 13.58 -23.44 27.14
C VAL A 62 14.11 -22.44 28.16
N LEU A 63 13.24 -21.64 28.78
CA LEU A 63 13.69 -20.65 29.76
C LEU A 63 14.38 -21.34 30.94
N SER A 64 13.77 -22.40 31.45
CA SER A 64 14.40 -23.16 32.53
C SER A 64 15.80 -23.63 32.16
N ALA A 65 16.10 -23.74 30.86
CA ALA A 65 17.44 -24.03 30.40
C ALA A 65 18.26 -22.75 30.20
N ILE A 66 17.62 -21.70 29.66
CA ILE A 66 18.34 -20.45 29.43
C ILE A 66 18.79 -19.83 30.75
N GLN A 67 17.93 -19.88 31.77
CA GLN A 67 18.33 -19.38 33.08
C GLN A 67 19.52 -20.17 33.61
N THR A 68 19.53 -21.48 33.37
CA THR A 68 20.68 -22.29 33.75
C THR A 68 21.93 -21.87 32.98
N ALA A 69 21.77 -21.28 31.81
CA ALA A 69 22.91 -20.91 30.97
C ALA A 69 23.46 -19.53 31.29
N VAL A 70 22.58 -18.53 31.49
CA VAL A 70 23.06 -17.19 31.80
C VAL A 70 23.79 -17.19 33.14
N THR A 71 23.40 -18.07 34.06
CA THR A 71 24.10 -18.16 35.34
C THR A 71 25.45 -18.85 35.18
N THR A 72 25.45 -20.02 34.54
CA THR A 72 26.67 -20.82 34.41
C THR A 72 27.73 -20.12 33.55
N PHE A 73 27.34 -19.14 32.73
CA PHE A 73 28.26 -18.50 31.80
C PHE A 73 28.06 -16.98 31.82
N SER A 74 28.09 -16.40 33.02
CA SER A 74 27.79 -14.97 33.16
C SER A 74 28.76 -14.08 32.39
N ASP A 75 29.94 -14.59 32.03
CA ASP A 75 30.96 -13.75 31.42
C ASP A 75 30.78 -13.56 29.91
N ASP A 76 30.02 -14.43 29.25
CA ASP A 76 29.91 -14.41 27.79
C ASP A 76 28.83 -13.41 27.39
N ASP A 77 29.25 -12.34 26.70
CA ASP A 77 28.28 -11.38 26.18
C ASP A 77 27.48 -11.96 25.03
N ASP A 78 28.06 -12.90 24.27
CA ASP A 78 27.35 -13.46 23.12
C ASP A 78 26.11 -14.22 23.58
N LEU A 79 26.23 -15.03 24.62
CA LEU A 79 25.05 -15.60 25.27
C LEU A 79 24.02 -14.52 25.56
N MSE A 80 24.45 -13.45 26.23
CA MSE A 80 23.58 -12.37 26.65
C MSE A 80 22.80 -11.76 25.47
O MSE A 80 21.59 -11.57 25.58
CB MSE A 80 24.39 -11.29 27.36
CG MSE A 80 24.21 -11.26 28.89
SE MSE A 80 24.23 -13.02 29.72
CE MSE A 80 23.74 -12.52 31.54
H MSE A 80 25.27 -13.34 26.47
HA MSE A 80 22.91 -12.72 27.27
HB2 MSE A 80 25.34 -11.44 27.19
HB3 MSE A 80 24.12 -10.42 27.02
HG2 MSE A 80 24.94 -10.74 29.27
HG3 MSE A 80 23.37 -10.84 29.08
HE1 MSE A 80 23.99 -13.24 32.14
HE2 MSE A 80 24.20 -11.71 31.78
HE3 MSE A 80 22.77 -12.39 31.59
N LEU A 81 23.49 -11.44 24.38
CA LEU A 81 22.79 -10.89 23.23
C LEU A 81 21.70 -11.84 22.75
N CYS A 82 22.04 -13.12 22.60
CA CYS A 82 21.06 -14.10 22.12
C CYS A 82 19.95 -14.31 23.15
N ALA A 83 20.30 -14.43 24.42
CA ALA A 83 19.29 -14.66 25.44
C ALA A 83 18.29 -13.51 25.51
N SER A 84 18.77 -12.27 25.48
CA SER A 84 17.86 -11.14 25.55
C SER A 84 16.98 -11.04 24.31
N ARG A 85 17.47 -11.53 23.17
CA ARG A 85 16.64 -11.51 21.97
C ARG A 85 15.47 -12.48 22.09
N VAL A 86 15.74 -13.71 22.49
CA VAL A 86 14.67 -14.68 22.70
C VAL A 86 13.67 -14.14 23.72
N LEU A 87 14.18 -13.66 24.86
CA LEU A 87 13.30 -13.15 25.90
C LEU A 87 12.47 -11.97 25.40
N TRP A 88 13.08 -11.06 24.64
CA TRP A 88 12.32 -9.93 24.13
C TRP A 88 11.18 -10.40 23.24
N ALA A 89 11.46 -11.31 22.30
CA ALA A 89 10.43 -11.77 21.37
C ALA A 89 9.27 -12.41 22.13
N MSE A 90 9.57 -13.13 23.20
CA MSE A 90 8.54 -13.68 24.06
C MSE A 90 7.67 -12.54 24.61
O MSE A 90 6.45 -12.58 24.49
CB MSE A 90 9.15 -14.47 25.21
CG MSE A 90 9.79 -15.78 24.78
SE MSE A 90 10.49 -16.76 26.30
CE MSE A 90 10.97 -18.42 25.37
H MSE A 90 10.38 -13.32 23.45
HA MSE A 90 7.98 -14.28 23.55
HB2 MSE A 90 9.84 -13.94 25.62
HB3 MSE A 90 8.46 -14.67 25.85
HG2 MSE A 90 9.11 -16.33 24.34
HG3 MSE A 90 10.51 -15.60 24.17
HE1 MSE A 90 11.64 -18.23 24.70
HE2 MSE A 90 11.34 -19.05 26.02
HE3 MSE A 90 10.18 -18.79 24.95
N SER A 91 8.32 -11.54 25.21
CA SER A 91 7.58 -10.44 25.80
C SER A 91 6.65 -9.79 24.78
N VAL A 92 7.12 -9.63 23.54
CA VAL A 92 6.25 -9.12 22.48
C VAL A 92 5.03 -10.01 22.32
N ALA A 93 5.26 -11.28 21.96
CA ALA A 93 4.16 -12.21 21.78
C ALA A 93 3.33 -12.36 23.05
N ILE A 94 3.97 -12.18 24.21
CA ILE A 94 3.25 -12.22 25.48
C ILE A 94 2.23 -11.08 25.54
N LYS A 95 2.72 -9.85 25.37
CA LYS A 95 1.84 -8.67 25.40
C LYS A 95 0.66 -8.83 24.46
N GLU A 96 0.86 -9.50 23.33
CA GLU A 96 -0.20 -9.59 22.32
C GLU A 96 -1.19 -10.71 22.64
N GLU A 97 -0.70 -11.85 23.11
CA GLU A 97 -1.59 -12.98 23.38
C GLU A 97 -2.46 -12.73 24.61
N MSE A 98 -1.89 -12.09 25.64
CA MSE A 98 -2.59 -11.84 26.89
C MSE A 98 -3.14 -13.13 27.52
O MSE A 98 -4.15 -13.09 28.23
CB MSE A 98 -3.73 -10.85 26.69
CG MSE A 98 -3.29 -9.42 26.35
SE MSE A 98 -1.99 -8.64 27.60
CE MSE A 98 -2.75 -9.23 29.29
H MSE A 98 -1.09 -11.80 25.63
HA MSE A 98 -1.95 -11.45 27.50
HB2 MSE A 98 -4.29 -11.16 25.95
HB3 MSE A 98 -4.26 -10.81 27.50
HG2 MSE A 98 -2.88 -9.43 25.48
HG3 MSE A 98 -4.07 -8.85 26.36
HE1 MSE A 98 -2.85 -10.20 29.27
HE2 MSE A 98 -2.15 -8.98 30.02
HE3 MSE A 98 -3.61 -8.83 29.42
N ASP A 99 -2.48 -14.24 27.27
CA ASP A 99 -2.78 -15.47 28.00
C ASP A 99 -2.22 -15.33 29.41
N PRO A 100 -3.05 -15.35 30.46
CA PRO A 100 -2.48 -15.28 31.82
C PRO A 100 -1.47 -16.37 32.09
N ALA A 101 -1.72 -17.60 31.62
CA ALA A 101 -0.78 -18.69 31.83
C ALA A 101 0.62 -18.31 31.38
N HIS A 102 0.74 -17.63 30.23
CA HIS A 102 2.05 -17.30 29.69
C HIS A 102 2.65 -16.07 30.38
N ILE A 103 1.87 -15.00 30.53
CA ILE A 103 2.38 -13.79 31.16
C ILE A 103 2.97 -14.12 32.53
N ALA A 104 2.28 -14.97 33.29
CA ALA A 104 2.81 -15.41 34.57
C ALA A 104 4.13 -16.14 34.40
N ARG A 105 4.18 -17.06 33.45
CA ARG A 105 5.38 -17.88 33.25
C ARG A 105 6.57 -17.02 32.84
N VAL A 106 6.43 -16.26 31.75
CA VAL A 106 7.52 -15.44 31.26
C VAL A 106 8.00 -14.44 32.30
N HIS A 107 7.16 -14.13 33.29
CA HIS A 107 7.56 -13.23 34.36
C HIS A 107 8.25 -13.94 35.52
N SER A 108 7.91 -15.22 35.74
CA SER A 108 8.57 -16.02 36.77
C SER A 108 9.85 -16.68 36.23
N GLU A 109 9.72 -17.48 35.19
CA GLU A 109 10.88 -18.14 34.60
C GLU A 109 11.71 -17.21 33.74
N GLY A 110 11.15 -16.08 33.29
CA GLY A 110 11.82 -15.25 32.31
C GLY A 110 12.45 -13.99 32.85
N SER A 111 11.75 -13.30 33.76
CA SER A 111 12.31 -12.07 34.33
C SER A 111 13.70 -12.27 34.93
N PRO A 112 13.98 -13.35 35.68
CA PRO A 112 15.33 -13.50 36.25
C PRO A 112 16.40 -13.66 35.18
N VAL A 113 16.04 -14.14 33.99
CA VAL A 113 17.02 -14.22 32.91
C VAL A 113 17.51 -12.82 32.55
N ILE A 114 16.59 -11.88 32.35
CA ILE A 114 16.97 -10.53 31.98
C ILE A 114 17.65 -9.82 33.14
N VAL A 115 17.18 -10.08 34.36
CA VAL A 115 17.85 -9.53 35.55
C VAL A 115 19.33 -9.88 35.50
N ALA A 116 19.65 -11.10 35.04
CA ALA A 116 21.05 -11.49 34.91
C ALA A 116 21.75 -10.74 33.80
N VAL A 117 21.06 -10.53 32.67
CA VAL A 117 21.65 -9.79 31.56
C VAL A 117 21.91 -8.34 31.97
N VAL A 118 21.02 -7.77 32.79
CA VAL A 118 21.21 -6.39 33.22
C VAL A 118 22.38 -6.31 34.20
N ASN A 119 22.53 -7.30 35.07
CA ASN A 119 23.63 -7.32 36.02
C ASN A 119 24.96 -7.77 35.41
N SER A 120 25.02 -7.91 34.08
CA SER A 120 26.26 -8.25 33.40
C SER A 120 26.99 -7.04 32.86
N SER A 121 26.52 -5.84 33.19
CA SER A 121 27.03 -4.60 32.62
C SER A 121 27.11 -4.72 31.09
N PRO A 122 25.98 -4.98 30.42
CA PRO A 122 26.00 -5.06 28.96
C PRO A 122 26.32 -3.73 28.33
N THR A 123 27.12 -3.77 27.26
CA THR A 123 27.44 -2.59 26.47
C THR A 123 26.78 -2.61 25.10
N ASP A 124 26.06 -3.68 24.77
CA ASP A 124 25.61 -3.90 23.40
C ASP A 124 24.28 -3.18 23.17
N PRO A 125 24.19 -2.31 22.15
CA PRO A 125 22.91 -1.63 21.92
C PRO A 125 21.72 -2.56 21.79
N GLN A 126 21.89 -3.71 21.13
CA GLN A 126 20.77 -4.63 20.96
C GLN A 126 20.44 -5.34 22.27
N THR A 127 21.47 -5.79 23.01
CA THR A 127 21.22 -6.41 24.31
C THR A 127 20.42 -5.48 25.20
N ILE A 128 20.90 -4.24 25.35
CA ILE A 128 20.20 -3.26 26.19
C ILE A 128 18.80 -3.01 25.64
N GLU A 129 18.71 -2.68 24.35
CA GLU A 129 17.42 -2.33 23.75
C GLU A 129 16.42 -3.46 23.90
N ASP A 130 16.86 -4.71 23.72
CA ASP A 130 15.95 -5.85 23.91
C ASP A 130 15.56 -6.00 25.37
N SER A 131 16.51 -5.77 26.30
CA SER A 131 16.20 -5.93 27.71
C SER A 131 15.27 -4.82 28.20
N MSE A 132 15.52 -3.58 27.78
CA MSE A 132 14.67 -2.46 28.18
C MSE A 132 13.26 -2.64 27.62
O MSE A 132 12.28 -2.39 28.31
CB MSE A 132 15.26 -1.13 27.70
CG MSE A 132 16.60 -0.78 28.33
SE MSE A 132 16.53 -0.67 30.28
CE MSE A 132 18.25 -1.52 30.67
H MSE A 132 16.16 -3.37 27.26
HA MSE A 132 14.64 -2.42 29.15
HB2 MSE A 132 15.39 -1.18 26.74
HB3 MSE A 132 14.64 -0.42 27.91
HG2 MSE A 132 17.24 -1.47 28.09
HG3 MSE A 132 16.89 0.08 27.99
HE1 MSE A 132 18.95 -0.85 30.58
HE2 MSE A 132 18.24 -1.86 31.58
HE3 MSE A 132 18.40 -2.24 30.04
N ASN A 133 13.18 -3.08 26.37
CA ASN A 133 11.87 -3.32 25.77
C ASN A 133 11.18 -4.52 26.39
N PHE A 134 11.95 -5.47 26.95
CA PHE A 134 11.36 -6.58 27.65
C PHE A 134 10.54 -6.10 28.85
N VAL A 135 11.15 -5.29 29.72
CA VAL A 135 10.47 -4.88 30.94
C VAL A 135 9.27 -4.00 30.61
N ASP A 136 9.34 -3.22 29.54
CA ASP A 136 8.18 -2.40 29.15
C ASP A 136 7.01 -3.28 28.73
N ASN A 137 7.26 -4.26 27.86
CA ASN A 137 6.17 -5.13 27.41
C ASN A 137 5.62 -5.96 28.57
N LEU A 138 6.50 -6.42 29.46
CA LEU A 138 6.04 -7.15 30.64
C LEU A 138 5.15 -6.28 31.51
N LYS A 139 5.51 -5.01 31.67
CA LYS A 139 4.69 -4.08 32.43
C LYS A 139 3.33 -3.88 31.75
N ARG A 140 3.35 -3.66 30.43
CA ARG A 140 2.10 -3.48 29.69
C ARG A 140 1.22 -4.72 29.79
N ALA A 141 1.81 -5.89 29.98
CA ALA A 141 1.05 -7.12 30.11
C ALA A 141 0.52 -7.33 31.52
N GLY A 142 0.82 -6.44 32.45
CA GLY A 142 0.37 -6.59 33.82
C GLY A 142 1.28 -7.40 34.70
N ALA A 143 2.58 -7.42 34.40
CA ALA A 143 3.54 -8.19 35.17
C ALA A 143 4.88 -7.45 35.20
N PRO A 144 4.94 -6.27 35.81
CA PRO A 144 6.17 -5.47 35.73
C PRO A 144 7.30 -6.10 36.52
N VAL A 145 8.52 -5.98 36.00
CA VAL A 145 9.70 -6.42 36.70
C VAL A 145 10.11 -5.34 37.70
N ASP A 146 10.35 -5.75 38.95
CA ASP A 146 10.78 -4.82 39.98
C ASP A 146 11.93 -3.96 39.48
N GLY A 147 11.72 -2.63 39.52
CA GLY A 147 12.76 -1.72 39.09
C GLY A 147 13.97 -1.74 39.99
N ALA A 148 13.78 -2.09 41.26
CA ALA A 148 14.89 -2.14 42.20
C ALA A 148 15.78 -3.34 41.94
N SER A 149 15.21 -4.44 41.43
CA SER A 149 16.02 -5.61 41.12
C SER A 149 16.92 -5.38 39.92
N LEU A 150 16.64 -4.35 39.12
CA LEU A 150 17.43 -4.02 37.94
C LEU A 150 18.30 -2.77 38.11
N ALA A 151 18.06 -1.99 39.17
CA ALA A 151 18.68 -0.67 39.27
C ALA A 151 20.20 -0.76 39.33
N GLY A 152 20.72 -1.67 40.16
CA GLY A 152 22.16 -1.74 40.35
C GLY A 152 22.90 -2.13 39.10
N GLY A 153 22.35 -3.09 38.33
CA GLY A 153 23.03 -3.53 37.12
C GLY A 153 23.01 -2.49 36.03
N MSE A 154 21.89 -1.81 35.85
CA MSE A 154 21.79 -0.76 34.85
C MSE A 154 22.81 0.34 35.11
O MSE A 154 23.45 0.84 34.20
CB MSE A 154 20.38 -0.18 34.80
CG MSE A 154 19.37 -1.04 34.06
SE MSE A 154 17.62 -0.19 33.90
CE MSE A 154 17.03 -0.37 35.75
H MSE A 154 21.16 -1.93 36.30
HA MSE A 154 21.97 -1.15 33.97
HB2 MSE A 154 20.06 -0.08 35.72
HB3 MSE A 154 20.42 0.69 34.37
HG2 MSE A 154 19.71 -1.20 33.16
HG3 MSE A 154 19.26 -1.87 34.53
HE1 MSE A 154 17.55 0.24 36.30
HE2 MSE A 154 16.09 -0.15 35.80
HE3 MSE A 154 17.18 -1.28 36.04
N LEU A 155 22.94 0.73 36.38
CA LEU A 155 23.88 1.78 36.74
C LEU A 155 25.31 1.37 36.40
N SER A 156 25.64 0.10 36.61
CA SER A 156 26.98 -0.38 36.28
C SER A 156 27.27 -0.31 34.78
N ILE A 157 26.25 -0.14 33.94
CA ILE A 157 26.48 0.03 32.52
C ILE A 157 27.33 1.25 32.22
N PHE A 158 27.34 2.23 33.12
CA PHE A 158 27.93 3.53 32.85
C PHE A 158 29.42 3.60 33.16
N THR A 159 29.96 2.64 33.91
CA THR A 159 31.41 2.58 34.05
C THR A 159 32.12 2.17 32.77
N LYS A 160 31.36 1.93 31.70
CA LYS A 160 31.91 1.53 30.41
C LYS A 160 31.94 2.74 29.50
N THR A 161 33.15 3.19 29.16
CA THR A 161 33.34 4.49 28.54
C THR A 161 32.61 4.61 27.21
N ALA A 162 32.79 3.62 26.34
CA ALA A 162 32.28 3.71 24.97
C ALA A 162 30.84 3.19 24.89
N LEU A 163 29.94 3.91 25.57
CA LEU A 163 28.51 3.64 25.50
C LEU A 163 27.85 4.68 24.61
N ASP A 164 27.02 4.20 23.68
CA ASP A 164 26.32 5.08 22.76
C ASP A 164 25.36 5.99 23.53
N MSE A 165 25.08 7.16 22.95
CA MSE A 165 24.12 8.09 23.55
C MSE A 165 22.70 7.55 23.41
O MSE A 165 21.88 7.69 24.31
CB MSE A 165 24.23 9.48 22.92
CG MSE A 165 25.47 10.28 23.29
SE MSE A 165 25.62 10.73 25.20
CE MSE A 165 27.24 9.73 25.61
H MSE A 165 25.42 7.43 22.21
HA MSE A 165 24.35 8.19 24.49
HB2 MSE A 165 24.22 9.37 21.96
HB3 MSE A 165 23.45 10.00 23.19
HG2 MSE A 165 26.25 9.77 23.06
HG3 MSE A 165 25.45 11.12 22.80
HE1 MSE A 165 27.98 10.07 25.08
HE2 MSE A 165 27.44 9.82 26.56
HE3 MSE A 165 27.10 8.79 25.40
N LYS A 166 22.41 6.95 22.26
CA LYS A 166 21.09 6.37 22.03
C LYS A 166 20.79 5.27 23.04
N THR A 167 21.79 4.45 23.35
CA THR A 167 21.62 3.42 24.38
C THR A 167 21.56 4.04 25.76
N ALA A 168 22.40 5.06 26.01
CA ALA A 168 22.43 5.69 27.32
C ALA A 168 21.07 6.30 27.66
N LYS A 169 20.47 7.02 26.71
CA LYS A 169 19.21 7.69 26.99
C LYS A 169 18.14 6.70 27.42
N ARG A 170 18.08 5.54 26.77
CA ARG A 170 17.10 4.54 27.14
C ARG A 170 17.35 4.03 28.56
N VAL A 171 18.61 3.88 28.94
CA VAL A 171 18.95 3.34 30.26
C VAL A 171 18.72 4.39 31.34
N THR A 172 19.17 5.63 31.12
CA THR A 172 18.95 6.67 32.13
C THR A 172 17.46 6.87 32.37
N ALA A 173 16.66 6.85 31.31
CA ALA A 173 15.22 6.96 31.47
C ALA A 173 14.67 5.87 32.39
N ALA A 174 15.28 4.69 32.38
CA ALA A 174 14.80 3.59 33.22
C ALA A 174 15.27 3.77 34.65
N LEU A 175 16.55 4.11 34.84
CA LEU A 175 17.06 4.39 36.18
C LEU A 175 16.17 5.39 36.90
N ALA A 176 15.74 6.44 36.21
CA ALA A 176 14.88 7.44 36.83
C ALA A 176 13.60 6.82 37.36
N ILE A 177 12.94 6.00 36.55
CA ILE A 177 11.71 5.35 37.00
C ILE A 177 12.02 4.38 38.14
N ALA A 178 13.16 3.67 38.05
CA ALA A 178 13.54 2.78 39.13
C ALA A 178 13.82 3.55 40.41
N ALA A 179 14.56 4.67 40.30
CA ALA A 179 14.86 5.48 41.47
C ALA A 179 13.60 6.08 42.09
N GLU A 180 12.53 6.23 41.32
CA GLU A 180 11.31 6.87 41.80
C GLU A 180 10.74 6.19 43.06
N THR A 181 11.22 5.01 43.41
CA THR A 181 10.78 4.31 44.61
C THR A 181 11.88 4.34 45.67
N ALA A 182 11.47 4.11 46.92
CA ALA A 182 12.43 4.01 48.01
C ALA A 182 13.39 2.84 47.77
N GLU A 183 12.86 1.68 47.34
CA GLU A 183 13.70 0.51 47.15
C GLU A 183 14.72 0.72 46.03
N GLY A 184 14.35 1.48 44.99
CA GLY A 184 15.24 1.69 43.87
C GLY A 184 16.34 2.68 44.16
N SER A 185 16.00 3.83 44.74
CA SER A 185 17.01 4.79 45.14
C SER A 185 18.02 4.16 46.10
N THR A 186 17.54 3.36 47.06
CA THR A 186 18.43 2.70 48.00
C THR A 186 19.42 1.79 47.29
N ALA A 187 18.92 0.99 46.33
CA ALA A 187 19.79 0.08 45.60
C ALA A 187 20.89 0.85 44.88
N LEU A 188 20.54 1.93 44.20
CA LEU A 188 21.54 2.76 43.54
C LEU A 188 22.51 3.36 44.55
N TYR A 189 21.98 3.85 45.67
CA TYR A 189 22.80 4.50 46.69
C TYR A 189 23.92 3.57 47.16
N ASN A 190 23.63 2.29 47.35
CA ASN A 190 24.60 1.33 47.85
C ASN A 190 25.35 0.60 46.74
N ALA A 191 25.04 0.89 45.48
CA ALA A 191 25.70 0.28 44.33
C ALA A 191 26.55 1.29 43.58
N GLY A 192 27.25 2.14 44.32
CA GLY A 192 27.88 3.31 43.74
C GLY A 192 26.82 4.37 43.51
N GLY A 193 26.97 5.52 44.17
CA GLY A 193 25.90 6.50 44.19
C GLY A 193 25.73 7.29 42.92
N THR A 194 25.41 8.57 43.06
CA THR A 194 25.20 9.42 41.90
C THR A 194 26.45 9.57 41.05
N SER A 195 27.63 9.35 41.64
CA SER A 195 28.88 9.67 40.94
C SER A 195 29.09 8.77 39.72
N VAL A 196 28.70 7.50 39.82
CA VAL A 196 28.85 6.59 38.68
C VAL A 196 28.17 7.17 37.45
N LEU A 197 26.92 7.63 37.62
CA LEU A 197 26.17 8.16 36.49
C LEU A 197 26.70 9.52 36.06
N LEU A 198 26.82 10.45 37.01
CA LEU A 198 27.18 11.82 36.64
C LEU A 198 28.59 11.91 36.07
N THR A 199 29.50 11.03 36.52
CA THR A 199 30.84 11.03 35.94
C THR A 199 30.79 10.67 34.46
N TYR A 200 29.92 9.73 34.09
CA TYR A 200 29.76 9.37 32.69
C TYR A 200 29.23 10.54 31.88
N CYS A 201 28.13 11.15 32.36
CA CYS A 201 27.58 12.32 31.69
C CYS A 201 28.66 13.36 31.41
N LEU A 202 29.54 13.60 32.38
CA LEU A 202 30.56 14.63 32.22
C LEU A 202 31.67 14.19 31.28
N ASP A 203 32.12 12.95 31.41
CA ASP A 203 33.29 12.50 30.66
C ASP A 203 32.96 12.04 29.24
N GLN A 204 31.70 11.71 28.96
CA GLN A 204 31.35 11.15 27.66
C GLN A 204 30.15 11.84 27.01
N GLY A 205 29.23 12.35 27.83
CA GLY A 205 28.04 13.00 27.32
C GLY A 205 28.32 14.08 26.28
N ASP A 206 27.40 14.28 25.35
CA ASP A 206 27.58 15.29 24.30
C ASP A 206 26.29 16.07 24.15
N LEU A 207 26.25 16.95 23.15
CA LEU A 207 25.15 17.89 22.98
C LEU A 207 24.29 17.58 21.77
N SER A 208 24.29 16.34 21.31
CA SER A 208 23.33 15.90 20.30
C SER A 208 21.96 15.76 20.94
N ASP A 209 20.94 15.63 20.08
CA ASP A 209 19.58 15.45 20.58
C ASP A 209 19.50 14.29 21.57
N ALA A 210 20.30 13.24 21.36
CA ALA A 210 20.23 12.08 22.23
C ALA A 210 21.06 12.27 23.49
N GLY A 211 22.19 12.97 23.39
CA GLY A 211 22.96 13.28 24.59
C GLY A 211 22.18 14.14 25.56
N VAL A 212 21.39 15.08 25.03
CA VAL A 212 20.55 15.91 25.89
C VAL A 212 19.44 15.09 26.51
N GLU A 213 18.75 14.27 25.70
CA GLU A 213 17.71 13.41 26.23
C GLU A 213 18.27 12.46 27.29
N MSE A 214 19.53 12.08 27.16
CA MSE A 214 20.17 11.20 28.13
C MSE A 214 20.37 11.90 29.47
O MSE A 214 20.03 11.38 30.52
CB MSE A 214 21.52 10.69 27.61
CG MSE A 214 22.22 9.71 28.54
SE MSE A 214 23.41 10.54 29.87
CE MSE A 214 24.82 11.13 28.65
H MSE A 214 20.05 12.31 26.51
HA MSE A 214 19.60 10.42 28.27
HB2 MSE A 214 21.37 10.24 26.77
HB3 MSE A 214 22.10 11.46 27.48
HG2 MSE A 214 21.55 9.22 29.03
HG3 MSE A 214 22.76 9.11 28.01
HE1 MSE A 214 24.43 11.73 27.99
HE2 MSE A 214 25.50 11.59 29.16
HE3 MSE A 214 25.20 10.36 28.21
N VAL A 215 20.94 13.10 29.41
CA VAL A 215 21.18 13.86 30.63
C VAL A 215 19.86 14.27 31.27
N GLU A 216 18.79 14.42 30.48
CA GLU A 216 17.47 14.62 31.07
C GLU A 216 17.15 13.52 32.08
N GLY A 217 17.35 12.26 31.68
CA GLY A 217 17.05 11.15 32.57
C GLY A 217 18.00 11.04 33.75
N ALA A 218 19.27 11.38 33.55
CA ALA A 218 20.22 11.35 34.66
C ALA A 218 19.84 12.36 35.74
N PHE A 219 19.45 13.56 35.33
CA PHE A 219 19.03 14.55 36.31
C PHE A 219 17.78 14.11 37.06
N ASP A 220 16.84 13.45 36.35
CA ASP A 220 15.65 12.93 37.01
C ASP A 220 16.02 11.84 38.02
N THR A 221 17.00 11.00 37.68
CA THR A 221 17.46 9.98 38.61
C THR A 221 17.96 10.61 39.89
N VAL A 222 18.86 11.60 39.78
CA VAL A 222 19.38 12.28 40.96
C VAL A 222 18.26 12.90 41.77
N ARG A 223 17.30 13.55 41.08
CA ARG A 223 16.20 14.20 41.77
C ARG A 223 15.45 13.22 42.67
N TYR A 224 15.14 12.04 42.15
CA TYR A 224 14.39 11.07 42.94
C TYR A 224 15.22 10.54 44.10
N MSE A 225 16.52 10.37 43.90
CA MSE A 225 17.41 9.91 44.97
C MSE A 225 17.53 10.98 46.06
O MSE A 225 17.65 10.67 47.25
CB MSE A 225 18.78 9.55 44.40
CG MSE A 225 18.74 8.41 43.40
SE MSE A 225 20.45 7.99 42.57
CE MSE A 225 21.36 7.18 44.10
H MSE A 225 16.92 10.52 43.15
HA MSE A 225 17.05 9.11 45.37
HB2 MSE A 225 19.15 10.33 43.95
HB3 MSE A 225 19.36 9.29 45.13
HG2 MSE A 225 18.44 7.60 43.87
HG3 MSE A 225 18.12 8.63 42.70
HE1 MSE A 225 20.84 6.41 44.38
HE2 MSE A 225 22.25 6.91 43.83
HE3 MSE A 225 21.40 7.83 44.81
N ALA A 226 17.50 12.25 45.65
CA ALA A 226 17.51 13.34 46.62
C ALA A 226 16.28 13.27 47.53
N GLY A 227 15.11 12.96 46.95
CA GLY A 227 13.91 12.80 47.74
C GLY A 227 14.01 11.71 48.79
N TYR A 228 14.96 10.78 48.63
CA TYR A 228 15.17 9.68 49.57
C TYR A 228 16.50 9.79 50.29
N GLN A 229 17.13 10.96 50.28
CA GLN A 229 18.41 11.19 50.96
C GLN A 229 19.48 10.20 50.47
N CYS A 230 19.47 9.91 49.17
CA CYS A 230 20.43 9.01 48.56
C CYS A 230 21.45 9.77 47.71
N THR A 231 21.69 11.03 48.04
CA THR A 231 22.69 11.85 47.35
C THR A 231 23.98 11.91 48.16
N ASP A 232 25.03 12.35 47.50
CA ASP A 232 26.39 12.28 48.02
C ASP A 232 27.03 13.66 47.91
N ALA A 233 28.06 13.88 48.75
CA ALA A 233 28.75 15.16 48.76
C ALA A 233 29.35 15.51 47.41
N THR A 234 29.51 14.52 46.52
CA THR A 234 29.96 14.79 45.16
C THR A 234 28.82 15.17 44.21
N THR A 235 27.58 15.08 44.66
CA THR A 235 26.44 15.19 43.74
C THR A 235 26.25 16.62 43.27
N LEU A 236 26.09 17.55 44.21
CA LEU A 236 25.90 18.95 43.84
C LEU A 236 27.03 19.46 42.96
N PRO A 237 28.30 19.30 43.32
CA PRO A 237 29.37 19.78 42.41
C PRO A 237 29.26 19.20 41.01
N GLN A 238 29.06 17.89 40.90
CA GLN A 238 28.97 17.28 39.58
C GLN A 238 27.72 17.76 38.85
N CYS A 239 26.62 17.98 39.57
CA CYS A 239 25.43 18.53 38.94
C CYS A 239 25.67 19.93 38.42
N ILE A 240 26.34 20.78 39.22
CA ILE A 240 26.67 22.13 38.76
C ILE A 240 27.48 22.08 37.48
N ALA A 241 28.55 21.27 37.45
CA ALA A 241 29.41 21.24 36.29
C ALA A 241 28.70 20.69 35.06
N LEU A 242 27.67 19.87 35.25
CA LEU A 242 26.87 19.40 34.12
C LEU A 242 25.92 20.49 33.63
N MSE A 243 25.38 21.29 34.55
CA MSE A 243 24.62 22.48 34.19
C MSE A 243 25.45 23.37 33.28
O MSE A 243 24.98 23.82 32.23
CB MSE A 243 24.21 23.25 35.45
CG MSE A 243 23.22 22.52 36.34
SE MSE A 243 21.45 22.48 35.53
CE MSE A 243 20.86 24.26 36.07
H MSE A 243 25.44 21.15 35.40
HA MSE A 243 23.80 22.22 33.74
HB2 MSE A 243 25.01 23.43 35.98
HB3 MSE A 243 23.80 24.09 35.17
HG2 MSE A 243 23.51 21.61 36.45
HG3 MSE A 243 23.16 22.98 37.19
HE1 MSE A 243 20.02 24.47 35.62
HE2 MSE A 243 20.73 24.28 37.04
HE3 MSE A 243 21.54 24.91 35.82
N ASP A 244 26.70 23.62 33.68
CA ASP A 244 27.60 24.42 32.85
C ASP A 244 27.80 23.78 31.48
N LYS A 245 27.97 22.45 31.45
CA LYS A 245 28.22 21.77 30.18
C LYS A 245 27.04 21.92 29.22
N TYR A 246 25.81 21.83 29.73
CA TYR A 246 24.61 21.88 28.92
C TYR A 246 23.88 23.22 29.03
N ARG A 247 24.64 24.32 29.18
CA ARG A 247 24.02 25.62 29.43
C ARG A 247 22.98 25.97 28.37
N GLY A 248 23.31 25.76 27.10
CA GLY A 248 22.46 26.21 26.02
C GLY A 248 21.25 25.37 25.69
N ARG A 249 20.97 24.32 26.46
CA ARG A 249 19.89 23.39 26.17
C ARG A 249 18.93 23.37 27.36
N LYS A 250 17.77 24.00 27.20
CA LYS A 250 16.90 24.27 28.34
C LYS A 250 16.21 23.01 28.86
N SER A 251 16.00 22.01 28.01
CA SER A 251 15.39 20.78 28.48
C SER A 251 16.26 20.12 29.54
N ALA A 252 17.57 20.05 29.29
CA ALA A 252 18.48 19.47 30.28
C ALA A 252 18.67 20.41 31.47
N SER A 253 18.71 21.72 31.22
CA SER A 253 18.89 22.66 32.32
C SER A 253 17.71 22.62 33.28
N ALA A 254 16.48 22.59 32.74
CA ALA A 254 15.30 22.59 33.59
C ALA A 254 15.29 21.38 34.51
N LYS A 255 15.64 20.21 34.01
CA LYS A 255 15.68 19.02 34.84
C LYS A 255 16.88 19.02 35.79
N GLY A 256 17.94 19.76 35.45
CA GLY A 256 19.02 19.95 36.40
C GLY A 256 18.62 20.79 37.60
N SER A 257 17.90 21.89 37.35
CA SER A 257 17.49 22.74 38.45
C SER A 257 16.40 22.09 39.31
N SER A 258 15.55 21.26 38.70
CA SER A 258 14.60 20.49 39.48
C SER A 258 15.32 19.54 40.43
N ALA A 259 16.33 18.83 39.92
CA ALA A 259 17.14 17.98 40.79
C ALA A 259 17.82 18.79 41.88
N LEU A 260 18.50 19.88 41.50
CA LEU A 260 19.14 20.74 42.49
C LEU A 260 18.15 21.22 43.53
N ALA A 261 16.94 21.59 43.10
CA ALA A 261 15.92 22.06 44.04
C ALA A 261 15.61 21.01 45.11
N ALA A 262 15.72 19.72 44.78
CA ALA A 262 15.44 18.67 45.73
C ALA A 262 16.60 18.40 46.68
N MSE A 263 17.77 18.99 46.44
CA MSE A 263 18.92 18.82 47.32
C MSE A 263 19.07 20.00 48.27
O MSE A 263 19.83 19.94 49.24
CB MSE A 263 20.20 18.67 46.50
CG MSE A 263 20.31 17.37 45.74
SE MSE A 263 21.86 17.36 44.56
CE MSE A 263 20.98 17.80 42.89
H MSE A 263 17.93 19.49 45.76
HA MSE A 263 18.78 18.01 47.85
HB2 MSE A 263 20.24 19.39 45.87
HB3 MSE A 263 20.96 18.71 47.11
HG2 MSE A 263 20.39 16.63 46.36
HG3 MSE A 263 19.51 17.25 45.20
HE1 MSE A 263 20.06 18.04 43.07
HE2 MSE A 263 21.45 18.53 42.47
HE3 MSE A 263 21.00 17.02 42.31
N ILE A 264 18.34 21.08 47.99
CA ILE A 264 18.52 22.36 48.68
C ILE A 264 17.13 22.92 48.97
N GLY A 265 16.74 22.91 50.24
CA GLY A 265 15.44 23.39 50.64
C GLY A 265 15.32 24.89 50.50
N PRO A 266 14.09 25.42 50.59
CA PRO A 266 13.93 26.88 50.63
C PRO A 266 14.51 27.51 51.87
N GLU A 267 14.72 26.72 52.93
CA GLU A 267 15.25 27.28 54.18
C GLU A 267 16.67 27.78 54.01
N GLN A 268 17.47 27.12 53.17
CA GLN A 268 18.87 27.51 53.00
C GLN A 268 19.02 28.78 52.18
N LEU A 269 18.10 29.04 51.25
CA LEU A 269 18.16 30.26 50.45
C LEU A 269 18.14 31.49 51.35
N GLN A 270 17.14 31.58 52.24
CA GLN A 270 16.96 32.79 53.04
C GLN A 270 18.13 32.99 54.01
N LYS A 271 18.62 31.91 54.61
CA LYS A 271 19.77 32.03 55.50
C LYS A 271 20.99 32.49 54.73
N CYS A 272 21.15 32.03 53.49
CA CYS A 272 22.29 32.41 52.68
C CYS A 272 22.29 33.91 52.41
N LEU A 273 21.16 34.45 51.96
CA LEU A 273 21.08 35.88 51.67
C LEU A 273 21.23 36.71 52.95
N ASN A 274 20.67 36.25 54.06
CA ASN A 274 20.78 37.01 55.30
C ASN A 274 22.18 36.92 55.88
N THR A 275 22.91 35.84 55.59
CA THR A 275 24.31 35.77 55.97
C THR A 275 25.14 36.78 55.18
N LEU A 276 24.86 36.91 53.89
CA LEU A 276 25.59 37.89 53.07
C LEU A 276 25.29 39.32 53.51
N LYS A 277 24.11 39.56 54.08
CA LYS A 277 23.76 40.90 54.53
C LYS A 277 24.44 41.25 55.86
N THR A 278 24.69 40.26 56.72
CA THR A 278 25.16 40.49 58.07
C THR A 278 26.64 40.13 58.26
N ALA A 279 27.04 38.95 57.79
CA ALA A 279 28.39 38.45 58.06
C ALA A 279 29.45 39.44 57.60
N GLU A 280 30.58 39.44 58.32
CA GLU A 280 31.67 40.35 58.00
C GLU A 280 32.23 40.06 56.61
N ALA A 281 32.75 41.10 55.98
CA ALA A 281 33.44 40.94 54.70
C ALA A 281 34.74 40.19 54.90
N GLY A 282 34.94 39.14 54.11
CA GLY A 282 36.17 38.37 54.19
C GLY A 282 36.18 37.28 55.23
N SER A 283 35.06 37.04 55.91
CA SER A 283 34.98 35.94 56.86
C SER A 283 34.62 34.64 56.12
N ALA A 284 34.81 33.52 56.83
CA ALA A 284 34.48 32.23 56.23
C ALA A 284 32.98 32.13 55.95
N GLU A 285 32.15 32.71 56.83
CA GLU A 285 30.71 32.58 56.64
C GLU A 285 30.21 33.46 55.50
N TYR A 286 30.83 34.63 55.30
CA TYR A 286 30.48 35.43 54.12
C TYR A 286 30.93 34.72 52.85
N ASP A 287 32.19 34.28 52.81
CA ASP A 287 32.72 33.65 51.61
C ASP A 287 31.94 32.40 51.26
N GLU A 288 31.66 31.54 52.25
CA GLU A 288 30.91 30.33 51.98
C GLU A 288 29.49 30.63 51.54
N ALA A 289 28.88 31.71 52.08
CA ALA A 289 27.52 32.05 51.69
C ALA A 289 27.47 32.52 50.24
N LEU A 290 28.45 33.30 49.81
CA LEU A 290 28.47 33.78 48.43
C LEU A 290 28.67 32.62 47.46
N VAL A 291 29.53 31.67 47.82
CA VAL A 291 29.70 30.46 47.00
C VAL A 291 28.38 29.70 46.91
N THR A 292 27.73 29.47 48.05
CA THR A 292 26.44 28.77 48.05
C THR A 292 25.43 29.49 47.18
N LEU A 293 25.42 30.83 47.22
CA LEU A 293 24.49 31.58 46.37
C LEU A 293 24.77 31.35 44.90
N GLY A 294 26.03 31.09 44.55
CA GLY A 294 26.34 30.73 43.17
C GLY A 294 25.63 29.46 42.74
N SER A 295 25.65 28.44 43.60
CA SER A 295 24.97 27.19 43.26
C SER A 295 23.47 27.41 43.08
N MSE A 296 22.85 28.14 44.00
CA MSE A 296 21.41 28.32 43.98
C MSE A 296 20.96 29.20 42.82
O MSE A 296 19.78 29.18 42.45
CB MSE A 296 20.94 28.91 45.31
CG MSE A 296 21.25 28.02 46.51
SE MSE A 296 20.79 28.91 48.18
CE MSE A 296 21.21 27.45 49.42
H MSE A 296 23.25 28.55 44.65
HA MSE A 296 21.00 27.45 43.87
HB2 MSE A 296 21.39 29.76 45.45
HB3 MSE A 296 19.98 29.05 45.27
HG2 MSE A 296 20.73 27.22 46.44
HG3 MSE A 296 22.19 27.82 46.52
HE1 MSE A 296 21.83 26.85 49.00
HE2 MSE A 296 21.61 27.83 50.23
HE3 MSE A 296 20.39 26.99 49.65
N SER A 297 21.88 29.98 42.25
CA SER A 297 21.55 30.75 41.06
C SER A 297 21.23 29.85 39.88
N TYR A 298 21.62 28.58 39.94
CA TYR A 298 21.27 27.61 38.91
C TYR A 298 19.82 27.12 39.03
N ILE A 299 19.15 27.43 40.13
CA ILE A 299 17.79 26.96 40.39
C ILE A 299 16.83 28.09 40.01
N SER A 300 16.00 27.85 39.00
CA SER A 300 15.10 28.90 38.52
C SER A 300 13.95 29.14 39.49
N SER A 301 13.55 28.11 40.25
CA SER A 301 12.53 28.30 41.28
C SER A 301 13.04 29.07 42.48
N PHE A 302 14.36 29.29 42.57
CA PHE A 302 14.93 30.18 43.57
C PHE A 302 15.26 31.56 43.02
N THR A 303 15.49 31.67 41.71
CA THR A 303 15.88 32.94 41.11
C THR A 303 14.84 34.03 41.38
N ASP A 304 13.57 33.65 41.54
CA ASP A 304 12.55 34.63 41.91
C ASP A 304 12.63 35.00 43.37
N GLU A 305 13.10 34.09 44.22
CA GLU A 305 13.28 34.42 45.64
C GLU A 305 14.48 35.32 45.85
N ILE A 306 15.55 35.14 45.06
CA ILE A 306 16.71 36.03 45.16
C ILE A 306 16.30 37.46 44.81
N VAL A 307 15.54 37.62 43.73
CA VAL A 307 15.11 38.96 43.32
C VAL A 307 14.18 39.57 44.36
N ARG A 308 13.28 38.76 44.92
CA ARG A 308 12.36 39.25 45.94
C ARG A 308 13.12 39.83 47.13
N ALA A 309 14.20 39.17 47.53
CA ALA A 309 14.96 39.57 48.72
C ALA A 309 16.18 40.43 48.38
N GLY A 310 16.02 41.34 47.41
CA GLY A 310 17.06 42.29 47.05
C GLY A 310 18.45 41.70 46.92
N GLY A 311 18.59 40.64 46.12
CA GLY A 311 19.89 40.04 45.87
C GLY A 311 20.56 40.60 44.64
N VAL A 312 19.77 41.20 43.75
CA VAL A 312 20.29 41.79 42.52
C VAL A 312 21.11 43.03 42.87
N PRO A 313 20.60 43.93 43.72
CA PRO A 313 21.46 45.04 44.17
C PRO A 313 22.72 44.57 44.87
N LEU A 314 22.62 43.53 45.70
CA LEU A 314 23.80 43.02 46.39
C LEU A 314 24.88 42.59 45.40
N LEU A 315 24.49 41.90 44.33
CA LEU A 315 25.47 41.46 43.34
C LEU A 315 26.01 42.63 42.53
N ILE A 316 25.15 43.59 42.19
CA ILE A 316 25.61 44.76 41.44
C ILE A 316 26.53 45.61 42.29
N GLU A 317 26.33 45.62 43.61
CA GLU A 317 27.22 46.36 44.51
C GLU A 317 28.60 45.71 44.57
N LEU A 318 28.67 44.38 44.53
CA LEU A 318 29.97 43.70 44.50
C LEU A 318 30.82 44.22 43.35
N ILE A 319 30.19 44.45 42.19
CA ILE A 319 30.93 44.89 41.01
C ILE A 319 31.26 46.38 41.10
N ASN A 320 30.25 47.20 41.42
CA ASN A 320 30.46 48.64 41.54
C ASN A 320 31.62 48.95 42.48
N SER A 321 31.61 48.34 43.66
CA SER A 321 32.65 48.58 44.65
C SER A 321 33.97 47.88 44.34
N GLY A 322 33.97 46.95 43.39
CA GLY A 322 35.18 46.21 43.07
C GLY A 322 36.05 46.90 42.03
N LEU A 323 35.44 47.66 41.12
CA LEU A 323 36.22 48.28 40.06
C LEU A 323 37.25 49.27 40.59
N PRO A 324 36.97 50.07 41.62
CA PRO A 324 38.05 50.87 42.22
C PRO A 324 39.21 50.03 42.73
N GLN A 325 38.96 48.78 43.13
CA GLN A 325 39.98 47.93 43.71
C GLN A 325 40.78 47.14 42.68
N MSE A 326 40.44 47.23 41.40
CA MSE A 326 41.00 46.33 40.40
C MSE A 326 42.50 46.55 40.20
O MSE A 326 43.25 45.59 40.01
CB MSE A 326 40.26 46.47 39.07
CG MSE A 326 40.63 45.42 38.03
SE MSE A 326 39.09 44.37 37.46
CE MSE A 326 39.94 43.13 36.23
H MSE A 326 39.89 47.82 41.09
HA MSE A 326 40.87 45.42 40.72
HB2 MSE A 326 39.31 46.40 39.23
HB3 MSE A 326 40.46 47.34 38.70
HG2 MSE A 326 41.00 45.86 37.26
HG3 MSE A 326 41.28 44.82 38.42
HE1 MSE A 326 40.61 42.63 36.71
HE2 MSE A 326 39.27 42.54 35.86
HE3 MSE A 326 40.36 43.64 35.52
N GLU A 327 42.91 47.82 40.21
CA GLU A 327 44.32 48.14 40.03
C GLU A 327 45.20 47.35 41.00
N GLY A 328 44.78 47.29 42.26
CA GLY A 328 45.61 46.70 43.30
C GLY A 328 45.60 45.19 43.33
N ASN A 329 44.43 44.57 43.17
CA ASN A 329 44.28 43.11 43.22
C ASN A 329 43.50 42.65 42.01
N PRO A 330 44.07 42.81 40.80
CA PRO A 330 43.31 42.50 39.58
C PRO A 330 42.75 41.09 39.55
N GLU A 331 43.46 40.10 40.08
CA GLU A 331 42.99 38.71 39.95
C GLU A 331 41.92 38.38 40.99
N LYS A 332 42.06 38.87 42.22
CA LYS A 332 41.01 38.61 43.21
C LYS A 332 39.73 39.33 42.83
N ILE A 333 39.83 40.48 42.16
CA ILE A 333 38.64 41.24 41.77
C ILE A 333 38.00 40.62 40.54
N ALA A 334 38.80 40.27 39.54
CA ALA A 334 38.26 39.65 38.34
C ALA A 334 37.44 38.40 38.69
N SER A 335 37.89 37.63 39.67
CA SER A 335 37.17 36.42 40.05
C SER A 335 35.81 36.76 40.64
N MSE A 336 35.78 37.70 41.58
CA MSE A 336 34.52 38.18 42.15
C MSE A 336 33.57 38.64 41.06
O MSE A 336 32.39 38.29 41.06
CB MSE A 336 34.78 39.32 43.14
CG MSE A 336 33.58 40.24 43.33
SE MSE A 336 33.81 41.46 44.83
CE MSE A 336 34.88 42.81 43.94
H MSE A 336 36.47 38.08 41.90
HA MSE A 336 34.11 37.45 42.64
HB2 MSE A 336 35.00 38.95 44.00
HB3 MSE A 336 35.52 39.86 42.80
HG2 MSE A 336 33.45 40.77 42.53
HG3 MSE A 336 32.79 39.70 43.51
HE1 MSE A 336 35.08 43.52 44.57
HE2 MSE A 336 35.71 42.41 43.63
HE3 MSE A 336 34.39 43.16 43.18
N ILE A 337 34.09 39.46 40.14
CA ILE A 337 33.27 39.97 39.04
C ILE A 337 32.74 38.82 38.20
N SER A 338 33.61 37.85 37.87
CA SER A 338 33.16 36.67 37.14
C SER A 338 32.00 36.00 37.84
N GLY A 339 32.16 35.69 39.13
CA GLY A 339 31.11 34.99 39.86
C GLY A 339 29.82 35.78 39.92
N ALA A 340 29.90 37.06 40.29
CA ALA A 340 28.71 37.87 40.41
C ALA A 340 28.01 38.04 39.06
N ALA A 341 28.80 38.24 38.00
CA ALA A 341 28.20 38.47 36.68
C ALA A 341 27.52 37.22 36.14
N LYS A 342 28.08 36.04 36.43
CA LYS A 342 27.42 34.81 35.99
C LYS A 342 26.09 34.61 36.69
N MSE A 343 26.00 34.97 37.97
CA MSE A 343 24.76 34.83 38.72
C MSE A 343 23.72 35.78 38.12
O MSE A 343 22.56 35.42 37.93
CB MSE A 343 24.96 35.14 40.20
CG MSE A 343 25.92 34.20 40.91
SE MSE A 343 26.00 34.56 42.82
CE MSE A 343 27.87 34.10 43.14
H MSE A 343 26.65 35.29 38.43
HA MSE A 343 24.44 33.92 38.66
HB2 MSE A 343 25.30 36.04 40.29
HB3 MSE A 343 24.10 35.06 40.64
HG2 MSE A 343 25.62 33.28 40.78
HG3 MSE A 343 26.81 34.31 40.54
HE1 MSE A 343 28.43 34.67 42.59
HE2 MSE A 343 28.08 34.25 44.07
HE3 MSE A 343 28.02 33.17 42.91
N LEU A 344 24.16 37.01 37.83
CA LEU A 344 23.25 37.98 37.19
C LEU A 344 22.80 37.47 35.82
N ALA A 345 23.64 36.70 35.14
CA ALA A 345 23.24 36.12 33.87
C ALA A 345 22.15 35.07 34.06
N ARG A 346 22.28 34.24 35.10
CA ARG A 346 21.27 33.21 35.34
C ARG A 346 20.02 33.79 36.00
N ILE A 347 20.16 34.86 36.76
CA ILE A 347 18.99 35.52 37.33
C ILE A 347 18.13 36.14 36.23
N ALA A 348 18.74 36.49 35.10
CA ALA A 348 18.06 37.25 34.05
C ALA A 348 17.28 36.32 33.12
N SER A 349 16.37 35.54 33.71
CA SER A 349 15.52 34.64 32.92
C SER A 349 14.20 35.34 32.58
N ASN A 350 13.35 35.55 33.59
CA ASN A 350 12.04 36.12 33.35
C ASN A 350 12.17 37.56 32.85
N PRO A 351 11.11 38.09 32.22
CA PRO A 351 11.09 39.54 31.97
C PRO A 351 11.00 40.36 33.26
N VAL A 352 10.37 39.82 34.30
CA VAL A 352 10.34 40.50 35.59
C VAL A 352 11.73 40.55 36.19
N ASN A 353 12.48 39.45 36.09
CA ASN A 353 13.83 39.45 36.64
C ASN A 353 14.73 40.43 35.91
N VAL A 354 14.61 40.51 34.58
CA VAL A 354 15.40 41.47 33.84
C VAL A 354 15.00 42.89 34.21
N ASP A 355 13.74 43.12 34.56
CA ASP A 355 13.31 44.43 35.05
C ASP A 355 14.12 44.83 36.28
N ALA A 356 14.26 43.90 37.23
CA ALA A 356 14.94 44.23 38.48
C ALA A 356 16.40 44.57 38.24
N ILE A 357 17.11 43.72 37.49
CA ILE A 357 18.49 44.03 37.11
C ILE A 357 18.57 45.42 36.53
N VAL A 358 17.64 45.76 35.63
CA VAL A 358 17.65 47.07 34.99
C VAL A 358 17.37 48.16 36.01
N GLN A 359 16.49 47.90 36.97
CA GLN A 359 16.18 48.90 37.98
C GLN A 359 17.38 49.20 38.87
N ALA A 360 18.25 48.21 39.09
CA ALA A 360 19.42 48.37 39.93
C ALA A 360 20.62 48.93 39.18
N GLY A 361 20.40 49.52 38.00
CA GLY A 361 21.49 50.00 37.20
C GLY A 361 22.38 48.91 36.65
N GLY A 362 21.82 47.74 36.38
CA GLY A 362 22.64 46.63 35.92
C GLY A 362 23.40 46.94 34.65
N VAL A 363 22.75 47.60 33.70
CA VAL A 363 23.38 47.88 32.41
C VAL A 363 24.64 48.71 32.60
N ALA A 364 24.54 49.83 33.32
CA ALA A 364 25.70 50.70 33.49
C ALA A 364 26.78 50.00 34.30
N THR A 365 26.40 49.20 35.30
CA THR A 365 27.39 48.44 36.06
C THR A 365 28.14 47.47 35.15
N LEU A 366 27.41 46.63 34.42
CA LEU A 366 28.06 45.62 33.60
C LEU A 366 28.92 46.25 32.51
N CYS A 367 28.39 47.28 31.84
CA CYS A 367 29.15 47.91 30.76
C CYS A 367 30.38 48.62 31.29
N THR A 368 30.25 49.34 32.40
CA THR A 368 31.42 49.97 33.01
C THR A 368 32.46 48.92 33.41
N ALA A 369 32.01 47.77 33.90
CA ALA A 369 32.94 46.72 34.28
C ALA A 369 33.64 46.14 33.06
N VAL A 370 32.96 46.08 31.92
CA VAL A 370 33.62 45.66 30.68
C VAL A 370 34.80 46.56 30.38
N SER A 371 34.65 47.87 30.63
CA SER A 371 35.72 48.81 30.35
C SER A 371 36.93 48.61 31.26
N TYR A 372 36.76 47.88 32.37
CA TYR A 372 37.87 47.58 33.26
C TYR A 372 38.48 46.21 33.02
N CYS A 373 37.80 45.32 32.28
CA CYS A 373 38.21 43.94 32.14
C CYS A 373 38.70 43.60 30.74
N THR A 374 39.16 44.60 29.98
CA THR A 374 39.62 44.34 28.61
C THR A 374 40.85 43.42 28.58
N GLU A 375 41.47 43.14 29.72
CA GLU A 375 42.62 42.24 29.78
C GLU A 375 42.41 41.09 30.76
N SER A 376 41.17 40.90 31.24
CA SER A 376 40.82 39.82 32.16
C SER A 376 39.74 38.99 31.48
N MSE A 377 40.17 37.99 30.70
CA MSE A 377 39.27 37.28 29.80
C MSE A 377 38.11 36.57 30.49
O MSE A 377 36.98 36.64 30.02
CB MSE A 377 40.06 36.27 28.98
CG MSE A 377 40.94 36.88 27.89
SE MSE A 377 39.95 38.01 26.64
CE MSE A 377 40.25 39.74 27.49
H MSE A 377 40.98 37.71 30.69
HA MSE A 377 38.87 37.96 29.22
HB2 MSE A 377 40.63 35.76 29.57
HB3 MSE A 377 39.44 35.66 28.54
HG2 MSE A 377 41.62 37.43 28.32
HG3 MSE A 377 41.36 36.16 27.39
HE1 MSE A 377 41.20 39.91 27.53
HE2 MSE A 377 39.81 40.43 26.98
HE3 MSE A 377 39.88 39.71 28.39
N GLU A 378 38.37 35.88 31.61
CA GLU A 378 37.30 35.19 32.30
C GLU A 378 36.19 36.16 32.70
N ALA A 379 36.57 37.29 33.29
CA ALA A 379 35.58 38.26 33.74
C ALA A 379 34.85 38.90 32.57
N LEU A 380 35.56 39.16 31.46
CA LEU A 380 34.91 39.72 30.29
C LEU A 380 33.85 38.77 29.74
N GLY A 381 34.14 37.47 29.74
CA GLY A 381 33.15 36.52 29.27
C GLY A 381 31.92 36.48 30.14
N ALA A 382 32.11 36.45 31.46
CA ALA A 382 30.98 36.46 32.37
C ALA A 382 30.14 37.72 32.20
N LEU A 383 30.79 38.85 31.92
CA LEU A 383 30.05 40.10 31.72
C LEU A 383 29.29 40.09 30.41
N CYS A 384 29.90 39.55 29.35
CA CYS A 384 29.16 39.37 28.11
C CYS A 384 27.96 38.45 28.32
N MSE A 385 28.09 37.49 29.22
CA MSE A 385 27.03 36.53 29.49
C MSE A 385 25.87 37.19 30.23
O MSE A 385 24.71 36.82 30.03
CB MSE A 385 27.59 35.35 30.31
CG MSE A 385 26.60 34.23 30.58
SE MSE A 385 27.47 32.62 31.28
CE MSE A 385 26.48 32.42 32.94
H MSE A 385 28.80 37.36 29.70
HA MSE A 385 26.69 36.17 28.66
HB2 MSE A 385 28.34 34.98 29.83
HB3 MSE A 385 27.88 35.69 31.17
HG2 MSE A 385 25.95 34.54 31.24
HG3 MSE A 385 26.16 34.00 29.75
HE1 MSE A 385 25.54 32.30 32.74
HE2 MSE A 385 26.80 31.64 33.41
HE3 MSE A 385 26.60 33.20 33.49
N ALA A 386 26.17 38.17 31.09
CA ALA A 386 25.13 38.89 31.79
C ALA A 386 24.46 39.95 30.94
N LEU A 387 25.11 40.38 29.86
CA LEU A 387 24.57 41.41 28.98
C LEU A 387 23.71 40.86 27.85
N VAL A 388 23.85 39.58 27.53
CA VAL A 388 23.10 38.96 26.43
C VAL A 388 21.60 39.11 26.67
N PRO A 389 21.06 38.64 27.80
CA PRO A 389 19.61 38.80 28.02
C PRO A 389 19.16 40.24 28.06
N LEU A 390 20.03 41.16 28.50
CA LEU A 390 19.66 42.57 28.49
C LEU A 390 19.70 43.16 27.09
N ALA A 391 20.71 42.79 26.30
CA ALA A 391 20.79 43.24 24.92
C ALA A 391 19.65 42.73 24.06
N SER A 392 18.88 41.75 24.55
CA SER A 392 17.72 41.28 23.78
C SER A 392 16.69 42.38 23.60
N ARG A 393 16.57 43.27 24.58
CA ARG A 393 15.65 44.40 24.47
C ARG A 393 16.31 45.52 23.65
N GLU A 394 15.52 46.14 22.77
CA GLU A 394 16.09 47.16 21.90
C GLU A 394 16.61 48.35 22.71
N SER A 395 15.85 48.79 23.71
CA SER A 395 16.22 50.00 24.45
C SER A 395 17.51 49.78 25.23
N LEU A 396 17.67 48.62 25.86
CA LEU A 396 18.87 48.36 26.63
C LEU A 396 20.08 48.18 25.73
N ALA A 397 19.88 47.61 24.54
CA ALA A 397 20.99 47.45 23.62
C ALA A 397 21.47 48.80 23.09
N HIS A 398 20.56 49.76 22.93
CA HIS A 398 20.97 51.12 22.63
C HIS A 398 21.83 51.69 23.75
N GLU A 399 21.41 51.49 25.00
CA GLU A 399 22.24 51.91 26.13
C GLU A 399 23.59 51.23 26.09
N ILE A 400 23.63 49.95 25.72
CA ILE A 400 24.89 49.22 25.71
C ILE A 400 25.81 49.73 24.61
N VAL A 401 25.24 50.22 23.50
CA VAL A 401 26.07 50.87 22.48
C VAL A 401 26.61 52.19 23.00
N GLN A 402 25.72 53.01 23.56
CA GLN A 402 26.12 54.30 24.14
C GLN A 402 27.33 54.15 25.04
N TYR A 403 27.40 53.05 25.79
CA TYR A 403 28.52 52.81 26.71
C TYR A 403 29.74 52.22 26.02
N GLN A 404 29.70 52.01 24.71
CA GLN A 404 30.84 51.57 23.91
C GLN A 404 31.20 50.10 24.15
N THR A 405 30.26 49.27 24.58
CA THR A 405 30.58 47.88 24.85
C THR A 405 30.94 47.13 23.58
N PHE A 406 30.06 47.17 22.57
CA PHE A 406 30.34 46.50 21.32
C PHE A 406 31.62 47.02 20.69
N ALA A 407 31.83 48.34 20.72
CA ALA A 407 33.03 48.93 20.15
C ALA A 407 34.30 48.53 20.90
N THR A 408 34.17 47.89 22.07
CA THR A 408 35.30 47.39 22.82
C THR A 408 35.45 45.87 22.71
N VAL A 409 34.33 45.15 22.64
CA VAL A 409 34.39 43.70 22.54
C VAL A 409 34.82 43.27 21.14
N LEU A 410 34.52 44.07 20.12
CA LEU A 410 34.86 43.66 18.76
C LEU A 410 36.36 43.66 18.53
N PRO A 411 37.11 44.74 18.79
CA PRO A 411 38.57 44.66 18.66
C PRO A 411 39.20 43.58 19.51
N ILE A 412 38.54 43.15 20.59
CA ILE A 412 39.09 42.07 21.41
C ILE A 412 38.97 40.74 20.68
N LEU A 413 37.83 40.50 20.01
CA LEU A 413 37.71 39.32 19.17
C LEU A 413 38.60 39.41 17.94
N TYR A 414 38.72 40.61 17.38
CA TYR A 414 39.56 40.84 16.20
C TYR A 414 41.03 40.47 16.47
N GLN A 415 41.45 40.46 17.73
CA GLN A 415 42.78 40.01 18.12
C GLN A 415 42.77 38.58 18.67
N ASN A 416 41.86 37.77 18.17
CA ASN A 416 41.69 36.37 18.58
C ASN A 416 41.64 36.20 20.09
N VAL A 417 40.43 36.22 20.65
CA VAL A 417 40.21 35.61 21.96
C VAL A 417 40.56 34.13 21.84
N GLU A 418 41.46 33.67 22.71
CA GLU A 418 41.99 32.32 22.57
C GLU A 418 40.99 31.27 23.04
N SER A 419 40.54 31.37 24.29
CA SER A 419 39.55 30.43 24.79
C SER A 419 38.32 30.44 23.88
N PRO A 420 37.88 29.28 23.37
CA PRO A 420 36.63 29.28 22.59
C PRO A 420 35.40 29.56 23.44
N GLU A 421 35.51 29.40 24.77
CA GLU A 421 34.38 29.68 25.64
C GLU A 421 34.14 31.19 25.75
N ILE A 422 35.20 31.95 26.00
CA ILE A 422 35.08 33.40 26.06
C ILE A 422 34.71 33.96 24.70
N ALA A 423 35.38 33.48 23.64
CA ALA A 423 35.08 33.97 22.30
C ALA A 423 33.62 33.75 21.95
N ALA A 424 33.04 32.63 22.40
CA ALA A 424 31.64 32.36 22.13
C ALA A 424 30.73 33.39 22.80
N LEU A 425 30.89 33.56 24.11
CA LEU A 425 30.08 34.53 24.84
C LEU A 425 30.17 35.92 24.22
N ALA A 426 31.31 36.26 23.62
CA ALA A 426 31.49 37.58 23.03
C ALA A 426 30.81 37.69 21.67
N MSE A 427 30.77 36.60 20.89
CA MSE A 427 30.06 36.63 19.61
C MSE A 427 28.56 36.59 19.85
O MSE A 427 27.79 37.20 19.12
CB MSE A 427 30.47 35.46 18.71
CG MSE A 427 30.26 35.75 17.22
SE MSE A 427 31.56 37.08 16.57
CE MSE A 427 30.59 37.81 15.04
H MSE A 427 31.14 35.86 21.07
HA MSE A 427 30.31 37.44 19.13
HB2 MSE A 427 31.41 35.27 18.85
HB3 MSE A 427 29.93 34.69 18.93
HG2 MSE A 427 30.39 34.93 16.71
HG3 MSE A 427 29.37 36.09 17.07
HE1 MSE A 427 29.69 38.01 15.31
HE2 MSE A 427 31.05 38.61 14.73
HE3 MSE A 427 30.58 37.14 14.33
N GLU A 428 28.13 35.86 20.89
CA GLU A 428 26.71 35.85 21.23
C GLU A 428 26.22 37.26 21.56
N LEU A 429 27.01 38.03 22.31
CA LEU A 429 26.60 39.39 22.65
C LEU A 429 26.52 40.25 21.39
N VAL A 430 27.55 40.21 20.54
CA VAL A 430 27.51 41.02 19.33
C VAL A 430 26.38 40.54 18.42
N ALA A 431 26.06 39.24 18.48
CA ALA A 431 24.96 38.71 17.68
C ALA A 431 23.62 39.17 18.23
N THR A 432 23.42 38.99 19.54
CA THR A 432 22.18 39.46 20.17
C THR A 432 21.93 40.92 19.86
N GLY A 433 22.99 41.74 19.88
CA GLY A 433 22.83 43.15 19.56
C GLY A 433 22.54 43.39 18.09
N SER A 434 23.08 42.55 17.21
CA SER A 434 22.87 42.73 15.77
C SER A 434 21.44 42.41 15.34
N GLN A 435 20.64 41.77 16.18
CA GLN A 435 19.26 41.46 15.82
C GLN A 435 18.34 42.68 15.91
N HIS A 436 18.89 43.86 16.24
CA HIS A 436 18.13 45.10 16.26
C HIS A 436 18.56 45.97 15.08
N GLU A 437 17.59 46.49 14.33
CA GLU A 437 17.91 47.11 13.06
C GLU A 437 18.79 48.34 13.24
N GLU A 438 18.58 49.11 14.31
CA GLU A 438 19.31 50.35 14.49
C GLU A 438 20.71 50.14 15.05
N ILE A 439 20.95 49.00 15.69
CA ILE A 439 22.32 48.64 16.10
C ILE A 439 23.10 48.03 14.95
N GLN A 440 22.42 47.46 13.95
CA GLN A 440 23.10 46.94 12.78
C GLN A 440 23.88 48.05 12.08
N GLU A 441 23.20 49.15 11.75
CA GLU A 441 23.86 50.27 11.08
C GLU A 441 25.10 50.73 11.84
N HIS A 442 25.09 50.58 13.17
CA HIS A 442 26.29 50.90 13.96
C HIS A 442 27.36 49.85 13.76
N MSE A 443 27.01 48.57 13.85
CA MSE A 443 28.00 47.51 13.82
C MSE A 443 28.57 47.21 12.44
O MSE A 443 29.44 46.34 12.31
CB MSE A 443 27.40 46.22 14.42
CG MSE A 443 27.22 46.29 15.93
SE MSE A 443 26.70 44.62 16.81
CE MSE A 443 27.54 43.32 15.63
H MSE A 443 26.19 48.31 13.91
HA MSE A 443 28.74 47.81 14.37
HB2 MSE A 443 26.52 46.07 14.02
HB3 MSE A 443 27.99 45.47 14.22
HG2 MSE A 443 28.05 46.57 16.32
HG3 MSE A 443 26.53 46.94 16.12
HE1 MSE A 443 28.50 43.53 15.56
HE2 MSE A 443 27.43 42.44 16.00
HE3 MSE A 443 27.14 43.37 14.75
N LEU A 444 28.11 47.92 11.40
CA LEU A 444 28.76 47.81 10.10
C LEU A 444 28.91 49.14 9.39
N GLN A 445 27.81 49.89 9.22
CA GLN A 445 27.88 51.08 8.38
C GLN A 445 28.74 52.17 9.02
N ASN A 446 28.64 52.32 10.34
CA ASN A 446 29.57 53.20 11.05
C ASN A 446 30.98 52.61 11.05
N GLN A 447 31.12 51.36 11.48
CA GLN A 447 32.43 50.72 11.56
C GLN A 447 32.25 49.25 11.96
N ALA A 448 33.29 48.47 11.68
CA ALA A 448 33.37 47.09 12.13
C ALA A 448 32.47 46.14 11.35
N ALA A 449 32.24 46.44 10.07
CA ALA A 449 31.53 45.50 9.22
C ALA A 449 32.39 44.27 8.93
N GLU A 450 33.68 44.47 8.72
CA GLU A 450 34.61 43.40 8.37
C GLU A 450 35.33 42.84 9.59
N ILE A 451 35.25 43.50 10.74
CA ILE A 451 35.80 42.91 11.96
C ILE A 451 35.12 41.58 12.24
N CYS A 452 33.80 41.52 12.05
CA CYS A 452 33.10 40.26 12.18
C CYS A 452 33.63 39.25 11.17
N SER A 453 33.93 39.70 9.96
CA SER A 453 34.37 38.78 8.90
C SER A 453 35.71 38.14 9.24
N LEU A 454 36.66 38.94 9.73
CA LEU A 454 37.97 38.38 10.08
C LEU A 454 37.85 37.40 11.24
N CYS A 455 36.88 37.60 12.13
CA CYS A 455 36.69 36.68 13.26
C CYS A 455 36.11 35.34 12.82
N CYS A 456 35.49 35.27 11.65
CA CYS A 456 35.04 33.99 11.13
C CYS A 456 36.20 33.01 10.97
N GLN A 457 37.43 33.51 10.95
CA GLN A 457 38.60 32.73 10.59
C GLN A 457 39.35 32.17 11.79
N TYR A 458 38.89 32.42 13.00
CA TYR A 458 39.67 32.09 14.20
C TYR A 458 39.35 30.71 14.76
N HIS A 459 38.11 30.50 15.23
CA HIS A 459 37.70 29.19 15.73
C HIS A 459 36.82 28.50 14.69
N THR A 460 37.44 28.17 13.56
CA THR A 460 36.69 27.74 12.38
C THR A 460 35.82 26.52 12.65
N ALA A 461 36.27 25.60 13.51
CA ALA A 461 35.53 24.37 13.76
C ALA A 461 34.76 24.37 15.08
N ASP A 462 35.00 25.35 15.96
CA ASP A 462 34.37 25.34 17.27
C ASP A 462 32.85 25.41 17.17
N ALA A 463 32.34 26.17 16.20
CA ALA A 463 30.92 26.46 16.08
C ALA A 463 30.03 25.26 16.44
N SER A 464 29.27 25.40 17.53
CA SER A 464 28.27 24.40 17.91
C SER A 464 26.99 25.13 18.30
N TYR A 465 26.88 25.59 19.55
CA TYR A 465 25.97 26.68 19.84
C TYR A 465 26.56 28.01 19.38
N GLN A 466 27.88 28.05 19.17
CA GLN A 466 28.56 29.24 18.70
C GLN A 466 28.46 29.39 17.19
N GLN A 467 27.23 29.33 16.66
CA GLN A 467 26.96 29.71 15.27
C GLN A 467 26.75 31.21 15.14
N HIS A 468 27.11 31.98 16.16
CA HIS A 468 26.86 33.41 16.20
C HIS A 468 27.77 34.19 15.26
N ALA A 469 28.84 33.57 14.75
CA ALA A 469 29.63 34.21 13.71
C ALA A 469 28.90 34.19 12.38
N ILE A 470 28.22 33.08 12.07
CA ILE A 470 27.39 33.02 10.87
C ILE A 470 26.25 34.03 10.99
N SER A 471 25.51 33.97 12.10
CA SER A 471 24.30 34.78 12.23
C SER A 471 24.62 36.27 12.18
N ALA A 472 25.75 36.68 12.75
CA ALA A 472 26.11 38.09 12.75
C ALA A 472 26.28 38.61 11.33
N LEU A 473 26.99 37.86 10.49
CA LEU A 473 27.13 38.24 9.09
C LEU A 473 25.87 37.95 8.28
N ASN A 474 24.98 37.09 8.79
CA ASN A 474 23.73 36.81 8.07
C ASN A 474 22.73 37.95 8.21
N ARG A 475 22.79 38.69 9.32
CA ARG A 475 21.96 39.87 9.50
C ARG A 475 22.60 41.13 8.94
N LEU A 476 23.88 41.06 8.57
CA LEU A 476 24.62 42.22 8.08
C LEU A 476 24.90 42.19 6.59
N VAL A 477 24.98 41.00 5.98
CA VAL A 477 25.26 40.92 4.55
C VAL A 477 24.17 41.56 3.72
N PRO A 478 22.88 41.42 4.05
CA PRO A 478 21.85 42.15 3.29
C PRO A 478 22.12 43.63 3.18
N ARG A 479 22.78 44.22 4.18
CA ARG A 479 23.10 45.65 4.13
C ARG A 479 24.39 45.91 3.35
N LEU A 480 25.31 44.94 3.33
CA LEU A 480 26.59 45.17 2.68
C LEU A 480 26.40 45.53 1.21
N THR A 481 27.14 46.53 0.76
CA THR A 481 27.12 46.98 -0.63
C THR A 481 28.30 46.47 -1.44
N THR A 482 29.20 45.69 -0.82
CA THR A 482 30.37 45.18 -1.49
C THR A 482 30.94 44.03 -0.69
N LEU A 483 31.43 43.00 -1.38
CA LEU A 483 32.09 41.87 -0.74
C LEU A 483 33.59 42.07 -0.59
N HIS A 484 34.12 43.22 -1.03
CA HIS A 484 35.56 43.45 -0.99
C HIS A 484 36.09 43.32 0.43
N GLY A 485 35.57 44.13 1.36
CA GLY A 485 36.03 44.06 2.73
C GLY A 485 35.93 42.66 3.31
N VAL A 486 34.77 42.01 3.13
CA VAL A 486 34.57 40.68 3.69
C VAL A 486 35.58 39.69 3.10
N SER A 487 36.00 39.91 1.85
CA SER A 487 36.96 39.01 1.22
C SER A 487 38.39 39.31 1.68
N GLU A 488 38.81 40.57 1.57
CA GLU A 488 40.18 40.93 1.92
C GLU A 488 40.54 40.48 3.33
N TYR A 489 39.60 40.58 4.26
CA TYR A 489 39.84 40.22 5.64
C TYR A 489 39.76 38.71 5.89
N GLY A 490 39.42 37.92 4.88
CA GLY A 490 39.33 36.49 5.03
C GLY A 490 38.01 35.98 5.55
N GLY A 491 36.93 36.73 5.35
CA GLY A 491 35.64 36.29 5.86
C GLY A 491 35.11 35.08 5.12
N ILE A 492 35.15 35.11 3.79
CA ILE A 492 34.69 33.98 2.99
C ILE A 492 35.54 32.76 3.30
N GLN A 493 36.87 32.93 3.34
CA GLN A 493 37.75 31.80 3.63
C GLN A 493 37.39 31.15 4.96
N GLY A 494 37.03 31.97 5.96
CA GLY A 494 36.67 31.40 7.25
C GLY A 494 35.33 30.68 7.24
N VAL A 495 34.39 31.14 6.41
CA VAL A 495 33.10 30.49 6.33
C VAL A 495 33.18 29.22 5.47
N ILE A 496 33.86 29.30 4.33
CA ILE A 496 34.21 28.09 3.58
C ILE A 496 34.84 27.07 4.51
N ALA A 497 35.95 27.46 5.16
CA ALA A 497 36.65 26.57 6.06
C ALA A 497 35.74 26.05 7.15
N SER A 498 34.72 26.81 7.52
CA SER A 498 33.79 26.37 8.55
C SER A 498 32.83 25.32 8.01
N LEU A 499 32.25 25.57 6.84
CA LEU A 499 31.31 24.61 6.25
C LEU A 499 31.98 23.25 6.04
N ASN A 500 33.24 23.26 5.60
CA ASN A 500 33.96 22.00 5.39
C ASN A 500 34.00 21.18 6.67
N ALA A 501 34.43 21.79 7.79
CA ALA A 501 34.54 21.05 9.04
C ALA A 501 33.17 20.57 9.52
N ASN A 502 32.20 21.48 9.57
CA ASN A 502 30.88 21.17 10.12
C ASN A 502 29.92 20.65 9.06
N VAL A 503 30.43 20.01 8.01
CA VAL A 503 29.60 19.60 6.89
C VAL A 503 28.67 18.45 7.24
N ASN A 504 28.95 17.71 8.31
CA ASN A 504 28.13 16.55 8.68
C ASN A 504 27.04 16.88 9.68
N ASN A 505 27.03 18.08 10.23
CA ASN A 505 25.94 18.55 11.09
C ASN A 505 24.95 19.31 10.21
N GLU A 506 23.75 18.74 10.02
CA GLU A 506 22.82 19.27 9.04
C GLU A 506 22.46 20.72 9.34
N GLN A 507 21.90 20.98 10.53
CA GLN A 507 21.47 22.33 10.88
C GLN A 507 22.59 23.34 10.62
N VAL A 508 23.78 23.07 11.16
CA VAL A 508 24.83 24.08 11.14
C VAL A 508 25.33 24.37 9.73
N ALA A 509 25.22 23.41 8.82
CA ALA A 509 25.68 23.62 7.46
C ALA A 509 24.64 24.28 6.57
N LEU A 510 23.34 24.09 6.86
CA LEU A 510 22.32 24.87 6.18
C LEU A 510 22.52 26.36 6.45
N LEU A 511 22.93 26.70 7.67
CA LEU A 511 23.19 28.09 8.00
C LEU A 511 24.36 28.64 7.19
N ALA A 512 25.45 27.88 7.09
CA ALA A 512 26.62 28.36 6.35
C ALA A 512 26.33 28.46 4.85
N VAL A 513 25.55 27.53 4.32
CA VAL A 513 25.17 27.59 2.91
C VAL A 513 24.25 28.77 2.66
N GLN A 514 23.39 29.12 3.62
CA GLN A 514 22.59 30.33 3.50
C GLN A 514 23.46 31.58 3.52
N LEU A 515 24.49 31.60 4.36
CA LEU A 515 25.37 32.76 4.40
C LEU A 515 26.15 32.91 3.10
N LEU A 516 26.60 31.79 2.53
CA LEU A 516 27.31 31.88 1.25
C LEU A 516 26.36 32.27 0.12
N ASP A 517 25.10 31.83 0.19
CA ASP A 517 24.11 32.30 -0.78
C ASP A 517 23.92 33.80 -0.69
N ASN A 518 23.85 34.34 0.53
CA ASN A 518 23.73 35.79 0.70
C ASN A 518 24.98 36.51 0.20
N PHE A 519 26.16 35.96 0.50
CA PHE A 519 27.39 36.51 -0.05
C PHE A 519 27.28 36.65 -1.57
N SER A 520 26.77 35.60 -2.24
CA SER A 520 26.72 35.59 -3.70
C SER A 520 25.74 36.62 -4.26
N GLU A 521 24.79 37.08 -3.46
CA GLU A 521 23.86 38.10 -3.95
C GLU A 521 24.49 39.48 -4.02
N VAL A 522 25.50 39.74 -3.17
CA VAL A 522 26.16 41.04 -3.15
C VAL A 522 26.60 41.41 -4.57
N SER A 523 26.72 42.70 -4.85
CA SER A 523 26.77 43.16 -6.24
C SER A 523 28.04 42.72 -6.94
N ASP A 524 29.20 42.89 -6.30
CA ASP A 524 30.49 42.56 -6.91
C ASP A 524 31.01 41.22 -6.42
N ALA A 525 30.12 40.30 -6.08
CA ALA A 525 30.52 39.06 -5.42
C ALA A 525 31.16 38.07 -6.39
N LYS A 526 30.79 38.12 -7.67
CA LYS A 526 31.43 37.24 -8.66
C LYS A 526 32.93 37.49 -8.73
N THR A 527 33.38 38.72 -8.47
CA THR A 527 34.80 39.03 -8.56
C THR A 527 35.61 38.46 -7.41
N TYR A 528 34.95 38.00 -6.34
CA TYR A 528 35.64 37.54 -5.14
C TYR A 528 35.37 36.09 -4.76
N MSE A 529 34.47 35.40 -5.45
CA MSE A 529 34.12 34.04 -5.09
C MSE A 529 34.17 33.08 -6.28
O MSE A 529 33.57 32.00 -6.24
CB MSE A 529 32.71 33.99 -4.49
CG MSE A 529 32.60 34.51 -3.06
SE MSE A 529 30.74 34.52 -2.44
CE MSE A 529 30.05 35.59 -3.87
H MSE A 529 34.05 35.70 -6.14
HA MSE A 529 34.76 33.73 -4.43
HB2 MSE A 529 32.12 34.53 -5.03
HB3 MSE A 529 32.40 33.06 -4.48
HG2 MSE A 529 33.11 33.93 -2.46
HG3 MSE A 529 32.94 35.42 -3.02
HE1 MSE A 529 29.62 35.02 -4.52
HE2 MSE A 529 29.41 36.22 -3.51
HE3 MSE A 529 30.78 36.07 -4.29
N SER A 530 34.87 33.46 -7.34
CA SER A 530 34.93 32.70 -8.58
C SER A 530 36.29 32.05 -8.78
N ASP A 531 36.84 31.44 -7.72
CA ASP A 531 38.09 30.71 -7.80
C ASP A 531 37.92 29.21 -7.59
N GLY A 532 36.71 28.74 -7.27
CA GLY A 532 36.40 27.35 -7.14
C GLY A 532 36.28 26.85 -5.72
N THR A 533 36.98 27.48 -4.77
CA THR A 533 36.95 26.98 -3.39
C THR A 533 35.57 27.15 -2.77
N CYS A 534 34.84 28.21 -3.11
CA CYS A 534 33.50 28.40 -2.58
C CYS A 534 32.53 27.38 -3.18
N VAL A 535 32.65 27.13 -4.48
CA VAL A 535 31.76 26.17 -5.14
C VAL A 535 31.88 24.80 -4.51
N ASP A 536 33.12 24.29 -4.36
CA ASP A 536 33.30 22.92 -3.91
C ASP A 536 32.75 22.70 -2.52
N ALA A 537 32.82 23.70 -1.65
CA ALA A 537 32.31 23.54 -0.29
C ALA A 537 30.79 23.44 -0.26
N VAL A 538 30.11 24.10 -1.21
CA VAL A 538 28.65 24.04 -1.25
C VAL A 538 28.20 22.71 -1.87
N LEU A 539 28.89 22.26 -2.91
CA LEU A 539 28.53 21.01 -3.57
C LEU A 539 28.58 19.84 -2.59
N ALA A 540 29.69 19.72 -1.86
CA ALA A 540 29.79 18.65 -0.86
C ALA A 540 28.61 18.69 0.10
N ALA A 541 28.27 19.89 0.60
CA ALA A 541 27.16 20.01 1.52
C ALA A 541 25.84 19.58 0.88
N MSE A 542 25.65 19.90 -0.39
CA MSE A 542 24.41 19.56 -1.08
C MSE A 542 24.28 18.04 -1.24
O MSE A 542 23.17 17.50 -1.17
CB MSE A 542 24.33 20.24 -2.44
CG MSE A 542 24.10 21.75 -2.36
SE MSE A 542 24.44 22.65 -4.05
CE MSE A 542 22.95 21.96 -5.08
H MSE A 542 26.21 20.33 -0.88
HA MSE A 542 23.66 19.88 -0.55
HB2 MSE A 542 25.17 20.09 -2.92
HB3 MSE A 542 23.60 19.86 -2.94
HG2 MSE A 542 23.19 21.92 -2.11
HG3 MSE A 542 24.71 22.12 -1.70
HE1 MSE A 542 22.12 22.18 -4.62
HE2 MSE A 542 22.96 22.36 -5.96
HE3 MSE A 542 23.04 21.00 -5.15
N LEU A 543 25.40 17.37 -1.47
CA LEU A 543 25.37 15.92 -1.62
C LEU A 543 25.11 15.24 -0.28
N GLU A 544 25.66 15.80 0.81
CA GLU A 544 25.47 15.21 2.13
C GLU A 544 24.01 15.28 2.58
N HIS A 545 23.28 16.34 2.17
CA HIS A 545 21.95 16.61 2.70
C HIS A 545 20.97 16.88 1.54
N GLU A 546 20.68 15.84 0.76
CA GLU A 546 19.67 15.99 -0.29
C GLU A 546 18.25 16.04 0.27
N GLY A 547 18.04 15.53 1.48
CA GLY A 547 16.72 15.59 2.08
C GLY A 547 16.28 16.98 2.48
N ASN A 548 17.21 17.94 2.54
CA ASN A 548 16.96 19.28 3.07
C ASN A 548 16.70 20.23 1.91
N ASP A 549 15.42 20.52 1.68
CA ASP A 549 15.05 21.37 0.54
C ASP A 549 15.65 22.77 0.68
N LEU A 550 15.79 23.28 1.90
CA LEU A 550 16.32 24.62 2.07
C LEU A 550 17.80 24.68 1.73
N LEU A 551 18.56 23.63 2.07
CA LEU A 551 19.98 23.63 1.75
C LEU A 551 20.20 23.52 0.25
N ILE A 552 19.50 22.59 -0.40
CA ILE A 552 19.60 22.44 -1.84
C ILE A 552 19.22 23.74 -2.53
N SER A 553 18.10 24.33 -2.11
CA SER A 553 17.60 25.53 -2.78
C SER A 553 18.56 26.70 -2.61
N ALA A 554 19.14 26.86 -1.41
CA ALA A 554 20.13 27.91 -1.20
C ALA A 554 21.41 27.63 -1.98
N GLY A 555 21.85 26.37 -1.98
CA GLY A 555 23.05 26.03 -2.73
C GLY A 555 22.92 26.32 -4.22
N VAL A 556 21.74 26.06 -4.79
CA VAL A 556 21.57 26.21 -6.23
C VAL A 556 21.52 27.68 -6.61
N HIS A 557 20.88 28.52 -5.79
CA HIS A 557 20.93 29.95 -6.03
C HIS A 557 22.37 30.44 -6.07
N CYS A 558 23.18 30.01 -5.10
CA CYS A 558 24.57 30.46 -5.04
C CYS A 558 25.34 30.00 -6.27
N LEU A 559 25.23 28.73 -6.63
CA LEU A 559 26.01 28.20 -7.75
C LEU A 559 25.65 28.89 -9.06
N ALA A 560 24.36 29.17 -9.28
CA ALA A 560 23.95 29.84 -10.50
C ALA A 560 24.60 31.21 -10.66
N ARG A 561 25.14 31.78 -9.57
CA ARG A 561 25.78 33.07 -9.60
C ARG A 561 27.30 32.98 -9.75
N ILE A 562 27.95 32.02 -9.10
CA ILE A 562 29.40 31.97 -9.03
C ILE A 562 29.99 30.78 -9.76
N ALA A 563 29.33 29.63 -9.78
CA ALA A 563 29.89 28.46 -10.46
C ALA A 563 30.07 28.78 -11.94
N THR A 564 31.15 28.26 -12.52
CA THR A 564 31.52 28.55 -13.90
C THR A 564 31.75 27.25 -14.66
N GLU A 565 31.95 27.39 -15.98
CA GLU A 565 32.35 26.25 -16.80
C GLU A 565 33.64 25.63 -16.28
N ASP A 566 34.64 26.45 -15.97
CA ASP A 566 35.91 25.92 -15.51
C ASP A 566 35.73 25.08 -14.24
N ASP A 567 34.68 25.34 -13.46
CA ASP A 567 34.39 24.47 -12.33
C ASP A 567 34.01 23.07 -12.80
N CYS A 568 33.27 22.99 -13.91
CA CYS A 568 32.88 21.68 -14.44
C CYS A 568 34.06 20.96 -15.07
N ALA A 569 34.95 21.70 -15.73
CA ALA A 569 36.07 21.07 -16.41
C ALA A 569 37.08 20.50 -15.42
N ARG A 570 37.37 21.23 -14.35
CA ARG A 570 38.42 20.79 -13.43
C ARG A 570 37.99 19.60 -12.59
N HIS A 571 36.68 19.33 -12.49
CA HIS A 571 36.22 18.12 -11.84
C HIS A 571 36.05 16.98 -12.83
N LEU A 572 35.63 17.28 -14.06
CA LEU A 572 35.48 16.24 -15.07
C LEU A 572 36.83 15.68 -15.52
N ASN A 573 37.85 16.54 -15.61
CA ASN A 573 39.16 16.10 -16.06
C ASN A 573 39.78 15.06 -15.13
N VAL A 574 39.39 15.06 -13.85
CA VAL A 574 39.93 14.12 -12.87
C VAL A 574 38.99 12.95 -12.61
N LEU A 575 37.86 12.87 -13.31
CA LEU A 575 36.89 11.82 -13.06
C LEU A 575 37.52 10.44 -13.23
N ASP A 576 38.10 10.18 -14.40
CA ASP A 576 38.67 8.87 -14.69
C ASP A 576 39.70 8.48 -13.63
N THR A 577 40.63 9.38 -13.32
CA THR A 577 41.67 9.07 -12.34
C THR A 577 41.06 8.86 -10.95
N ALA A 578 40.07 9.66 -10.59
CA ALA A 578 39.50 9.56 -9.26
C ALA A 578 38.78 8.24 -9.05
N ILE A 579 38.13 7.72 -10.09
CA ILE A 579 37.43 6.44 -9.98
C ILE A 579 38.44 5.30 -9.77
N GLN A 580 39.58 5.37 -10.46
CA GLN A 580 40.56 4.30 -10.35
C GLN A 580 41.27 4.30 -9.00
N THR A 581 41.46 5.48 -8.41
CA THR A 581 42.20 5.60 -7.16
C THR A 581 41.29 5.70 -5.95
N ALA A 582 40.06 5.18 -6.04
CA ALA A 582 39.09 5.35 -4.98
C ALA A 582 39.37 4.49 -3.76
N ARG A 583 40.09 3.38 -3.92
CA ARG A 583 40.45 2.56 -2.75
C ARG A 583 41.33 3.37 -1.79
N GLY A 584 42.42 3.93 -2.30
CA GLY A 584 43.33 4.68 -1.45
C GLY A 584 42.90 6.10 -1.20
N ASN A 585 42.21 6.71 -2.16
CA ASN A 585 41.79 8.11 -2.08
C ASN A 585 40.30 8.20 -2.39
N PRO A 586 39.45 7.80 -1.44
CA PRO A 586 38.00 7.83 -1.69
C PRO A 586 37.42 9.24 -1.62
N ASP A 587 37.97 10.11 -0.76
CA ASP A 587 37.52 11.50 -0.76
C ASP A 587 37.70 12.13 -2.12
N GLY A 588 38.77 11.79 -2.83
CA GLY A 588 39.00 12.37 -4.14
C GLY A 588 37.83 12.18 -5.07
N VAL A 589 37.30 10.96 -5.15
CA VAL A 589 36.18 10.72 -6.04
C VAL A 589 34.89 11.31 -5.45
N TYR A 590 34.77 11.32 -4.12
CA TYR A 590 33.59 11.93 -3.51
C TYR A 590 33.44 13.38 -3.95
N ARG A 591 34.53 14.14 -3.89
CA ARG A 591 34.47 15.56 -4.26
C ARG A 591 34.01 15.72 -5.71
N VAL A 592 34.57 14.93 -6.62
CA VAL A 592 34.16 15.04 -8.02
C VAL A 592 32.70 14.67 -8.20
N LEU A 593 32.24 13.64 -7.48
CA LEU A 593 30.83 13.27 -7.55
C LEU A 593 29.95 14.40 -7.02
N ALA A 594 30.33 15.00 -5.90
CA ALA A 594 29.57 16.13 -5.38
C ALA A 594 29.47 17.26 -6.41
N ALA A 595 30.53 17.47 -7.19
CA ALA A 595 30.52 18.56 -8.15
C ALA A 595 29.67 18.24 -9.36
N ILE A 596 29.75 17.00 -9.87
CA ILE A 596 28.92 16.61 -11.01
C ILE A 596 27.45 16.64 -10.61
N SER A 597 27.15 16.18 -9.40
CA SER A 597 25.78 16.20 -8.90
C SER A 597 25.25 17.63 -8.81
N GLY A 598 25.89 18.47 -7.99
CA GLY A 598 25.37 19.80 -7.75
C GLY A 598 25.38 20.68 -8.99
N LEU A 599 26.49 20.66 -9.73
CA LEU A 599 26.58 21.52 -10.91
C LEU A 599 25.62 21.09 -12.00
N SER A 600 25.16 19.83 -11.98
CA SER A 600 24.11 19.40 -12.90
C SER A 600 22.78 20.05 -12.57
N ARG A 601 22.63 20.64 -11.39
CA ARG A 601 21.42 21.38 -11.05
C ARG A 601 21.45 22.82 -11.56
N VAL A 602 22.57 23.26 -12.13
CA VAL A 602 22.71 24.62 -12.64
C VAL A 602 22.31 24.61 -14.12
N PRO A 603 21.19 25.22 -14.49
CA PRO A 603 20.74 25.11 -15.90
C PRO A 603 21.81 25.42 -16.93
N SER A 604 22.58 26.49 -16.73
CA SER A 604 23.56 26.90 -17.73
C SER A 604 24.77 25.98 -17.80
N LEU A 605 24.85 24.94 -16.97
CA LEU A 605 26.00 24.06 -16.93
C LEU A 605 25.68 22.59 -17.08
N ARG A 606 24.40 22.19 -17.06
CA ARG A 606 24.04 20.78 -17.16
C ARG A 606 24.76 20.09 -18.31
N GLN A 607 24.52 20.57 -19.53
CA GLN A 607 24.86 19.84 -20.74
C GLN A 607 26.33 19.40 -20.79
N ILE A 608 27.22 20.08 -20.07
CA ILE A 608 28.64 19.76 -20.19
C ILE A 608 28.93 18.34 -19.71
N PHE A 609 28.16 17.86 -18.74
CA PHE A 609 28.43 16.53 -18.19
C PHE A 609 27.83 15.42 -19.03
N GLU A 610 26.75 15.70 -19.74
CA GLU A 610 26.17 14.69 -20.62
C GLU A 610 26.90 14.63 -21.96
N GLU A 611 27.48 15.74 -22.41
CA GLU A 611 28.32 15.72 -23.61
C GLU A 611 29.63 14.99 -23.37
N LYS A 612 29.92 14.60 -22.13
CA LYS A 612 31.03 13.70 -21.80
C LYS A 612 30.53 12.34 -21.31
N ASN A 613 29.21 12.10 -21.39
CA ASN A 613 28.59 10.87 -20.90
C ASN A 613 29.19 10.45 -19.56
N ALA A 614 29.24 11.40 -18.64
CA ALA A 614 29.77 11.11 -17.30
C ALA A 614 28.91 10.08 -16.59
N SER A 615 27.62 10.00 -16.93
CA SER A 615 26.73 9.04 -16.28
C SER A 615 27.20 7.61 -16.53
N ASP A 616 27.52 7.29 -17.78
CA ASP A 616 28.01 5.95 -18.09
C ASP A 616 29.30 5.66 -17.34
N THR A 617 30.20 6.64 -17.26
CA THR A 617 31.49 6.43 -16.59
C THR A 617 31.30 6.17 -15.11
N ILE A 618 30.45 6.96 -14.45
CA ILE A 618 30.21 6.77 -13.03
C ILE A 618 29.57 5.41 -12.79
N LEU A 619 28.63 5.02 -13.66
CA LEU A 619 27.98 3.72 -13.50
C LEU A 619 28.99 2.59 -13.61
N ALA A 620 29.91 2.67 -14.57
CA ALA A 620 30.97 1.67 -14.65
C ALA A 620 31.88 1.72 -13.43
N GLY A 621 32.06 2.90 -12.84
CA GLY A 621 32.88 3.01 -11.65
C GLY A 621 32.23 2.36 -10.44
N ILE A 622 30.91 2.50 -10.32
CA ILE A 622 30.17 1.83 -9.25
C ILE A 622 30.39 0.32 -9.32
N SER A 623 30.32 -0.25 -10.51
CA SER A 623 30.49 -1.70 -10.66
C SER A 623 31.89 -2.12 -10.25
N SER A 624 32.91 -1.35 -10.62
CA SER A 624 34.27 -1.67 -10.19
C SER A 624 34.38 -1.69 -8.68
N TRP A 625 33.71 -0.74 -8.00
CA TRP A 625 33.81 -0.65 -6.55
C TRP A 625 33.07 -1.76 -5.84
N ILE A 626 32.14 -2.44 -6.52
CA ILE A 626 31.41 -3.56 -5.92
C ILE A 626 32.10 -4.89 -6.22
N GLU A 627 32.50 -5.09 -7.48
CA GLU A 627 33.12 -6.35 -7.91
C GLU A 627 34.61 -6.37 -7.55
N CYS A 628 34.88 -6.31 -6.25
CA CYS A 628 36.26 -6.21 -5.77
C CYS A 628 36.28 -6.44 -4.27
N SER A 629 37.48 -6.44 -3.70
CA SER A 629 37.64 -6.59 -2.27
C SER A 629 37.06 -5.38 -1.54
N ARG A 630 36.39 -5.64 -0.42
CA ARG A 630 35.75 -4.57 0.33
C ARG A 630 36.79 -3.71 1.02
N PHE A 631 36.67 -2.40 0.85
CA PHE A 631 37.62 -1.43 1.36
C PHE A 631 36.89 -0.34 2.12
N GLU A 632 37.63 0.42 2.92
CA GLU A 632 37.04 1.46 3.74
C GLU A 632 36.57 2.63 2.87
N GLY A 633 35.38 3.14 3.18
CA GLY A 633 34.75 4.15 2.36
C GLY A 633 34.06 3.64 1.13
N GLN A 634 34.04 2.33 0.92
CA GLN A 634 33.37 1.75 -0.24
C GLN A 634 31.88 2.05 -0.23
N ASN A 635 31.24 1.94 0.94
CA ASN A 635 29.81 2.23 1.04
C ASN A 635 29.52 3.68 0.69
N ARG A 636 30.14 4.61 1.42
CA ARG A 636 29.92 6.03 1.18
C ARG A 636 30.06 6.39 -0.29
N ILE A 637 31.07 5.82 -0.94
CA ILE A 637 31.39 6.19 -2.32
C ILE A 637 30.31 5.70 -3.27
N ILE A 638 29.84 4.46 -3.09
CA ILE A 638 28.81 3.93 -3.97
C ILE A 638 27.52 4.71 -3.82
N LYS A 639 27.10 4.96 -2.57
CA LYS A 639 25.88 5.71 -2.35
C LYS A 639 25.98 7.11 -2.94
N ALA A 640 27.16 7.73 -2.88
CA ALA A 640 27.31 9.07 -3.44
C ALA A 640 27.20 9.05 -4.96
N ALA A 641 27.74 8.01 -5.60
CA ALA A 641 27.65 7.92 -7.06
C ALA A 641 26.24 7.59 -7.53
N LEU A 642 25.51 6.78 -6.76
CA LEU A 642 24.13 6.50 -7.11
C LEU A 642 23.29 7.77 -7.07
N LYS A 643 23.43 8.56 -6.00
CA LYS A 643 22.75 9.84 -5.93
C LYS A 643 23.20 10.76 -7.06
N THR A 644 24.49 10.71 -7.42
CA THR A 644 25.01 11.60 -8.45
C THR A 644 24.36 11.30 -9.80
N VAL A 645 24.35 10.03 -10.21
CA VAL A 645 23.79 9.68 -11.51
C VAL A 645 22.30 9.99 -11.55
N LYS A 646 21.60 9.72 -10.44
CA LYS A 646 20.18 10.06 -10.37
C LYS A 646 19.95 11.56 -10.63
N ASN A 647 20.69 12.40 -9.91
CA ASN A 647 20.46 13.84 -10.01
C ASN A 647 20.74 14.37 -11.41
N MSE A 648 21.80 13.88 -12.06
CA MSE A 648 22.17 14.44 -13.35
C MSE A 648 21.25 13.95 -14.47
O MSE A 648 21.02 14.68 -15.44
CB MSE A 648 23.64 14.12 -13.69
CG MSE A 648 24.02 12.66 -13.69
SE MSE A 648 25.93 12.43 -14.11
CE MSE A 648 25.90 13.16 -15.91
H MSE A 648 22.30 13.25 -11.77
HA MSE A 648 22.09 15.40 -13.30
HB2 MSE A 648 23.83 14.48 -14.57
HB3 MSE A 648 24.19 14.57 -13.03
HG2 MSE A 648 23.85 12.28 -12.81
HG3 MSE A 648 23.50 12.19 -14.36
HE1 MSE A 648 25.71 14.12 -15.87
HE2 MSE A 648 26.77 13.03 -16.32
HE3 MSE A 648 25.23 12.70 -16.43
N LYS A 649 20.71 12.74 -14.35
CA LYS A 649 19.73 12.28 -15.33
C LYS A 649 18.40 12.99 -15.13
N ILE A 650 17.98 13.19 -13.87
CA ILE A 650 16.73 13.89 -13.61
C ILE A 650 16.80 15.34 -14.08
N SER A 651 17.93 16.01 -13.81
CA SER A 651 18.08 17.39 -14.25
C SER A 651 18.10 17.49 -15.77
N GLY A 652 18.50 16.43 -16.47
CA GLY A 652 18.44 16.38 -17.91
C GLY A 652 17.03 16.10 -18.40
N ASP A 653 16.93 15.81 -19.70
CA ASP A 653 15.62 15.57 -20.31
C ASP A 653 15.62 14.39 -21.27
N GLY A 654 16.56 13.46 -21.15
CA GLY A 654 16.56 12.29 -21.99
C GLY A 654 15.73 11.15 -21.40
N ASP A 655 15.45 10.16 -22.24
CA ASP A 655 14.78 8.95 -21.77
C ASP A 655 15.71 8.20 -20.82
N LEU A 656 15.13 7.60 -19.79
CA LEU A 656 15.89 7.07 -18.66
C LEU A 656 16.02 5.55 -18.67
N THR A 657 15.61 4.89 -19.75
CA THR A 657 15.58 3.42 -19.74
C THR A 657 16.97 2.85 -19.47
N SER A 658 17.96 3.24 -20.26
CA SER A 658 19.29 2.65 -20.14
C SER A 658 19.84 2.82 -18.72
N CYS A 659 19.80 4.03 -18.20
CA CYS A 659 20.32 4.27 -16.86
C CYS A 659 19.54 3.49 -15.81
N PHE A 660 18.22 3.43 -15.96
CA PHE A 660 17.41 2.67 -15.02
C PHE A 660 17.80 1.21 -15.01
N ALA A 661 18.01 0.62 -16.19
CA ALA A 661 18.44 -0.77 -16.26
C ALA A 661 19.81 -0.96 -15.63
N ALA A 662 20.71 0.00 -15.85
CA ALA A 662 22.06 -0.13 -15.30
C ALA A 662 22.07 -0.11 -13.78
N MSE A 663 21.09 0.53 -13.17
CA MSE A 663 21.03 0.61 -11.72
C MSE A 663 20.44 -0.67 -11.13
O MSE A 663 20.86 -1.13 -10.08
CB MSE A 663 20.22 1.83 -11.28
CG MSE A 663 20.91 3.15 -11.60
SE MSE A 663 20.03 4.69 -10.80
CE MSE A 663 21.12 6.08 -11.60
H MSE A 663 20.44 0.93 -13.57
HA MSE A 663 21.93 0.72 -11.36
HB2 MSE A 663 19.37 1.82 -11.73
HB3 MSE A 663 20.09 1.79 -10.32
HG2 MSE A 663 21.82 3.11 -11.26
HG3 MSE A 663 20.92 3.27 -12.55
HE1 MSE A 663 20.55 6.70 -12.07
HE2 MSE A 663 21.60 6.54 -10.90
HE3 MSE A 663 21.75 5.67 -12.22
N CYS A 664 19.44 -1.22 -11.82
CA CYS A 664 18.95 -2.55 -11.44
C CYS A 664 20.04 -3.60 -11.60
N ASP A 665 20.75 -3.58 -12.74
CA ASP A 665 21.88 -4.49 -12.92
C ASP A 665 22.89 -4.34 -11.79
N VAL A 666 23.23 -3.10 -11.44
CA VAL A 666 24.20 -2.85 -10.38
C VAL A 666 23.73 -3.48 -9.08
N ALA A 667 22.44 -3.34 -8.76
CA ALA A 667 21.90 -3.91 -7.53
C ALA A 667 21.96 -5.44 -7.55
N CYS A 668 21.90 -6.05 -8.72
CA CYS A 668 21.92 -7.50 -8.84
C CYS A 668 23.32 -8.08 -8.94
N LEU A 669 24.35 -7.28 -8.72
CA LEU A 669 25.72 -7.81 -8.81
C LEU A 669 25.97 -8.80 -7.68
N PRO A 670 26.73 -9.87 -7.93
CA PRO A 670 26.86 -10.92 -6.91
C PRO A 670 27.43 -10.44 -5.58
N GLN A 671 28.26 -9.39 -5.59
CA GLN A 671 28.93 -8.99 -4.35
C GLN A 671 28.08 -8.08 -3.47
N VAL A 672 26.94 -7.60 -3.97
CA VAL A 672 26.15 -6.63 -3.19
C VAL A 672 25.75 -7.22 -1.85
N LYS A 673 25.35 -8.50 -1.84
CA LYS A 673 25.03 -9.16 -0.58
C LYS A 673 26.17 -9.00 0.42
N ARG A 674 27.41 -9.24 -0.03
CA ARG A 674 28.56 -9.10 0.84
C ARG A 674 28.65 -7.69 1.42
N VAL A 675 28.64 -6.68 0.54
CA VAL A 675 28.82 -5.30 0.98
C VAL A 675 27.76 -4.92 2.00
N VAL A 676 26.55 -5.48 1.88
CA VAL A 676 25.45 -5.10 2.75
C VAL A 676 25.49 -5.84 4.09
N GLU A 677 26.13 -7.02 4.15
CA GLU A 677 26.27 -7.72 5.41
C GLU A 677 26.76 -6.78 6.52
N LEU A 678 27.69 -5.90 6.19
CA LEU A 678 28.41 -5.10 7.16
C LEU A 678 27.69 -3.83 7.57
N GLU A 679 26.50 -3.56 7.02
CA GLU A 679 25.74 -2.35 7.28
C GLU A 679 24.43 -2.70 7.96
N GLU A 680 23.64 -1.68 8.25
CA GLU A 680 22.28 -1.88 8.73
C GLU A 680 21.36 -2.20 7.56
N PRO A 681 20.22 -2.86 7.84
CA PRO A 681 19.29 -3.15 6.74
C PRO A 681 18.57 -1.92 6.20
N ASP A 682 18.34 -0.90 7.02
CA ASP A 682 17.64 0.28 6.54
C ASP A 682 18.53 1.12 5.63
N ASN A 683 19.80 1.28 5.99
CA ASN A 683 20.74 2.11 5.25
C ASN A 683 21.86 1.23 4.70
N ASN A 684 21.84 0.99 3.40
CA ASN A 684 22.87 0.21 2.73
C ASN A 684 22.76 0.49 1.23
N ILE A 685 23.72 -0.04 0.47
CA ILE A 685 23.82 0.35 -0.93
C ILE A 685 22.66 -0.21 -1.75
N LEU A 686 22.11 -1.37 -1.37
CA LEU A 686 20.95 -1.90 -2.09
C LEU A 686 19.74 -0.99 -1.89
N VAL A 687 19.42 -0.67 -0.64
CA VAL A 687 18.32 0.24 -0.36
C VAL A 687 18.51 1.56 -1.10
N ALA A 688 19.75 2.06 -1.14
CA ALA A 688 20.00 3.33 -1.80
C ALA A 688 19.87 3.21 -3.31
N ASP A 689 20.26 2.07 -3.87
CA ASP A 689 20.14 1.89 -5.31
C ASP A 689 18.67 1.80 -5.73
N THR A 690 17.83 1.14 -4.93
CA THR A 690 16.41 1.07 -5.26
C THR A 690 15.73 2.42 -5.09
N ALA A 691 16.06 3.15 -4.02
CA ALA A 691 15.56 4.51 -3.88
C ALA A 691 15.93 5.35 -5.09
N ALA A 692 17.12 5.12 -5.65
CA ALA A 692 17.59 5.92 -6.78
C ALA A 692 16.80 5.62 -8.05
N PHE A 693 16.69 4.34 -8.44
CA PHE A 693 15.97 4.08 -9.67
C PHE A 693 14.47 4.24 -9.49
N ARG A 694 13.97 4.29 -8.25
CA ARG A 694 12.58 4.69 -8.04
C ARG A 694 12.39 6.16 -8.42
N ASP A 695 13.27 7.04 -7.92
CA ASP A 695 13.16 8.46 -8.28
C ASP A 695 13.29 8.65 -9.79
N LEU A 696 14.12 7.85 -10.45
CA LEU A 696 14.16 7.88 -11.90
C LEU A 696 12.78 7.55 -12.49
N ALA A 697 12.14 6.50 -11.98
CA ALA A 697 10.84 6.10 -12.50
C ALA A 697 9.79 7.16 -12.22
N ALA A 698 9.88 7.84 -11.08
CA ALA A 698 8.88 8.85 -10.72
C ALA A 698 8.77 9.96 -11.75
N THR A 699 9.79 10.17 -12.58
CA THR A 699 9.75 11.26 -13.55
C THR A 699 8.90 10.95 -14.77
N MSE A 700 8.61 9.67 -15.03
CA MSE A 700 7.80 9.25 -16.18
C MSE A 700 8.55 9.40 -17.50
O MSE A 700 7.94 9.35 -18.57
CB MSE A 700 6.50 10.07 -16.25
CG MSE A 700 5.72 10.16 -14.96
SE MSE A 700 4.68 8.56 -14.59
CE MSE A 700 5.43 8.13 -12.84
H MSE A 700 8.89 9.01 -14.56
HA MSE A 700 7.57 8.32 -16.04
HB2 MSE A 700 6.73 10.97 -16.53
HB3 MSE A 700 5.93 9.67 -16.91
HG2 MSE A 700 6.34 10.30 -14.23
HG3 MSE A 700 5.11 10.91 -15.02
HE1 MSE A 700 5.24 8.87 -12.23
HE2 MSE A 700 5.02 7.32 -12.52
HE3 MSE A 700 6.38 8.01 -12.93
N ARG A 701 9.87 9.57 -17.43
CA ARG A 701 10.69 9.67 -18.65
C ARG A 701 11.22 8.29 -19.06
N ILE A 702 10.32 7.31 -19.08
CA ILE A 702 10.58 5.97 -19.58
C ILE A 702 9.43 5.66 -20.52
N THR A 703 9.67 5.76 -21.83
CA THR A 703 8.62 5.67 -22.83
C THR A 703 8.93 4.53 -23.80
N GLY A 704 7.91 3.71 -24.06
CA GLY A 704 8.03 2.65 -25.04
C GLY A 704 7.78 1.27 -24.47
N ALA A 705 7.03 0.44 -25.20
CA ALA A 705 6.68 -0.88 -24.70
C ALA A 705 7.92 -1.73 -24.43
N GLU A 706 8.83 -1.77 -25.40
CA GLU A 706 10.08 -2.50 -25.20
C GLU A 706 10.79 -2.01 -23.94
N ASN A 707 10.93 -0.69 -23.80
CA ASN A 707 11.68 -0.14 -22.68
C ASN A 707 10.99 -0.43 -21.35
N LEU A 708 9.67 -0.21 -21.28
CA LEU A 708 8.95 -0.45 -20.03
C LEU A 708 9.07 -1.89 -19.59
N GLU A 709 8.98 -2.82 -20.55
CA GLU A 709 9.13 -4.24 -20.25
C GLU A 709 10.51 -4.52 -19.67
N ARG A 710 11.55 -3.97 -20.30
CA ARG A 710 12.90 -4.11 -19.77
C ARG A 710 12.99 -3.60 -18.34
N CYS A 711 12.53 -2.38 -18.11
CA CYS A 711 12.63 -1.79 -16.78
C CYS A 711 11.82 -2.57 -15.75
N ILE A 712 10.65 -3.08 -16.14
CA ILE A 712 9.80 -3.78 -15.18
C ILE A 712 10.37 -5.15 -14.86
N GLU A 713 10.83 -5.88 -15.88
CA GLU A 713 11.56 -7.13 -15.64
C GLU A 713 12.71 -6.90 -14.66
N SER A 714 13.48 -5.83 -14.87
CA SER A 714 14.64 -5.58 -14.01
C SER A 714 14.23 -5.36 -12.56
N VAL A 715 13.12 -4.64 -12.33
CA VAL A 715 12.65 -4.45 -10.96
C VAL A 715 12.26 -5.80 -10.35
N LEU A 716 11.54 -6.62 -11.11
CA LEU A 716 11.15 -7.92 -10.60
C LEU A 716 12.37 -8.78 -10.29
N ARG A 717 13.43 -8.65 -11.10
CA ARG A 717 14.67 -9.38 -10.81
C ARG A 717 15.23 -8.99 -9.45
N VAL A 718 15.24 -7.68 -9.15
CA VAL A 718 15.74 -7.22 -7.86
C VAL A 718 14.91 -7.82 -6.72
N MSE A 719 13.59 -7.67 -6.81
CA MSE A 719 12.69 -8.21 -5.79
C MSE A 719 12.89 -9.71 -5.65
O MSE A 719 12.89 -10.25 -4.54
CB MSE A 719 11.23 -7.94 -6.16
CG MSE A 719 10.91 -6.50 -6.48
SE MSE A 719 9.03 -6.33 -6.96
CE MSE A 719 8.26 -6.85 -5.23
H MSE A 719 13.18 -7.25 -7.44
HA MSE A 719 12.87 -7.76 -4.95
HB2 MSE A 719 11.01 -8.47 -6.94
HB3 MSE A 719 10.67 -8.20 -5.41
HG2 MSE A 719 11.08 -5.95 -5.70
HG3 MSE A 719 11.44 -6.20 -7.23
HE1 MSE A 719 8.66 -6.30 -4.54
HE2 MSE A 719 7.31 -6.73 -5.26
HE3 MSE A 719 8.46 -7.79 -5.07
N ARG A 720 13.06 -10.37 -6.79
CA ARG A 720 13.29 -11.81 -6.80
C ARG A 720 14.60 -12.18 -6.11
N LYS A 721 15.62 -11.32 -6.23
CA LYS A 721 16.96 -11.68 -5.78
C LYS A 721 17.24 -11.32 -4.34
N TYR A 722 16.42 -10.46 -3.72
CA TYR A 722 16.63 -10.03 -2.33
C TYR A 722 15.31 -10.12 -1.59
N PRO A 723 14.88 -11.34 -1.25
CA PRO A 723 13.52 -11.50 -0.69
C PRO A 723 13.35 -10.93 0.70
N ASP A 724 14.43 -10.75 1.47
CA ASP A 724 14.31 -10.33 2.86
C ASP A 724 14.87 -8.93 3.12
N SER A 725 15.11 -8.14 2.08
CA SER A 725 15.43 -6.72 2.24
C SER A 725 14.11 -5.98 2.14
N ARG A 726 13.44 -5.79 3.28
CA ARG A 726 12.06 -5.31 3.25
C ARG A 726 11.97 -3.82 2.94
N ARG A 727 13.06 -3.05 3.09
CA ARG A 727 13.06 -1.67 2.60
C ARG A 727 13.36 -1.61 1.12
N ALA A 728 14.14 -2.56 0.58
CA ALA A 728 14.33 -2.64 -0.86
C ALA A 728 13.09 -3.18 -1.55
N GLN A 729 12.36 -4.08 -0.88
CA GLN A 729 11.08 -4.56 -1.41
C GLN A 729 10.11 -3.40 -1.56
N LEU A 730 10.00 -2.54 -0.53
CA LEU A 730 9.11 -1.38 -0.58
C LEU A 730 9.45 -0.49 -1.76
N ASN A 731 10.70 -0.05 -1.87
CA ASN A 731 11.10 0.84 -2.95
C ASN A 731 10.77 0.26 -4.31
N CYS A 732 10.90 -1.06 -4.47
CA CYS A 732 10.54 -1.68 -5.73
C CYS A 732 9.05 -1.60 -5.98
N LEU A 733 8.24 -1.88 -4.97
CA LEU A 733 6.78 -1.76 -5.13
C LEU A 733 6.41 -0.36 -5.57
N GLU A 734 7.00 0.67 -4.94
CA GLU A 734 6.75 2.04 -5.37
C GLU A 734 7.17 2.24 -6.81
N THR A 735 8.36 1.74 -7.17
CA THR A 735 8.82 1.87 -8.55
C THR A 735 7.84 1.25 -9.53
N LEU A 736 7.29 0.08 -9.19
CA LEU A 736 6.29 -0.54 -10.05
C LEU A 736 5.07 0.35 -10.21
N ASN A 737 4.66 1.01 -9.13
CA ASN A 737 3.55 1.96 -9.22
C ASN A 737 3.83 3.01 -10.29
N TYR A 738 5.03 3.59 -10.27
CA TYR A 738 5.38 4.62 -11.25
C TYR A 738 5.43 4.05 -12.66
N LEU A 739 6.17 2.95 -12.86
CA LEU A 739 6.29 2.38 -14.19
C LEU A 739 4.93 2.00 -14.76
N ALA A 740 3.98 1.63 -13.89
CA ALA A 740 2.63 1.35 -14.37
C ALA A 740 2.00 2.58 -15.00
N GLN A 741 2.31 3.76 -14.46
CA GLN A 741 1.70 5.00 -14.94
C GLN A 741 2.36 5.55 -16.19
N CYS A 742 3.59 5.13 -16.50
CA CYS A 742 4.29 5.64 -17.67
C CYS A 742 3.48 5.38 -18.94
N ASP A 743 3.73 6.20 -19.96
CA ASP A 743 3.05 6.10 -21.25
C ASP A 743 1.54 6.18 -21.09
N GLY A 744 1.09 7.07 -20.20
CA GLY A 744 -0.34 7.27 -20.03
C GLY A 744 -1.07 6.00 -19.62
N GLY A 745 -0.49 5.22 -18.71
CA GLY A 745 -1.12 4.02 -18.21
C GLY A 745 -0.79 2.75 -18.96
N GLU A 746 -0.19 2.86 -20.16
CA GLU A 746 0.14 1.66 -20.92
C GLU A 746 1.16 0.79 -20.20
N GLY A 747 1.84 1.32 -19.18
CA GLY A 747 2.66 0.48 -18.33
C GLY A 747 1.88 -0.55 -17.55
N VAL A 748 0.58 -0.34 -17.39
CA VAL A 748 -0.25 -1.31 -16.67
C VAL A 748 -0.32 -2.63 -17.44
N ALA A 749 -0.50 -2.55 -18.76
CA ALA A 749 -0.53 -3.75 -19.57
C ALA A 749 0.79 -4.51 -19.49
N ILE A 750 1.91 -3.78 -19.54
CA ILE A 750 3.20 -4.44 -19.45
C ILE A 750 3.37 -5.09 -18.09
N LEU A 751 2.92 -4.41 -17.03
CA LEU A 751 3.06 -4.97 -15.68
C LEU A 751 2.24 -6.25 -15.52
N SER A 752 1.16 -6.39 -16.29
CA SER A 752 0.34 -7.60 -16.18
C SER A 752 0.97 -8.76 -16.94
N ARG A 753 1.38 -8.54 -18.19
CA ARG A 753 1.85 -9.65 -19.01
C ARG A 753 3.29 -10.04 -18.73
N THR A 754 4.03 -9.26 -17.94
CA THR A 754 5.31 -9.72 -17.41
C THR A 754 5.14 -10.54 -16.13
N GLY A 755 3.93 -10.61 -15.59
CA GLY A 755 3.67 -11.32 -14.35
C GLY A 755 3.85 -10.50 -13.08
N GLY A 756 4.14 -9.20 -13.21
CA GLY A 756 4.41 -8.39 -12.03
C GLY A 756 3.21 -8.17 -11.15
N LEU A 757 2.02 -8.04 -11.75
CA LEU A 757 0.81 -7.96 -10.94
C LEU A 757 0.72 -9.14 -9.97
N ASN A 758 0.91 -10.36 -10.49
CA ASN A 758 0.84 -11.54 -9.64
C ASN A 758 2.01 -11.56 -8.65
N ALA A 759 3.19 -11.10 -9.07
CA ALA A 759 4.33 -11.05 -8.17
C ALA A 759 4.03 -10.13 -6.98
N VAL A 760 3.37 -9.00 -7.24
CA VAL A 760 2.97 -8.11 -6.15
C VAL A 760 2.04 -8.85 -5.20
N VAL A 761 1.05 -9.57 -5.74
CA VAL A 761 0.14 -10.34 -4.90
C VAL A 761 0.91 -11.41 -4.14
N GLN A 762 1.83 -12.11 -4.81
CA GLN A 762 2.61 -13.15 -4.15
C GLN A 762 3.39 -12.58 -2.97
N TYR A 763 3.99 -11.40 -3.13
CA TYR A 763 4.75 -10.82 -2.03
C TYR A 763 3.83 -10.47 -0.86
N LEU A 764 2.71 -9.81 -1.14
CA LEU A 764 1.76 -9.48 -0.09
C LEU A 764 1.35 -10.72 0.69
N THR A 765 1.09 -11.83 -0.02
CA THR A 765 0.78 -13.08 0.65
C THR A 765 1.95 -13.57 1.49
N ARG A 766 3.19 -13.31 1.05
CA ARG A 766 4.36 -13.75 1.81
C ARG A 766 4.54 -12.96 3.10
N ALA A 767 4.28 -11.65 3.05
CA ALA A 767 4.58 -10.76 4.16
C ALA A 767 3.31 -10.18 4.78
N PRO A 768 2.43 -11.01 5.33
CA PRO A 768 1.18 -10.46 5.90
C PRO A 768 1.40 -9.55 7.09
N MSE A 769 2.55 -9.62 7.75
CA MSE A 769 2.79 -8.83 8.96
C MSE A 769 3.19 -7.39 8.67
O MSE A 769 3.03 -6.51 9.51
CB MSE A 769 3.88 -9.49 9.81
CG MSE A 769 3.51 -10.85 10.37
SE MSE A 769 1.99 -10.77 11.59
CE MSE A 769 0.60 -11.39 10.36
H MSE A 769 3.22 -10.11 7.51
HA MSE A 769 1.95 -8.81 9.46
HB2 MSE A 769 4.67 -9.61 9.26
HB3 MSE A 769 4.08 -8.91 10.56
HG2 MSE A 769 3.28 -11.45 9.64
HG3 MSE A 769 4.26 -11.21 10.86
HE1 MSE A 769 0.82 -12.29 10.07
HE2 MSE A 769 -0.25 -11.38 10.82
HE3 MSE A 769 0.57 -10.79 9.59
N TYR A 770 3.73 -7.15 7.47
CA TYR A 770 4.33 -5.87 7.14
C TYR A 770 3.25 -4.95 6.58
N LEU A 771 2.85 -3.96 7.40
CA LEU A 771 1.73 -3.10 7.03
C LEU A 771 2.13 -2.13 5.93
N ASP A 772 3.33 -1.58 5.98
CA ASP A 772 3.79 -0.69 4.92
C ASP A 772 3.86 -1.43 3.58
N ALA A 773 4.15 -2.73 3.62
CA ALA A 773 4.20 -3.50 2.37
C ALA A 773 2.80 -3.77 1.84
N GLN A 774 1.84 -4.04 2.72
CA GLN A 774 0.47 -4.24 2.29
C GLN A 774 -0.06 -2.98 1.59
N ILE A 775 0.06 -1.83 2.26
CA ILE A 775 -0.37 -0.57 1.65
C ILE A 775 0.35 -0.36 0.32
N ALA A 776 1.68 -0.49 0.33
CA ALA A 776 2.46 -0.22 -0.88
C ALA A 776 2.08 -1.17 -2.01
N GLY A 777 1.91 -2.45 -1.70
CA GLY A 777 1.62 -3.42 -2.75
C GLY A 777 0.21 -3.28 -3.30
N PHE A 778 -0.76 -3.03 -2.43
CA PHE A 778 -2.12 -2.82 -2.90
C PHE A 778 -2.25 -1.52 -3.67
N THR A 779 -1.44 -0.51 -3.33
CA THR A 779 -1.44 0.73 -4.09
C THR A 779 -1.13 0.46 -5.56
N VAL A 780 -0.09 -0.33 -5.82
CA VAL A 780 0.23 -0.72 -7.19
C VAL A 780 -1.00 -1.32 -7.87
N LEU A 781 -1.67 -2.24 -7.19
CA LEU A 781 -2.82 -2.91 -7.78
C LEU A 781 -3.99 -1.97 -7.94
N ALA A 782 -4.23 -1.10 -6.96
CA ALA A 782 -5.29 -0.11 -7.10
C ALA A 782 -4.98 0.88 -8.20
N THR A 783 -3.70 1.26 -8.34
CA THR A 783 -3.31 2.14 -9.44
C THR A 783 -3.56 1.46 -10.79
N SER A 784 -3.26 0.17 -10.88
CA SER A 784 -3.42 -0.52 -12.16
C SER A 784 -4.89 -0.71 -12.51
N ALA A 785 -5.72 -0.97 -11.49
CA ALA A 785 -7.16 -1.09 -11.74
C ALA A 785 -7.76 0.23 -12.18
N LYS A 786 -7.50 1.30 -11.43
CA LYS A 786 -8.08 2.60 -11.76
C LYS A 786 -7.73 3.03 -13.18
N ILE A 787 -6.54 2.69 -13.65
CA ILE A 787 -6.15 3.05 -15.01
C ILE A 787 -6.79 2.12 -16.02
N ASP A 788 -6.92 0.84 -15.69
CA ASP A 788 -7.54 -0.13 -16.58
C ASP A 788 -8.28 -1.16 -15.74
N SER A 789 -9.61 -1.10 -15.77
CA SER A 789 -10.42 -2.09 -15.05
C SER A 789 -10.33 -3.47 -15.65
N ASN A 790 -9.66 -3.64 -16.79
CA ASN A 790 -9.53 -4.96 -17.40
C ASN A 790 -8.62 -5.87 -16.58
N VAL A 791 -7.77 -5.30 -15.72
CA VAL A 791 -6.94 -6.11 -14.84
C VAL A 791 -7.68 -6.56 -13.59
N GLY A 792 -8.96 -6.21 -13.46
CA GLY A 792 -9.75 -6.72 -12.35
C GLY A 792 -9.94 -8.23 -12.45
N GLU A 793 -10.06 -8.74 -13.67
CA GLU A 793 -10.16 -10.18 -13.87
C GLU A 793 -8.88 -10.87 -13.41
N THR A 794 -7.72 -10.33 -13.81
CA THR A 794 -6.45 -10.94 -13.45
C THR A 794 -6.27 -10.98 -11.94
N LEU A 795 -6.56 -9.87 -11.26
CA LEU A 795 -6.41 -9.84 -9.80
C LEU A 795 -7.29 -10.89 -9.14
N ARG A 796 -8.47 -11.15 -9.70
CA ARG A 796 -9.34 -12.19 -9.16
C ARG A 796 -8.69 -13.56 -9.29
N LYS A 797 -8.05 -13.84 -10.43
CA LYS A 797 -7.40 -15.11 -10.64
C LYS A 797 -6.06 -15.21 -9.92
N CYS A 798 -5.50 -14.10 -9.47
CA CYS A 798 -4.32 -14.11 -8.63
C CYS A 798 -4.63 -14.32 -7.15
N ASN A 799 -5.91 -14.47 -6.80
CA ASN A 799 -6.33 -14.58 -5.40
C ASN A 799 -6.03 -13.31 -4.62
N CYS A 800 -6.11 -12.16 -5.31
CA CYS A 800 -5.95 -10.89 -4.63
C CYS A 800 -6.97 -10.72 -3.52
N LEU A 801 -8.18 -11.28 -3.70
CA LEU A 801 -9.24 -11.14 -2.71
C LEU A 801 -8.85 -11.76 -1.37
N GLN A 802 -8.38 -13.01 -1.40
CA GLN A 802 -7.93 -13.64 -0.17
C GLN A 802 -6.82 -12.84 0.49
N ALA A 803 -5.97 -12.20 -0.31
CA ALA A 803 -4.84 -11.46 0.25
C ALA A 803 -5.31 -10.21 0.98
N LEU A 804 -6.21 -9.44 0.37
CA LEU A 804 -6.71 -8.25 1.05
C LEU A 804 -7.68 -8.61 2.17
N LYS A 805 -8.41 -9.71 2.03
CA LYS A 805 -9.19 -10.22 3.15
C LYS A 805 -8.30 -10.44 4.37
N VAL A 806 -7.07 -10.89 4.13
CA VAL A 806 -6.17 -11.20 5.24
C VAL A 806 -5.60 -9.94 5.86
N ALA A 807 -5.27 -8.95 5.03
CA ALA A 807 -4.75 -7.69 5.56
C ALA A 807 -5.81 -6.92 6.33
N MSE A 808 -7.07 -7.02 5.91
CA MSE A 808 -8.19 -6.47 6.67
C MSE A 808 -8.11 -6.95 8.11
O MSE A 808 -8.13 -6.15 9.05
CB MSE A 808 -9.54 -6.86 6.06
CG MSE A 808 -9.88 -6.16 4.75
SE MSE A 808 -11.78 -6.27 4.29
CE MSE A 808 -11.80 -7.82 3.11
H MSE A 808 -7.31 -7.42 5.18
HA MSE A 808 -8.14 -5.50 6.64
HB2 MSE A 808 -9.52 -7.82 5.88
HB3 MSE A 808 -10.24 -6.65 6.69
HG2 MSE A 808 -9.64 -5.22 4.82
HG3 MSE A 808 -9.38 -6.57 4.02
HE1 MSE A 808 -11.83 -8.62 3.65
HE2 MSE A 808 -12.58 -7.77 2.53
HE3 MSE A 808 -10.99 -7.81 2.56
N ARG A 809 -8.04 -8.27 8.27
CA ARG A 809 -8.08 -8.87 9.61
C ARG A 809 -6.79 -8.63 10.39
N THR A 810 -5.66 -8.56 9.70
CA THR A 810 -4.38 -8.45 10.40
C THR A 810 -4.19 -7.05 10.97
N HIS A 811 -4.39 -6.02 10.15
CA HIS A 811 -4.23 -4.63 10.57
C HIS A 811 -5.60 -3.97 10.61
N ALA A 812 -6.41 -4.42 11.56
CA ALA A 812 -7.81 -3.99 11.62
C ALA A 812 -7.94 -2.50 11.88
N LYS A 813 -6.99 -1.91 12.61
CA LYS A 813 -7.08 -0.53 13.05
C LYS A 813 -6.36 0.45 12.12
N SER A 814 -5.98 0.03 10.93
CA SER A 814 -5.21 0.87 10.01
C SER A 814 -6.17 1.55 9.05
N LYS A 815 -6.46 2.82 9.30
CA LYS A 815 -7.32 3.58 8.40
C LYS A 815 -6.64 3.81 7.05
N GLU A 816 -5.30 3.84 7.04
CA GLU A 816 -4.58 4.06 5.78
C GLU A 816 -4.63 2.84 4.87
N LEU A 817 -4.71 1.64 5.45
CA LEU A 817 -4.70 0.40 4.66
C LEU A 817 -6.00 0.18 3.90
N LYS A 818 -6.98 1.04 4.10
CA LYS A 818 -8.36 0.79 3.73
C LYS A 818 -8.90 1.78 2.73
N ARG A 819 -8.61 3.06 2.93
CA ARG A 819 -8.63 4.01 1.84
C ARG A 819 -7.79 3.52 0.66
N THR A 820 -6.83 2.63 0.91
CA THR A 820 -6.05 2.02 -0.17
C THR A 820 -6.84 0.92 -0.87
N ILE A 821 -7.29 -0.08 -0.11
CA ILE A 821 -7.90 -1.27 -0.71
C ILE A 821 -9.38 -1.10 -1.00
N ALA A 822 -9.97 0.04 -0.65
CA ALA A 822 -11.42 0.20 -0.80
C ALA A 822 -11.90 -0.04 -2.23
N PRO A 823 -11.30 0.56 -3.27
CA PRO A 823 -11.77 0.25 -4.62
C PRO A 823 -11.55 -1.20 -5.02
N LEU A 824 -10.54 -1.86 -4.46
CA LEU A 824 -10.26 -3.23 -4.85
C LEU A 824 -11.34 -4.19 -4.36
N VAL A 825 -11.82 -4.01 -3.12
CA VAL A 825 -12.87 -4.89 -2.61
C VAL A 825 -14.12 -4.79 -3.49
N ALA A 826 -14.52 -3.57 -3.84
CA ALA A 826 -15.69 -3.38 -4.68
C ALA A 826 -15.55 -4.13 -5.99
N LEU A 827 -14.34 -4.11 -6.57
CA LEU A 827 -14.12 -4.74 -7.87
C LEU A 827 -14.13 -6.25 -7.77
N LEU A 828 -13.52 -6.81 -6.72
CA LEU A 828 -13.40 -8.25 -6.58
C LEU A 828 -14.57 -8.88 -5.82
N MSE A 829 -15.27 -8.12 -4.99
CA MSE A 829 -16.41 -8.66 -4.24
C MSE A 829 -17.51 -9.06 -5.20
O MSE A 829 -17.72 -8.40 -6.22
CB MSE A 829 -16.93 -7.63 -3.24
CG MSE A 829 -16.14 -7.56 -1.94
SE MSE A 829 -16.19 -9.22 -0.92
CE MSE A 829 -15.04 -8.69 0.56
H MSE A 829 -15.10 -7.29 -4.84
HA MSE A 829 -16.11 -9.42 -3.74
HB2 MSE A 829 -16.90 -6.75 -3.65
HB3 MSE A 829 -17.84 -7.87 -3.01
HG2 MSE A 829 -15.21 -7.37 -2.15
HG3 MSE A 829 -16.49 -6.85 -1.39
HE1 MSE A 829 -15.44 -7.93 1.01
HE2 MSE A 829 -14.95 -9.44 1.18
HE3 MSE A 829 -14.16 -8.43 0.21
N PRO A 830 -18.23 -10.14 -4.88
CA PRO A 830 -19.30 -10.59 -5.78
C PRO A 830 -20.38 -9.53 -5.89
N THR A 831 -20.36 -8.79 -7.01
CA THR A 831 -21.20 -7.59 -7.11
C THR A 831 -22.68 -7.91 -6.89
N ASP A 832 -23.14 -9.09 -7.31
CA ASP A 832 -24.56 -9.41 -7.26
C ASP A 832 -24.91 -10.52 -6.29
N ALA A 833 -23.94 -11.28 -5.79
CA ALA A 833 -24.21 -12.33 -4.82
C ALA A 833 -24.26 -11.81 -3.39
N LEU A 834 -24.27 -10.48 -3.20
CA LEU A 834 -24.22 -9.92 -1.85
C LEU A 834 -25.60 -9.95 -1.18
N GLU A 835 -26.59 -9.29 -1.79
CA GLU A 835 -27.91 -9.18 -1.17
C GLU A 835 -28.41 -10.52 -0.65
N THR A 836 -28.05 -11.61 -1.33
CA THR A 836 -28.46 -12.93 -0.88
C THR A 836 -27.49 -13.49 0.17
N GLU A 837 -26.20 -13.22 0.02
CA GLU A 837 -25.21 -13.80 0.92
C GLU A 837 -25.11 -13.04 2.24
N ILE A 838 -25.45 -11.75 2.25
CA ILE A 838 -25.49 -11.01 3.51
C ILE A 838 -26.70 -11.43 4.33
N GLN A 839 -27.86 -11.52 3.68
CA GLN A 839 -29.05 -12.05 4.34
C GLN A 839 -28.84 -13.50 4.76
N GLU A 840 -27.91 -14.22 4.12
CA GLU A 840 -27.56 -15.56 4.57
C GLU A 840 -26.92 -15.52 5.96
N LEU A 841 -25.87 -14.72 6.11
CA LEU A 841 -25.18 -14.63 7.39
C LEU A 841 -25.99 -13.84 8.42
N LEU A 842 -26.85 -12.92 7.95
CA LEU A 842 -27.73 -12.21 8.88
C LEU A 842 -28.65 -13.19 9.60
N ASN A 843 -29.25 -14.11 8.84
CA ASN A 843 -30.16 -15.08 9.46
C ASN A 843 -29.41 -16.12 10.27
N GLU A 844 -28.20 -16.49 9.84
CA GLU A 844 -27.42 -17.48 10.58
C GLU A 844 -26.98 -16.93 11.93
N CYS A 845 -26.52 -15.68 11.96
CA CYS A 845 -26.17 -15.05 13.23
C CYS A 845 -27.37 -15.02 14.17
N ALA A 846 -28.50 -14.52 13.69
CA ALA A 846 -29.71 -14.48 14.50
C ALA A 846 -30.05 -15.87 15.04
N SER A 847 -29.95 -16.90 14.18
CA SER A 847 -30.28 -18.25 14.62
C SER A 847 -29.35 -18.70 15.75
N ALA A 848 -28.06 -18.38 15.65
CA ALA A 848 -27.14 -18.74 16.71
C ALA A 848 -27.55 -18.13 18.04
N CYS A 849 -28.13 -16.93 18.02
CA CYS A 849 -28.60 -16.33 19.27
C CYS A 849 -29.87 -17.02 19.77
N GLU A 850 -30.72 -17.50 18.86
CA GLU A 850 -31.92 -18.22 19.28
C GLU A 850 -31.55 -19.47 20.08
N LYS A 851 -30.49 -20.15 19.67
CA LYS A 851 -29.96 -21.26 20.45
C LYS A 851 -29.01 -20.70 21.51
N ASN A 852 -28.12 -21.52 22.04
CA ASN A 852 -27.06 -21.06 22.94
C ASN A 852 -25.68 -21.24 22.31
N ASN A 853 -25.60 -21.06 20.98
CA ASN A 853 -24.38 -21.32 20.23
C ASN A 853 -23.59 -20.01 20.09
N PHE A 854 -22.88 -19.66 21.16
CA PHE A 854 -22.03 -18.47 21.14
C PHE A 854 -20.92 -18.58 20.12
N PRO A 855 -20.23 -19.72 19.94
CA PRO A 855 -19.23 -19.80 18.87
C PRO A 855 -19.75 -19.42 17.49
N HIS A 856 -20.88 -20.01 17.08
CA HIS A 856 -21.42 -19.74 15.74
C HIS A 856 -21.61 -18.25 15.52
N LEU A 857 -22.10 -17.53 16.53
CA LEU A 857 -22.30 -16.10 16.40
C LEU A 857 -21.00 -15.41 15.98
N HIS A 858 -19.92 -15.69 16.69
CA HIS A 858 -18.62 -15.15 16.30
C HIS A 858 -18.24 -15.58 14.89
N GLU A 859 -18.25 -16.90 14.64
CA GLU A 859 -17.84 -17.43 13.35
C GLU A 859 -18.52 -16.70 12.20
N ASN A 860 -19.84 -16.48 12.31
CA ASN A 860 -20.58 -15.87 11.23
C ASN A 860 -20.50 -14.34 11.28
N LEU A 861 -20.41 -13.75 12.47
CA LEU A 861 -20.13 -12.32 12.55
C LEU A 861 -18.77 -12.01 11.92
N ALA A 862 -17.80 -12.90 12.10
CA ALA A 862 -16.49 -12.73 11.46
C ALA A 862 -16.64 -12.72 9.95
N ALA A 863 -17.21 -13.79 9.38
CA ALA A 863 -17.46 -13.82 7.94
C ALA A 863 -18.34 -12.64 7.52
N LEU A 864 -19.37 -12.34 8.31
CA LEU A 864 -20.26 -11.22 7.96
C LEU A 864 -19.48 -9.93 7.77
N ASN A 865 -18.51 -9.66 8.66
CA ASN A 865 -17.76 -8.41 8.55
C ASN A 865 -16.97 -8.35 7.24
N GLU A 866 -16.33 -9.46 6.86
CA GLU A 866 -15.63 -9.50 5.58
C GLU A 866 -16.52 -9.03 4.43
N LEU A 867 -17.78 -9.49 4.41
CA LEU A 867 -18.71 -9.05 3.38
C LEU A 867 -19.04 -7.56 3.54
N LEU A 868 -19.27 -7.11 4.77
CA LEU A 868 -19.75 -5.75 5.01
C LEU A 868 -18.78 -4.69 4.49
N ILE A 869 -17.49 -5.00 4.35
CA ILE A 869 -16.52 -3.98 3.96
C ILE A 869 -16.92 -3.34 2.65
N SER A 870 -17.39 -4.14 1.69
CA SER A 870 -17.91 -3.61 0.43
C SER A 870 -18.80 -2.41 0.70
N SER A 871 -18.38 -1.23 0.25
CA SER A 871 -19.17 -0.02 0.47
C SER A 871 -20.64 -0.28 0.14
N GLU A 872 -20.92 -0.69 -1.10
CA GLU A 872 -22.29 -1.03 -1.47
C GLU A 872 -22.82 -2.18 -0.63
N GLY A 873 -21.98 -3.16 -0.32
CA GLY A 873 -22.43 -4.26 0.51
C GLY A 873 -22.81 -3.83 1.90
N ALA A 874 -22.23 -2.73 2.39
CA ALA A 874 -22.65 -2.19 3.68
C ALA A 874 -24.05 -1.61 3.59
N LYS A 875 -24.38 -0.99 2.46
CA LYS A 875 -25.73 -0.48 2.26
C LYS A 875 -26.74 -1.60 2.08
N ILE A 876 -26.30 -2.78 1.66
CA ILE A 876 -27.21 -3.93 1.60
C ILE A 876 -27.61 -4.37 2.99
N ALA A 877 -26.62 -4.54 3.88
CA ALA A 877 -26.92 -4.98 5.24
C ALA A 877 -27.85 -4.01 5.94
N ALA A 878 -27.58 -2.70 5.83
CA ALA A 878 -28.47 -1.71 6.42
C ALA A 878 -29.88 -1.82 5.85
N ARG A 879 -29.98 -2.09 4.55
CA ARG A 879 -31.28 -2.12 3.89
C ARG A 879 -32.11 -3.33 4.35
N LEU A 880 -31.45 -4.46 4.64
CA LEU A 880 -32.15 -5.67 5.07
C LEU A 880 -32.34 -5.73 6.59
N GLY A 881 -32.28 -4.60 7.28
CA GLY A 881 -32.61 -4.58 8.69
C GLY A 881 -31.53 -5.07 9.62
N ILE A 882 -30.26 -4.86 9.26
CA ILE A 882 -29.17 -5.30 10.12
C ILE A 882 -29.26 -4.60 11.48
N GLY A 883 -29.68 -3.33 11.49
CA GLY A 883 -29.77 -2.61 12.75
C GLY A 883 -30.66 -3.32 13.75
N ALA A 884 -31.86 -3.71 13.33
CA ALA A 884 -32.72 -4.50 14.19
C ALA A 884 -32.06 -5.82 14.55
N HIS A 885 -31.45 -6.49 13.57
CA HIS A 885 -30.67 -7.69 13.85
C HIS A 885 -29.64 -7.44 14.94
N MSE A 886 -28.89 -6.35 14.80
CA MSE A 886 -27.77 -6.06 15.69
C MSE A 886 -28.24 -5.84 17.12
O MSE A 886 -27.66 -6.38 18.06
CB MSE A 886 -27.02 -4.84 15.18
CG MSE A 886 -25.56 -4.80 15.55
SE MSE A 886 -24.49 -6.29 14.89
CE MSE A 886 -24.75 -6.04 12.97
H MSE A 886 -29.01 -5.76 14.19
HA MSE A 886 -27.17 -6.82 15.69
HB2 MSE A 886 -27.08 -4.83 14.20
HB3 MSE A 886 -27.44 -4.04 15.54
HG2 MSE A 886 -25.17 -3.98 15.21
HG3 MSE A 886 -25.49 -4.80 16.52
HE1 MSE A 886 -24.66 -5.10 12.77
HE2 MSE A 886 -24.08 -6.55 12.49
HE3 MSE A 886 -25.64 -6.35 12.73
N CYS A 887 -29.30 -5.03 17.28
CA CYS A 887 -29.87 -4.82 18.60
C CYS A 887 -30.23 -6.15 19.26
N LYS A 888 -30.60 -7.15 18.45
CA LYS A 888 -30.92 -8.47 19.00
C LYS A 888 -29.66 -9.21 19.43
N TYR A 889 -28.64 -9.23 18.55
CA TYR A 889 -27.40 -9.91 18.90
C TYR A 889 -26.84 -9.37 20.21
N GLN A 890 -26.84 -8.04 20.38
CA GLN A 890 -26.33 -7.44 21.60
C GLN A 890 -27.14 -7.90 22.81
N GLU A 891 -28.48 -7.83 22.71
CA GLU A 891 -29.33 -8.30 23.79
C GLU A 891 -28.89 -9.69 24.26
N TYR A 892 -28.46 -10.53 23.33
CA TYR A 892 -28.06 -11.89 23.68
C TYR A 892 -26.63 -11.95 24.18
N ILE A 893 -25.70 -11.26 23.51
CA ILE A 893 -24.29 -11.33 23.88
C ILE A 893 -24.10 -10.89 25.32
N SER A 894 -24.54 -9.66 25.63
CA SER A 894 -24.35 -9.13 26.98
C SER A 894 -25.00 -10.02 28.03
N ALA A 895 -26.06 -10.75 27.66
CA ALA A 895 -26.76 -11.59 28.63
C ALA A 895 -26.00 -12.89 28.90
N HIS A 896 -25.47 -13.52 27.85
CA HIS A 896 -24.83 -14.83 27.97
C HIS A 896 -23.32 -14.65 27.99
N GLU A 897 -22.80 -14.30 29.17
CA GLU A 897 -21.37 -14.24 29.40
C GLU A 897 -20.84 -15.53 30.01
N GLN A 898 -21.70 -16.34 30.63
CA GLN A 898 -21.29 -17.64 31.13
C GLN A 898 -20.98 -18.61 29.99
N ASP A 899 -21.43 -18.29 28.77
CA ASP A 899 -20.96 -19.01 27.59
C ASP A 899 -19.44 -18.96 27.44
N ALA A 900 -18.77 -18.09 28.21
CA ALA A 900 -17.32 -18.05 28.26
C ALA A 900 -16.73 -19.47 28.17
N LEU A 901 -17.15 -20.34 29.08
CA LEU A 901 -16.73 -21.73 29.03
C LEU A 901 -17.26 -22.42 27.79
N ALA A 902 -16.54 -22.31 26.68
CA ALA A 902 -16.90 -23.02 25.46
C ALA A 902 -16.38 -24.46 25.46
N VAL A 903 -15.37 -24.76 26.27
CA VAL A 903 -14.92 -26.12 26.53
C VAL A 903 -14.34 -26.75 25.27
N THR A 904 -13.32 -26.11 24.70
CA THR A 904 -12.55 -26.64 23.57
C THR A 904 -13.49 -27.16 22.46
N ASP A 905 -14.23 -26.21 21.87
CA ASP A 905 -15.06 -26.50 20.71
C ASP A 905 -14.91 -25.41 19.65
N TYR A 906 -13.86 -24.60 19.73
CA TYR A 906 -13.71 -23.44 18.85
C TYR A 906 -12.27 -22.96 18.94
N ASP A 907 -11.95 -21.99 18.08
CA ASP A 907 -10.57 -21.51 17.98
C ASP A 907 -10.18 -20.67 19.19
N ILE A 908 -11.02 -19.70 19.56
CA ILE A 908 -10.82 -18.93 20.79
C ILE A 908 -11.80 -19.43 21.84
N LEU A 909 -11.34 -19.46 23.09
CA LEU A 909 -12.14 -19.94 24.22
C LEU A 909 -12.03 -18.94 25.37
N GLY A 910 -12.88 -19.11 26.37
CA GLY A 910 -12.80 -18.28 27.54
C GLY A 910 -13.21 -16.84 27.27
N LYS A 911 -12.64 -15.93 28.07
CA LYS A 911 -12.94 -14.51 27.92
C LYS A 911 -12.39 -13.95 26.61
N ASP A 912 -11.36 -14.57 26.04
CA ASP A 912 -10.90 -14.16 24.72
C ASP A 912 -12.04 -14.24 23.71
N LEU A 913 -12.96 -15.19 23.90
CA LEU A 913 -14.06 -15.40 22.97
C LEU A 913 -15.20 -14.42 23.18
N PHE A 914 -15.41 -13.98 24.42
CA PHE A 914 -16.47 -13.00 24.67
C PHE A 914 -16.12 -11.64 24.07
N ASP A 915 -14.89 -11.17 24.33
CA ASP A 915 -14.49 -9.87 23.79
C ASP A 915 -14.40 -9.89 22.27
N ALA A 916 -14.08 -11.04 21.69
CA ALA A 916 -14.02 -11.14 20.23
C ALA A 916 -15.41 -10.95 19.63
N THR A 917 -16.43 -11.58 20.21
CA THR A 917 -17.79 -11.40 19.70
C THR A 917 -18.26 -9.96 19.89
N VAL A 918 -18.02 -9.40 21.07
CA VAL A 918 -18.28 -7.98 21.28
C VAL A 918 -17.54 -7.16 20.22
N SER A 919 -16.32 -7.58 19.88
CA SER A 919 -15.52 -6.83 18.92
C SER A 919 -16.12 -6.91 17.51
N GLU A 920 -16.54 -8.10 17.09
CA GLU A 920 -17.12 -8.25 15.77
C GLU A 920 -18.47 -7.55 15.69
N CYS A 921 -19.33 -7.74 16.70
CA CYS A 921 -20.62 -7.05 16.73
C CYS A 921 -20.43 -5.55 16.57
N ALA A 922 -19.45 -4.99 17.28
CA ALA A 922 -19.20 -3.55 17.20
C ALA A 922 -18.59 -3.18 15.86
N HIS A 923 -17.69 -4.01 15.33
CA HIS A 923 -17.06 -3.72 14.06
C HIS A 923 -18.06 -3.70 12.91
N ALA A 924 -19.12 -4.50 13.01
CA ALA A 924 -20.11 -4.56 11.93
C ALA A 924 -20.84 -3.23 11.79
N MSE A 925 -21.33 -2.69 12.89
CA MSE A 925 -22.02 -1.41 12.87
C MSE A 925 -21.07 -0.29 12.41
O MSE A 925 -21.51 0.75 11.94
CB MSE A 925 -22.59 -1.09 14.25
CG MSE A 925 -23.72 -2.03 14.67
SE MSE A 925 -24.50 -1.67 16.43
CE MSE A 925 -23.55 -3.01 17.48
H MSE A 925 -21.27 -3.04 13.68
HA MSE A 925 -22.76 -1.45 12.25
HB2 MSE A 925 -21.88 -1.16 14.91
HB3 MSE A 925 -22.95 -0.18 14.25
HG2 MSE A 925 -24.42 -1.96 14.01
HG3 MSE A 925 -23.36 -2.93 14.68
HE1 MSE A 925 -22.65 -2.70 17.65
HE2 MSE A 925 -24.02 -3.15 18.32
HE3 MSE A 925 -23.52 -3.85 16.97
N GLU A 926 -19.76 -0.53 12.54
CA GLU A 926 -18.78 0.49 12.20
C GLU A 926 -18.69 0.65 10.69
N GLN A 927 -18.52 -0.47 9.97
CA GLN A 927 -18.54 -0.41 8.52
C GLN A 927 -19.88 0.07 8.00
N VAL A 928 -20.98 -0.36 8.64
CA VAL A 928 -22.31 0.05 8.20
C VAL A 928 -22.42 1.56 8.18
N ALA A 929 -21.92 2.24 9.22
CA ALA A 929 -21.99 3.69 9.32
C ALA A 929 -20.90 4.31 8.44
N SER A 930 -21.06 4.13 7.14
CA SER A 930 -20.18 4.74 6.14
C SER A 930 -20.83 5.94 5.47
N THR A 931 -22.02 5.76 4.90
CA THR A 931 -22.76 6.83 4.25
C THR A 931 -24.13 6.97 4.91
N ARG A 932 -24.87 8.01 4.47
CA ARG A 932 -26.14 8.33 5.10
C ARG A 932 -27.06 7.12 5.18
N SER A 933 -27.06 6.26 4.16
CA SER A 933 -27.90 5.07 4.18
C SER A 933 -27.67 4.27 5.45
N GLY A 934 -26.43 3.87 5.70
CA GLY A 934 -26.15 3.01 6.84
C GLY A 934 -26.33 3.72 8.17
N ARG A 935 -25.69 4.87 8.34
CA ARG A 935 -25.66 5.51 9.66
C ARG A 935 -27.07 5.87 10.13
N ASN A 936 -27.94 6.28 9.22
CA ASN A 936 -29.30 6.64 9.61
C ASN A 936 -30.16 5.41 9.89
N ALA A 937 -29.82 4.25 9.34
CA ALA A 937 -30.54 3.03 9.68
C ALA A 937 -30.23 2.58 11.09
N LEU A 938 -28.95 2.67 11.49
CA LEU A 938 -28.56 2.26 12.83
C LEU A 938 -29.18 3.16 13.90
N ILE A 939 -29.21 4.47 13.65
CA ILE A 939 -29.85 5.39 14.59
C ILE A 939 -31.30 5.01 14.80
N LYS A 940 -32.03 4.77 13.70
CA LYS A 940 -33.44 4.46 13.80
C LYS A 940 -33.70 3.16 14.56
N ALA A 941 -32.72 2.25 14.57
CA ALA A 941 -32.90 0.96 15.22
C ALA A 941 -32.65 1.01 16.73
N GLY A 942 -32.19 2.14 17.25
CA GLY A 942 -31.82 2.20 18.65
C GLY A 942 -30.42 1.66 18.93
N ASN A 943 -29.53 1.73 17.95
CA ASN A 943 -28.21 1.11 18.09
C ASN A 943 -27.22 1.97 18.86
N VAL A 944 -27.43 3.29 18.96
CA VAL A 944 -26.60 4.07 19.88
C VAL A 944 -26.76 3.51 21.29
N ALA A 945 -27.92 2.93 21.59
CA ALA A 945 -28.13 2.28 22.88
C ALA A 945 -27.45 0.91 22.94
N THR A 946 -27.47 0.17 21.83
CA THR A 946 -26.86 -1.16 21.84
C THR A 946 -25.34 -1.06 21.90
N LEU A 947 -24.75 -0.01 21.34
CA LEU A 947 -23.31 0.18 21.43
C LEU A 947 -22.88 0.51 22.85
N ILE A 948 -23.58 1.44 23.50
CA ILE A 948 -23.31 1.75 24.90
C ILE A 948 -23.42 0.48 25.74
N SER A 949 -24.50 -0.27 25.54
CA SER A 949 -24.65 -1.55 26.23
C SER A 949 -23.50 -2.49 25.90
N LEU A 950 -23.04 -2.48 24.66
CA LEU A 950 -21.91 -3.32 24.28
C LEU A 950 -20.64 -2.91 25.01
N TYR A 951 -20.36 -1.61 25.07
CA TYR A 951 -19.15 -1.13 25.73
C TYR A 951 -19.21 -1.39 27.23
N GLU A 952 -20.40 -1.36 27.83
CA GLU A 952 -20.54 -1.68 29.25
C GLU A 952 -20.32 -3.17 29.49
N SER A 953 -20.62 -4.01 28.50
CA SER A 953 -20.31 -5.43 28.61
C SER A 953 -18.81 -5.67 28.59
N LEU A 954 -18.01 -4.70 28.15
CA LEU A 954 -16.56 -4.77 28.25
C LEU A 954 -16.09 -4.26 29.61
N LYS A 955 -16.65 -4.84 30.67
CA LYS A 955 -16.16 -4.51 32.01
C LYS A 955 -14.67 -4.78 32.14
N ALA A 956 -14.12 -5.64 31.28
CA ALA A 956 -12.71 -5.96 31.27
C ALA A 956 -12.15 -6.24 32.68
N PRO A 957 -12.83 -7.13 33.44
CA PRO A 957 -12.26 -7.48 34.76
C PRO A 957 -10.78 -7.85 34.67
N GLN A 958 -10.40 -8.52 33.58
CA GLN A 958 -9.01 -8.86 33.30
C GLN A 958 -8.80 -8.71 31.80
N SER A 959 -7.95 -7.76 31.41
CA SER A 959 -7.73 -7.50 30.00
C SER A 959 -7.46 -8.78 29.22
N GLN A 960 -8.00 -8.85 28.01
CA GLN A 960 -7.76 -9.96 27.08
C GLN A 960 -7.35 -9.38 25.73
N TYR A 961 -7.03 -10.25 24.77
CA TYR A 961 -6.37 -9.81 23.55
C TYR A 961 -7.34 -9.50 22.42
N SER A 962 -8.64 -9.45 22.69
CA SER A 962 -9.60 -8.87 21.77
C SER A 962 -10.30 -7.65 22.37
N GLU A 963 -9.97 -7.28 23.60
CA GLU A 963 -10.75 -6.26 24.31
C GLU A 963 -10.35 -4.84 23.92
N GLU A 964 -9.05 -4.60 23.70
CA GLU A 964 -8.64 -3.28 23.26
C GLU A 964 -9.25 -2.95 21.90
N ALA A 965 -9.24 -3.92 20.99
CA ALA A 965 -9.85 -3.71 19.68
C ALA A 965 -11.36 -3.59 19.78
N ALA A 966 -11.98 -4.30 20.74
CA ALA A 966 -13.42 -4.20 20.91
C ALA A 966 -13.82 -2.78 21.30
N ILE A 967 -12.98 -2.09 22.07
CA ILE A 967 -13.29 -0.73 22.49
C ILE A 967 -13.18 0.23 21.32
N HIS A 968 -12.09 0.13 20.56
CA HIS A 968 -11.89 0.98 19.39
C HIS A 968 -13.11 0.94 18.48
N CYS A 969 -13.46 -0.26 18.01
CA CYS A 969 -14.65 -0.41 17.17
C CYS A 969 -15.87 0.21 17.85
N LEU A 970 -16.08 -0.12 19.13
CA LEU A 970 -17.22 0.42 19.86
C LEU A 970 -17.20 1.94 19.88
N GLU A 971 -16.03 2.55 20.08
CA GLU A 971 -15.96 4.00 20.22
C GLU A 971 -15.87 4.70 18.88
N ALA A 972 -15.22 4.10 17.88
CA ALA A 972 -15.23 4.68 16.54
C ALA A 972 -16.64 4.68 15.97
N LEU A 973 -17.48 3.75 16.42
CA LEU A 973 -18.89 3.78 16.06
C LEU A 973 -19.56 5.06 16.54
N ARG A 974 -19.59 5.24 17.86
CA ARG A 974 -20.34 6.33 18.46
C ARG A 974 -19.79 7.68 18.03
N ILE A 975 -18.50 7.75 17.70
CA ILE A 975 -17.99 8.95 17.02
C ILE A 975 -18.89 9.27 15.84
N LEU A 976 -19.19 8.26 15.02
CA LEU A 976 -20.02 8.47 13.84
C LEU A 976 -21.47 8.75 14.22
N LEU A 977 -22.09 7.83 14.96
CA LEU A 977 -23.52 7.93 15.22
C LEU A 977 -23.85 9.12 16.11
N LYS A 978 -23.08 9.35 17.17
CA LYS A 978 -23.42 10.41 18.12
C LYS A 978 -23.35 11.80 17.51
N SER A 979 -22.68 11.95 16.37
CA SER A 979 -22.63 13.26 15.73
C SER A 979 -23.99 13.76 15.25
N ASP A 980 -25.06 12.97 15.45
CA ASP A 980 -26.42 13.35 15.10
C ASP A 980 -27.13 13.78 16.37
N LYS A 981 -27.66 15.00 16.36
CA LYS A 981 -27.96 15.71 17.60
C LYS A 981 -28.84 14.91 18.54
N ARG A 982 -29.89 14.27 18.02
CA ARG A 982 -30.83 13.59 18.91
C ARG A 982 -30.14 12.50 19.71
N SER A 983 -29.31 11.68 19.07
CA SER A 983 -28.68 10.56 19.75
C SER A 983 -27.68 11.01 20.81
N ALA A 984 -27.13 12.22 20.67
CA ALA A 984 -26.16 12.70 21.66
C ALA A 984 -26.77 12.77 23.05
N GLU A 985 -28.03 13.19 23.14
CA GLU A 985 -28.65 13.37 24.46
C GLU A 985 -28.94 12.04 25.13
N LEU A 986 -29.24 11.00 24.36
CA LEU A 986 -29.35 9.66 24.93
C LEU A 986 -28.05 9.28 25.66
N ALA A 987 -26.91 9.60 25.04
CA ALA A 987 -25.62 9.30 25.65
C ALA A 987 -25.51 9.87 27.06
N PHE A 988 -25.70 11.19 27.19
CA PHE A 988 -25.69 11.79 28.52
C PHE A 988 -26.71 11.14 29.43
N GLU A 989 -27.89 10.83 28.89
CA GLU A 989 -28.92 10.16 29.67
C GLU A 989 -28.38 8.89 30.31
N ARG A 990 -27.56 8.14 29.57
CA ARG A 990 -27.01 6.88 30.05
C ARG A 990 -25.83 7.07 31.00
N ASN A 991 -25.36 8.30 31.21
CA ASN A 991 -24.18 8.56 32.03
C ASN A 991 -22.94 7.89 31.43
N PHE A 992 -22.70 8.17 30.15
CA PHE A 992 -21.61 7.55 29.42
C PHE A 992 -20.31 8.35 29.51
N VAL A 993 -20.40 9.67 29.67
CA VAL A 993 -19.20 10.47 29.89
C VAL A 993 -18.36 9.87 31.00
N SER A 994 -18.99 9.54 32.13
CA SER A 994 -18.26 8.92 33.22
C SER A 994 -17.79 7.51 32.85
N THR A 995 -18.65 6.74 32.18
CA THR A 995 -18.27 5.38 31.78
C THR A 995 -17.11 5.39 30.81
N LEU A 996 -17.01 6.42 29.97
CA LEU A 996 -15.86 6.55 29.08
C LEU A 996 -14.60 6.87 29.86
N CYS A 997 -14.68 7.84 30.79
CA CYS A 997 -13.49 8.27 31.52
C CYS A 997 -12.92 7.14 32.37
N VAL A 998 -13.79 6.38 33.05
CA VAL A 998 -13.33 5.17 33.72
C VAL A 998 -12.77 4.18 32.70
N GLY A 999 -13.31 4.20 31.48
CA GLY A 999 -12.80 3.32 30.44
C GLY A 999 -11.35 3.61 30.08
N ILE A 1000 -10.93 4.86 30.22
CA ILE A 1000 -9.53 5.20 29.96
C ILE A 1000 -8.63 4.56 31.01
N ASP A 1001 -8.95 4.75 32.29
CA ASP A 1001 -8.12 4.23 33.37
C ASP A 1001 -8.22 2.71 33.47
N SER A 1002 -9.21 2.10 32.85
CA SER A 1002 -9.25 0.64 32.80
C SER A 1002 -8.13 0.08 31.94
N PHE A 1003 -7.76 0.79 30.87
CA PHE A 1003 -6.74 0.35 29.92
C PHE A 1003 -5.64 1.40 29.85
N PRO A 1004 -4.70 1.38 30.80
CA PRO A 1004 -3.51 2.22 30.67
C PRO A 1004 -2.66 1.76 29.51
N HIS A 1005 -1.77 2.64 29.07
CA HIS A 1005 -0.78 2.41 28.02
C HIS A 1005 -1.41 2.43 26.63
N SER A 1006 -2.72 2.50 26.50
CA SER A 1006 -3.40 2.44 25.21
C SER A 1006 -3.66 3.87 24.74
N ALA A 1007 -2.71 4.42 23.98
CA ALA A 1007 -2.96 5.70 23.32
C ALA A 1007 -4.17 5.63 22.38
N PRO A 1008 -4.47 4.52 21.72
CA PRO A 1008 -5.65 4.51 20.82
C PRO A 1008 -6.97 4.61 21.57
N VAL A 1009 -7.11 3.95 22.71
CA VAL A 1009 -8.33 4.12 23.51
C VAL A 1009 -8.49 5.57 23.92
N LEU A 1010 -7.41 6.16 24.45
CA LEU A 1010 -7.45 7.56 24.89
C LEU A 1010 -7.90 8.47 23.75
N GLY A 1011 -7.31 8.31 22.56
CA GLY A 1011 -7.69 9.15 21.44
C GLY A 1011 -9.14 8.95 21.03
N ALA A 1012 -9.56 7.69 20.93
CA ALA A 1012 -10.93 7.40 20.52
C ALA A 1012 -11.92 7.78 21.60
N THR A 1013 -11.54 7.62 22.88
CA THR A 1013 -12.44 8.02 23.96
C THR A 1013 -12.64 9.52 23.99
N CYS A 1014 -11.58 10.29 23.66
CA CYS A 1014 -11.71 11.74 23.63
C CYS A 1014 -12.53 12.20 22.44
N ALA A 1015 -12.27 11.61 21.26
CA ALA A 1015 -13.08 11.93 20.09
C ALA A 1015 -14.55 11.57 20.32
N CYS A 1016 -14.80 10.52 21.10
CA CYS A 1016 -16.17 10.16 21.43
C CYS A 1016 -16.77 11.13 22.44
N LEU A 1017 -15.96 11.65 23.36
CA LEU A 1017 -16.45 12.62 24.33
C LEU A 1017 -16.88 13.90 23.63
N ALA A 1018 -16.06 14.40 22.71
CA ALA A 1018 -16.40 15.61 21.98
C ALA A 1018 -17.61 15.42 21.09
N ALA A 1019 -17.85 14.19 20.62
CA ALA A 1019 -18.98 13.94 19.75
C ALA A 1019 -20.33 14.07 20.47
N MSE A 1020 -20.32 14.07 21.79
CA MSE A 1020 -21.54 14.29 22.56
C MSE A 1020 -21.79 15.78 22.76
O MSE A 1020 -22.89 16.20 23.07
CB MSE A 1020 -21.47 13.60 23.92
CG MSE A 1020 -20.97 12.18 23.87
SE MSE A 1020 -20.93 11.40 25.65
CE MSE A 1020 -19.97 9.76 25.21
H MSE A 1020 -19.63 13.94 22.28
HA MSE A 1020 -22.29 13.90 22.07
HB2 MSE A 1020 -20.87 14.10 24.49
HB3 MSE A 1020 -22.37 13.58 24.31
HG2 MSE A 1020 -21.56 11.64 23.32
HG3 MSE A 1020 -20.06 12.16 23.51
HE1 MSE A 1020 -19.10 10.00 24.85
HE2 MSE A 1020 -19.86 9.24 26.03
HE3 MSE A 1020 -20.49 9.26 24.57
N ALA A 1021 -20.73 16.57 22.59
CA ALA A 1021 -20.79 18.01 22.81
C ALA A 1021 -20.82 18.75 21.46
N THR A 1022 -21.85 18.44 20.68
CA THR A 1022 -22.02 19.05 19.37
C THR A 1022 -22.47 20.52 19.46
N THR A 1023 -23.08 20.91 20.57
CA THR A 1023 -23.63 22.26 20.74
C THR A 1023 -23.19 22.84 22.07
N PRO A 1024 -23.42 24.14 22.28
CA PRO A 1024 -22.95 24.77 23.53
C PRO A 1024 -23.59 24.22 24.78
N GLU A 1025 -24.85 23.80 24.73
CA GLU A 1025 -25.49 23.25 25.92
C GLU A 1025 -24.83 21.94 26.34
N ARG A 1026 -24.55 21.07 25.36
CA ARG A 1026 -23.92 19.79 25.68
C ARG A 1026 -22.45 19.96 26.01
N VAL A 1027 -21.78 20.96 25.45
CA VAL A 1027 -20.43 21.28 25.88
C VAL A 1027 -20.40 21.59 27.36
N GLN A 1028 -21.40 22.33 27.85
CA GLN A 1028 -21.44 22.70 29.26
C GLN A 1028 -21.83 21.51 30.12
N MSE A 1029 -22.66 20.60 29.61
CA MSE A 1029 -22.97 19.37 30.32
C MSE A 1029 -21.72 18.52 30.46
O MSE A 1029 -21.47 17.93 31.51
CB MSE A 1029 -24.06 18.59 29.57
CG MSE A 1029 -25.46 18.77 30.14
SE MSE A 1029 -26.79 17.81 29.10
CE MSE A 1029 -27.12 19.15 27.71
H MSE A 1029 -23.05 20.69 28.84
HA MSE A 1029 -23.32 19.59 31.19
HB2 MSE A 1029 -24.08 18.88 28.65
HB3 MSE A 1029 -23.84 17.64 29.62
HG2 MSE A 1029 -25.48 18.42 31.04
HG3 MSE A 1029 -25.69 19.70 30.14
HE1 MSE A 1029 -26.27 19.59 27.49
HE2 MSE A 1029 -27.49 18.72 26.93
HE3 MSE A 1029 -27.74 19.82 28.05
N LEU A 1030 -20.93 18.45 29.38
CA LEU A 1030 -19.75 17.60 29.38
C LEU A 1030 -18.69 18.10 30.36
N THR A 1031 -18.33 19.38 30.26
CA THR A 1031 -17.23 19.90 31.06
C THR A 1031 -17.59 20.06 32.53
N ALA A 1032 -18.86 19.95 32.89
CA ALA A 1032 -19.28 19.97 34.28
C ALA A 1032 -19.30 18.59 34.91
N GLN A 1033 -19.05 17.54 34.13
CA GLN A 1033 -19.03 16.19 34.67
C GLN A 1033 -17.75 15.99 35.49
N PRO A 1034 -17.84 15.47 36.71
CA PRO A 1034 -16.62 15.36 37.54
C PRO A 1034 -15.57 14.46 36.92
N ALA A 1035 -15.97 13.34 36.31
CA ALA A 1035 -14.99 12.45 35.71
C ALA A 1035 -14.27 13.11 34.55
N PHE A 1036 -14.95 13.99 33.80
CA PHE A 1036 -14.28 14.72 32.73
C PHE A 1036 -13.34 15.78 33.31
N GLU A 1037 -13.65 16.30 34.49
CA GLU A 1037 -12.73 17.22 35.16
C GLU A 1037 -11.44 16.49 35.54
N SER A 1038 -11.57 15.29 36.11
CA SER A 1038 -10.39 14.55 36.53
C SER A 1038 -9.55 14.10 35.33
N LEU A 1039 -10.19 13.81 34.20
CA LEU A 1039 -9.43 13.50 32.99
C LEU A 1039 -8.65 14.71 32.52
N LEU A 1040 -9.33 15.86 32.39
CA LEU A 1040 -8.68 17.07 31.91
C LEU A 1040 -7.42 17.37 32.74
N GLN A 1041 -7.50 17.15 34.05
CA GLN A 1041 -6.35 17.45 34.91
C GLN A 1041 -5.25 16.40 34.77
N LYS A 1042 -5.60 15.13 34.56
CA LYS A 1042 -4.55 14.11 34.41
C LYS A 1042 -3.87 14.20 33.06
N LEU A 1043 -4.51 14.81 32.06
CA LEU A 1043 -3.81 15.11 30.81
C LEU A 1043 -2.84 16.26 31.00
N VAL A 1044 -3.29 17.34 31.66
CA VAL A 1044 -2.38 18.44 31.97
C VAL A 1044 -1.22 17.94 32.81
N PHE A 1045 -1.50 17.08 33.79
CA PHE A 1045 -0.43 16.55 34.64
C PHE A 1045 0.63 15.84 33.81
N VAL A 1046 0.21 15.08 32.80
CA VAL A 1046 1.17 14.33 31.99
C VAL A 1046 2.05 15.28 31.18
N ILE A 1047 1.47 16.40 30.71
CA ILE A 1047 2.25 17.37 29.96
C ILE A 1047 3.27 18.08 30.83
N GLN A 1048 3.09 18.06 32.15
CA GLN A 1048 3.97 18.80 33.06
C GLN A 1048 5.03 17.93 33.72
N ASN A 1049 4.86 16.62 33.78
CA ASN A 1049 5.75 15.79 34.58
C ASN A 1049 6.23 14.51 33.90
N ASP A 1050 5.56 14.00 32.87
CA ASP A 1050 5.97 12.76 32.25
C ASP A 1050 7.20 13.00 31.37
N PRO A 1051 8.34 12.34 31.63
CA PRO A 1051 9.52 12.61 30.79
C PRO A 1051 9.36 12.14 29.36
N SER A 1052 8.61 11.05 29.14
CA SER A 1052 8.49 10.46 27.81
C SER A 1052 7.92 11.46 26.82
N LYS A 1053 8.68 11.73 25.77
CA LYS A 1053 8.21 12.63 24.71
C LYS A 1053 6.92 12.12 24.08
N ASP A 1054 6.82 10.80 23.89
CA ASP A 1054 5.66 10.24 23.21
C ASP A 1054 4.39 10.44 24.04
N ASN A 1055 4.46 10.21 25.35
CA ASN A 1055 3.28 10.45 26.19
C ASN A 1055 2.90 11.92 26.22
N LYS A 1056 3.88 12.81 26.14
CA LYS A 1056 3.55 14.23 26.06
C LYS A 1056 2.81 14.54 24.77
N LEU A 1057 3.27 13.98 23.64
CA LEU A 1057 2.60 14.20 22.37
C LEU A 1057 1.19 13.62 22.35
N VAL A 1058 0.99 12.49 23.04
CA VAL A 1058 -0.34 11.88 23.08
C VAL A 1058 -1.30 12.72 23.90
N ALA A 1059 -0.90 13.06 25.13
CA ALA A 1059 -1.74 13.92 25.97
C ALA A 1059 -2.14 15.20 25.23
N MSE A 1060 -1.17 15.85 24.60
CA MSE A 1060 -1.43 17.11 23.91
C MSE A 1060 -2.37 16.92 22.73
O MSE A 1060 -3.23 17.77 22.46
CB MSE A 1060 -0.11 17.74 23.44
CG MSE A 1060 0.55 18.62 24.50
SE MSE A 1060 2.20 19.50 23.92
CE MSE A 1060 3.41 18.00 24.03
H MSE A 1060 -0.35 15.59 24.54
HA MSE A 1060 -1.85 17.73 24.54
HB2 MSE A 1060 0.51 17.05 23.20
HB3 MSE A 1060 -0.29 18.30 22.66
HG2 MSE A 1060 -0.07 19.31 24.77
HG3 MSE A 1060 0.77 18.07 25.27
HE1 MSE A 1060 3.09 17.29 23.44
HE2 MSE A 1060 4.30 18.27 23.75
HE3 MSE A 1060 3.44 17.67 24.94
N ARG A 1061 -2.22 15.80 22.01
CA ARG A 1061 -3.15 15.51 20.92
C ARG A 1061 -4.56 15.32 21.44
N ALA A 1062 -4.72 14.57 22.54
CA ALA A 1062 -6.03 14.42 23.16
C ALA A 1062 -6.67 15.77 23.41
N LEU A 1063 -5.94 16.68 24.05
CA LEU A 1063 -6.47 18.02 24.29
C LEU A 1063 -6.82 18.72 22.99
N GLN A 1064 -5.94 18.61 21.98
CA GLN A 1064 -6.18 19.29 20.72
C GLN A 1064 -7.54 18.92 20.14
N GLU A 1065 -7.85 17.62 20.11
CA GLU A 1065 -9.09 17.18 19.49
C GLU A 1065 -10.31 17.70 20.25
N LEU A 1066 -10.22 17.75 21.58
CA LEU A 1066 -11.34 18.24 22.37
C LEU A 1066 -11.73 19.67 21.98
N VAL A 1067 -10.79 20.45 21.48
CA VAL A 1067 -11.07 21.85 21.14
C VAL A 1067 -11.36 21.99 19.65
N GLU A 1068 -10.83 21.08 18.84
CA GLU A 1068 -11.11 21.13 17.41
C GLU A 1068 -12.48 20.58 17.08
N ILE A 1069 -12.96 19.59 17.83
CA ILE A 1069 -14.28 19.00 17.58
C ILE A 1069 -15.35 19.90 18.16
N THR A 1070 -15.37 20.03 19.49
CA THR A 1070 -16.39 20.86 20.13
C THR A 1070 -16.35 22.29 19.58
N ASN A 1071 -15.16 22.86 19.43
CA ASN A 1071 -14.98 24.22 18.94
C ASN A 1071 -15.88 25.17 19.72
N ASP A 1072 -15.67 25.21 21.04
CA ASP A 1072 -16.53 25.96 21.94
C ASP A 1072 -15.68 26.72 22.95
N ALA A 1073 -16.08 27.98 23.20
CA ALA A 1073 -15.36 28.82 24.16
C ALA A 1073 -15.38 28.24 25.57
N THR A 1074 -16.29 27.31 25.85
CA THR A 1074 -16.35 26.70 27.18
C THR A 1074 -15.40 25.52 27.31
N MSE A 1075 -15.11 24.80 26.24
CA MSE A 1075 -14.12 23.74 26.27
C MSE A 1075 -12.75 24.39 26.44
O MSE A 1075 -12.00 24.06 27.36
CB MSE A 1075 -14.16 22.89 25.00
CG MSE A 1075 -13.17 21.74 24.99
SE MSE A 1075 -13.35 20.54 26.53
CE MSE A 1075 -14.59 19.24 25.76
H MSE A 1075 -15.50 24.90 25.47
HA MSE A 1075 -14.29 23.13 27.00
HB2 MSE A 1075 -15.05 22.51 24.91
HB3 MSE A 1075 -13.97 23.45 24.24
HG2 MSE A 1075 -13.30 21.21 24.19
HG3 MSE A 1075 -12.26 22.10 25.01
HE1 MSE A 1075 -14.11 18.70 25.11
HE2 MSE A 1075 -14.94 18.68 26.46
HE3 MSE A 1075 -15.31 19.72 25.32
N ALA A 1076 -12.43 25.34 25.55
CA ALA A 1076 -11.19 26.08 25.66
C ALA A 1076 -11.01 26.68 27.05
N ASN A 1077 -12.07 27.29 27.57
CA ASN A 1077 -12.00 27.91 28.89
C ASN A 1077 -11.65 26.88 29.96
N LYS A 1078 -12.31 25.73 29.94
CA LYS A 1078 -12.10 24.73 30.99
C LYS A 1078 -10.74 24.06 30.84
N ILE A 1079 -10.24 23.93 29.61
CA ILE A 1079 -8.93 23.34 29.41
C ILE A 1079 -7.84 24.28 29.91
N ALA A 1080 -7.96 25.57 29.61
CA ALA A 1080 -6.99 26.54 30.09
C ALA A 1080 -6.92 26.55 31.60
N GLU A 1081 -8.07 26.71 32.26
CA GLU A 1081 -8.09 26.81 33.72
C GLU A 1081 -7.57 25.55 34.39
N ALA A 1082 -7.51 24.43 33.68
CA ALA A 1082 -6.96 23.20 34.24
C ALA A 1082 -5.43 23.22 34.29
N GLY A 1083 -4.79 24.24 33.73
CA GLY A 1083 -3.35 24.36 33.74
C GLY A 1083 -2.68 24.22 32.39
N ALA A 1084 -3.44 24.20 31.30
CA ALA A 1084 -2.86 23.85 30.01
C ALA A 1084 -2.07 24.98 29.37
N VAL A 1085 -2.48 26.24 29.58
CA VAL A 1085 -1.80 27.34 28.90
C VAL A 1085 -0.35 27.45 29.38
N THR A 1086 -0.15 27.57 30.69
CA THR A 1086 1.21 27.64 31.21
C THR A 1086 2.00 26.38 30.90
N ALA A 1087 1.35 25.21 31.03
CA ALA A 1087 2.05 23.95 30.79
C ALA A 1087 2.49 23.82 29.33
N LEU A 1088 1.69 24.34 28.40
CA LEU A 1088 2.05 24.25 26.99
C LEU A 1088 3.14 25.26 26.64
N PHE A 1089 3.00 26.51 27.09
CA PHE A 1089 4.07 27.47 26.91
C PHE A 1089 5.37 26.97 27.53
N ARG A 1090 5.27 26.23 28.65
CA ARG A 1090 6.48 25.68 29.26
C ARG A 1090 7.13 24.64 28.35
N ILE A 1091 6.33 23.89 27.59
CA ILE A 1091 6.89 22.95 26.64
C ILE A 1091 7.73 23.68 25.60
N ILE A 1092 7.20 24.79 25.08
CA ILE A 1092 7.93 25.55 24.07
C ILE A 1092 9.14 26.25 24.68
N ASP A 1093 9.13 26.50 25.99
CA ASP A 1093 10.26 27.15 26.64
C ASP A 1093 11.40 26.17 26.89
N GLU A 1094 11.08 24.97 27.37
CA GLU A 1094 12.09 23.98 27.70
C GLU A 1094 12.49 23.14 26.50
N TYR A 1095 11.53 22.79 25.64
CA TYR A 1095 11.75 21.89 24.51
C TYR A 1095 11.64 22.63 23.18
N GLY A 1096 12.11 23.88 23.15
CA GLY A 1096 12.11 24.64 21.91
C GLY A 1096 13.03 24.09 20.84
N ASP A 1097 14.00 23.25 21.23
CA ASP A 1097 14.87 22.59 20.26
C ASP A 1097 14.21 21.38 19.60
N ASP A 1098 13.11 20.88 20.15
CA ASP A 1098 12.45 19.68 19.65
C ASP A 1098 11.27 20.09 18.77
N GLU A 1099 11.38 19.80 17.48
CA GLU A 1099 10.36 20.26 16.54
C GLU A 1099 9.00 19.65 16.86
N GLN A 1100 8.96 18.36 17.20
CA GLN A 1100 7.68 17.69 17.37
C GLN A 1100 6.95 18.22 18.59
N LEU A 1101 7.65 18.32 19.73
CA LEU A 1101 7.01 18.85 20.93
C LEU A 1101 6.61 20.32 20.74
N THR A 1102 7.45 21.11 20.09
CA THR A 1102 7.17 22.53 19.92
C THR A 1102 5.98 22.74 18.98
N VAL A 1103 5.88 21.93 17.93
CA VAL A 1103 4.76 22.08 16.99
C VAL A 1103 3.45 21.68 17.65
N GLN A 1104 3.44 20.55 18.36
CA GLN A 1104 2.22 20.10 19.01
C GLN A 1104 1.77 21.08 20.07
N ALA A 1105 2.71 21.58 20.88
CA ALA A 1105 2.36 22.57 21.90
C ALA A 1105 1.76 23.81 21.26
N ALA A 1106 2.39 24.32 20.21
CA ALA A 1106 1.89 25.52 19.55
C ALA A 1106 0.51 25.29 18.97
N GLU A 1107 0.28 24.12 18.36
CA GLU A 1107 -1.03 23.81 17.80
C GLU A 1107 -2.13 24.01 18.82
N VAL A 1108 -1.98 23.42 20.01
CA VAL A 1108 -3.02 23.53 21.03
C VAL A 1108 -3.17 24.97 21.51
N LEU A 1109 -2.05 25.67 21.71
CA LEU A 1109 -2.13 27.04 22.21
C LEU A 1109 -2.86 27.95 21.22
N ALA A 1110 -2.65 27.73 19.92
CA ALA A 1110 -3.37 28.53 18.93
C ALA A 1110 -4.86 28.23 18.96
N LEU A 1111 -5.24 26.96 19.15
CA LEU A 1111 -6.65 26.62 19.33
C LEU A 1111 -7.21 27.31 20.58
N LEU A 1112 -6.50 27.21 21.70
CA LEU A 1112 -6.98 27.82 22.94
C LEU A 1112 -6.93 29.35 22.86
N GLY A 1113 -5.97 29.91 22.14
CA GLY A 1113 -5.84 31.36 22.06
C GLY A 1113 -6.87 32.04 21.18
N ALA A 1114 -7.71 31.27 20.48
CA ALA A 1114 -8.76 31.86 19.67
C ALA A 1114 -9.99 32.23 20.49
N PHE A 1115 -10.09 31.70 21.71
CA PHE A 1115 -11.15 32.03 22.64
C PHE A 1115 -10.65 32.71 23.91
N GLU A 1116 -9.38 32.52 24.28
CA GLU A 1116 -8.87 32.88 25.59
C GLU A 1116 -7.72 33.87 25.43
N ASP A 1117 -7.76 34.93 26.24
CA ASP A 1117 -6.68 35.91 26.28
C ASP A 1117 -5.47 35.31 26.97
N LEU A 1118 -4.56 34.72 26.18
CA LEU A 1118 -3.51 33.88 26.76
C LEU A 1118 -2.69 34.61 27.81
N ARG A 1119 -2.48 35.93 27.65
CA ARG A 1119 -1.59 36.65 28.56
C ARG A 1119 -2.13 36.68 29.98
N ARG A 1120 -3.43 36.51 30.18
CA ARG A 1120 -3.99 36.64 31.51
C ARG A 1120 -3.52 35.53 32.45
N PHE A 1121 -2.97 34.44 31.91
CA PHE A 1121 -2.36 33.41 32.75
C PHE A 1121 -0.94 33.77 33.14
N TYR A 1122 -0.47 34.96 32.78
CA TYR A 1122 0.80 35.51 33.22
C TYR A 1122 0.63 36.90 33.81
N ASP A 1123 -0.52 37.12 34.46
CA ASP A 1123 -0.85 38.41 35.07
C ASP A 1123 -0.80 39.54 34.05
N ASN A 1124 -1.29 39.25 32.84
CA ASN A 1124 -1.44 40.26 31.78
C ASN A 1124 -0.11 40.89 31.40
N ASP A 1125 0.99 40.17 31.60
CA ASP A 1125 2.32 40.59 31.14
C ASP A 1125 2.67 39.71 29.94
N VAL A 1126 2.33 40.21 28.76
CA VAL A 1126 2.48 39.46 27.51
C VAL A 1126 3.94 39.12 27.19
N ARG A 1127 4.90 39.71 27.91
CA ARG A 1127 6.30 39.49 27.56
C ARG A 1127 6.77 38.09 27.92
N PHE A 1128 6.22 37.49 28.98
CA PHE A 1128 6.59 36.12 29.33
C PHE A 1128 6.32 35.16 28.17
N PRO A 1129 5.08 35.00 27.70
CA PRO A 1129 4.85 34.09 26.57
C PRO A 1129 5.48 34.56 25.27
N ALA A 1130 5.53 35.88 25.03
CA ALA A 1130 6.11 36.37 23.79
C ALA A 1130 7.59 36.02 23.70
N GLN A 1131 8.33 36.16 24.80
CA GLN A 1131 9.74 35.77 24.80
C GLN A 1131 9.90 34.29 24.49
N VAL A 1132 9.05 33.45 25.10
CA VAL A 1132 9.10 32.02 24.83
C VAL A 1132 8.89 31.74 23.35
N LEU A 1133 7.89 32.39 22.77
CA LEU A 1133 7.61 32.19 21.34
C LEU A 1133 8.77 32.66 20.49
N THR A 1134 9.31 33.85 20.79
CA THR A 1134 10.44 34.37 20.03
C THR A 1134 11.67 33.49 20.19
N ALA A 1135 11.93 33.02 21.41
CA ALA A 1135 13.08 32.14 21.64
C ALA A 1135 12.96 30.86 20.81
N ALA A 1136 11.81 30.19 20.89
CA ALA A 1136 11.60 28.97 20.11
C ALA A 1136 11.60 29.28 18.62
N LEU A 1137 11.04 30.43 18.24
CA LEU A 1137 11.02 30.82 16.82
C LEU A 1137 12.42 30.82 16.24
N THR A 1138 13.42 31.28 17.01
CA THR A 1138 14.78 31.37 16.50
C THR A 1138 15.42 29.99 16.40
N LYS A 1139 15.13 29.09 17.34
CA LYS A 1139 15.65 27.74 17.27
C LYS A 1139 15.03 26.94 16.13
N GLN A 1140 13.78 27.23 15.79
CA GLN A 1140 13.06 26.53 14.73
C GLN A 1140 12.98 27.35 13.45
N LYS A 1141 13.87 28.34 13.30
CA LYS A 1141 13.82 29.24 12.15
C LYS A 1141 13.67 28.48 10.84
N ASN A 1142 14.37 27.35 10.70
CA ASN A 1142 14.47 26.64 9.43
C ASN A 1142 13.51 25.47 9.32
N ASN A 1143 12.46 25.44 10.14
CA ASN A 1143 11.44 24.40 10.08
C ASN A 1143 10.12 25.09 9.76
N GLU A 1144 9.79 25.16 8.47
CA GLU A 1144 8.60 25.87 8.02
C GLU A 1144 7.39 25.54 8.87
N THR A 1145 7.20 24.26 9.19
CA THR A 1145 5.99 23.87 9.91
C THR A 1145 5.98 24.45 11.32
N ALA A 1146 7.11 24.41 12.02
CA ALA A 1146 7.17 24.97 13.35
C ALA A 1146 7.06 26.50 13.31
N VAL A 1147 7.63 27.12 12.28
CA VAL A 1147 7.54 28.58 12.16
C VAL A 1147 6.09 29.00 11.99
N VAL A 1148 5.31 28.24 11.24
CA VAL A 1148 3.92 28.60 11.00
C VAL A 1148 3.13 28.61 12.30
N HIS A 1149 3.28 27.56 13.10
CA HIS A 1149 2.48 27.44 14.31
C HIS A 1149 2.96 28.36 15.42
N LEU A 1150 4.24 28.72 15.43
CA LEU A 1150 4.72 29.69 16.41
C LEU A 1150 4.19 31.08 16.09
N LEU A 1151 4.28 31.50 14.83
CA LEU A 1151 3.71 32.78 14.42
C LEU A 1151 2.20 32.82 14.66
N ASP A 1152 1.54 31.66 14.64
CA ASP A 1152 0.09 31.64 14.84
C ASP A 1152 -0.27 31.91 16.29
N VAL A 1153 0.51 31.36 17.23
CA VAL A 1153 0.27 31.66 18.64
C VAL A 1153 0.67 33.10 18.95
N LEU A 1154 1.74 33.57 18.31
CA LEU A 1154 2.17 34.96 18.52
C LEU A 1154 1.12 35.93 18.02
N ASN A 1155 0.57 35.67 16.82
CA ASN A 1155 -0.42 36.56 16.24
C ASN A 1155 -1.74 36.53 17.00
N LYS A 1156 -2.03 35.44 17.72
CA LYS A 1156 -3.22 35.38 18.56
C LYS A 1156 -2.99 35.95 19.95
N LEU A 1157 -1.78 35.81 20.48
CA LEU A 1157 -1.47 36.33 21.81
C LEU A 1157 -1.45 37.86 21.82
N ALA A 1158 -0.92 38.45 20.76
CA ALA A 1158 -0.67 39.89 20.72
C ALA A 1158 -1.79 40.63 20.00
N THR A 1159 -1.83 41.94 20.23
CA THR A 1159 -2.80 42.83 19.61
C THR A 1159 -2.06 44.07 19.09
N SER A 1160 -2.82 45.00 18.50
CA SER A 1160 -2.22 46.23 17.99
C SER A 1160 -1.74 47.14 19.11
N GLU A 1161 -2.25 46.98 20.32
CA GLU A 1161 -1.81 47.77 21.47
C GLU A 1161 -0.52 47.23 22.09
N ASP A 1162 0.13 46.25 21.44
CA ASP A 1162 1.42 45.74 21.87
C ASP A 1162 2.55 46.21 20.98
N ARG A 1163 2.28 47.13 20.05
CA ARG A 1163 3.29 47.61 19.12
C ARG A 1163 4.64 47.85 19.80
N ALA A 1164 4.63 48.52 20.95
CA ALA A 1164 5.89 48.89 21.60
C ALA A 1164 6.52 47.71 22.31
N VAL A 1165 5.72 46.85 22.96
CA VAL A 1165 6.27 45.67 23.60
C VAL A 1165 6.88 44.73 22.56
N LEU A 1166 6.29 44.66 21.37
CA LEU A 1166 6.80 43.74 20.36
C LEU A 1166 8.07 44.28 19.71
N ARG A 1167 8.16 45.60 19.49
CA ARG A 1167 9.40 46.15 18.97
C ARG A 1167 10.53 46.02 19.98
N GLU A 1168 10.20 46.17 21.27
CA GLU A 1168 11.23 46.12 22.29
C GLU A 1168 11.94 44.78 22.31
N LEU A 1169 11.26 43.70 21.93
CA LEU A 1169 11.83 42.37 21.96
C LEU A 1169 12.47 41.96 20.64
N GLY A 1170 12.53 42.84 19.65
CA GLY A 1170 13.07 42.48 18.36
C GLY A 1170 12.21 41.53 17.55
N VAL A 1171 10.98 41.26 18.01
CA VAL A 1171 10.06 40.38 17.30
C VAL A 1171 10.02 40.71 15.82
N MSE A 1172 10.03 42.00 15.49
CA MSE A 1172 10.01 42.43 14.09
C MSE A 1172 11.03 41.69 13.25
O MSE A 1172 10.69 40.98 12.32
CB MSE A 1172 10.27 43.93 13.98
CG MSE A 1172 9.06 44.80 14.26
SE MSE A 1172 9.33 46.68 13.76
CE MSE A 1172 9.59 46.46 11.84
H MSE A 1172 10.05 42.64 16.06
HA MSE A 1172 9.12 42.25 13.75
HB2 MSE A 1172 10.95 44.18 14.62
HB3 MSE A 1172 10.57 44.13 13.08
HG2 MSE A 1172 8.30 44.47 13.75
HG3 MSE A 1172 8.85 44.78 15.21
HE1 MSE A 1172 8.82 46.02 11.46
HE2 MSE A 1172 9.70 47.33 11.43
HE3 MSE A 1172 10.38 45.91 11.69
N GLU A 1173 12.32 41.85 13.61
CA GLU A 1173 13.38 41.24 12.82
C GLU A 1173 13.31 39.72 12.84
N GLN A 1174 12.82 39.14 13.95
CA GLN A 1174 12.68 37.69 13.99
C GLN A 1174 11.60 37.21 13.03
N VAL A 1175 10.48 37.94 12.94
CA VAL A 1175 9.43 37.57 12.00
C VAL A 1175 9.88 37.82 10.58
N ALA A 1176 10.52 38.97 10.33
CA ALA A 1176 11.04 39.25 8.98
C ALA A 1176 12.02 38.17 8.55
N ASP A 1177 12.96 37.81 9.43
CA ASP A 1177 13.91 36.76 9.10
C ASP A 1177 13.19 35.50 8.65
N ALA A 1178 12.08 35.15 9.32
CA ALA A 1178 11.35 33.95 8.97
C ALA A 1178 10.72 34.06 7.59
N MSE A 1179 10.05 35.18 7.32
CA MSE A 1179 9.40 35.38 6.03
C MSE A 1179 10.42 35.31 4.90
O MSE A 1179 10.09 34.90 3.78
CB MSE A 1179 8.68 36.73 6.00
CG MSE A 1179 7.58 36.87 7.03
SE MSE A 1179 6.99 38.73 7.18
CE MSE A 1179 6.55 39.09 5.31
H MSE A 1179 9.95 35.84 7.87
HA MSE A 1179 8.73 34.69 5.90
HB2 MSE A 1179 9.33 37.44 6.15
HB3 MSE A 1179 8.28 36.84 5.12
HG2 MSE A 1179 6.82 36.34 6.76
HG3 MSE A 1179 7.91 36.59 7.89
HE1 MSE A 1179 5.85 38.46 5.03
HE2 MSE A 1179 6.21 39.99 5.23
HE3 MSE A 1179 7.34 38.97 4.77
N ARG A 1180 11.65 35.74 5.18
CA ARG A 1180 12.70 35.69 4.17
C ARG A 1180 13.08 34.25 3.85
N VAL A 1181 13.37 33.45 4.89
CA VAL A 1181 13.79 32.07 4.67
C VAL A 1181 12.67 31.27 4.01
N HIS A 1182 11.47 31.38 4.54
CA HIS A 1182 10.30 30.68 4.02
C HIS A 1182 9.48 31.59 3.11
N SER A 1183 10.18 32.23 2.17
CA SER A 1183 9.57 33.24 1.32
C SER A 1183 8.52 32.67 0.38
N GLU A 1184 8.51 31.35 0.15
CA GLU A 1184 7.53 30.71 -0.70
C GLU A 1184 6.46 29.97 0.10
N SER A 1185 6.34 30.25 1.39
CA SER A 1185 5.36 29.62 2.26
C SER A 1185 4.18 30.57 2.44
N GLU A 1186 3.02 30.20 1.87
CA GLU A 1186 1.85 31.07 1.96
C GLU A 1186 1.49 31.37 3.41
N ALA A 1187 1.56 30.36 4.29
CA ALA A 1187 1.18 30.57 5.68
C ALA A 1187 2.11 31.56 6.36
N VAL A 1188 3.43 31.37 6.22
CA VAL A 1188 4.38 32.25 6.88
C VAL A 1188 4.16 33.69 6.47
N THR A 1189 3.95 33.94 5.17
CA THR A 1189 3.77 35.31 4.70
C THR A 1189 2.45 35.90 5.19
N ARG A 1190 1.42 35.08 5.34
CA ARG A 1190 0.16 35.55 5.91
C ARG A 1190 0.36 35.94 7.37
N LEU A 1191 0.74 34.99 8.22
CA LEU A 1191 0.91 35.27 9.63
C LEU A 1191 1.88 36.42 9.86
N GLY A 1192 3.03 36.39 9.17
CA GLY A 1192 4.01 37.44 9.35
C GLY A 1192 3.45 38.83 9.07
N GLY A 1193 2.76 38.97 7.93
CA GLY A 1193 2.14 40.25 7.62
C GLY A 1193 1.14 40.69 8.67
N GLU A 1194 0.34 39.74 9.17
CA GLU A 1194 -0.64 40.09 10.19
C GLU A 1194 0.04 40.58 11.46
N LEU A 1195 1.21 40.05 11.79
CA LEU A 1195 1.96 40.54 12.95
C LEU A 1195 2.52 41.92 12.69
N PHE A 1196 3.00 42.19 11.46
CA PHE A 1196 3.55 43.50 11.15
C PHE A 1196 2.49 44.57 11.06
N ALA A 1197 1.22 44.19 10.83
CA ALA A 1197 0.13 45.15 10.94
C ALA A 1197 -0.04 45.61 12.38
N LYS A 1198 0.32 44.76 13.35
CA LYS A 1198 0.32 45.15 14.75
C LYS A 1198 1.53 46.01 15.11
N MSE A 1199 2.58 46.00 14.30
CA MSE A 1199 3.83 46.69 14.64
C MSE A 1199 4.23 47.77 13.64
O MSE A 1199 5.42 47.89 13.31
CB MSE A 1199 4.98 45.69 14.74
CG MSE A 1199 4.82 44.61 15.79
SE MSE A 1199 6.38 43.43 15.89
CE MSE A 1199 6.09 42.38 14.27
H MSE A 1199 2.61 45.59 13.54
HA MSE A 1199 3.67 47.12 15.50
HB2 MSE A 1199 5.08 45.24 13.88
HB3 MSE A 1199 5.80 46.17 14.94
HG2 MSE A 1199 4.71 45.03 16.66
HG3 MSE A 1199 4.05 44.07 15.58
HE1 MSE A 1199 6.06 42.96 13.51
HE2 MSE A 1199 6.84 41.75 14.17
HE3 MSE A 1199 5.26 41.89 14.36
N GLY A 1200 3.27 48.56 13.17
CA GLY A 1200 3.60 49.66 12.28
C GLY A 1200 2.88 49.58 10.95
N ALA A 1201 1.57 49.41 11.00
CA ALA A 1201 0.78 49.34 9.78
C ALA A 1201 0.69 50.71 9.12
N ASP A 1202 0.77 50.72 7.80
CA ASP A 1202 0.61 51.94 7.01
C ASP A 1202 1.83 52.86 7.12
N GLU A 1203 2.26 53.16 8.34
CA GLU A 1203 3.35 54.10 8.56
C GLU A 1203 4.61 53.71 7.79
N GLN A 1204 5.23 52.59 8.18
CA GLN A 1204 6.52 52.23 7.60
C GLN A 1204 6.46 52.14 6.09
N ILE A 1205 5.33 51.71 5.55
CA ILE A 1205 5.18 51.58 4.10
C ILE A 1205 5.31 52.95 3.44
N LYS A 1206 4.56 53.94 3.94
CA LYS A 1206 4.60 55.27 3.33
C LYS A 1206 6.00 55.87 3.41
N SER A 1207 6.68 55.69 4.55
CA SER A 1207 7.98 56.34 4.74
C SER A 1207 9.05 55.74 3.84
N LEU A 1208 9.05 54.41 3.68
CA LEU A 1208 10.10 53.77 2.89
C LEU A 1208 9.96 54.09 1.41
N MSE A 1209 8.75 54.28 0.92
CA MSE A 1209 8.54 54.61 -0.49
C MSE A 1209 9.11 55.97 -0.84
O MSE A 1209 9.90 56.11 -1.77
CB MSE A 1209 7.06 54.55 -0.84
CG MSE A 1209 6.48 53.16 -0.83
SE MSE A 1209 4.81 53.06 -1.82
CE MSE A 1209 4.63 51.12 -1.92
H MSE A 1209 8.02 54.24 1.38
HA MSE A 1209 9.00 53.93 -1.03
HB2 MSE A 1209 6.57 55.09 -0.19
HB3 MSE A 1209 6.94 54.92 -1.73
HG2 MSE A 1209 7.11 52.54 -1.24
HG3 MSE A 1209 6.30 52.89 0.08
HE1 MSE A 1209 5.39 50.76 -2.40
HE2 MSE A 1209 4.58 50.76 -1.03
HE3 MSE A 1209 3.81 50.91 -2.41
N LEU A 1210 8.69 56.99 -0.08
CA LEU A 1210 9.24 58.34 -0.27
C LEU A 1210 10.75 58.31 -0.24
N GLN A 1211 11.32 57.58 0.73
CA GLN A 1211 12.77 57.49 0.86
C GLN A 1211 13.41 56.95 -0.42
N ILE A 1212 12.72 56.04 -1.13
CA ILE A 1212 13.26 55.52 -2.38
C ILE A 1212 13.32 56.61 -3.44
N ILE A 1213 12.30 57.48 -3.46
CA ILE A 1213 12.29 58.57 -4.44
C ILE A 1213 13.41 59.56 -4.16
N GLU A 1214 13.57 59.94 -2.88
CA GLU A 1214 14.67 60.83 -2.51
C GLU A 1214 16.01 60.27 -2.97
N THR A 1215 16.19 58.95 -2.87
CA THR A 1215 17.47 58.34 -3.19
C THR A 1215 17.77 58.41 -4.68
N VAL A 1216 16.81 57.96 -5.51
CA VAL A 1216 17.06 57.92 -6.95
C VAL A 1216 17.06 59.31 -7.57
N GLU A 1217 16.54 60.31 -6.87
CA GLU A 1217 16.58 61.68 -7.39
C GLU A 1217 17.96 62.30 -7.20
N SER A 1218 18.55 62.12 -6.02
CA SER A 1218 19.87 62.68 -5.76
C SER A 1218 20.90 62.15 -6.74
N GLY A 1219 20.94 60.82 -6.91
CA GLY A 1219 21.86 60.21 -7.84
C GLY A 1219 23.21 59.88 -7.23
N ALA A 1220 23.21 59.46 -5.97
CA ALA A 1220 24.44 58.99 -5.35
C ALA A 1220 25.07 57.92 -6.22
N GLU A 1221 26.40 57.79 -6.13
CA GLU A 1221 27.10 56.79 -6.93
C GLU A 1221 26.57 55.38 -6.68
N ASP A 1222 25.94 55.15 -5.53
CA ASP A 1222 25.55 53.82 -5.09
C ASP A 1222 24.04 53.65 -5.00
N THR A 1223 23.29 54.42 -5.79
CA THR A 1223 21.84 54.41 -5.69
C THR A 1223 21.28 53.00 -5.88
N ALA A 1224 21.64 52.35 -7.00
CA ALA A 1224 21.18 50.99 -7.24
C ALA A 1224 21.38 50.11 -6.01
N GLN A 1225 22.53 50.25 -5.34
CA GLN A 1225 22.78 49.48 -4.13
C GLN A 1225 21.92 49.99 -2.98
N THR A 1226 21.77 51.30 -2.85
CA THR A 1226 21.06 51.86 -1.70
C THR A 1226 19.58 51.47 -1.72
N VAL A 1227 18.92 51.63 -2.86
CA VAL A 1227 17.49 51.35 -2.93
C VAL A 1227 17.23 49.85 -2.74
N ASP A 1228 18.13 49.00 -3.23
CA ASP A 1228 18.00 47.57 -3.02
C ASP A 1228 17.67 47.24 -1.58
N ILE A 1229 18.40 47.84 -0.63
CA ILE A 1229 18.14 47.57 0.77
C ILE A 1229 16.84 48.24 1.24
N LEU A 1230 16.40 49.30 0.56
CA LEU A 1230 15.10 49.89 0.87
C LEU A 1230 13.98 48.98 0.41
N CYS A 1231 13.98 48.61 -0.88
CA CYS A 1231 12.99 47.68 -1.41
C CYS A 1231 12.89 46.43 -0.54
N GLY A 1232 14.02 45.89 -0.12
CA GLY A 1232 14.00 44.68 0.69
C GLY A 1232 13.27 44.89 2.01
N ARG A 1233 13.52 46.02 2.68
CA ARG A 1233 12.80 46.32 3.90
C ARG A 1233 11.31 46.51 3.64
N LEU A 1234 10.97 47.10 2.49
CA LEU A 1234 9.58 47.42 2.19
C LEU A 1234 8.75 46.16 1.96
N ALA A 1235 9.28 45.22 1.18
CA ALA A 1235 8.52 44.02 0.84
C ALA A 1235 8.00 43.30 2.09
N VAL A 1236 8.76 43.35 3.18
CA VAL A 1236 8.31 42.70 4.41
C VAL A 1236 7.05 43.37 4.94
N PHE A 1237 6.97 44.70 4.83
CA PHE A 1237 5.80 45.41 5.32
C PHE A 1237 4.61 45.27 4.37
N LEU A 1238 4.87 45.24 3.06
CA LEU A 1238 3.81 45.15 2.08
C LEU A 1238 3.04 43.83 2.18
N ALA A 1239 3.41 42.97 3.12
CA ALA A 1239 2.63 41.78 3.42
C ALA A 1239 1.60 42.02 4.52
N ALA A 1240 1.69 43.14 5.23
CA ALA A 1240 0.75 43.42 6.31
C ALA A 1240 -0.59 43.86 5.72
N PRO A 1241 -1.71 43.32 6.21
CA PRO A 1241 -3.01 43.83 5.76
C PRO A 1241 -3.14 45.32 6.02
N LEU A 1242 -3.57 46.06 5.01
CA LEU A 1242 -3.68 47.51 5.08
C LEU A 1242 -5.14 47.90 5.32
N GLU A 1243 -5.39 48.53 6.47
CA GLU A 1243 -6.75 48.97 6.78
C GLU A 1243 -7.14 50.24 6.04
N ASP A 1244 -6.15 51.08 5.69
CA ASP A 1244 -6.39 52.32 4.95
C ASP A 1244 -5.46 52.34 3.73
N PRO A 1245 -5.83 51.63 2.67
CA PRO A 1245 -4.95 51.60 1.49
C PRO A 1245 -4.67 52.98 0.90
N ARG A 1246 -5.58 53.93 1.05
CA ARG A 1246 -5.36 55.27 0.50
C ARG A 1246 -4.11 55.90 1.10
N ASP A 1247 -4.05 55.97 2.43
CA ASP A 1247 -2.91 56.61 3.08
C ASP A 1247 -1.65 55.76 2.95
N ALA A 1248 -1.78 54.45 3.23
CA ALA A 1248 -0.60 53.59 3.24
C ALA A 1248 0.14 53.63 1.90
N LEU A 1249 -0.60 53.54 0.80
CA LEU A 1249 -0.02 53.40 -0.53
C LEU A 1249 -0.14 54.67 -1.35
N GLN A 1250 -0.15 55.83 -0.68
CA GLN A 1250 -0.24 57.12 -1.35
C GLN A 1250 0.68 57.20 -2.57
N HIS A 1251 1.95 56.89 -2.39
CA HIS A 1251 3.00 57.14 -3.37
C HIS A 1251 3.44 55.87 -4.08
N THR A 1252 2.51 54.98 -4.37
CA THR A 1252 2.87 53.70 -4.97
C THR A 1252 3.18 53.82 -6.46
N GLU A 1253 2.53 54.75 -7.16
CA GLU A 1253 2.75 54.86 -8.59
C GLU A 1253 4.04 55.60 -8.91
N LYS A 1254 4.35 56.66 -8.15
CA LYS A 1254 5.62 57.35 -8.34
C LYS A 1254 6.78 56.48 -7.88
N CYS A 1255 6.70 55.97 -6.65
CA CYS A 1255 7.71 55.05 -6.14
C CYS A 1255 8.08 54.00 -7.18
N LEU A 1256 7.07 53.40 -7.81
CA LEU A 1256 7.32 52.46 -8.88
C LEU A 1256 8.03 53.12 -10.05
N GLY A 1257 7.52 54.27 -10.50
CA GLY A 1257 8.17 54.99 -11.58
C GLY A 1257 9.62 55.31 -11.29
N SER A 1258 9.96 55.55 -10.02
CA SER A 1258 11.35 55.79 -9.66
C SER A 1258 12.17 54.51 -9.68
N LEU A 1259 11.54 53.36 -9.41
CA LEU A 1259 12.25 52.10 -9.52
C LEU A 1259 12.50 51.72 -10.98
N VAL A 1260 11.55 52.06 -11.87
CA VAL A 1260 11.77 51.79 -13.28
C VAL A 1260 13.04 52.49 -13.77
N ALA A 1261 13.18 53.78 -13.42
CA ALA A 1261 14.40 54.51 -13.75
C ALA A 1261 15.63 53.79 -13.16
N THR A 1262 15.60 53.52 -11.86
CA THR A 1262 16.73 52.87 -11.21
C THR A 1262 17.13 51.59 -11.92
N LEU A 1263 16.16 50.84 -12.42
CA LEU A 1263 16.47 49.60 -13.13
C LEU A 1263 17.02 49.86 -14.53
N GLN A 1264 16.60 50.95 -15.18
CA GLN A 1264 17.03 51.21 -16.55
C GLN A 1264 18.43 51.81 -16.63
N THR A 1265 18.92 52.41 -15.55
CA THR A 1265 20.26 52.98 -15.51
C THR A 1265 21.27 52.07 -14.82
N TYR A 1266 20.80 51.02 -14.14
CA TYR A 1266 21.68 50.12 -13.39
C TYR A 1266 21.37 48.65 -13.69
N PRO A 1267 21.23 48.29 -14.97
CA PRO A 1267 20.86 46.91 -15.28
C PRO A 1267 21.87 45.90 -14.76
N GLY A 1268 21.37 44.73 -14.37
CA GLY A 1268 22.22 43.64 -13.96
C GLY A 1268 22.50 43.55 -12.47
N SER A 1269 21.92 44.43 -11.66
CA SER A 1269 22.09 44.34 -10.20
C SER A 1269 21.15 43.26 -9.69
N GLU A 1270 21.64 42.02 -9.72
CA GLU A 1270 20.78 40.86 -9.48
C GLU A 1270 19.92 41.04 -8.23
N ARG A 1271 20.52 41.43 -7.12
CA ARG A 1271 19.77 41.51 -5.87
C ARG A 1271 18.66 42.55 -5.97
N LEU A 1272 18.99 43.75 -6.47
CA LEU A 1272 17.96 44.76 -6.67
C LEU A 1272 16.84 44.22 -7.56
N GLU A 1273 17.19 43.72 -8.74
CA GLU A 1273 16.18 43.15 -9.62
C GLU A 1273 15.22 42.24 -8.86
N GLY A 1274 15.75 41.47 -7.89
CA GLY A 1274 14.94 40.53 -7.15
C GLY A 1274 14.02 41.18 -6.14
N ASN A 1275 14.56 42.09 -5.33
CA ASN A 1275 13.74 42.74 -4.31
C ASN A 1275 12.66 43.62 -4.93
N VAL A 1276 12.92 44.21 -6.10
CA VAL A 1276 11.91 45.01 -6.76
C VAL A 1276 10.77 44.12 -7.25
N ALA A 1277 11.10 42.90 -7.69
CA ALA A 1277 10.05 41.96 -8.06
C ALA A 1277 9.20 41.58 -6.85
N LEU A 1278 9.85 41.42 -5.69
CA LEU A 1278 9.13 40.96 -4.51
C LEU A 1278 8.12 42.01 -4.03
N VAL A 1279 8.52 43.27 -4.01
CA VAL A 1279 7.58 44.33 -3.60
C VAL A 1279 6.37 44.35 -4.52
N CYS A 1280 6.60 44.26 -5.83
CA CYS A 1280 5.49 44.33 -6.78
C CYS A 1280 4.55 43.14 -6.62
N ARG A 1281 5.09 41.97 -6.30
CA ARG A 1281 4.21 40.83 -6.01
C ARG A 1281 3.37 41.10 -4.77
N ARG A 1282 3.99 41.63 -3.72
CA ARG A 1282 3.25 41.93 -2.49
C ARG A 1282 2.19 42.99 -2.75
N LEU A 1283 2.48 43.97 -3.60
CA LEU A 1283 1.47 44.95 -3.98
C LEU A 1283 0.37 44.30 -4.79
N CYS A 1284 0.73 43.38 -5.68
CA CYS A 1284 -0.27 42.72 -6.52
C CYS A 1284 -1.07 41.69 -5.73
N ASP A 1285 -0.44 41.03 -4.76
CA ASP A 1285 -1.14 39.97 -4.02
C ASP A 1285 -2.25 40.52 -3.14
N ARG A 1286 -2.11 41.74 -2.64
CA ARG A 1286 -3.05 42.25 -1.63
C ARG A 1286 -4.40 42.65 -2.22
N CYS A 1287 -4.51 42.77 -3.53
CA CYS A 1287 -5.77 43.08 -4.20
C CYS A 1287 -5.87 42.29 -5.50
N PHE A 1288 -5.38 41.05 -5.48
CA PHE A 1288 -5.35 40.22 -6.68
C PHE A 1288 -6.74 40.02 -7.28
N ASP A 1289 -7.80 40.20 -6.50
CA ASP A 1289 -9.16 40.00 -6.98
C ASP A 1289 -9.94 41.28 -7.17
N ASP A 1290 -9.57 42.37 -6.49
CA ASP A 1290 -10.27 43.65 -6.59
C ASP A 1290 -9.67 44.43 -7.75
N ALA A 1291 -10.33 44.36 -8.91
CA ALA A 1291 -9.83 45.02 -10.12
C ALA A 1291 -10.06 46.52 -10.11
N ASP A 1292 -10.60 47.08 -9.03
CA ASP A 1292 -10.78 48.52 -8.90
C ASP A 1292 -9.71 49.18 -8.05
N ASP A 1293 -9.05 48.43 -7.17
CA ASP A 1293 -7.98 48.98 -6.36
C ASP A 1293 -6.87 49.52 -7.27
N PRO A 1294 -6.39 50.75 -7.04
CA PRO A 1294 -5.32 51.29 -7.88
C PRO A 1294 -3.91 51.06 -7.36
N TYR A 1295 -3.74 50.67 -6.10
CA TYR A 1295 -2.42 50.53 -5.48
C TYR A 1295 -1.86 49.12 -5.60
N GLY A 1296 -2.13 48.44 -6.72
CA GLY A 1296 -1.68 47.07 -6.88
C GLY A 1296 -1.26 46.76 -8.30
N ALA A 1297 -1.85 45.73 -8.89
CA ALA A 1297 -1.49 45.35 -10.26
C ALA A 1297 -1.70 46.51 -11.22
N TRP A 1298 -2.71 47.34 -10.99
CA TRP A 1298 -2.91 48.51 -11.84
C TRP A 1298 -1.71 49.44 -11.76
N ALA A 1299 -1.22 49.70 -10.55
CA ALA A 1299 -0.06 50.58 -10.38
C ALA A 1299 1.14 50.02 -11.13
N VAL A 1300 1.39 48.71 -10.99
CA VAL A 1300 2.52 48.09 -11.66
C VAL A 1300 2.50 48.40 -13.15
N ALA A 1301 1.31 48.47 -13.74
CA ALA A 1301 1.19 48.72 -15.16
C ALA A 1301 1.18 50.22 -15.48
N ALA A 1302 0.42 51.01 -14.72
CA ALA A 1302 0.38 52.45 -14.95
C ALA A 1302 1.79 53.05 -14.89
N SER A 1303 2.55 52.69 -13.85
CA SER A 1303 3.87 53.27 -13.64
C SER A 1303 4.91 52.79 -14.65
N GLY A 1304 4.58 51.79 -15.46
CA GLY A 1304 5.49 51.33 -16.49
C GLY A 1304 6.35 50.14 -16.10
N MSE A 1305 6.22 49.63 -14.89
CA MSE A 1305 6.98 48.47 -14.46
C MSE A 1305 6.65 47.25 -15.32
O MSE A 1305 7.53 46.55 -15.80
CB MSE A 1305 6.72 48.13 -13.00
CG MSE A 1305 7.59 47.00 -12.48
SE MSE A 1305 9.41 47.61 -12.20
CE MSE A 1305 9.13 48.49 -10.47
H MSE A 1305 5.68 49.93 -14.28
HA MSE A 1305 7.92 48.68 -14.55
HB2 MSE A 1305 6.90 48.91 -12.46
HB3 MSE A 1305 5.80 47.87 -12.90
HG2 MSE A 1305 7.24 46.68 -11.63
HG3 MSE A 1305 7.61 46.28 -13.13
HE1 MSE A 1305 8.82 47.83 -9.84
HE2 MSE A 1305 9.97 48.87 -10.17
HE3 MSE A 1305 8.47 49.18 -10.58
N LEU A 1306 5.34 47.01 -15.48
CA LEU A 1306 4.89 45.86 -16.27
C LEU A 1306 5.67 45.74 -17.57
N ALA A 1307 5.82 46.85 -18.29
CA ALA A 1307 6.60 46.84 -19.52
C ALA A 1307 8.09 46.69 -19.22
N GLN A 1308 8.55 47.16 -18.05
CA GLN A 1308 9.94 47.00 -17.68
C GLN A 1308 10.27 45.53 -17.44
N PHE A 1309 9.49 44.85 -16.60
CA PHE A 1309 9.71 43.43 -16.35
C PHE A 1309 9.75 42.65 -17.64
N ALA A 1310 8.79 42.91 -18.54
CA ALA A 1310 8.72 42.17 -19.79
C ALA A 1310 9.98 42.38 -20.63
N GLY A 1311 10.47 43.62 -20.68
CA GLY A 1311 11.71 43.87 -21.39
C GLY A 1311 12.90 43.15 -20.78
N MSE A 1312 12.98 43.13 -19.46
CA MSE A 1312 14.06 42.44 -18.77
C MSE A 1312 14.10 40.97 -19.14
O MSE A 1312 15.17 40.42 -19.44
CB MSE A 1312 13.91 42.61 -17.25
CG MSE A 1312 14.01 44.05 -16.78
SE MSE A 1312 13.62 44.30 -14.88
CE MSE A 1312 15.18 43.42 -14.11
H MSE A 1312 12.41 43.51 -18.94
HA MSE A 1312 14.90 42.85 -19.02
HB2 MSE A 1312 13.03 42.27 -17.00
HB3 MSE A 1312 14.60 42.10 -16.81
HG2 MSE A 1312 14.91 44.37 -16.94
HG3 MSE A 1312 13.38 44.59 -17.28
HE1 MSE A 1312 15.99 43.85 -14.42
HE2 MSE A 1312 15.13 43.47 -13.14
HE3 MSE A 1312 15.18 42.49 -14.40
N VAL A 1313 12.94 40.32 -19.16
CA VAL A 1313 12.88 38.91 -19.53
C VAL A 1313 13.11 38.76 -21.04
N ALA A 1314 12.59 39.69 -21.84
CA ALA A 1314 12.80 39.61 -23.28
C ALA A 1314 14.28 39.72 -23.63
N GLY A 1315 15.05 40.49 -22.86
CA GLY A 1315 16.47 40.61 -23.08
C GLY A 1315 17.31 39.49 -22.53
N GLU A 1316 16.68 38.47 -21.96
CA GLU A 1316 17.33 37.27 -21.44
C GLU A 1316 18.39 37.58 -20.39
N THR A 1317 18.47 38.83 -19.92
CA THR A 1317 19.45 39.19 -18.91
C THR A 1317 19.18 38.53 -17.56
N VAL A 1318 17.95 38.09 -17.32
CA VAL A 1318 17.52 37.66 -15.99
C VAL A 1318 17.22 36.17 -15.92
N LEU A 1319 17.22 35.45 -17.05
CA LEU A 1319 16.68 34.10 -17.07
C LEU A 1319 17.27 33.21 -15.98
N ALA A 1320 18.54 33.40 -15.63
CA ALA A 1320 19.17 32.57 -14.61
C ALA A 1320 18.87 33.03 -13.18
N ASN A 1321 18.07 34.08 -13.01
CA ASN A 1321 17.82 34.66 -11.69
C ASN A 1321 16.42 34.22 -11.23
N LYS A 1322 16.38 33.14 -10.45
CA LYS A 1322 15.09 32.58 -10.04
C LYS A 1322 14.40 33.44 -8.99
N LYS A 1323 15.17 34.16 -8.16
CA LYS A 1323 14.55 35.04 -7.18
C LYS A 1323 13.83 36.22 -7.82
N PHE A 1324 14.13 36.52 -9.08
CA PHE A 1324 13.39 37.54 -9.82
C PHE A 1324 12.25 36.95 -10.62
N LEU A 1325 12.45 35.76 -11.20
CA LEU A 1325 11.47 35.21 -12.12
C LEU A 1325 10.19 34.81 -11.40
N GLY A 1326 10.30 34.26 -10.20
CA GLY A 1326 9.15 33.84 -9.44
C GLY A 1326 8.19 34.99 -9.19
N PRO A 1327 8.61 35.92 -8.31
CA PRO A 1327 7.75 37.10 -8.05
C PRO A 1327 7.37 37.86 -9.31
N ALA A 1328 8.29 38.01 -10.26
CA ALA A 1328 7.97 38.74 -11.49
C ALA A 1328 6.80 38.09 -12.22
N TYR A 1329 6.81 36.77 -12.34
CA TYR A 1329 5.72 36.08 -13.03
C TYR A 1329 4.45 36.03 -12.20
N ARG A 1330 4.56 36.15 -10.87
CA ARG A 1330 3.35 36.32 -10.07
C ARG A 1330 2.71 37.67 -10.35
N THR A 1331 3.51 38.73 -10.44
CA THR A 1331 2.96 40.04 -10.77
C THR A 1331 2.38 40.05 -12.18
N PHE A 1332 3.02 39.33 -13.12
CA PHE A 1332 2.41 39.13 -14.42
C PHE A 1332 1.03 38.51 -14.28
N THR A 1333 0.94 37.41 -13.53
CA THR A 1333 -0.36 36.77 -13.29
C THR A 1333 -1.39 37.78 -12.82
N ALA A 1334 -0.97 38.70 -11.94
CA ALA A 1334 -1.91 39.68 -11.41
C ALA A 1334 -2.39 40.64 -12.49
N CYS A 1335 -1.51 41.02 -13.41
CA CYS A 1335 -1.90 41.93 -14.48
C CYS A 1335 -2.76 41.24 -15.54
N CYS A 1336 -2.82 39.91 -15.51
CA CYS A 1336 -3.81 39.19 -16.32
C CYS A 1336 -5.17 39.20 -15.62
N ALA A 1337 -5.17 38.90 -14.32
CA ALA A 1337 -6.41 38.85 -13.57
C ALA A 1337 -7.17 40.17 -13.67
N ASN A 1338 -6.53 41.28 -13.30
CA ASN A 1338 -7.13 42.59 -13.39
C ASN A 1338 -7.43 42.93 -14.85
N ALA A 1339 -8.70 42.95 -15.22
CA ALA A 1339 -9.08 43.16 -16.61
C ALA A 1339 -8.69 44.52 -17.15
N TYR A 1340 -8.34 45.48 -16.28
CA TYR A 1340 -7.86 46.77 -16.75
C TYR A 1340 -6.41 46.72 -17.22
N CYS A 1341 -5.62 45.77 -16.72
CA CYS A 1341 -4.22 45.64 -17.09
C CYS A 1341 -4.01 44.71 -18.29
N MSE A 1342 -4.99 43.88 -18.61
CA MSE A 1342 -4.84 42.87 -19.65
C MSE A 1342 -4.43 43.45 -21.01
O MSE A 1342 -3.54 42.91 -21.66
CB MSE A 1342 -6.15 42.08 -19.81
CG MSE A 1342 -6.08 40.96 -20.83
SE MSE A 1342 -4.82 39.55 -20.33
CE MSE A 1342 -5.98 38.55 -19.12
H MSE A 1342 -5.76 43.86 -18.23
HA MSE A 1342 -4.13 42.28 -19.38
HB2 MSE A 1342 -6.36 41.69 -18.95
HB3 MSE A 1342 -6.85 42.70 -20.08
HG2 MSE A 1342 -6.96 40.56 -20.91
HG3 MSE A 1342 -5.80 41.32 -21.68
HE1 MSE A 1342 -6.60 38.01 -19.64
HE2 MSE A 1342 -5.43 37.97 -18.57
HE3 MSE A 1342 -6.47 39.17 -18.56
N PRO A 1343 -5.08 44.52 -21.46
CA PRO A 1343 -4.77 45.05 -22.81
C PRO A 1343 -3.29 45.38 -22.98
N THR A 1344 -2.65 45.90 -21.93
CA THR A 1344 -1.24 46.23 -22.02
C THR A 1344 -0.35 45.01 -21.81
N MSE A 1345 -0.85 44.01 -21.09
CA MSE A 1345 -0.16 42.72 -20.98
C MSE A 1345 -0.11 42.06 -22.35
O MSE A 1345 0.92 41.53 -22.76
CB MSE A 1345 -0.88 41.82 -19.97
CG MSE A 1345 -0.24 40.46 -19.79
SE MSE A 1345 1.48 40.55 -18.91
CE MSE A 1345 0.89 40.19 -17.11
H MSE A 1345 -1.59 44.04 -20.66
HA MSE A 1345 0.74 42.85 -20.64
HB2 MSE A 1345 -0.88 42.26 -19.11
HB3 MSE A 1345 -1.79 41.69 -20.27
HG2 MSE A 1345 -0.83 39.90 -19.26
HG3 MSE A 1345 -0.11 40.06 -20.67
HE1 MSE A 1345 1.08 39.26 -16.90
HE2 MSE A 1345 1.36 40.77 -16.50
HE3 MSE A 1345 -0.06 40.36 -17.06
N VAL A 1346 -1.25 42.08 -23.05
CA VAL A 1346 -1.30 41.56 -24.41
C VAL A 1346 -0.38 42.35 -25.31
N GLU A 1347 -0.39 43.67 -25.16
CA GLU A 1347 0.49 44.55 -25.93
C GLU A 1347 1.96 44.32 -25.62
N VAL A 1348 2.26 43.67 -24.52
CA VAL A 1348 3.65 43.52 -24.06
C VAL A 1348 4.16 42.09 -24.19
N ALA A 1349 3.29 41.08 -24.17
CA ALA A 1349 3.69 39.69 -24.01
C ALA A 1349 4.48 39.12 -25.20
N PRO A 1350 4.07 39.38 -26.46
CA PRO A 1350 4.73 38.71 -27.59
C PRO A 1350 6.23 38.86 -27.57
N SER A 1351 6.71 39.92 -26.89
CA SER A 1351 8.13 40.19 -26.83
C SER A 1351 8.89 39.25 -25.90
N PHE A 1352 8.20 38.41 -25.12
CA PHE A 1352 8.92 37.54 -24.20
C PHE A 1352 8.24 36.19 -23.97
N LEU A 1353 7.27 35.80 -24.79
CA LEU A 1353 6.67 34.49 -24.66
C LEU A 1353 7.66 33.40 -25.06
N PRO A 1354 8.45 33.59 -26.12
CA PRO A 1354 9.47 32.57 -26.44
C PRO A 1354 10.50 32.43 -25.33
N GLN A 1355 10.91 33.54 -24.71
CA GLN A 1355 11.77 33.45 -23.54
C GLN A 1355 11.07 32.69 -22.41
N THR A 1356 9.76 32.89 -22.26
CA THR A 1356 9.02 32.15 -21.25
C THR A 1356 9.11 30.64 -21.49
N TYR A 1357 9.12 30.22 -22.75
CA TYR A 1357 9.36 28.82 -23.06
C TYR A 1357 10.77 28.43 -22.64
N THR A 1358 11.79 29.04 -23.27
CA THR A 1358 13.16 28.70 -22.92
C THR A 1358 13.39 28.82 -21.41
N LEU A 1359 12.73 29.78 -20.77
CA LEU A 1359 12.79 29.89 -19.32
C LEU A 1359 12.29 28.61 -18.65
N LEU A 1360 11.21 28.03 -19.17
CA LEU A 1360 10.63 26.85 -18.55
C LEU A 1360 11.55 25.64 -18.69
N GLU A 1361 12.11 25.42 -19.89
CA GLU A 1361 13.04 24.32 -20.07
C GLU A 1361 14.23 24.44 -19.12
N MSE A 1362 14.72 25.66 -18.93
CA MSE A 1362 15.84 25.89 -18.02
C MSE A 1362 15.56 25.42 -16.60
O MSE A 1362 16.32 24.66 -16.01
CB MSE A 1362 16.21 27.38 -17.97
CG MSE A 1362 17.02 27.88 -19.15
SE MSE A 1362 17.49 29.77 -18.93
CE MSE A 1362 17.83 29.81 -17.02
H MSE A 1362 14.43 26.38 -19.30
HA MSE A 1362 16.61 25.39 -18.37
HB2 MSE A 1362 15.38 27.89 -17.95
HB3 MSE A 1362 16.73 27.55 -17.17
HG2 MSE A 1362 17.83 27.37 -19.21
HG3 MSE A 1362 16.49 27.79 -19.95
HE1 MSE A 1362 18.49 29.13 -16.79
HE2 MSE A 1362 18.17 30.68 -16.77
HE3 MSE A 1362 17.01 29.63 -16.54
N HIS A 1363 14.43 25.90 -16.07
CA HIS A 1363 14.09 25.72 -14.66
C HIS A 1363 13.08 24.61 -14.45
N LYS A 1364 12.97 23.67 -15.40
CA LYS A 1364 11.98 22.60 -15.29
C LYS A 1364 12.08 21.87 -13.95
N ASN A 1365 13.25 21.88 -13.33
CA ASN A 1365 13.46 21.16 -12.08
C ASN A 1365 13.04 21.94 -10.85
N ASP A 1366 12.70 23.22 -10.98
CA ASP A 1366 12.34 24.06 -9.83
C ASP A 1366 10.82 24.16 -9.77
N ALA A 1367 10.22 23.53 -8.76
CA ALA A 1367 8.76 23.46 -8.67
C ALA A 1367 8.16 24.86 -8.49
N GLU A 1368 8.81 25.72 -7.72
CA GLU A 1368 8.27 27.05 -7.50
C GLU A 1368 8.25 27.87 -8.78
N THR A 1369 9.38 27.89 -9.51
CA THR A 1369 9.44 28.65 -10.75
C THR A 1369 8.45 28.10 -11.77
N VAL A 1370 8.39 26.78 -11.91
CA VAL A 1370 7.43 26.17 -12.83
C VAL A 1370 6.01 26.58 -12.46
N ALA A 1371 5.67 26.47 -11.17
CA ALA A 1371 4.32 26.79 -10.74
C ALA A 1371 3.97 28.24 -11.02
N ARG A 1372 4.95 29.15 -10.84
CA ARG A 1372 4.68 30.57 -11.09
C ARG A 1372 4.46 30.85 -12.56
N VAL A 1373 5.24 30.21 -13.43
CA VAL A 1373 5.09 30.47 -14.86
C VAL A 1373 3.81 29.84 -15.39
N LEU A 1374 3.54 28.59 -15.01
CA LEU A 1374 2.32 27.94 -15.46
C LEU A 1374 1.08 28.70 -14.98
N GLU A 1375 1.12 29.23 -13.76
CA GLU A 1375 -0.01 30.02 -13.27
C GLU A 1375 -0.22 31.27 -14.12
N PHE A 1376 0.87 31.96 -14.46
CA PHE A 1376 0.75 33.10 -15.36
C PHE A 1376 0.09 32.72 -16.67
N LEU A 1377 0.49 31.58 -17.23
CA LEU A 1377 -0.10 31.13 -18.49
C LEU A 1377 -1.57 30.79 -18.33
N ARG A 1378 -1.96 30.25 -17.17
CA ARG A 1378 -3.37 30.00 -16.90
C ARG A 1378 -4.20 31.27 -17.06
N TYR A 1379 -3.88 32.29 -16.26
CA TYR A 1379 -4.64 33.54 -16.33
C TYR A 1379 -4.48 34.22 -17.67
N PHE A 1380 -3.25 34.26 -18.20
CA PHE A 1380 -3.01 34.90 -19.49
C PHE A 1380 -3.91 34.31 -20.56
N ALA A 1381 -4.10 32.99 -20.53
CA ALA A 1381 -4.87 32.29 -21.56
C ALA A 1381 -6.35 32.65 -21.56
N GLU A 1382 -6.81 33.51 -20.65
CA GLU A 1382 -8.22 33.90 -20.68
C GLU A 1382 -8.50 34.84 -21.84
N ASP A 1383 -7.55 35.71 -22.19
CA ASP A 1383 -7.78 36.67 -23.26
C ASP A 1383 -7.69 35.97 -24.62
N PRO A 1384 -8.54 36.34 -25.59
CA PRO A 1384 -8.48 35.67 -26.89
C PRO A 1384 -7.24 36.00 -27.70
N THR A 1385 -6.72 37.22 -27.58
CA THR A 1385 -5.45 37.52 -28.24
C THR A 1385 -4.29 36.82 -27.55
N ALA A 1386 -4.31 36.79 -26.22
CA ALA A 1386 -3.25 36.11 -25.47
C ALA A 1386 -3.16 34.65 -25.86
N CYS A 1387 -4.27 33.91 -25.74
CA CYS A 1387 -4.23 32.48 -26.03
C CYS A 1387 -3.74 32.19 -27.44
N GLY A 1388 -3.91 33.15 -28.35
CA GLY A 1388 -3.40 32.99 -29.69
C GLY A 1388 -1.90 33.18 -29.74
N LEU A 1389 -1.42 34.23 -29.09
CA LEU A 1389 0.02 34.46 -29.02
C LEU A 1389 0.74 33.27 -28.40
N ILE A 1390 0.11 32.59 -27.44
CA ILE A 1390 0.74 31.47 -26.77
C ILE A 1390 1.06 30.36 -27.76
N VAL A 1391 0.05 29.93 -28.53
CA VAL A 1391 0.23 28.79 -29.41
C VAL A 1391 1.21 29.09 -30.54
N GLN A 1392 1.33 30.36 -30.94
CA GLN A 1392 2.13 30.73 -32.09
C GLN A 1392 3.58 31.05 -31.73
N ASN A 1393 3.89 31.25 -30.45
CA ASN A 1393 5.23 31.63 -30.02
C ASN A 1393 5.91 30.64 -29.09
N MSE A 1394 5.17 29.79 -28.40
CA MSE A 1394 5.75 28.86 -27.43
C MSE A 1394 5.86 27.46 -28.01
O MSE A 1394 5.11 26.55 -27.63
CB MSE A 1394 4.95 28.87 -26.13
CG MSE A 1394 4.75 30.26 -25.55
SE MSE A 1394 4.17 30.27 -23.70
CE MSE A 1394 5.75 29.46 -22.88
H MSE A 1394 4.31 29.71 -28.47
HA MSE A 1394 6.66 29.17 -27.22
HB2 MSE A 1394 4.07 28.50 -26.31
HB3 MSE A 1394 5.40 28.32 -25.48
HG2 MSE A 1394 5.60 30.74 -25.60
HG3 MSE A 1394 4.09 30.73 -26.07
HE1 MSE A 1394 6.51 30.06 -22.98
HE2 MSE A 1394 5.58 29.31 -21.93
HE3 MSE A 1394 5.94 28.62 -23.33
N SER A 1395 6.81 27.27 -28.92
CA SER A 1395 7.11 25.98 -29.51
C SER A 1395 8.62 25.83 -29.60
N GLY A 1396 9.12 24.62 -29.32
CA GLY A 1396 10.55 24.41 -29.28
C GLY A 1396 10.98 22.97 -29.12
N SER A 1397 12.04 22.75 -28.35
CA SER A 1397 12.67 21.44 -28.29
C SER A 1397 11.80 20.40 -27.59
N SER A 1398 10.94 20.83 -26.67
CA SER A 1398 10.09 19.93 -25.92
C SER A 1398 8.71 19.76 -26.54
N GLY A 1399 8.47 20.35 -27.71
CA GLY A 1399 7.18 20.30 -28.35
C GLY A 1399 6.41 21.60 -28.22
N ASP A 1400 5.13 21.53 -28.54
CA ASP A 1400 4.28 22.69 -28.37
C ASP A 1400 4.06 22.94 -26.89
N VAL A 1401 3.33 24.02 -26.58
CA VAL A 1401 3.17 24.42 -25.18
C VAL A 1401 2.46 23.34 -24.38
N VAL A 1402 1.61 22.54 -25.02
CA VAL A 1402 0.89 21.50 -24.31
C VAL A 1402 1.84 20.38 -23.90
N ALA A 1403 2.70 19.94 -24.83
CA ALA A 1403 3.66 18.88 -24.51
C ALA A 1403 4.56 19.30 -23.36
N LEU A 1404 5.07 20.54 -23.41
CA LEU A 1404 5.93 21.02 -22.33
C LEU A 1404 5.19 20.98 -20.99
N THR A 1405 3.97 21.52 -20.95
CA THR A 1405 3.19 21.52 -19.72
C THR A 1405 3.09 20.11 -19.15
N VAL A 1406 2.81 19.13 -20.00
CA VAL A 1406 2.72 17.74 -19.53
C VAL A 1406 4.05 17.30 -18.93
N LEU A 1407 5.15 17.47 -19.69
CA LEU A 1407 6.47 17.15 -19.16
C LEU A 1407 6.67 17.73 -17.77
N LEU A 1408 6.30 19.00 -17.59
CA LEU A 1408 6.53 19.67 -16.31
C LEU A 1408 5.72 19.01 -15.19
N MSE A 1409 4.43 18.80 -15.41
CA MSE A 1409 3.59 18.15 -14.41
C MSE A 1409 4.14 16.78 -14.06
O MSE A 1409 4.12 16.36 -12.91
CB MSE A 1409 2.15 18.03 -14.92
CG MSE A 1409 1.45 19.36 -15.18
SE MSE A 1409 -0.47 19.14 -15.47
CE MSE A 1409 -0.49 18.73 -17.37
H MSE A 1409 4.01 19.03 -16.13
HA MSE A 1409 3.56 18.71 -13.61
HB2 MSE A 1409 2.15 17.53 -15.74
HB3 MSE A 1409 1.63 17.56 -14.24
HG2 MSE A 1409 1.58 19.94 -14.42
HG3 MSE A 1409 1.83 19.76 -15.98
HE1 MSE A 1409 0.02 17.93 -17.53
HE2 MSE A 1409 -1.41 18.58 -17.66
HE3 MSE A 1409 -0.12 19.47 -17.86
N GLN A 1410 4.62 16.07 -15.08
CA GLN A 1410 5.17 14.73 -14.86
C GLN A 1410 6.40 14.79 -13.96
N GLN A 1411 7.26 15.78 -14.17
CA GLN A 1411 8.44 15.94 -13.33
C GLN A 1411 8.05 16.32 -11.90
N HIS A 1412 7.02 17.14 -11.74
CA HIS A 1412 6.54 17.56 -10.42
C HIS A 1412 5.18 16.91 -10.12
N GLN A 1413 5.05 15.63 -10.49
CA GLN A 1413 3.84 14.86 -10.24
C GLN A 1413 3.49 14.80 -8.76
N ASN A 1414 4.46 14.99 -7.86
CA ASN A 1414 4.20 15.00 -6.43
C ASN A 1414 3.76 16.36 -5.92
N ASN A 1415 3.67 17.37 -6.79
CA ASN A 1415 3.48 18.75 -6.39
C ASN A 1415 2.14 19.25 -6.92
N ASP A 1416 1.18 19.47 -6.01
CA ASP A 1416 -0.15 19.89 -6.43
C ASP A 1416 -0.12 21.26 -7.11
N ALA A 1417 0.72 22.17 -6.61
CA ALA A 1417 0.76 23.51 -7.17
C ALA A 1417 1.10 23.49 -8.66
N VAL A 1418 2.02 22.62 -9.06
CA VAL A 1418 2.38 22.54 -10.47
C VAL A 1418 1.29 21.81 -11.25
N VAL A 1419 0.77 20.71 -10.70
CA VAL A 1419 -0.22 19.92 -11.43
C VAL A 1419 -1.51 20.72 -11.62
N CYS A 1420 -2.04 21.29 -10.54
CA CYS A 1420 -3.28 22.04 -10.66
C CYS A 1420 -3.12 23.22 -11.61
N ALA A 1421 -1.99 23.93 -11.51
CA ALA A 1421 -1.76 25.06 -12.42
C ALA A 1421 -1.70 24.59 -13.87
N GLY A 1422 -1.11 23.41 -14.10
CA GLY A 1422 -1.00 22.92 -15.46
C GLY A 1422 -2.33 22.50 -16.04
N MSE A 1423 -3.17 21.84 -15.24
CA MSE A 1423 -4.47 21.38 -15.71
C MSE A 1423 -5.41 22.57 -15.92
O MSE A 1423 -6.10 22.64 -16.95
CB MSE A 1423 -5.07 20.38 -14.72
CG MSE A 1423 -4.39 19.03 -14.78
SE MSE A 1423 -5.02 17.71 -13.48
CE MSE A 1423 -3.89 16.21 -14.02
H MSE A 1423 -3.00 21.64 -14.43
HA MSE A 1423 -4.37 20.92 -16.56
HB2 MSE A 1423 -4.96 20.73 -13.82
HB3 MSE A 1423 -6.01 20.26 -14.91
HG2 MSE A 1423 -4.54 18.66 -15.66
HG3 MSE A 1423 -3.44 19.15 -14.63
HE1 MSE A 1423 -2.96 16.47 -13.92
HE2 MSE A 1423 -4.08 15.46 -13.44
HE3 MSE A 1423 -4.09 15.99 -14.94
N GLU A 1424 -5.44 23.50 -14.97
CA GLU A 1424 -6.22 24.71 -15.15
C GLU A 1424 -5.79 25.45 -16.41
N PHE A 1425 -4.48 25.52 -16.66
CA PHE A 1425 -3.98 26.19 -17.85
C PHE A 1425 -4.49 25.51 -19.13
N LEU A 1426 -4.28 24.20 -19.24
CA LEU A 1426 -4.75 23.49 -20.41
C LEU A 1426 -6.26 23.68 -20.60
N GLY A 1427 -7.01 23.64 -19.50
CA GLY A 1427 -8.43 23.88 -19.56
C GLY A 1427 -8.78 25.22 -20.17
N ALA A 1428 -8.28 26.29 -19.56
CA ALA A 1428 -8.57 27.63 -20.06
C ALA A 1428 -8.12 27.77 -21.52
N LEU A 1429 -6.91 27.34 -21.83
CA LEU A 1429 -6.38 27.52 -23.18
C LEU A 1429 -7.26 26.83 -24.21
N ALA A 1430 -7.62 25.57 -23.96
CA ALA A 1430 -8.45 24.84 -24.91
C ALA A 1430 -9.76 25.56 -25.16
N TYR A 1431 -10.38 26.10 -24.11
CA TYR A 1431 -11.70 26.71 -24.25
C TYR A 1431 -11.61 28.07 -24.94
N THR A 1432 -10.72 28.94 -24.44
CA THR A 1432 -10.58 30.27 -25.04
C THR A 1432 -10.26 30.17 -26.53
N LEU A 1433 -9.48 29.16 -26.91
CA LEU A 1433 -9.12 29.00 -28.33
C LEU A 1433 -10.35 28.68 -29.18
N SER A 1434 -11.21 27.78 -28.71
CA SER A 1434 -12.38 27.40 -29.49
C SER A 1434 -13.32 28.58 -29.69
N GLN A 1435 -13.50 29.40 -28.65
CA GLN A 1435 -14.45 30.51 -28.73
C GLN A 1435 -13.92 31.66 -29.58
N ALA A 1436 -12.62 31.69 -29.85
CA ALA A 1436 -12.03 32.73 -30.70
C ALA A 1436 -11.75 32.23 -32.11
N GLY A 1437 -12.28 31.06 -32.49
CA GLY A 1437 -12.14 30.55 -33.82
C GLY A 1437 -10.87 29.78 -34.10
N TYR A 1438 -9.92 29.75 -33.17
CA TYR A 1438 -8.69 29.02 -33.39
C TYR A 1438 -8.97 27.53 -33.54
N GLU A 1439 -7.97 26.82 -34.04
CA GLU A 1439 -8.10 25.39 -34.25
C GLU A 1439 -7.76 24.62 -32.97
N PRO A 1440 -8.32 23.42 -32.81
CA PRO A 1440 -8.10 22.67 -31.57
C PRO A 1440 -6.65 22.26 -31.43
N LEU A 1441 -6.31 21.83 -30.21
CA LEU A 1441 -4.95 21.41 -29.88
C LEU A 1441 -4.79 19.93 -30.22
N PRO A 1442 -3.81 19.57 -31.06
CA PRO A 1442 -3.77 18.17 -31.55
C PRO A 1442 -3.69 17.14 -30.43
N THR A 1443 -2.79 17.33 -29.46
CA THR A 1443 -2.61 16.32 -28.42
C THR A 1443 -3.75 16.30 -27.42
N LEU A 1444 -4.62 17.30 -27.40
CA LEU A 1444 -5.87 17.18 -26.65
C LEU A 1444 -6.89 16.37 -27.45
N ALA A 1445 -7.10 16.74 -28.71
CA ALA A 1445 -7.94 15.96 -29.61
C ALA A 1445 -7.40 14.55 -29.83
N ASP A 1446 -6.14 14.31 -29.46
CA ASP A 1446 -5.49 13.03 -29.66
C ASP A 1446 -5.88 12.00 -28.60
N GLY A 1447 -6.30 12.44 -27.43
CA GLY A 1447 -6.51 11.55 -26.31
C GLY A 1447 -5.26 11.22 -25.53
N SER A 1448 -4.08 11.61 -26.03
CA SER A 1448 -2.84 11.33 -25.33
C SER A 1448 -2.72 12.13 -24.04
N VAL A 1449 -3.09 13.41 -24.09
CA VAL A 1449 -3.00 14.25 -22.89
C VAL A 1449 -3.98 13.76 -21.83
N LEU A 1450 -5.15 13.30 -22.24
CA LEU A 1450 -6.11 12.75 -21.29
C LEU A 1450 -5.54 11.52 -20.59
N ARG A 1451 -4.87 10.65 -21.34
CA ARG A 1451 -4.23 9.49 -20.72
C ARG A 1451 -3.11 9.94 -19.78
N ASP A 1452 -2.28 10.88 -20.22
CA ASP A 1452 -1.22 11.39 -19.36
C ASP A 1452 -1.80 12.05 -18.11
N CYS A 1453 -2.86 12.85 -18.27
CA CYS A 1453 -3.45 13.51 -17.11
C CYS A 1453 -4.10 12.50 -16.18
N ASP A 1454 -4.74 11.47 -16.73
CA ASP A 1454 -5.33 10.44 -15.89
C ASP A 1454 -4.26 9.71 -15.08
N ALA A 1455 -3.07 9.55 -15.65
CA ALA A 1455 -1.99 8.89 -14.92
C ALA A 1455 -1.52 9.71 -13.72
N LEU A 1456 -1.55 11.03 -13.83
CA LEU A 1456 -1.23 11.91 -12.71
C LEU A 1456 -2.28 11.83 -11.60
N MSE A 1457 -3.43 11.20 -11.85
CA MSE A 1457 -4.47 11.08 -10.84
C MSE A 1457 -4.40 9.74 -10.11
O MSE A 1457 -4.97 8.75 -10.56
CB MSE A 1457 -5.85 11.24 -11.47
CG MSE A 1457 -6.05 12.53 -12.27
SE MSE A 1457 -5.70 14.17 -11.29
CE MSE A 1457 -6.49 13.69 -9.59
H MSE A 1457 -3.62 10.83 -12.60
HA MSE A 1457 -4.34 11.79 -10.20
HB2 MSE A 1457 -6.00 10.50 -12.08
HB3 MSE A 1457 -6.52 11.24 -10.77
HG2 MSE A 1457 -5.45 12.52 -13.04
HG3 MSE A 1457 -6.97 12.56 -12.58
HE1 MSE A 1457 -6.03 12.90 -9.24
HE2 MSE A 1457 -6.39 14.43 -8.97
HE3 MSE A 1457 -7.44 13.49 -9.72
N GLY A 1458 -3.68 9.71 -9.00
CA GLY A 1458 -3.58 8.50 -8.20
C GLY A 1458 -4.77 8.32 -7.28
N SER A 1459 -4.90 7.10 -6.77
CA SER A 1459 -6.04 6.74 -5.93
C SER A 1459 -6.14 7.59 -4.67
N ASN A 1460 -5.09 8.35 -4.31
CA ASN A 1460 -5.11 9.16 -3.10
C ASN A 1460 -4.76 10.62 -3.39
N SER A 1461 -4.86 11.05 -4.65
CA SER A 1461 -4.58 12.43 -4.99
C SER A 1461 -5.54 13.36 -4.26
N SER A 1462 -5.03 14.50 -3.81
CA SER A 1462 -5.78 15.41 -2.96
C SER A 1462 -7.07 15.87 -3.65
N SER A 1463 -7.88 16.61 -2.90
CA SER A 1463 -9.12 17.15 -3.45
C SER A 1463 -8.84 18.30 -4.39
N ALA A 1464 -7.86 19.15 -4.04
CA ALA A 1464 -7.52 20.27 -4.91
C ALA A 1464 -7.11 19.79 -6.30
N ARG A 1465 -6.43 18.64 -6.37
CA ARG A 1465 -6.04 18.12 -7.67
C ARG A 1465 -7.24 17.51 -8.40
N GLN A 1466 -8.15 16.88 -7.68
CA GLN A 1466 -9.38 16.38 -8.30
C GLN A 1466 -10.19 17.53 -8.88
N LEU A 1467 -10.31 18.63 -8.15
CA LEU A 1467 -11.06 19.78 -8.67
C LEU A 1467 -10.45 20.30 -9.95
N ALA A 1468 -9.13 20.50 -9.95
CA ALA A 1468 -8.46 21.04 -11.14
C ALA A 1468 -8.62 20.10 -12.33
N HIS A 1469 -8.56 18.79 -12.09
CA HIS A 1469 -8.77 17.84 -13.17
C HIS A 1469 -10.20 17.92 -13.71
N MSE A 1470 -11.18 18.09 -12.82
CA MSE A 1470 -12.57 18.25 -13.23
C MSE A 1470 -12.78 19.55 -13.99
O MSE A 1470 -13.50 19.59 -14.99
CB MSE A 1470 -13.50 18.20 -12.02
CG MSE A 1470 -14.08 16.82 -11.75
SE MSE A 1470 -15.09 16.74 -10.09
CE MSE A 1470 -15.18 14.81 -9.86
H MSE A 1470 -11.06 18.12 -11.97
HA MSE A 1470 -12.80 17.51 -13.82
HB2 MSE A 1470 -13.00 18.47 -11.23
HB3 MSE A 1470 -14.24 18.80 -12.17
HG2 MSE A 1470 -14.67 16.58 -12.48
HG3 MSE A 1470 -13.35 16.18 -11.69
HE1 MSE A 1470 -14.30 14.47 -9.68
HE2 MSE A 1470 -15.77 14.61 -9.12
HE3 MSE A 1470 -15.54 14.42 -10.68
N HIS A 1471 -12.18 20.64 -13.50
CA HIS A 1471 -12.25 21.92 -14.19
C HIS A 1471 -11.69 21.82 -15.60
N MSE A 1472 -10.59 21.08 -15.76
CA MSE A 1472 -9.98 20.88 -17.07
C MSE A 1472 -10.97 20.19 -18.00
O MSE A 1472 -11.21 20.63 -19.12
CB MSE A 1472 -8.70 20.06 -16.94
CG MSE A 1472 -7.81 20.10 -18.18
SE MSE A 1472 -6.40 18.74 -18.16
CE MSE A 1472 -7.31 17.34 -19.18
H MSE A 1472 -10.18 20.68 -15.11
HA MSE A 1472 -9.73 21.74 -17.44
HB2 MSE A 1472 -8.18 20.40 -16.20
HB3 MSE A 1472 -8.94 19.14 -16.79
HG2 MSE A 1472 -8.36 19.95 -18.96
HG3 MSE A 1472 -7.39 20.97 -18.23
HE1 MSE A 1472 -7.39 17.63 -20.11
HE2 MSE A 1472 -6.80 16.53 -19.12
HE3 MSE A 1472 -8.19 17.20 -18.81
N ILE A 1473 -11.57 19.10 -17.51
CA ILE A 1473 -12.52 18.35 -18.31
C ILE A 1473 -13.75 19.20 -18.60
N GLU A 1474 -14.24 19.93 -17.60
CA GLU A 1474 -15.37 20.83 -17.82
C GLU A 1474 -15.06 21.81 -18.95
N LYS A 1475 -13.93 22.51 -18.85
CA LYS A 1475 -13.59 23.49 -19.88
C LYS A 1475 -13.46 22.83 -21.25
N MSE A 1476 -12.91 21.62 -21.30
CA MSE A 1476 -12.78 20.90 -22.56
C MSE A 1476 -14.15 20.57 -23.15
O MSE A 1476 -14.34 20.61 -24.36
CB MSE A 1476 -11.97 19.62 -22.36
CG MSE A 1476 -10.47 19.87 -22.19
SE MSE A 1476 -9.48 18.20 -22.08
CE MSE A 1476 -9.82 17.53 -23.86
H MSE A 1476 -12.62 21.19 -20.62
HA MSE A 1476 -12.29 21.46 -23.19
HB2 MSE A 1476 -12.28 19.17 -21.57
HB3 MSE A 1476 -12.09 19.06 -23.14
HG2 MSE A 1476 -10.14 20.36 -22.96
HG3 MSE A 1476 -10.32 20.37 -21.38
HE1 MSE A 1476 -9.54 18.19 -24.51
HE2 MSE A 1476 -9.33 16.71 -24.00
HE3 MSE A 1476 -10.78 17.36 -23.96
N LEU A 1477 -15.09 20.23 -22.27
CA LEU A 1477 -16.46 19.97 -22.71
C LEU A 1477 -17.12 21.25 -23.21
N LEU A 1478 -16.97 22.35 -22.47
CA LEU A 1478 -17.59 23.60 -22.88
C LEU A 1478 -17.09 24.06 -24.24
N SER A 1479 -15.84 23.76 -24.58
CA SER A 1479 -15.30 24.16 -25.86
C SER A 1479 -15.92 23.40 -27.03
N LYS A 1480 -16.53 22.24 -26.76
CA LYS A 1480 -17.21 21.44 -27.78
C LYS A 1480 -16.26 21.07 -28.93
N ALA A 1481 -14.96 20.99 -28.63
CA ALA A 1481 -13.96 20.71 -29.64
C ALA A 1481 -13.26 19.37 -29.45
N TYR A 1482 -13.56 18.64 -28.37
CA TYR A 1482 -12.77 17.47 -28.01
C TYR A 1482 -13.65 16.29 -27.59
N ASN A 1483 -14.87 16.20 -28.12
CA ASN A 1483 -15.76 15.12 -27.75
C ASN A 1483 -15.18 13.76 -28.18
N ASP A 1484 -14.62 13.69 -29.39
CA ASP A 1484 -14.03 12.43 -29.83
C ASP A 1484 -13.04 11.89 -28.80
N ALA A 1485 -12.09 12.73 -28.38
CA ALA A 1485 -11.08 12.28 -27.43
C ALA A 1485 -11.70 11.98 -26.07
N LEU A 1486 -12.67 12.80 -25.64
CA LEU A 1486 -13.26 12.61 -24.32
C LEU A 1486 -14.07 11.32 -24.25
N ILE A 1487 -14.77 10.98 -25.35
CA ILE A 1487 -15.46 9.69 -25.40
C ILE A 1487 -14.46 8.55 -25.47
N GLN A 1488 -13.47 8.66 -26.35
CA GLN A 1488 -12.48 7.60 -26.54
C GLN A 1488 -11.83 7.21 -25.22
N GLU A 1489 -11.38 8.20 -24.45
CA GLU A 1489 -10.69 7.95 -23.19
C GLU A 1489 -11.64 7.86 -22.00
N GLN A 1490 -12.94 7.91 -22.25
CA GLN A 1490 -13.94 7.65 -21.21
C GLN A 1490 -13.75 8.58 -20.00
N ALA A 1491 -13.53 9.87 -20.29
CA ALA A 1491 -13.25 10.83 -19.22
C ALA A 1491 -14.36 10.85 -18.18
N LEU A 1492 -15.62 10.98 -18.63
CA LEU A 1492 -16.72 11.12 -17.70
C LEU A 1492 -16.86 9.91 -16.79
N LYS A 1493 -16.78 8.71 -17.36
CA LYS A 1493 -16.85 7.49 -16.57
C LYS A 1493 -15.77 7.50 -15.48
N LYS A 1494 -14.54 7.82 -15.87
CA LYS A 1494 -13.44 7.81 -14.90
C LYS A 1494 -13.67 8.83 -13.79
N LEU A 1495 -14.14 10.02 -14.14
CA LEU A 1495 -14.45 11.03 -13.13
C LEU A 1495 -15.49 10.51 -12.14
N THR A 1496 -16.57 9.92 -12.66
CA THR A 1496 -17.58 9.36 -11.76
C THR A 1496 -16.99 8.30 -10.84
N MSE A 1497 -16.16 7.42 -11.39
CA MSE A 1497 -15.48 6.40 -10.59
C MSE A 1497 -14.69 7.03 -9.45
O MSE A 1497 -14.80 6.61 -8.30
CB MSE A 1497 -14.55 5.55 -11.46
CG MSE A 1497 -15.26 4.67 -12.47
SE MSE A 1497 -16.44 3.38 -11.62
CE MSE A 1497 -17.30 2.66 -13.21
H MSE A 1497 -15.95 7.39 -12.23
HA MSE A 1497 -16.16 5.81 -10.22
HB2 MSE A 1497 -13.97 6.15 -11.96
HB3 MSE A 1497 -14.02 4.98 -10.89
HG2 MSE A 1497 -15.79 5.21 -13.06
HG3 MSE A 1497 -14.60 4.17 -12.98
HE1 MSE A 1497 -16.73 1.96 -13.57
HE2 MSE A 1497 -18.16 2.30 -12.97
HE3 MSE A 1497 -17.40 3.37 -13.86
N SER A 1498 -13.88 8.03 -9.78
CA SER A 1498 -13.07 8.69 -8.75
C SER A 1498 -13.98 9.28 -7.67
N LEU A 1499 -15.03 10.00 -8.07
CA LEU A 1499 -15.97 10.54 -7.08
C LEU A 1499 -16.63 9.40 -6.29
N LYS A 1500 -16.91 8.28 -6.96
CA LYS A 1500 -17.43 7.11 -6.26
C LYS A 1500 -16.45 6.63 -5.21
N ALA A 1501 -15.16 6.54 -5.56
CA ALA A 1501 -14.16 6.01 -4.65
C ALA A 1501 -14.06 6.86 -3.38
N GLU A 1502 -14.18 8.19 -3.52
CA GLU A 1502 -13.99 9.06 -2.36
C GLU A 1502 -15.08 8.90 -1.32
N ASP A 1503 -16.25 8.37 -1.70
CA ASP A 1503 -17.28 8.04 -0.72
C ASP A 1503 -17.08 6.65 -0.12
N ASP A 1504 -16.38 5.75 -0.83
CA ASP A 1504 -15.89 4.52 -0.23
C ASP A 1504 -14.85 4.84 0.83
N LYS A 1505 -13.72 5.42 0.40
CA LYS A 1505 -12.65 5.79 1.32
C LYS A 1505 -13.19 6.64 2.46
N LYS A 1506 -13.97 7.66 2.14
CA LYS A 1506 -14.53 8.57 3.15
C LYS A 1506 -13.41 9.26 3.92
N ARG A 1507 -12.47 9.85 3.16
CA ARG A 1507 -11.29 10.48 3.74
C ARG A 1507 -11.37 12.00 3.74
N PHE A 1508 -11.94 12.59 2.69
CA PHE A 1508 -12.11 14.03 2.66
C PHE A 1508 -13.14 14.47 3.71
N SER A 1509 -13.22 15.77 3.91
CA SER A 1509 -14.23 16.37 4.77
C SER A 1509 -15.50 16.65 3.96
N ASP A 1510 -16.63 16.64 4.65
CA ASP A 1510 -17.91 16.88 3.97
C ASP A 1510 -17.89 18.16 3.14
N GLU A 1511 -17.18 19.20 3.62
CA GLU A 1511 -17.04 20.40 2.82
C GLU A 1511 -16.26 20.13 1.55
N GLU A 1512 -15.23 19.29 1.63
CA GLU A 1512 -14.43 18.98 0.45
C GLU A 1512 -15.22 18.16 -0.57
N ARG A 1513 -16.02 17.20 -0.08
CA ARG A 1513 -16.87 16.44 -1.00
C ARG A 1513 -17.98 17.31 -1.58
N ALA A 1514 -18.46 18.29 -0.82
CA ALA A 1514 -19.37 19.29 -1.38
C ALA A 1514 -18.80 19.89 -2.65
N GLY A 1515 -17.53 20.30 -2.60
CA GLY A 1515 -16.91 20.90 -3.78
C GLY A 1515 -16.78 19.91 -4.92
N LEU A 1516 -16.47 18.65 -4.62
CA LEU A 1516 -16.33 17.65 -5.67
C LEU A 1516 -17.65 17.41 -6.38
N TYR A 1517 -18.73 17.20 -5.62
CA TYR A 1517 -20.04 16.97 -6.23
C TYR A 1517 -20.54 18.24 -6.94
N ALA A 1518 -20.40 19.40 -6.29
CA ALA A 1518 -20.71 20.65 -6.96
C ALA A 1518 -19.95 20.75 -8.28
N ALA A 1519 -18.65 20.42 -8.26
CA ALA A 1519 -17.86 20.47 -9.47
C ALA A 1519 -18.34 19.47 -10.50
N MSE A 1520 -18.75 18.27 -10.05
CA MSE A 1520 -19.24 17.25 -10.96
C MSE A 1520 -20.55 17.70 -11.61
O MSE A 1520 -20.78 17.46 -12.79
CB MSE A 1520 -19.45 15.93 -10.23
CG MSE A 1520 -19.63 14.74 -11.17
SE MSE A 1520 -18.02 14.40 -12.22
CE MSE A 1520 -18.84 13.46 -13.73
H MSE A 1520 -18.73 18.04 -9.22
HA MSE A 1520 -18.58 17.10 -11.65
HB2 MSE A 1520 -18.68 15.75 -9.67
HB3 MSE A 1520 -20.24 16.00 -9.68
HG2 MSE A 1520 -19.82 13.95 -10.64
HG3 MSE A 1520 -20.36 14.93 -11.77
HE1 MSE A 1520 -19.48 14.05 -14.15
HE2 MSE A 1520 -18.14 13.21 -14.36
HE3 MSE A 1520 -19.28 12.67 -13.41
N ALA A 1521 -21.41 18.35 -10.81
CA ALA A 1521 -22.64 18.90 -11.36
C ALA A 1521 -22.34 19.84 -12.53
N CYS A 1522 -21.29 20.65 -12.40
CA CYS A 1522 -20.93 21.58 -13.46
C CYS A 1522 -20.31 20.84 -14.65
N VAL A 1523 -19.61 19.73 -14.41
CA VAL A 1523 -19.06 18.95 -15.51
C VAL A 1523 -20.19 18.33 -16.33
N LEU A 1524 -21.16 17.72 -15.65
CA LEU A 1524 -22.30 17.14 -16.35
C LEU A 1524 -23.10 18.20 -17.08
N LEU A 1525 -23.20 19.40 -16.50
CA LEU A 1525 -23.83 20.51 -17.21
C LEU A 1525 -23.14 20.76 -18.55
N ALA A 1526 -21.81 20.79 -18.55
CA ALA A 1526 -21.07 21.01 -19.80
C ALA A 1526 -21.24 19.83 -20.75
N ALA A 1527 -21.26 18.60 -20.20
CA ALA A 1527 -21.51 17.44 -21.03
C ALA A 1527 -22.84 17.55 -21.75
N GLY A 1528 -23.90 17.92 -21.01
CA GLY A 1528 -25.19 18.13 -21.65
C GLY A 1528 -25.12 19.11 -22.81
N GLY A 1529 -24.46 20.25 -22.58
CA GLY A 1529 -24.29 21.22 -23.65
C GLY A 1529 -23.44 20.68 -24.79
N ALA A 1530 -22.44 19.87 -24.46
CA ALA A 1530 -21.57 19.30 -25.48
C ALA A 1530 -22.27 18.26 -26.33
N GLY A 1531 -23.41 17.73 -25.87
CA GLY A 1531 -24.15 16.74 -26.63
C GLY A 1531 -23.72 15.33 -26.33
N LEU A 1532 -23.41 15.05 -25.06
CA LEU A 1532 -22.89 13.76 -24.65
C LEU A 1532 -23.79 13.07 -23.64
N THR A 1533 -25.11 13.30 -23.75
CA THR A 1533 -26.04 12.59 -22.87
C THR A 1533 -26.04 11.09 -23.16
N GLY A 1534 -25.82 10.70 -24.42
CA GLY A 1534 -25.63 9.30 -24.71
C GLY A 1534 -24.50 8.68 -23.90
N GLU A 1535 -23.43 9.45 -23.68
CA GLU A 1535 -22.29 8.95 -22.92
C GLU A 1535 -22.63 8.76 -21.45
N MSE A 1536 -23.36 9.70 -20.87
CA MSE A 1536 -23.66 9.65 -19.44
C MSE A 1536 -24.48 8.43 -19.05
O MSE A 1536 -24.48 8.02 -17.89
CB MSE A 1536 -24.42 10.89 -18.99
CG MSE A 1536 -23.81 12.21 -19.43
SE MSE A 1536 -24.76 13.70 -18.60
CE MSE A 1536 -24.51 15.00 -20.03
H MSE A 1536 -23.68 10.39 -21.27
HA MSE A 1536 -22.81 9.61 -18.98
HB2 MSE A 1536 -25.32 10.86 -19.36
HB3 MSE A 1536 -24.46 10.90 -18.02
HG2 MSE A 1536 -22.88 12.23 -19.15
HG3 MSE A 1536 -23.87 12.29 -20.39
HE1 MSE A 1536 -23.74 14.74 -20.57
HE2 MSE A 1536 -25.31 15.01 -20.58
HE3 MSE A 1536 -24.37 15.87 -19.64
N GLU A 1537 -25.20 7.86 -20.02
CA GLU A 1537 -26.08 6.72 -19.74
C GLU A 1537 -25.37 5.38 -19.88
N LYS A 1538 -24.26 5.31 -20.61
CA LYS A 1538 -23.46 4.09 -20.60
C LYS A 1538 -23.10 3.70 -19.17
N PHE A 1539 -22.67 4.68 -18.37
CA PHE A 1539 -22.54 4.55 -16.94
C PHE A 1539 -23.72 5.28 -16.29
N ASN A 1540 -23.72 5.35 -14.97
CA ASN A 1540 -24.83 5.97 -14.24
C ASN A 1540 -24.53 7.45 -13.98
N GLY A 1541 -24.47 8.19 -15.09
CA GLY A 1541 -24.22 9.61 -15.04
C GLY A 1541 -25.28 10.38 -14.27
N PHE A 1542 -26.54 10.24 -14.69
CA PHE A 1542 -27.62 10.95 -14.01
C PHE A 1542 -27.64 10.65 -12.52
N GLU A 1543 -27.37 9.39 -12.16
CA GLU A 1543 -27.40 9.00 -10.76
C GLU A 1543 -26.45 9.84 -9.90
N VAL A 1544 -25.45 10.47 -10.51
CA VAL A 1544 -24.55 11.32 -9.75
C VAL A 1544 -25.29 12.54 -9.21
N VAL A 1545 -26.15 13.14 -10.04
CA VAL A 1545 -26.93 14.29 -9.57
C VAL A 1545 -27.86 13.86 -8.45
N LEU A 1546 -28.47 12.68 -8.58
CA LEU A 1546 -29.37 12.19 -7.53
C LEU A 1546 -28.61 11.93 -6.24
N GLN A 1547 -27.41 11.36 -6.32
CA GLN A 1547 -26.59 11.20 -5.12
C GLN A 1547 -26.31 12.54 -4.46
N ALA A 1548 -25.97 13.55 -5.25
CA ALA A 1548 -25.71 14.88 -4.70
C ALA A 1548 -26.92 15.42 -3.95
N ILE A 1549 -28.11 15.26 -4.52
CA ILE A 1549 -29.32 15.73 -3.85
C ILE A 1549 -29.49 15.04 -2.50
N GLU A 1550 -29.26 13.74 -2.47
CA GLU A 1550 -29.58 12.96 -1.26
C GLU A 1550 -28.64 13.29 -0.11
N GLU A 1551 -27.35 13.41 -0.39
CA GLU A 1551 -26.36 13.62 0.65
C GLU A 1551 -26.07 15.08 0.94
N PHE A 1552 -26.40 15.97 0.00
CA PHE A 1552 -26.12 17.40 0.14
C PHE A 1552 -27.38 18.25 -0.04
N GLY A 1553 -28.56 17.66 0.12
CA GLY A 1553 -29.79 18.40 -0.03
C GLY A 1553 -29.83 19.67 0.80
N GLU A 1554 -29.13 19.69 1.94
CA GLU A 1554 -29.09 20.86 2.80
C GLU A 1554 -28.01 21.85 2.41
N ASN A 1555 -27.15 21.51 1.45
CA ASN A 1555 -26.05 22.38 1.06
C ASN A 1555 -26.51 23.27 -0.08
N PRO A 1556 -26.74 24.58 0.15
CA PRO A 1556 -27.19 25.44 -0.96
C PRO A 1556 -26.25 25.44 -2.15
N THR A 1557 -24.93 25.49 -1.91
CA THR A 1557 -23.99 25.66 -3.01
C THR A 1557 -23.88 24.42 -3.88
N VAL A 1558 -24.29 23.25 -3.38
CA VAL A 1558 -24.38 22.06 -4.21
C VAL A 1558 -25.69 22.08 -5.01
N ILE A 1559 -26.81 22.27 -4.32
CA ILE A 1559 -28.11 22.23 -5.00
C ILE A 1559 -28.23 23.34 -6.03
N LYS A 1560 -27.63 24.50 -5.76
CA LYS A 1560 -27.56 25.55 -6.77
C LYS A 1560 -27.00 25.01 -8.08
N GLU A 1561 -25.83 24.37 -8.02
CA GLU A 1561 -25.24 23.79 -9.23
C GLU A 1561 -26.07 22.60 -9.73
N VAL A 1562 -26.71 21.86 -8.84
CA VAL A 1562 -27.54 20.73 -9.27
C VAL A 1562 -28.72 21.22 -10.09
N ASN A 1563 -29.37 22.31 -9.65
CA ASN A 1563 -30.50 22.85 -10.39
C ASN A 1563 -30.08 23.30 -11.79
N ARG A 1564 -29.01 24.09 -11.86
CA ARG A 1564 -28.52 24.55 -13.16
C ARG A 1564 -28.11 23.39 -14.03
N ALA A 1565 -27.59 22.31 -13.44
CA ALA A 1565 -27.23 21.13 -14.21
C ALA A 1565 -28.48 20.46 -14.78
N LEU A 1566 -29.45 20.15 -13.92
CA LEU A 1566 -30.69 19.53 -14.38
C LEU A 1566 -31.36 20.39 -15.45
N GLN A 1567 -31.28 21.71 -15.32
CA GLN A 1567 -31.87 22.58 -16.33
C GLN A 1567 -31.18 22.39 -17.67
N GLY A 1568 -29.84 22.36 -17.68
CA GLY A 1568 -29.13 22.24 -18.94
C GLY A 1568 -29.20 20.85 -19.53
N LEU A 1569 -29.16 19.82 -18.67
CA LEU A 1569 -29.37 18.46 -19.16
C LEU A 1569 -30.74 18.30 -19.79
N SER A 1570 -31.77 18.86 -19.15
CA SER A 1570 -33.13 18.71 -19.66
C SER A 1570 -33.29 19.36 -21.03
N MSE A 1571 -32.86 20.60 -21.18
CA MSE A 1571 -33.04 21.30 -22.44
C MSE A 1571 -32.11 20.75 -23.52
O MSE A 1571 -32.17 21.18 -24.68
CB MSE A 1571 -32.85 22.82 -22.28
CG MSE A 1571 -31.43 23.31 -22.15
SE MSE A 1571 -31.40 25.22 -22.58
CE MSE A 1571 -31.28 25.08 -24.51
H MSE A 1571 -32.45 21.07 -20.57
HA MSE A 1571 -33.96 21.17 -22.73
HB2 MSE A 1571 -33.23 23.25 -23.05
HB3 MSE A 1571 -33.33 23.09 -21.47
HG2 MSE A 1571 -31.12 23.19 -21.24
HG3 MSE A 1571 -30.86 22.85 -22.77
HE1 MSE A 1571 -32.09 25.44 -24.91
HE2 MSE A 1571 -30.51 25.59 -24.82
HE3 MSE A 1571 -31.18 24.14 -24.75
N ALA A 1572 -31.25 19.81 -23.14
CA ALA A 1572 -30.39 19.13 -24.09
C ALA A 1572 -31.01 17.86 -24.65
N ASP A 1573 -31.80 17.13 -23.85
CA ASP A 1573 -32.29 15.83 -24.23
C ASP A 1573 -33.67 15.59 -23.64
N VAL A 1574 -34.53 14.90 -24.41
CA VAL A 1574 -35.89 14.66 -23.95
C VAL A 1574 -35.92 13.64 -22.83
N ASN A 1575 -35.04 12.65 -22.86
CA ASN A 1575 -35.04 11.63 -21.82
C ASN A 1575 -34.41 12.15 -20.53
N MSE A 1576 -33.48 13.10 -20.61
CA MSE A 1576 -32.96 13.75 -19.42
C MSE A 1576 -34.06 14.63 -18.81
O MSE A 1576 -34.14 14.80 -17.60
CB MSE A 1576 -31.71 14.58 -19.75
CG MSE A 1576 -30.50 13.73 -20.08
SE MSE A 1576 -29.85 12.65 -18.58
CE MSE A 1576 -28.98 14.04 -17.56
H MSE A 1576 -33.14 13.38 -21.35
HA MSE A 1576 -32.68 13.10 -18.77
HB2 MSE A 1576 -31.90 15.14 -20.50
HB3 MSE A 1576 -31.49 15.12 -18.97
HG2 MSE A 1576 -30.73 13.12 -20.81
HG3 MSE A 1576 -29.77 14.32 -20.36
HE1 MSE A 1576 -29.66 14.54 -17.07
HE2 MSE A 1576 -28.36 13.63 -16.94
HE3 MSE A 1576 -28.51 14.63 -18.17
N THR A 1577 -34.92 15.20 -19.68
CA THR A 1577 -36.09 15.90 -19.19
C THR A 1577 -36.98 14.96 -18.37
N ALA A 1578 -37.27 13.78 -18.90
CA ALA A 1578 -38.14 12.84 -18.20
C ALA A 1578 -37.58 12.48 -16.83
N ARG A 1579 -36.32 12.02 -16.78
CA ARG A 1579 -35.75 11.59 -15.51
C ARG A 1579 -35.70 12.73 -14.51
N THR A 1580 -35.57 13.97 -14.98
CA THR A 1580 -35.66 15.11 -14.07
C THR A 1580 -37.06 15.24 -13.49
N VAL A 1581 -38.09 15.07 -14.33
CA VAL A 1581 -39.46 15.14 -13.86
C VAL A 1581 -39.77 13.96 -12.93
N LYS A 1582 -39.47 12.75 -13.38
CA LYS A 1582 -39.91 11.56 -12.66
C LYS A 1582 -39.02 11.17 -11.49
N GLU A 1583 -37.75 11.59 -11.49
CA GLU A 1583 -36.81 11.13 -10.49
C GLU A 1583 -36.15 12.25 -9.70
N ALA A 1584 -35.74 13.34 -10.35
CA ALA A 1584 -34.93 14.35 -9.70
C ALA A 1584 -35.76 15.41 -8.97
N VAL A 1585 -36.81 15.92 -9.62
CA VAL A 1585 -37.66 16.92 -8.96
C VAL A 1585 -38.31 16.35 -7.72
N PRO A 1586 -38.83 15.12 -7.71
CA PRO A 1586 -39.28 14.52 -6.45
C PRO A 1586 -38.23 14.55 -5.36
N LYS A 1587 -36.95 14.43 -5.72
CA LYS A 1587 -35.88 14.53 -4.73
C LYS A 1587 -35.66 15.98 -4.30
N LEU A 1588 -35.68 16.91 -5.25
CA LEU A 1588 -35.49 18.31 -4.91
C LEU A 1588 -36.58 18.80 -3.96
N CYS A 1589 -37.84 18.48 -4.26
CA CYS A 1589 -38.95 18.98 -3.48
C CYS A 1589 -39.11 18.30 -2.13
N THR A 1590 -38.31 17.27 -1.84
CA THR A 1590 -38.35 16.59 -0.56
C THR A 1590 -37.00 16.63 0.15
N GLU A 1591 -35.95 16.07 -0.46
CA GLU A 1591 -34.65 15.99 0.21
C GLU A 1591 -33.91 17.31 0.18
N ALA A 1592 -34.19 18.18 -0.80
CA ALA A 1592 -33.57 19.49 -0.89
C ALA A 1592 -34.60 20.61 -0.75
N THR A 1593 -35.76 20.33 -0.17
CA THR A 1593 -36.83 21.32 -0.14
C THR A 1593 -36.44 22.52 0.72
N THR A 1594 -35.81 22.29 1.87
CA THR A 1594 -35.48 23.41 2.75
C THR A 1594 -34.44 24.33 2.13
N ALA A 1595 -33.55 23.78 1.29
CA ALA A 1595 -32.52 24.59 0.66
C ALA A 1595 -33.12 25.48 -0.42
N ILE A 1596 -33.92 24.89 -1.32
CA ILE A 1596 -34.63 25.68 -2.33
C ILE A 1596 -35.50 26.72 -1.65
N GLN A 1597 -35.94 26.44 -0.42
CA GLN A 1597 -36.84 27.34 0.30
C GLN A 1597 -36.09 28.50 0.94
N THR A 1598 -34.89 28.25 1.45
CA THR A 1598 -34.19 29.19 2.32
C THR A 1598 -33.10 29.97 1.61
N ASP A 1599 -32.50 29.42 0.56
CA ASP A 1599 -31.39 30.05 -0.12
C ASP A 1599 -31.87 30.72 -1.40
N ALA A 1600 -31.55 32.02 -1.54
CA ALA A 1600 -32.04 32.80 -2.67
C ALA A 1600 -31.62 32.19 -4.01
N GLU A 1601 -30.40 31.66 -4.09
CA GLU A 1601 -29.91 31.15 -5.36
C GLU A 1601 -30.51 29.80 -5.70
N CYS A 1602 -30.70 28.94 -4.70
CA CYS A 1602 -31.41 27.69 -4.94
C CYS A 1602 -32.85 27.95 -5.35
N ALA A 1603 -33.51 28.89 -4.68
CA ALA A 1603 -34.89 29.22 -5.04
C ALA A 1603 -34.97 29.75 -6.47
N ASP A 1604 -34.03 30.62 -6.84
CA ASP A 1604 -34.10 31.24 -8.16
C ASP A 1604 -33.70 30.27 -9.26
N THR A 1605 -32.76 29.37 -8.99
CA THR A 1605 -32.39 28.37 -9.98
C THR A 1605 -33.40 27.24 -10.05
N PHE A 1606 -34.04 26.89 -8.93
CA PHE A 1606 -35.13 25.92 -8.99
C PHE A 1606 -36.26 26.44 -9.87
N CYS A 1607 -36.62 27.71 -9.72
CA CYS A 1607 -37.65 28.30 -10.57
C CYS A 1607 -37.22 28.31 -12.02
N ASP A 1608 -35.94 28.60 -12.28
CA ASP A 1608 -35.44 28.57 -13.65
C ASP A 1608 -35.54 27.17 -14.25
N LEU A 1609 -35.29 26.14 -13.44
CA LEU A 1609 -35.39 24.77 -13.92
C LEU A 1609 -36.84 24.40 -14.21
N MSE A 1610 -37.73 24.65 -13.25
CA MSE A 1610 -39.14 24.38 -13.41
C MSE A 1610 -39.68 25.06 -14.67
O MSE A 1610 -40.49 24.49 -15.40
CB MSE A 1610 -39.92 24.85 -12.19
CG MSE A 1610 -39.63 24.05 -10.94
SE MSE A 1610 -40.31 22.24 -11.08
CE MSE A 1610 -42.22 22.67 -11.11
H MSE A 1610 -37.53 24.97 -12.49
HA MSE A 1610 -39.29 23.42 -13.50
HB2 MSE A 1610 -39.68 25.77 -12.01
HB3 MSE A 1610 -40.87 24.78 -12.37
HG2 MSE A 1610 -38.66 24.01 -10.80
HG3 MSE A 1610 -40.05 24.48 -10.18
HE1 MSE A 1610 -42.42 23.15 -11.93
HE2 MSE A 1610 -42.73 21.84 -11.07
HE3 MSE A 1610 -42.43 23.22 -10.34
N LEU A 1611 -39.19 26.28 -14.93
CA LEU A 1611 -39.64 27.00 -16.12
C LEU A 1611 -39.15 26.32 -17.39
N GLN A 1612 -37.98 25.70 -17.35
CA GLN A 1612 -37.52 24.90 -18.49
C GLN A 1612 -38.39 23.65 -18.66
N LEU A 1613 -38.73 22.98 -17.56
CA LEU A 1613 -39.48 21.74 -17.65
C LEU A 1613 -40.91 21.99 -18.13
N VAL A 1614 -41.59 22.98 -17.54
CA VAL A 1614 -42.99 23.24 -17.90
C VAL A 1614 -43.14 23.82 -19.30
N SER A 1615 -42.05 24.26 -19.92
CA SER A 1615 -42.15 24.83 -21.26
C SER A 1615 -42.47 23.78 -22.32
N GLN A 1616 -42.49 22.50 -21.97
CA GLN A 1616 -42.75 21.41 -22.90
C GLN A 1616 -44.05 20.72 -22.52
N GLU A 1617 -44.89 20.45 -23.53
CA GLU A 1617 -46.19 19.87 -23.31
C GLU A 1617 -46.10 18.58 -22.49
N GLY A 1618 -47.05 18.41 -21.58
CA GLY A 1618 -47.16 17.21 -20.78
C GLY A 1618 -46.41 17.22 -19.47
N ASN A 1619 -45.43 18.11 -19.31
CA ASN A 1619 -44.62 18.11 -18.11
C ASN A 1619 -45.33 18.78 -16.94
N GLY A 1620 -46.00 19.90 -17.19
CA GLY A 1620 -46.73 20.58 -16.13
C GLY A 1620 -47.67 19.65 -15.39
N ARG A 1621 -48.35 18.76 -16.13
CA ARG A 1621 -49.28 17.83 -15.52
C ARG A 1621 -48.58 16.93 -14.50
N GLN A 1622 -47.44 16.36 -14.89
CA GLN A 1622 -46.77 15.39 -14.02
C GLN A 1622 -46.12 16.08 -12.84
N LEU A 1623 -45.54 17.27 -13.06
CA LEU A 1623 -44.93 18.01 -11.96
C LEU A 1623 -45.95 18.38 -10.91
N LEU A 1624 -47.13 18.83 -11.33
CA LEU A 1624 -48.17 19.22 -10.38
C LEU A 1624 -48.49 18.10 -9.39
N GLN A 1625 -48.39 16.84 -9.82
CA GLN A 1625 -48.62 15.71 -8.94
C GLN A 1625 -47.39 15.29 -8.15
N VAL A 1626 -46.26 15.98 -8.33
CA VAL A 1626 -45.06 15.65 -7.58
C VAL A 1626 -45.26 16.00 -6.11
N TYR A 1627 -44.99 15.03 -5.24
CA TYR A 1627 -45.11 15.25 -3.80
C TYR A 1627 -44.15 16.35 -3.36
N GLY A 1628 -44.66 17.26 -2.53
CA GLY A 1628 -43.84 18.30 -1.92
C GLY A 1628 -43.61 19.52 -2.77
N LEU A 1629 -44.05 19.53 -4.03
CA LEU A 1629 -43.82 20.68 -4.89
C LEU A 1629 -44.57 21.92 -4.39
N GLU A 1630 -45.75 21.72 -3.80
CA GLU A 1630 -46.52 22.85 -3.32
C GLU A 1630 -45.87 23.48 -2.09
N GLU A 1631 -45.45 22.64 -1.14
CA GLU A 1631 -44.73 23.15 0.03
C GLU A 1631 -43.46 23.88 -0.39
N THR A 1632 -42.80 23.41 -1.46
CA THR A 1632 -41.56 24.02 -1.91
C THR A 1632 -41.83 25.34 -2.62
N LEU A 1633 -42.82 25.37 -3.51
CA LEU A 1633 -43.14 26.61 -4.21
C LEU A 1633 -43.62 27.67 -3.23
N GLN A 1634 -44.39 27.27 -2.21
CA GLN A 1634 -44.91 28.26 -1.26
C GLN A 1634 -43.78 28.89 -0.46
N GLY A 1635 -42.84 28.08 0.01
CA GLY A 1635 -41.71 28.62 0.75
C GLY A 1635 -40.84 29.52 -0.09
N VAL A 1636 -40.69 29.21 -1.39
CA VAL A 1636 -40.06 30.15 -2.31
C VAL A 1636 -40.78 31.49 -2.27
N GLU A 1637 -42.11 31.46 -2.40
CA GLU A 1637 -42.89 32.70 -2.31
C GLU A 1637 -42.62 33.39 -0.98
N ASN A 1638 -42.66 32.63 0.12
CA ASN A 1638 -42.25 33.16 1.41
C ASN A 1638 -40.90 33.85 1.30
N LEU A 1639 -39.95 33.23 0.60
CA LEU A 1639 -38.63 33.82 0.44
C LEU A 1639 -38.69 35.10 -0.38
N ALA A 1640 -39.46 35.10 -1.46
CA ALA A 1640 -39.61 36.32 -2.27
C ALA A 1640 -40.22 37.45 -1.46
N ALA A 1641 -41.05 37.12 -0.46
CA ALA A 1641 -41.61 38.15 0.39
C ALA A 1641 -40.56 38.78 1.29
N TYR A 1642 -39.65 37.95 1.83
CA TYR A 1642 -38.64 38.46 2.75
C TYR A 1642 -37.70 39.46 2.06
N TYR A 1643 -37.15 39.07 0.90
CA TYR A 1643 -36.31 40.00 0.15
C TYR A 1643 -37.15 41.13 -0.44
N GLY A 1644 -38.27 40.77 -1.08
CA GLY A 1644 -39.29 41.73 -1.46
C GLY A 1644 -38.82 42.96 -2.21
N GLU A 1645 -37.74 42.83 -2.97
CA GLU A 1645 -37.26 43.92 -3.83
C GLU A 1645 -37.36 43.49 -5.28
N ASP A 1646 -36.59 44.12 -6.17
CA ASP A 1646 -36.60 43.70 -7.57
C ASP A 1646 -36.32 42.21 -7.71
N PHE A 1647 -35.48 41.66 -6.84
CA PHE A 1647 -35.24 40.22 -6.86
C PHE A 1647 -36.48 39.45 -6.42
N GLY A 1648 -37.14 39.90 -5.36
CA GLY A 1648 -38.33 39.22 -4.88
C GLY A 1648 -39.51 39.34 -5.82
N THR A 1649 -39.65 40.50 -6.47
CA THR A 1649 -40.69 40.65 -7.49
C THR A 1649 -40.43 39.72 -8.66
N GLN A 1650 -39.16 39.56 -9.05
CA GLN A 1650 -38.81 38.67 -10.14
C GLN A 1650 -39.06 37.22 -9.76
N LEU A 1651 -38.70 36.84 -8.54
CA LEU A 1651 -38.95 35.48 -8.08
C LEU A 1651 -40.44 35.18 -7.98
N SER A 1652 -41.25 36.20 -7.69
CA SER A 1652 -42.69 35.99 -7.61
C SER A 1652 -43.30 35.76 -9.00
N GLU A 1653 -42.90 36.56 -9.98
CA GLU A 1653 -43.39 36.35 -11.34
C GLU A 1653 -43.05 34.96 -11.85
N LYS A 1654 -41.89 34.42 -11.45
CA LYS A 1654 -41.50 33.10 -11.89
C LYS A 1654 -42.42 32.03 -11.33
N VAL A 1655 -42.76 32.11 -10.05
CA VAL A 1655 -43.69 31.15 -9.46
C VAL A 1655 -45.05 31.26 -10.13
N ALA A 1656 -45.50 32.49 -10.41
CA ALA A 1656 -46.76 32.67 -11.09
C ALA A 1656 -46.76 31.97 -12.43
N MSE A 1657 -45.71 32.14 -13.21
CA MSE A 1657 -45.61 31.51 -14.53
C MSE A 1657 -45.58 29.99 -14.40
O MSE A 1657 -46.18 29.28 -15.20
CB MSE A 1657 -44.36 32.00 -15.26
CG MSE A 1657 -44.45 33.45 -15.71
SE MSE A 1657 -42.85 34.02 -16.68
CE MSE A 1657 -42.70 32.51 -17.91
H MSE A 1657 -45.02 32.61 -13.00
HA MSE A 1657 -46.38 31.76 -15.06
HB2 MSE A 1657 -43.59 31.93 -14.66
HB3 MSE A 1657 -44.23 31.45 -16.04
HG2 MSE A 1657 -45.20 33.55 -16.30
HG3 MSE A 1657 -44.54 34.02 -14.94
HE1 MSE A 1657 -43.55 32.36 -18.34
HE2 MSE A 1657 -42.03 32.72 -18.58
HE3 MSE A 1657 -42.43 31.73 -17.42
N ILE A 1658 -44.86 29.50 -13.39
CA ILE A 1658 -44.80 28.06 -13.15
C ILE A 1658 -46.19 27.51 -12.88
N ARG A 1659 -46.93 28.16 -11.98
CA ARG A 1659 -48.27 27.68 -11.65
C ARG A 1659 -49.19 27.75 -12.86
N GLN A 1660 -49.13 28.86 -13.61
CA GLN A 1660 -49.97 28.99 -14.79
C GLN A 1660 -49.65 27.91 -15.82
N ALA A 1661 -48.37 27.59 -15.98
CA ALA A 1661 -47.96 26.59 -16.97
C ALA A 1661 -48.51 25.21 -16.60
N MSE A 1662 -48.50 24.87 -15.31
CA MSE A 1662 -48.95 23.56 -14.88
C MSE A 1662 -50.48 23.45 -14.96
O MSE A 1662 -51.02 22.37 -15.21
CB MSE A 1662 -48.50 23.28 -13.44
CG MSE A 1662 -46.99 23.25 -13.26
SE MSE A 1662 -46.45 22.47 -11.56
CE MSE A 1662 -47.16 23.84 -10.36
H MSE A 1662 -48.24 25.38 -14.68
HA MSE A 1662 -48.56 22.88 -15.45
HB2 MSE A 1662 -48.85 23.98 -12.87
HB3 MSE A 1662 -48.84 22.41 -13.17
HG2 MSE A 1662 -46.59 22.73 -13.98
HG3 MSE A 1662 -46.65 24.16 -13.30
HE1 MSE A 1662 -48.12 23.90 -10.48
HE2 MSE A 1662 -46.96 23.58 -9.44
HE3 MSE A 1662 -46.75 24.68 -10.57
N GLU A 1663 -51.16 24.58 -14.75
CA GLU A 1663 -52.61 24.58 -14.85
C GLU A 1663 -53.07 24.43 -16.29
N ASP A 1664 -52.41 25.14 -17.21
CA ASP A 1664 -52.75 24.98 -18.63
C ASP A 1664 -52.36 23.61 -19.14
N ASP A 1665 -51.34 23.01 -18.55
CA ASP A 1665 -50.92 21.64 -18.91
C ASP A 1665 -51.43 20.63 -17.90
N GLN A 1666 -52.72 20.67 -17.56
CA GLN A 1666 -53.38 19.62 -16.78
C GLN A 1666 -54.50 19.00 -17.61
N PRO A 1667 -54.18 18.49 -18.81
CA PRO A 1667 -55.19 17.73 -19.55
C PRO A 1667 -55.44 16.36 -18.95
N ARG A 1668 -54.41 15.52 -18.85
CA ARG A 1668 -54.58 14.10 -18.50
C ARG A 1668 -55.44 13.42 -19.56
N GLU A 1669 -54.93 13.42 -20.79
CA GLU A 1669 -55.65 12.99 -21.98
C GLU A 1669 -54.92 11.80 -22.59
N LYS A 1670 -55.36 10.59 -22.25
CA LYS A 1670 -54.79 9.39 -22.84
C LYS A 1670 -55.50 8.14 -22.33
N THR A 1671 -55.56 7.11 -23.17
CA THR A 1671 -56.15 5.82 -22.84
C THR A 1671 -55.10 4.72 -22.96
N CYS A 1672 -55.52 3.48 -22.75
CA CYS A 1672 -54.60 2.35 -22.89
C CYS A 1672 -54.21 2.13 -24.34
N LYS A 1673 -55.15 2.34 -25.26
CA LYS A 1673 -54.83 2.20 -26.67
C LYS A 1673 -53.72 3.18 -27.08
N ASP A 1674 -53.59 4.30 -26.37
CA ASP A 1674 -52.52 5.24 -26.68
C ASP A 1674 -51.16 4.67 -26.29
N VAL A 1675 -51.08 4.05 -25.12
CA VAL A 1675 -49.80 3.47 -24.67
C VAL A 1675 -49.39 2.33 -25.61
N TYR A 1676 -50.35 1.67 -26.25
CA TYR A 1676 -50.01 0.56 -27.13
C TYR A 1676 -49.60 1.04 -28.51
N ASP A 1677 -50.43 1.87 -29.15
CA ASP A 1677 -50.05 2.44 -30.44
C ASP A 1677 -48.66 3.07 -30.38
N LEU A 1678 -48.30 3.62 -29.22
CA LEU A 1678 -46.98 4.22 -29.07
C LEU A 1678 -45.90 3.16 -28.94
N LEU A 1679 -46.05 2.24 -27.98
CA LEU A 1679 -45.09 1.15 -27.85
C LEU A 1679 -44.96 0.39 -29.16
N ASN A 1680 -46.08 0.11 -29.83
CA ASN A 1680 -46.02 -0.64 -31.08
C ASN A 1680 -45.22 0.10 -32.13
N SER A 1681 -45.39 1.42 -32.23
CA SER A 1681 -44.63 2.19 -33.22
C SER A 1681 -43.13 2.03 -32.99
N ARG A 1682 -42.70 2.08 -31.73
CA ARG A 1682 -41.28 1.87 -31.41
C ARG A 1682 -40.84 0.49 -31.83
N VAL A 1683 -41.52 -0.55 -31.31
CA VAL A 1683 -41.14 -1.93 -31.63
C VAL A 1683 -41.10 -2.13 -33.14
N GLN A 1684 -42.03 -1.50 -33.85
CA GLN A 1684 -41.97 -1.49 -35.32
C GLN A 1684 -40.70 -0.81 -35.80
N GLN A 1685 -40.50 0.44 -35.39
CA GLN A 1685 -39.36 1.22 -35.86
C GLN A 1685 -38.02 0.61 -35.43
N GLY A 1686 -38.01 -0.25 -34.41
CA GLY A 1686 -36.80 -0.86 -33.93
C GLY A 1686 -36.24 -0.28 -32.66
N LEU A 1687 -36.94 0.66 -32.02
CA LEU A 1687 -36.45 1.28 -30.81
C LEU A 1687 -36.59 0.32 -29.62
N SER A 1688 -35.97 0.71 -28.51
CA SER A 1688 -36.12 -0.03 -27.26
C SER A 1688 -37.45 0.32 -26.59
N VAL A 1689 -37.98 -0.63 -25.84
CA VAL A 1689 -39.15 -0.39 -24.99
C VAL A 1689 -38.79 -0.80 -23.58
N ALA A 1690 -37.51 -0.72 -23.23
CA ALA A 1690 -37.06 -0.94 -21.87
C ALA A 1690 -37.19 0.36 -21.09
N ILE A 1691 -37.98 0.34 -20.02
CA ILE A 1691 -38.17 1.55 -19.25
C ILE A 1691 -36.84 2.01 -18.66
N SER A 1692 -35.96 1.06 -18.32
CA SER A 1692 -34.64 1.41 -17.81
C SER A 1692 -33.90 2.33 -18.77
N GLU A 1693 -34.06 2.12 -20.08
CA GLU A 1693 -33.24 2.77 -21.09
C GLU A 1693 -33.97 3.89 -21.83
N VAL A 1694 -35.29 3.98 -21.68
CA VAL A 1694 -36.08 5.02 -22.35
C VAL A 1694 -36.94 5.67 -21.27
N ALA A 1695 -36.45 6.78 -20.70
CA ALA A 1695 -37.09 7.36 -19.52
C ALA A 1695 -38.49 7.86 -19.82
N ILE A 1696 -38.77 8.27 -21.06
CA ILE A 1696 -40.07 8.83 -21.39
C ILE A 1696 -41.19 7.80 -21.30
N LEU A 1697 -40.86 6.50 -21.27
CA LEU A 1697 -41.87 5.47 -21.08
C LEU A 1697 -42.25 5.28 -19.62
N GLN A 1698 -41.49 5.86 -18.70
CA GLN A 1698 -41.82 5.78 -17.28
C GLN A 1698 -43.26 6.21 -17.02
N GLU A 1699 -43.61 7.43 -17.46
CA GLU A 1699 -44.98 7.91 -17.31
C GLU A 1699 -45.96 6.96 -17.99
N GLU A 1700 -45.65 6.51 -19.20
CA GLU A 1700 -46.56 5.64 -19.93
C GLU A 1700 -46.87 4.37 -19.16
N VAL A 1701 -45.91 3.87 -18.38
CA VAL A 1701 -46.14 2.64 -17.62
C VAL A 1701 -46.90 2.93 -16.34
N GLU A 1702 -46.57 4.04 -15.67
CA GLU A 1702 -47.36 4.46 -14.50
C GLU A 1702 -48.83 4.59 -14.86
N PHE A 1703 -49.13 5.11 -16.05
CA PHE A 1703 -50.51 5.28 -16.47
C PHE A 1703 -51.16 3.92 -16.76
N LEU A 1704 -50.43 3.02 -17.42
CA LEU A 1704 -50.98 1.73 -17.77
C LEU A 1704 -51.34 0.92 -16.53
N VAL A 1705 -50.44 0.90 -15.54
CA VAL A 1705 -50.72 0.21 -14.28
C VAL A 1705 -51.94 0.81 -13.60
N SER A 1706 -52.16 2.12 -13.74
CA SER A 1706 -53.28 2.76 -13.06
C SER A 1706 -54.59 2.51 -13.81
N GLN A 1707 -54.62 2.80 -15.11
CA GLN A 1707 -55.84 2.61 -15.89
C GLN A 1707 -56.29 1.17 -15.87
N MSE A 1708 -55.38 0.24 -16.15
CA MSE A 1708 -55.69 -1.19 -16.14
C MSE A 1708 -56.13 -1.63 -14.74
O MSE A 1708 -57.15 -2.29 -14.58
CB MSE A 1708 -54.49 -2.02 -16.59
CG MSE A 1708 -54.13 -1.83 -18.04
SE MSE A 1708 -55.46 -2.57 -19.25
CE MSE A 1708 -55.32 -4.46 -18.77
H MSE A 1708 -54.56 0.41 -16.37
HA MSE A 1708 -56.42 -1.35 -16.76
HB2 MSE A 1708 -53.72 -1.76 -16.05
HB3 MSE A 1708 -54.70 -2.95 -16.45
HG2 MSE A 1708 -54.03 -0.88 -18.23
HG3 MSE A 1708 -53.28 -2.29 -18.22
HE1 MSE A 1708 -55.66 -4.58 -17.87
HE2 MSE A 1708 -55.85 -4.98 -19.38
HE3 MSE A 1708 -54.38 -4.72 -18.82
N GLY A 1709 -55.32 -1.26 -13.74
CA GLY A 1709 -55.66 -1.61 -12.38
C GLY A 1709 -57.07 -1.21 -11.99
N MSE A 1710 -57.59 -0.15 -12.59
CA MSE A 1710 -58.93 0.31 -12.31
C MSE A 1710 -59.96 -0.39 -13.21
O MSE A 1710 -61.08 -0.68 -12.76
CB MSE A 1710 -59.02 1.82 -12.47
CG MSE A 1710 -60.35 2.40 -12.07
SE MSE A 1710 -61.34 2.99 -13.63
CE MSE A 1710 -60.24 4.54 -14.11
H MSE A 1710 -57.17 0.32 -13.17
HA MSE A 1710 -59.15 0.10 -11.39
HB2 MSE A 1710 -58.34 2.24 -11.92
HB3 MSE A 1710 -58.87 2.04 -13.40
HG2 MSE A 1710 -60.87 1.73 -11.61
HG3 MSE A 1710 -60.21 3.17 -11.49
HE1 MSE A 1710 -59.63 4.28 -14.82
HE2 MSE A 1710 -60.83 5.25 -14.40
HE3 MSE A 1710 -59.74 4.81 -13.33
N TYR A 1711 -59.59 -0.67 -14.45
CA TYR A 1711 -60.45 -1.49 -15.31
C TYR A 1711 -60.71 -2.85 -14.68
N ASN A 1712 -59.73 -3.39 -13.96
CA ASN A 1712 -59.82 -4.75 -13.42
C ASN A 1712 -60.80 -4.87 -12.27
N GLN A 1713 -61.40 -3.76 -11.82
CA GLN A 1713 -62.33 -3.81 -10.71
C GLN A 1713 -63.68 -4.39 -11.10
N GLU A 1714 -63.97 -4.53 -12.39
CA GLU A 1714 -65.29 -4.94 -12.85
C GLU A 1714 -65.16 -5.99 -13.95
N GLN A 1715 -66.28 -6.62 -14.27
CA GLN A 1715 -66.35 -7.49 -15.43
C GLN A 1715 -66.34 -6.66 -16.71
N LEU A 1716 -65.75 -7.21 -17.77
CA LEU A 1716 -65.49 -6.45 -18.98
C LEU A 1716 -66.05 -7.17 -20.20
N ASP A 1717 -66.82 -6.44 -20.99
CA ASP A 1717 -67.24 -6.88 -22.31
C ASP A 1717 -66.24 -6.32 -23.33
N HIS A 1718 -65.62 -7.20 -24.10
CA HIS A 1718 -64.56 -6.75 -25.01
C HIS A 1718 -65.09 -5.77 -26.05
N GLN A 1719 -66.41 -5.68 -26.22
CA GLN A 1719 -67.03 -4.73 -27.13
C GLN A 1719 -67.58 -3.51 -26.40
N THR A 1720 -66.89 -3.04 -25.37
CA THR A 1720 -67.21 -1.78 -24.72
C THR A 1720 -65.96 -0.91 -24.72
N ALA A 1721 -66.16 0.40 -24.61
CA ALA A 1721 -65.05 1.34 -24.70
C ALA A 1721 -63.90 0.94 -23.79
N MSE A 1722 -64.21 0.45 -22.60
CA MSE A 1722 -63.19 0.15 -21.60
C MSE A 1722 -62.72 -1.30 -21.70
O MSE A 1722 -61.66 -1.65 -21.19
CB MSE A 1722 -63.72 0.44 -20.19
CG MSE A 1722 -64.79 -0.52 -19.70
SE MSE A 1722 -66.45 0.39 -19.24
CE MSE A 1722 -66.90 1.10 -20.99
H MSE A 1722 -65.01 0.26 -22.34
HA MSE A 1722 -62.43 0.73 -21.76
HB2 MSE A 1722 -62.98 0.40 -19.58
HB3 MSE A 1722 -64.11 1.33 -20.20
HG2 MSE A 1722 -64.99 -1.16 -20.40
HG3 MSE A 1722 -64.46 -0.97 -18.90
HE1 MSE A 1722 -66.95 0.37 -21.63
HE2 MSE A 1722 -67.76 1.55 -20.94
HE3 MSE A 1722 -66.22 1.73 -21.27
N GLY A 1723 -63.52 -2.13 -22.37
CA GLY A 1723 -63.13 -3.51 -22.60
C GLY A 1723 -62.10 -3.63 -23.70
N ALA A 1724 -62.43 -3.11 -24.89
CA ALA A 1724 -61.44 -3.04 -25.95
C ALA A 1724 -60.20 -2.28 -25.50
N ASP A 1725 -60.36 -1.28 -24.62
CA ASP A 1725 -59.22 -0.58 -24.08
C ASP A 1725 -58.46 -1.44 -23.08
N HIS A 1726 -59.16 -2.32 -22.37
CA HIS A 1726 -58.48 -3.31 -21.53
C HIS A 1726 -57.66 -4.26 -22.39
N GLN A 1727 -58.19 -4.65 -23.56
CA GLN A 1727 -57.43 -5.46 -24.49
C GLN A 1727 -56.15 -4.76 -24.91
N TYR A 1728 -56.27 -3.52 -25.39
CA TYR A 1728 -55.08 -2.80 -25.85
C TYR A 1728 -54.04 -2.69 -24.75
N GLY A 1729 -54.48 -2.48 -23.51
CA GLY A 1729 -53.52 -2.39 -22.41
C GLY A 1729 -52.74 -3.68 -22.22
N ASN A 1730 -53.41 -4.83 -22.39
CA ASN A 1730 -52.71 -6.10 -22.24
C ASN A 1730 -51.78 -6.36 -23.41
N MSE A 1731 -52.14 -5.91 -24.61
CA MSE A 1731 -51.24 -6.00 -25.76
C MSE A 1731 -50.02 -5.11 -25.52
O MSE A 1731 -48.92 -5.42 -25.97
CB MSE A 1731 -51.96 -5.59 -27.05
CG MSE A 1731 -53.23 -6.38 -27.32
SE MSE A 1731 -54.17 -5.72 -28.90
CE MSE A 1731 -52.99 -6.43 -30.28
H MSE A 1731 -52.89 -5.54 -24.78
HA MSE A 1731 -50.96 -6.93 -25.88
HB2 MSE A 1731 -52.20 -4.65 -26.98
HB3 MSE A 1731 -51.36 -5.73 -27.80
HG2 MSE A 1731 -53.01 -7.31 -27.47
HG3 MSE A 1731 -53.83 -6.29 -26.55
HE1 MSE A 1731 -52.95 -7.40 -30.19
HE2 MSE A 1731 -53.33 -6.18 -31.15
HE3 MSE A 1731 -52.10 -6.05 -30.15
N ALA A 1732 -50.24 -4.00 -24.81
CA ALA A 1732 -49.13 -3.12 -24.48
C ALA A 1732 -48.17 -3.79 -23.51
N PHE A 1733 -48.69 -4.33 -22.41
CA PHE A 1733 -47.84 -5.09 -21.49
C PHE A 1733 -47.05 -6.16 -22.23
N GLU A 1734 -47.71 -6.86 -23.16
CA GLU A 1734 -47.07 -7.94 -23.89
C GLU A 1734 -45.80 -7.48 -24.57
N LEU A 1735 -45.82 -6.27 -25.16
CA LEU A 1735 -44.59 -5.71 -25.73
C LEU A 1735 -43.59 -5.37 -24.64
N LEU A 1736 -44.06 -4.79 -23.53
CA LEU A 1736 -43.16 -4.52 -22.41
C LEU A 1736 -42.58 -5.80 -21.82
N ALA A 1737 -43.32 -6.91 -21.94
CA ALA A 1737 -42.84 -8.19 -21.43
C ALA A 1737 -41.79 -8.83 -22.34
N ALA A 1738 -41.72 -8.42 -23.61
CA ALA A 1738 -40.75 -8.99 -24.52
C ALA A 1738 -39.32 -8.63 -24.15
N THR A 1739 -39.12 -7.64 -23.29
CA THR A 1739 -37.79 -7.16 -22.91
C THR A 1739 -37.45 -7.65 -21.51
N SER A 1740 -36.24 -8.18 -21.34
CA SER A 1740 -35.82 -8.72 -20.06
C SER A 1740 -35.61 -7.64 -19.00
N ALA A 1741 -35.34 -6.40 -19.41
CA ALA A 1741 -35.13 -5.34 -18.42
C ALA A 1741 -36.43 -4.94 -17.74
N ASN A 1742 -37.55 -5.00 -18.47
CA ASN A 1742 -38.84 -4.63 -17.90
C ASN A 1742 -39.35 -5.65 -16.89
N VAL A 1743 -38.75 -6.84 -16.82
CA VAL A 1743 -39.33 -7.91 -16.00
C VAL A 1743 -39.44 -7.48 -14.55
N LYS A 1744 -38.44 -6.76 -14.03
CA LYS A 1744 -38.46 -6.39 -12.62
C LYS A 1744 -39.34 -5.17 -12.35
N LEU A 1745 -39.57 -4.31 -13.35
CA LEU A 1745 -40.57 -3.26 -13.22
C LEU A 1745 -41.96 -3.87 -13.11
N LEU A 1746 -42.35 -4.68 -14.10
CA LEU A 1746 -43.65 -5.34 -14.06
C LEU A 1746 -43.79 -6.22 -12.83
N GLN A 1747 -42.68 -6.83 -12.37
CA GLN A 1747 -42.73 -7.66 -11.18
C GLN A 1747 -43.01 -6.84 -9.94
N ALA A 1748 -42.59 -5.57 -9.92
CA ALA A 1748 -42.87 -4.71 -8.77
C ALA A 1748 -44.35 -4.31 -8.73
N ASN A 1749 -45.00 -4.21 -9.88
CA ASN A 1749 -46.41 -3.85 -9.94
C ASN A 1749 -47.34 -5.05 -9.94
N GLU A 1750 -46.85 -6.22 -9.55
CA GLU A 1750 -47.68 -7.41 -9.34
C GLU A 1750 -48.21 -7.97 -10.66
N PHE A 1751 -47.46 -7.81 -11.76
CA PHE A 1751 -47.96 -8.17 -13.08
C PHE A 1751 -48.52 -9.59 -13.10
N SER A 1752 -47.69 -10.58 -12.72
CA SER A 1752 -48.14 -11.96 -12.71
C SER A 1752 -49.42 -12.12 -11.89
N LYS A 1753 -49.52 -11.38 -10.79
CA LYS A 1753 -50.66 -11.52 -9.90
C LYS A 1753 -51.93 -10.96 -10.54
N MSE A 1754 -51.83 -9.81 -11.20
CA MSE A 1754 -52.96 -9.21 -11.89
C MSE A 1754 -53.50 -10.15 -12.96
O MSE A 1754 -54.68 -10.51 -12.95
CB MSE A 1754 -52.56 -7.88 -12.54
CG MSE A 1754 -53.44 -7.45 -13.73
SE MSE A 1754 -52.71 -5.95 -14.75
CE MSE A 1754 -51.05 -6.77 -15.37
H MSE A 1754 -51.11 -9.36 -11.25
HA MSE A 1754 -53.66 -9.03 -11.25
HB2 MSE A 1754 -52.59 -7.18 -11.88
HB3 MSE A 1754 -51.64 -7.97 -12.88
HG2 MSE A 1754 -53.53 -8.20 -14.34
HG3 MSE A 1754 -54.30 -7.18 -13.39
HE1 MSE A 1754 -51.26 -7.47 -15.99
HE2 MSE A 1754 -50.51 -6.09 -15.80
HE3 MSE A 1754 -50.57 -7.13 -14.60
N GLU A 1755 -52.63 -10.51 -13.90
CA GLU A 1755 -53.07 -11.26 -15.07
C GLU A 1755 -53.75 -12.56 -14.67
N LEU A 1756 -53.20 -13.27 -13.69
CA LEU A 1756 -53.84 -14.49 -13.24
C LEU A 1756 -55.22 -14.22 -12.67
N ALA A 1757 -55.38 -13.09 -11.97
CA ALA A 1757 -56.70 -12.73 -11.46
C ALA A 1757 -57.69 -12.48 -12.60
N LEU A 1758 -57.24 -11.80 -13.66
CA LEU A 1758 -58.11 -11.55 -14.80
C LEU A 1758 -58.48 -12.86 -15.50
N ILE A 1759 -57.47 -13.68 -15.81
CA ILE A 1759 -57.72 -14.96 -16.46
C ILE A 1759 -58.75 -15.76 -15.69
N LYS A 1760 -58.70 -15.68 -14.36
CA LYS A 1760 -59.63 -16.44 -13.53
C LYS A 1760 -60.96 -15.75 -13.37
N GLY A 1761 -60.95 -14.43 -13.19
CA GLY A 1761 -62.16 -13.71 -12.84
C GLY A 1761 -63.00 -13.27 -14.02
N GLN A 1762 -62.36 -12.79 -15.08
CA GLN A 1762 -63.09 -12.25 -16.21
C GLN A 1762 -63.78 -13.36 -16.99
N ALA A 1763 -65.09 -13.20 -17.19
CA ALA A 1763 -65.89 -14.23 -17.84
C ALA A 1763 -65.86 -14.15 -19.36
N ASP A 1764 -65.44 -13.04 -19.93
CA ASP A 1764 -65.37 -12.92 -21.39
C ASP A 1764 -64.08 -13.57 -21.88
N PRO A 1765 -64.17 -14.62 -22.72
CA PRO A 1765 -62.93 -15.24 -23.21
C PRO A 1765 -62.02 -14.28 -23.96
N GLU A 1766 -62.59 -13.30 -24.66
CA GLU A 1766 -61.75 -12.37 -25.42
C GLU A 1766 -61.01 -11.40 -24.52
N ILE A 1767 -61.49 -11.17 -23.30
CA ILE A 1767 -60.70 -10.42 -22.33
C ILE A 1767 -59.62 -11.31 -21.73
N VAL A 1768 -59.95 -12.58 -21.50
CA VAL A 1768 -58.97 -13.51 -20.92
C VAL A 1768 -57.88 -13.82 -21.93
N LEU A 1769 -58.25 -13.95 -23.21
CA LEU A 1769 -57.28 -14.22 -24.27
C LEU A 1769 -56.03 -13.35 -24.15
N TYR A 1770 -56.22 -12.04 -24.08
CA TYR A 1770 -55.10 -11.11 -24.12
C TYR A 1770 -54.38 -10.98 -22.79
N ALA A 1771 -55.04 -11.30 -21.68
CA ALA A 1771 -54.32 -11.47 -20.43
C ALA A 1771 -53.41 -12.69 -20.49
N VAL A 1772 -53.89 -13.78 -21.09
CA VAL A 1772 -53.07 -14.97 -21.27
C VAL A 1772 -51.81 -14.64 -22.06
N LYS A 1773 -51.98 -14.01 -23.22
CA LYS A 1773 -50.85 -13.72 -24.10
C LYS A 1773 -49.84 -12.82 -23.40
N ALA A 1774 -50.31 -11.73 -22.78
CA ALA A 1774 -49.40 -10.83 -22.08
C ALA A 1774 -48.58 -11.59 -21.05
N LEU A 1775 -49.24 -12.42 -20.24
CA LEU A 1775 -48.53 -13.21 -19.24
C LEU A 1775 -47.65 -14.27 -19.88
N THR A 1776 -48.07 -14.80 -21.05
CA THR A 1776 -47.27 -15.82 -21.72
C THR A 1776 -45.92 -15.25 -22.17
N ALA A 1777 -45.90 -13.99 -22.60
CA ALA A 1777 -44.64 -13.38 -23.03
C ALA A 1777 -43.79 -12.99 -21.83
N PHE A 1778 -44.41 -12.43 -20.79
CA PHE A 1778 -43.69 -12.16 -19.55
C PHE A 1778 -42.98 -13.41 -19.04
N CYS A 1779 -43.64 -14.56 -19.16
CA CYS A 1779 -43.08 -15.81 -18.65
C CYS A 1779 -41.99 -16.39 -19.54
N LYS A 1780 -41.76 -15.84 -20.73
CA LYS A 1780 -40.66 -16.33 -21.55
C LYS A 1780 -39.36 -16.36 -20.76
N PHE A 1781 -39.15 -15.37 -19.91
CA PHE A 1781 -37.88 -15.27 -19.20
C PHE A 1781 -37.96 -16.07 -17.91
N PRO A 1782 -36.97 -16.92 -17.63
CA PRO A 1782 -37.09 -17.91 -16.55
C PRO A 1782 -37.57 -17.29 -15.25
N PRO A 1783 -36.89 -16.26 -14.73
CA PRO A 1783 -37.32 -15.69 -13.44
C PRO A 1783 -38.76 -15.22 -13.44
N ALA A 1784 -39.27 -14.76 -14.58
CA ALA A 1784 -40.68 -14.39 -14.66
C ALA A 1784 -41.57 -15.63 -14.52
N ALA A 1785 -41.35 -16.62 -15.37
CA ALA A 1785 -42.08 -17.89 -15.24
C ALA A 1785 -41.97 -18.45 -13.84
N GLN A 1786 -40.80 -18.26 -13.19
CA GLN A 1786 -40.62 -18.75 -11.83
C GLN A 1786 -41.66 -18.18 -10.89
N ASP A 1787 -41.71 -16.85 -10.78
CA ASP A 1787 -42.67 -16.23 -9.86
C ASP A 1787 -44.11 -16.51 -10.29
N THR A 1788 -44.38 -16.35 -11.59
CA THR A 1788 -45.73 -16.62 -12.10
C THR A 1788 -46.22 -17.99 -11.65
N ALA A 1789 -45.47 -19.04 -11.99
CA ALA A 1789 -45.88 -20.41 -11.72
C ALA A 1789 -45.81 -20.78 -10.25
N ARG A 1790 -45.20 -19.95 -9.41
CA ARG A 1790 -45.00 -20.32 -8.01
C ARG A 1790 -46.09 -19.80 -7.09
N ILE A 1791 -46.89 -18.81 -7.51
CA ILE A 1791 -47.93 -18.29 -6.63
C ILE A 1791 -49.05 -19.32 -6.51
N GLN A 1792 -49.58 -19.46 -5.30
CA GLN A 1792 -50.58 -20.48 -5.01
C GLN A 1792 -51.70 -20.47 -6.02
N GLY A 1793 -51.92 -21.61 -6.68
CA GLY A 1793 -53.07 -21.82 -7.52
C GLY A 1793 -52.84 -21.65 -9.00
N CYS A 1794 -51.72 -21.06 -9.41
CA CYS A 1794 -51.50 -20.79 -10.83
C CYS A 1794 -51.67 -22.02 -11.70
N PRO A 1795 -51.09 -23.19 -11.39
CA PRO A 1795 -51.30 -24.36 -12.27
C PRO A 1795 -52.76 -24.75 -12.41
N ALA A 1796 -53.50 -24.81 -11.30
CA ALA A 1796 -54.92 -25.17 -11.39
C ALA A 1796 -55.71 -24.10 -12.13
N LEU A 1797 -55.39 -22.82 -11.90
CA LEU A 1797 -56.09 -21.73 -12.56
C LEU A 1797 -55.87 -21.77 -14.07
N VAL A 1798 -54.61 -21.83 -14.50
CA VAL A 1798 -54.31 -21.85 -15.93
C VAL A 1798 -54.98 -23.05 -16.60
N THR A 1799 -55.06 -24.18 -15.88
CA THR A 1799 -55.73 -25.36 -16.44
C THR A 1799 -57.24 -25.15 -16.47
N GLU A 1800 -57.80 -24.51 -15.45
CA GLU A 1800 -59.23 -24.19 -15.48
C GLU A 1800 -59.57 -23.39 -16.73
N ALA A 1801 -58.76 -22.37 -17.04
CA ALA A 1801 -58.98 -21.62 -18.27
C ALA A 1801 -58.97 -22.54 -19.48
N CYS A 1802 -58.09 -23.55 -19.48
CA CYS A 1802 -58.09 -24.52 -20.56
C CYS A 1802 -59.40 -25.30 -20.59
N SER A 1803 -59.84 -25.79 -19.43
CA SER A 1803 -61.07 -26.57 -19.38
C SER A 1803 -62.25 -25.77 -19.89
N LYS A 1804 -62.41 -24.54 -19.40
CA LYS A 1804 -63.55 -23.72 -19.80
C LYS A 1804 -63.69 -23.64 -21.32
N ILE A 1805 -62.57 -23.66 -22.04
CA ILE A 1805 -62.63 -23.50 -23.49
C ILE A 1805 -62.94 -24.82 -24.19
N ASN A 1806 -62.56 -25.95 -23.59
CA ASN A 1806 -62.90 -27.25 -24.18
C ASN A 1806 -64.38 -27.56 -24.00
N LYS A 1807 -64.95 -27.19 -22.85
CA LYS A 1807 -66.37 -27.42 -22.60
C LYS A 1807 -67.25 -26.36 -23.22
N SER A 1808 -66.69 -25.23 -23.65
CA SER A 1808 -67.50 -24.15 -24.18
C SER A 1808 -68.10 -24.54 -25.52
N GLY A 1809 -68.99 -23.67 -26.01
CA GLY A 1809 -69.64 -23.88 -27.30
C GLY A 1809 -69.39 -22.75 -28.27
N LEU A 1810 -68.11 -22.45 -28.50
CA LEU A 1810 -67.72 -21.42 -29.45
C LEU A 1810 -67.48 -22.03 -30.82
N PRO A 1811 -67.34 -21.20 -31.86
CA PRO A 1811 -66.87 -21.70 -33.14
C PRO A 1811 -65.49 -22.32 -33.00
N ASN A 1812 -65.27 -23.42 -33.71
CA ASN A 1812 -63.96 -24.08 -33.66
C ASN A 1812 -62.84 -23.13 -34.06
N GLU A 1813 -63.15 -22.14 -34.91
CA GLU A 1813 -62.16 -21.14 -35.27
C GLU A 1813 -61.54 -20.50 -34.04
N ARG A 1814 -62.38 -19.87 -33.21
CA ARG A 1814 -61.87 -19.21 -32.01
C ARG A 1814 -61.60 -20.19 -30.88
N LYS A 1815 -62.36 -21.29 -30.81
CA LYS A 1815 -62.04 -22.34 -29.85
C LYS A 1815 -60.58 -22.76 -29.97
N GLU A 1816 -60.03 -22.74 -31.19
CA GLU A 1816 -58.63 -23.08 -31.39
C GLU A 1816 -57.71 -21.95 -30.95
N GLU A 1817 -58.02 -20.72 -31.35
CA GLU A 1817 -57.22 -19.57 -30.93
C GLU A 1817 -57.03 -19.56 -29.43
N HIS A 1818 -58.11 -19.76 -28.69
CA HIS A 1818 -58.04 -19.69 -27.23
C HIS A 1818 -57.23 -20.84 -26.66
N LEU A 1819 -57.36 -22.04 -27.23
CA LEU A 1819 -56.66 -23.20 -26.71
C LEU A 1819 -55.15 -23.09 -26.92
N CYS A 1820 -54.73 -22.72 -28.14
CA CYS A 1820 -53.31 -22.51 -28.40
C CYS A 1820 -52.71 -21.55 -27.37
N ALA A 1821 -53.34 -20.38 -27.19
CA ALA A 1821 -52.78 -19.37 -26.32
C ALA A 1821 -52.70 -19.85 -24.87
N ARG A 1822 -53.75 -20.51 -24.40
CA ARG A 1822 -53.77 -20.96 -23.00
C ARG A 1822 -52.86 -22.16 -22.80
N TYR A 1823 -52.76 -23.05 -23.79
CA TYR A 1823 -51.79 -24.13 -23.70
C TYR A 1823 -50.37 -23.60 -23.79
N PHE A 1824 -50.15 -22.54 -24.58
CA PHE A 1824 -48.86 -21.87 -24.59
C PHE A 1824 -48.50 -21.40 -23.18
N LEU A 1825 -49.46 -20.77 -22.49
CA LEU A 1825 -49.21 -20.37 -21.11
C LEU A 1825 -48.84 -21.58 -20.25
N VAL A 1826 -49.55 -22.70 -20.42
CA VAL A 1826 -49.21 -23.92 -19.69
C VAL A 1826 -47.73 -24.27 -19.90
N GLU A 1827 -47.28 -24.20 -21.15
CA GLU A 1827 -45.89 -24.55 -21.45
C GLU A 1827 -44.92 -23.67 -20.68
N ARG A 1828 -45.09 -22.35 -20.79
CA ARG A 1828 -44.15 -21.43 -20.15
C ARG A 1828 -44.24 -21.48 -18.63
N THR A 1829 -45.44 -21.71 -18.08
CA THR A 1829 -45.60 -21.76 -16.63
C THR A 1829 -45.10 -23.07 -16.05
N ALA A 1830 -45.10 -24.15 -16.83
CA ALA A 1830 -44.69 -25.46 -16.35
C ALA A 1830 -43.17 -25.49 -16.17
N ILE A 1831 -42.71 -24.86 -15.09
CA ILE A 1831 -41.27 -24.81 -14.83
C ILE A 1831 -40.75 -26.18 -14.42
N ASN A 1832 -41.56 -26.98 -13.72
CA ASN A 1832 -41.21 -28.35 -13.36
C ASN A 1832 -42.21 -29.30 -14.00
N ARG A 1833 -41.77 -30.54 -14.22
CA ARG A 1833 -42.68 -31.56 -14.73
C ARG A 1833 -43.68 -32.02 -13.68
N ASN A 1834 -43.36 -31.84 -12.40
CA ASN A 1834 -44.26 -32.21 -11.31
C ASN A 1834 -45.11 -31.05 -10.82
N LEU A 1835 -45.02 -29.89 -11.46
CA LEU A 1835 -45.79 -28.73 -11.02
C LEU A 1835 -47.28 -28.94 -11.28
N TYR A 1836 -47.64 -29.44 -12.46
CA TYR A 1836 -49.03 -29.61 -12.87
C TYR A 1836 -49.59 -30.99 -12.54
N ASN A 1837 -49.07 -31.64 -11.49
CA ASN A 1837 -49.49 -33.01 -11.21
C ASN A 1837 -50.91 -33.07 -10.69
N LYS A 1838 -51.25 -32.19 -9.74
CA LYS A 1838 -52.54 -32.28 -9.07
C LYS A 1838 -53.68 -31.67 -9.89
N THR A 1839 -53.38 -31.03 -11.04
CA THR A 1839 -54.39 -30.43 -11.89
C THR A 1839 -54.70 -31.35 -13.08
N PRO A 1840 -55.95 -31.32 -13.62
CA PRO A 1840 -56.31 -32.18 -14.75
C PRO A 1840 -55.85 -31.65 -16.11
N ILE A 1841 -54.58 -31.25 -16.18
CA ILE A 1841 -54.06 -30.70 -17.44
C ILE A 1841 -53.95 -31.78 -18.50
N MSE A 1842 -53.70 -33.03 -18.09
CA MSE A 1842 -53.58 -34.12 -19.05
C MSE A 1842 -54.95 -34.46 -19.61
O MSE A 1842 -55.09 -34.76 -20.79
CB MSE A 1842 -52.93 -35.35 -18.39
CG MSE A 1842 -52.57 -36.47 -19.35
SE MSE A 1842 -51.33 -35.94 -20.79
CE MSE A 1842 -49.80 -35.41 -19.72
H MSE A 1842 -53.58 -33.26 -17.28
HA MSE A 1842 -52.98 -33.87 -19.77
HB2 MSE A 1842 -52.13 -35.08 -17.93
HB3 MSE A 1842 -53.57 -35.72 -17.74
HG2 MSE A 1842 -52.14 -37.18 -18.86
HG3 MSE A 1842 -53.37 -36.80 -19.78
HE1 MSE A 1842 -49.50 -36.17 -19.20
HE2 MSE A 1842 -49.08 -35.11 -20.31
HE3 MSE A 1842 -50.06 -34.69 -19.13
N THR A 1843 -55.98 -34.39 -18.75
CA THR A 1843 -57.34 -34.62 -19.20
C THR A 1843 -57.71 -33.63 -20.30
N GLU A 1844 -57.46 -32.34 -20.08
CA GLU A 1844 -57.85 -31.33 -21.04
C GLU A 1844 -57.00 -31.40 -22.31
N LEU A 1845 -55.75 -31.83 -22.19
CA LEU A 1845 -54.92 -31.99 -23.39
C LEU A 1845 -55.43 -33.13 -24.25
N ILE A 1846 -55.93 -34.20 -23.62
CA ILE A 1846 -56.41 -35.35 -24.38
C ILE A 1846 -57.77 -35.05 -25.02
N ASN A 1847 -58.62 -34.29 -24.33
CA ASN A 1847 -59.91 -33.95 -24.90
C ASN A 1847 -59.75 -33.03 -26.11
N SER A 1848 -58.86 -32.04 -26.01
CA SER A 1848 -58.57 -31.20 -27.17
C SER A 1848 -57.97 -32.01 -28.32
N TRP A 1849 -57.16 -33.02 -27.99
CA TRP A 1849 -56.66 -33.93 -29.00
C TRP A 1849 -57.79 -34.72 -29.63
N ASN A 1850 -58.67 -35.29 -28.81
CA ASN A 1850 -59.80 -36.05 -29.33
C ASN A 1850 -60.68 -35.18 -30.22
N ASP A 1851 -60.91 -33.93 -29.82
CA ASP A 1851 -61.70 -33.03 -30.64
C ASP A 1851 -61.05 -32.84 -32.01
N TYR A 1852 -59.72 -32.79 -32.06
CA TYR A 1852 -59.03 -32.67 -33.34
C TYR A 1852 -59.28 -33.88 -34.22
N ASP A 1853 -59.20 -35.07 -33.64
CA ASP A 1853 -59.44 -36.28 -34.43
C ASP A 1853 -60.81 -36.26 -35.09
N LYS A 1854 -61.80 -35.66 -34.43
CA LYS A 1854 -63.07 -35.41 -35.10
C LYS A 1854 -62.95 -34.28 -36.12
N GLY A 1855 -61.96 -33.41 -35.96
CA GLY A 1855 -61.66 -32.37 -36.92
C GLY A 1855 -62.01 -30.99 -36.40
N ALA A 1856 -62.03 -30.04 -37.33
CA ALA A 1856 -62.38 -28.64 -37.15
C ALA A 1856 -61.22 -27.83 -36.57
N TYR A 1857 -60.17 -28.47 -36.05
CA TYR A 1857 -58.95 -27.78 -35.67
C TYR A 1857 -57.89 -28.00 -36.74
N THR A 1858 -57.03 -27.00 -36.92
CA THR A 1858 -55.86 -27.18 -37.78
C THR A 1858 -54.81 -27.99 -37.03
N THR A 1859 -53.68 -28.25 -37.69
CA THR A 1859 -52.58 -28.95 -37.04
C THR A 1859 -51.81 -28.05 -36.08
N THR A 1860 -52.04 -26.73 -36.13
CA THR A 1860 -51.35 -25.84 -35.21
C THR A 1860 -51.75 -26.11 -33.76
N LEU A 1861 -53.05 -26.34 -33.52
CA LEU A 1861 -53.49 -26.67 -32.17
C LEU A 1861 -52.75 -27.89 -31.64
N LEU A 1862 -52.71 -28.96 -32.43
CA LEU A 1862 -52.07 -30.19 -31.97
C LEU A 1862 -50.61 -29.94 -31.58
N ARG A 1863 -49.94 -29.04 -32.30
CA ARG A 1863 -48.57 -28.69 -31.94
C ARG A 1863 -48.52 -28.01 -30.58
N PHE A 1864 -49.50 -27.17 -30.27
CA PHE A 1864 -49.54 -26.54 -28.95
C PHE A 1864 -49.93 -27.56 -27.88
N VAL A 1865 -50.84 -28.48 -28.21
CA VAL A 1865 -51.15 -29.58 -27.29
C VAL A 1865 -49.88 -30.37 -26.98
N PHE A 1866 -49.08 -30.67 -28.00
CA PHE A 1866 -47.88 -31.47 -27.79
C PHE A 1866 -46.81 -30.69 -27.03
N ARG A 1867 -46.59 -29.43 -27.39
CA ARG A 1867 -45.59 -28.63 -26.69
C ARG A 1867 -45.88 -28.57 -25.20
N ALA A 1868 -47.15 -28.39 -24.82
CA ALA A 1868 -47.50 -28.33 -23.41
C ALA A 1868 -47.40 -29.70 -22.74
N MSE A 1869 -47.64 -30.77 -23.50
CA MSE A 1869 -47.68 -32.10 -22.91
C MSE A 1869 -46.30 -32.55 -22.43
O MSE A 1869 -46.19 -33.17 -21.36
CB MSE A 1869 -48.23 -33.11 -23.92
CG MSE A 1869 -48.57 -34.46 -23.30
SE MSE A 1869 -49.40 -35.73 -24.53
CE MSE A 1869 -51.06 -34.77 -24.90
H MSE A 1869 -47.79 -30.75 -24.34
HA MSE A 1869 -48.27 -32.08 -22.15
HB2 MSE A 1869 -49.04 -32.76 -24.31
HB3 MSE A 1869 -47.56 -33.26 -24.61
HG2 MSE A 1869 -47.74 -34.87 -22.97
HG3 MSE A 1869 -49.18 -34.33 -22.56
HE1 MSE A 1869 -50.85 -33.92 -25.29
HE2 MSE A 1869 -51.61 -35.30 -25.51
HE3 MSE A 1869 -51.54 -34.64 -24.06
N ARG A 1870 -45.25 -32.26 -23.19
CA ARG A 1870 -43.91 -32.66 -22.76
C ARG A 1870 -43.44 -31.90 -21.54
N ARG A 1871 -44.03 -30.73 -21.25
CA ARG A 1871 -43.65 -29.98 -20.05
C ARG A 1871 -44.38 -30.50 -18.82
N VAL A 1872 -45.58 -31.07 -18.98
CA VAL A 1872 -46.36 -31.54 -17.85
C VAL A 1872 -46.31 -33.06 -17.68
N VAL A 1873 -45.82 -33.80 -18.67
CA VAL A 1873 -45.75 -35.25 -18.57
C VAL A 1873 -44.94 -35.62 -17.34
N SER A 1874 -45.48 -36.53 -16.53
CA SER A 1874 -44.89 -36.85 -15.25
C SER A 1874 -45.35 -38.25 -14.83
N ASP A 1875 -44.74 -38.75 -13.76
CA ASP A 1875 -45.15 -40.04 -13.20
C ASP A 1875 -46.62 -40.04 -12.79
N ALA A 1876 -47.20 -38.87 -12.54
CA ALA A 1876 -48.56 -38.78 -12.02
C ALA A 1876 -49.62 -38.82 -13.10
N HIS A 1877 -49.29 -38.43 -14.34
CA HIS A 1877 -50.21 -38.51 -15.46
C HIS A 1877 -49.99 -39.75 -16.31
N VAL A 1878 -49.07 -40.63 -15.91
CA VAL A 1878 -48.70 -41.76 -16.77
C VAL A 1878 -49.89 -42.68 -16.99
N GLU A 1879 -50.80 -42.79 -16.02
CA GLU A 1879 -51.89 -43.74 -16.14
C GLU A 1879 -52.88 -43.31 -17.23
N GLU A 1880 -53.14 -42.01 -17.35
CA GLU A 1880 -54.08 -41.56 -18.38
C GLU A 1880 -53.44 -41.52 -19.76
N LEU A 1881 -52.13 -41.26 -19.83
CA LEU A 1881 -51.43 -41.33 -21.11
C LEU A 1881 -51.65 -42.69 -21.77
N LEU A 1882 -51.58 -43.76 -20.99
CA LEU A 1882 -51.73 -45.10 -21.55
C LEU A 1882 -53.19 -45.40 -21.90
N LYS A 1883 -54.13 -44.84 -21.14
CA LYS A 1883 -55.55 -45.08 -21.44
C LYS A 1883 -55.92 -44.49 -22.79
N ALA A 1884 -55.51 -43.25 -23.06
CA ALA A 1884 -55.82 -42.58 -24.31
C ALA A 1884 -54.93 -43.04 -25.45
N ASN A 1885 -54.07 -44.03 -25.21
CA ASN A 1885 -53.23 -44.60 -26.25
C ASN A 1885 -52.42 -43.51 -26.96
N VAL A 1886 -51.82 -42.63 -26.16
CA VAL A 1886 -51.02 -41.54 -26.74
C VAL A 1886 -49.86 -42.11 -27.54
N LEU A 1887 -49.13 -43.06 -26.97
CA LEU A 1887 -47.99 -43.64 -27.66
C LEU A 1887 -48.43 -44.22 -29.01
N GLN A 1888 -49.42 -45.11 -28.99
CA GLN A 1888 -49.87 -45.75 -30.23
C GLN A 1888 -50.24 -44.69 -31.28
N ARG A 1889 -50.91 -43.62 -30.86
CA ARG A 1889 -51.28 -42.57 -31.81
C ARG A 1889 -50.04 -41.95 -32.44
N LEU A 1890 -49.06 -41.58 -31.61
CA LEU A 1890 -47.83 -40.98 -32.13
C LEU A 1890 -47.08 -41.97 -33.02
N ILE A 1891 -46.95 -43.22 -32.58
CA ILE A 1891 -46.36 -44.24 -33.45
C ILE A 1891 -47.13 -44.29 -34.77
N GLY A 1892 -48.46 -44.19 -34.70
CA GLY A 1892 -49.25 -44.27 -35.91
C GLY A 1892 -48.99 -43.11 -36.85
N ILE A 1893 -48.94 -41.89 -36.31
CA ILE A 1893 -48.64 -40.73 -37.15
C ILE A 1893 -47.26 -40.88 -37.76
N ILE A 1894 -46.31 -41.43 -37.01
CA ILE A 1894 -44.96 -41.63 -37.52
C ILE A 1894 -44.98 -42.64 -38.67
N SER A 1895 -45.75 -43.72 -38.52
CA SER A 1895 -45.81 -44.73 -39.58
C SER A 1895 -46.61 -44.25 -40.78
N ASP A 1896 -47.55 -43.33 -40.58
CA ASP A 1896 -48.40 -42.85 -41.66
C ASP A 1896 -47.56 -42.18 -42.74
N VAL A 1897 -47.44 -42.83 -43.90
CA VAL A 1897 -46.69 -42.27 -45.02
C VAL A 1897 -47.34 -41.03 -45.60
N ASN A 1898 -48.59 -40.74 -45.22
CA ASN A 1898 -49.28 -39.53 -45.64
C ASN A 1898 -49.32 -38.49 -44.52
N ALA A 1899 -48.59 -38.72 -43.44
CA ALA A 1899 -48.62 -37.81 -42.29
C ALA A 1899 -48.29 -36.39 -42.73
N ASP A 1900 -48.96 -35.42 -42.09
CA ASP A 1900 -48.69 -34.01 -42.35
C ASP A 1900 -47.24 -33.70 -41.97
N MSE A 1901 -46.46 -33.26 -42.95
CA MSE A 1901 -45.04 -32.99 -42.72
C MSE A 1901 -44.84 -31.79 -41.79
O MSE A 1901 -43.79 -31.67 -41.16
CB MSE A 1901 -44.33 -32.76 -44.06
CG MSE A 1901 -43.99 -34.05 -44.81
SE MSE A 1901 -42.79 -35.21 -43.82
CE MSE A 1901 -41.42 -33.91 -43.35
H MSE A 1901 -46.72 -33.11 -43.76
HA MSE A 1901 -44.64 -33.76 -42.30
HB2 MSE A 1901 -44.90 -32.23 -44.62
HB3 MSE A 1901 -43.50 -32.29 -43.88
HG2 MSE A 1901 -44.81 -34.53 -44.97
HG3 MSE A 1901 -43.56 -33.81 -45.65
HE1 MSE A 1901 -41.67 -33.47 -42.53
HE2 MSE A 1901 -40.57 -34.37 -43.25
HE3 MSE A 1901 -41.35 -33.25 -44.07
N ALA A 1902 -45.83 -30.92 -41.71
CA ALA A 1902 -45.79 -29.81 -40.78
C ALA A 1902 -46.04 -30.23 -39.33
N LEU A 1903 -46.46 -31.48 -39.11
CA LEU A 1903 -46.74 -31.99 -37.78
C LEU A 1903 -45.76 -33.04 -37.31
N LEU A 1904 -45.06 -33.71 -38.24
CA LEU A 1904 -44.19 -34.81 -37.84
C LEU A 1904 -43.07 -34.38 -36.91
N PRO A 1905 -42.39 -33.24 -37.13
CA PRO A 1905 -41.29 -32.87 -36.22
C PRO A 1905 -41.73 -32.75 -34.76
N ASP A 1906 -42.92 -32.22 -34.50
CA ASP A 1906 -43.38 -32.12 -33.12
C ASP A 1906 -43.79 -33.48 -32.56
N VAL A 1907 -44.35 -34.35 -33.41
CA VAL A 1907 -44.63 -35.72 -32.99
C VAL A 1907 -43.33 -36.40 -32.54
N LEU A 1908 -42.36 -36.50 -33.44
CA LEU A 1908 -41.07 -37.08 -33.10
C LEU A 1908 -40.50 -36.45 -31.83
N PHE A 1909 -40.66 -35.14 -31.68
CA PHE A 1909 -40.10 -34.46 -30.52
C PHE A 1909 -40.86 -34.84 -29.25
N LEU A 1910 -42.19 -34.83 -29.30
CA LEU A 1910 -42.97 -35.24 -28.14
C LEU A 1910 -42.69 -36.69 -27.77
N LEU A 1911 -42.65 -37.58 -28.77
CA LEU A 1911 -42.36 -38.99 -28.49
C LEU A 1911 -41.05 -39.12 -27.73
N GLY A 1912 -40.00 -38.47 -28.22
CA GLY A 1912 -38.72 -38.53 -27.52
C GLY A 1912 -38.78 -37.91 -26.14
N SER A 1913 -39.54 -36.82 -25.99
CA SER A 1913 -39.64 -36.15 -24.70
C SER A 1913 -40.40 -37.02 -23.70
N LEU A 1914 -41.44 -37.72 -24.15
CA LEU A 1914 -42.20 -38.57 -23.25
C LEU A 1914 -41.34 -39.66 -22.62
N ALA A 1915 -40.18 -39.96 -23.22
CA ALA A 1915 -39.30 -40.99 -22.66
C ALA A 1915 -38.68 -40.57 -21.34
N VAL A 1916 -38.89 -39.34 -20.89
CA VAL A 1916 -38.32 -38.91 -19.62
C VAL A 1916 -38.89 -39.73 -18.47
N VAL A 1917 -40.11 -40.25 -18.64
CA VAL A 1917 -40.71 -41.13 -17.64
C VAL A 1917 -40.17 -42.53 -17.86
N PRO A 1918 -39.54 -43.16 -16.86
CA PRO A 1918 -38.93 -44.49 -17.11
C PRO A 1918 -39.91 -45.52 -17.65
N GLU A 1919 -41.18 -45.46 -17.27
CA GLU A 1919 -42.13 -46.46 -17.75
C GLU A 1919 -42.55 -46.18 -19.19
N ILE A 1920 -42.78 -44.91 -19.54
CA ILE A 1920 -43.10 -44.57 -20.92
C ILE A 1920 -41.97 -45.02 -21.84
N LYS A 1921 -40.72 -44.85 -21.39
CA LYS A 1921 -39.56 -45.19 -22.20
C LYS A 1921 -39.64 -46.65 -22.67
N THR A 1922 -39.94 -47.56 -21.74
CA THR A 1922 -40.00 -48.98 -22.09
C THR A 1922 -41.19 -49.26 -23.01
N LYS A 1923 -42.37 -48.71 -22.68
CA LYS A 1923 -43.54 -48.92 -23.51
C LYS A 1923 -43.25 -48.53 -24.96
N ILE A 1924 -42.47 -47.48 -25.18
CA ILE A 1924 -42.17 -47.05 -26.55
C ILE A 1924 -41.50 -48.17 -27.32
N GLY A 1925 -40.61 -48.91 -26.67
CA GLY A 1925 -40.00 -50.05 -27.34
C GLY A 1925 -41.00 -51.17 -27.59
N GLU A 1926 -41.74 -51.55 -26.56
CA GLU A 1926 -42.72 -52.64 -26.70
C GLU A 1926 -43.77 -52.32 -27.77
N LEU A 1927 -44.08 -51.04 -27.97
CA LEU A 1927 -45.09 -50.62 -28.92
C LEU A 1927 -44.55 -50.44 -30.34
N ASN A 1928 -43.28 -50.81 -30.58
CA ASN A 1928 -42.67 -50.73 -31.90
C ASN A 1928 -42.51 -49.28 -32.37
N GLY A 1929 -42.20 -48.38 -31.43
CA GLY A 1929 -41.88 -47.02 -31.81
C GLY A 1929 -40.55 -46.91 -32.52
N ILE A 1930 -39.58 -47.74 -32.14
CA ILE A 1930 -38.24 -47.63 -32.70
C ILE A 1930 -38.23 -48.07 -34.16
N ALA A 1931 -38.97 -49.14 -34.48
CA ALA A 1931 -39.04 -49.59 -35.86
C ALA A 1931 -39.81 -48.60 -36.73
N ALA A 1932 -40.88 -48.03 -36.19
CA ALA A 1932 -41.59 -46.98 -36.90
C ALA A 1932 -40.69 -45.80 -37.20
N CYS A 1933 -39.77 -45.49 -36.27
CA CYS A 1933 -38.87 -44.35 -36.47
C CYS A 1933 -37.78 -44.67 -37.49
N THR A 1934 -37.21 -45.88 -37.43
CA THR A 1934 -36.22 -46.26 -38.42
C THR A 1934 -36.82 -46.27 -39.82
N ASP A 1935 -38.08 -46.73 -39.94
CA ASP A 1935 -38.75 -46.71 -41.24
C ASP A 1935 -38.89 -45.29 -41.76
N LEU A 1936 -39.37 -44.38 -40.91
CA LEU A 1936 -39.49 -42.98 -41.30
C LEU A 1936 -38.14 -42.42 -41.74
N LEU A 1937 -37.09 -42.68 -40.94
CA LEU A 1937 -35.77 -42.14 -41.26
C LEU A 1937 -35.29 -42.63 -42.62
N GLN A 1938 -35.40 -43.93 -42.88
CA GLN A 1938 -35.07 -44.45 -44.21
C GLN A 1938 -35.89 -43.74 -45.27
N ARG A 1939 -37.19 -43.56 -45.02
CA ARG A 1939 -38.07 -42.92 -46.00
C ARG A 1939 -37.57 -41.53 -46.36
N ALA A 1940 -37.33 -40.69 -45.35
CA ALA A 1940 -37.17 -39.26 -45.55
C ALA A 1940 -35.75 -38.86 -45.91
N LEU A 1941 -34.74 -39.62 -45.49
CA LEU A 1941 -33.34 -39.25 -45.69
C LEU A 1941 -33.04 -38.75 -47.10
N PRO A 1942 -33.46 -39.42 -48.19
CA PRO A 1942 -33.14 -38.91 -49.52
C PRO A 1942 -34.04 -37.79 -50.01
N LYS A 1943 -35.12 -37.49 -49.29
CA LYS A 1943 -36.14 -36.58 -49.78
C LYS A 1943 -35.78 -35.13 -49.48
N PRO A 1944 -36.36 -34.19 -50.21
CA PRO A 1944 -36.28 -32.78 -49.82
C PRO A 1944 -37.24 -32.48 -48.68
N ASN A 1945 -37.02 -31.32 -48.07
CA ASN A 1945 -37.95 -30.78 -47.08
C ASN A 1945 -38.13 -31.72 -45.89
N THR A 1946 -37.13 -32.52 -45.59
CA THR A 1946 -37.18 -33.47 -44.48
C THR A 1946 -36.08 -33.25 -43.45
N ALA A 1947 -35.38 -32.12 -43.50
CA ALA A 1947 -34.33 -31.87 -42.52
C ALA A 1947 -34.87 -31.85 -41.10
N PRO A 1948 -36.01 -31.22 -40.80
CA PRO A 1948 -36.51 -31.24 -39.41
C PRO A 1948 -36.96 -32.62 -38.96
N VAL A 1949 -37.37 -33.49 -39.87
CA VAL A 1949 -37.76 -34.84 -39.49
C VAL A 1949 -36.54 -35.69 -39.18
N VAL A 1950 -35.56 -35.71 -40.09
CA VAL A 1950 -34.33 -36.44 -39.84
C VAL A 1950 -33.68 -35.95 -38.55
N THR A 1951 -33.62 -34.63 -38.38
CA THR A 1951 -33.04 -34.06 -37.17
C THR A 1951 -33.77 -34.56 -35.93
N ASN A 1952 -35.09 -34.41 -35.90
CA ASN A 1952 -35.86 -34.74 -34.71
C ASN A 1952 -36.05 -36.24 -34.50
N VAL A 1953 -35.89 -37.05 -35.55
CA VAL A 1953 -35.99 -38.50 -35.36
C VAL A 1953 -34.71 -39.02 -34.71
N CYS A 1954 -33.55 -38.44 -35.05
CA CYS A 1954 -32.31 -38.83 -34.41
C CYS A 1954 -32.33 -38.49 -32.93
N LEU A 1955 -32.88 -37.33 -32.57
CA LEU A 1955 -32.97 -36.95 -31.17
C LEU A 1955 -33.92 -37.86 -30.41
N ALA A 1956 -35.04 -38.23 -31.04
CA ALA A 1956 -35.94 -39.21 -30.44
C ALA A 1956 -35.20 -40.52 -30.15
N PHE A 1957 -34.48 -41.04 -31.16
CA PHE A 1957 -33.64 -42.22 -30.93
C PHE A 1957 -32.77 -42.04 -29.70
N ALA A 1958 -32.03 -40.93 -29.64
CA ALA A 1958 -31.09 -40.71 -28.54
C ALA A 1958 -31.80 -40.69 -27.19
N ASN A 1959 -32.97 -40.04 -27.13
CA ASN A 1959 -33.70 -39.97 -25.88
C ASN A 1959 -34.30 -41.32 -25.50
N ILE A 1960 -34.61 -42.16 -26.48
CA ILE A 1960 -35.29 -43.43 -26.19
C ILE A 1960 -34.33 -44.53 -25.79
N CYS A 1961 -33.04 -44.43 -26.16
CA CYS A 1961 -32.08 -45.49 -25.89
C CYS A 1961 -30.99 -45.14 -24.89
N ILE A 1962 -30.79 -43.86 -24.59
CA ILE A 1962 -29.52 -43.37 -24.06
C ILE A 1962 -28.90 -44.32 -23.05
N GLY A 1963 -29.67 -44.73 -22.04
CA GLY A 1963 -29.16 -45.62 -21.02
C GLY A 1963 -30.01 -46.87 -20.89
N HIS A 1964 -30.65 -47.25 -21.99
CA HIS A 1964 -31.70 -48.26 -21.99
C HIS A 1964 -31.22 -49.48 -22.76
N LYS A 1965 -30.95 -50.56 -22.03
CA LYS A 1965 -30.42 -51.77 -22.66
C LYS A 1965 -31.46 -52.41 -23.57
N LYS A 1966 -32.73 -52.39 -23.17
CA LYS A 1966 -33.78 -53.02 -23.97
C LYS A 1966 -33.92 -52.35 -25.33
N ASN A 1967 -34.08 -51.02 -25.33
CA ASN A 1967 -34.34 -50.32 -26.58
C ASN A 1967 -33.09 -50.17 -27.45
N THR A 1968 -31.92 -50.03 -26.82
CA THR A 1968 -30.69 -49.98 -27.61
C THR A 1968 -30.49 -51.28 -28.39
N GLU A 1969 -30.89 -52.41 -27.81
CA GLU A 1969 -30.77 -53.69 -28.51
C GLU A 1969 -31.83 -53.83 -29.60
N ILE A 1970 -33.05 -53.32 -29.35
CA ILE A 1970 -34.04 -53.24 -30.43
C ILE A 1970 -33.51 -52.39 -31.56
N PHE A 1971 -32.97 -51.22 -31.23
CA PHE A 1971 -32.48 -50.28 -32.24
C PHE A 1971 -31.32 -50.87 -33.02
N SER A 1972 -30.46 -51.64 -32.37
CA SER A 1972 -29.34 -52.26 -33.06
C SER A 1972 -29.81 -53.32 -34.05
N LYS A 1973 -30.74 -54.19 -33.60
CA LYS A 1973 -31.23 -55.25 -34.47
C LYS A 1973 -31.91 -54.70 -35.71
N LEU A 1974 -32.48 -53.50 -35.62
CA LEU A 1974 -33.05 -52.83 -36.78
C LEU A 1974 -31.98 -52.23 -37.69
N GLY A 1975 -30.71 -52.42 -37.38
CA GLY A 1975 -29.65 -51.75 -38.13
C GLY A 1975 -29.57 -50.27 -37.85
N GLY A 1976 -29.91 -49.86 -36.63
CA GLY A 1976 -29.94 -48.46 -36.28
C GLY A 1976 -28.58 -47.79 -36.33
N PRO A 1977 -27.57 -48.40 -35.69
CA PRO A 1977 -26.24 -47.79 -35.70
C PRO A 1977 -25.69 -47.51 -37.09
N ALA A 1978 -25.92 -48.42 -38.05
CA ALA A 1978 -25.48 -48.15 -39.42
C ALA A 1978 -26.25 -46.98 -40.02
N LEU A 1979 -27.53 -46.86 -39.66
CA LEU A 1979 -28.34 -45.75 -40.15
C LEU A 1979 -27.84 -44.42 -39.60
N ASN A 1980 -27.55 -44.37 -38.30
CA ASN A 1980 -26.95 -43.18 -37.71
C ASN A 1980 -25.74 -42.73 -38.51
N VAL A 1981 -24.83 -43.65 -38.81
CA VAL A 1981 -23.65 -43.31 -39.59
C VAL A 1981 -24.03 -42.87 -40.99
N LYS A 1982 -25.17 -43.36 -41.49
CA LYS A 1982 -25.62 -42.96 -42.83
C LYS A 1982 -26.14 -41.54 -42.82
N VAL A 1983 -26.85 -41.13 -41.76
CA VAL A 1983 -27.28 -39.75 -41.63
C VAL A 1983 -26.09 -38.80 -41.53
N LEU A 1984 -24.92 -39.32 -41.18
CA LEU A 1984 -23.73 -38.48 -41.04
C LEU A 1984 -22.94 -38.38 -42.34
N ASN A 1985 -22.79 -39.50 -43.06
CA ASN A 1985 -22.13 -39.45 -44.36
C ASN A 1985 -22.98 -38.66 -45.36
N ASP A 1986 -24.24 -39.03 -45.49
CA ASP A 1986 -25.19 -38.20 -46.23
C ASP A 1986 -25.72 -37.13 -45.29
N ARG A 1987 -25.90 -35.93 -45.81
CA ARG A 1987 -26.50 -34.82 -45.06
C ARG A 1987 -25.65 -34.37 -43.88
N GLY A 1988 -24.38 -34.77 -43.83
CA GLY A 1988 -23.50 -34.28 -42.77
C GLY A 1988 -23.22 -32.79 -42.90
N HIS A 1989 -23.22 -32.28 -44.13
CA HIS A 1989 -23.03 -30.86 -44.38
C HIS A 1989 -24.18 -30.02 -43.83
N GLU A 1990 -25.31 -30.63 -43.51
CA GLU A 1990 -26.44 -29.92 -42.91
C GLU A 1990 -26.23 -29.88 -41.40
N TYR A 1991 -26.20 -28.67 -40.84
CA TYR A 1991 -25.73 -28.51 -39.46
C TYR A 1991 -26.76 -28.99 -38.44
N ASP A 1992 -28.04 -28.69 -38.66
CA ASP A 1992 -29.06 -29.22 -37.76
C ASP A 1992 -29.08 -30.74 -37.79
N VAL A 1993 -28.97 -31.33 -38.98
CA VAL A 1993 -28.93 -32.78 -39.11
C VAL A 1993 -27.68 -33.33 -38.45
N CYS A 1994 -26.51 -32.87 -38.92
CA CYS A 1994 -25.25 -33.38 -38.41
C CYS A 1994 -25.15 -33.26 -36.90
N ASN A 1995 -25.75 -32.21 -36.33
CA ASN A 1995 -25.72 -32.03 -34.88
C ASN A 1995 -26.52 -33.12 -34.17
N ALA A 1996 -27.76 -33.35 -34.62
CA ALA A 1996 -28.59 -34.37 -34.00
C ALA A 1996 -27.99 -35.75 -34.16
N ALA A 1997 -27.47 -36.06 -35.35
CA ALA A 1997 -26.86 -37.36 -35.58
C ALA A 1997 -25.71 -37.61 -34.61
N SER A 1998 -24.88 -36.60 -34.37
CA SER A 1998 -23.80 -36.74 -33.41
C SER A 1998 -24.32 -36.89 -31.99
N VAL A 1999 -25.43 -36.22 -31.66
CA VAL A 1999 -26.01 -36.38 -30.34
C VAL A 1999 -26.50 -37.81 -30.15
N LEU A 2000 -26.98 -38.45 -31.22
CA LEU A 2000 -27.40 -39.84 -31.13
C LEU A 2000 -26.20 -40.75 -30.84
N LEU A 2001 -25.10 -40.56 -31.56
CA LEU A 2001 -23.89 -41.34 -31.30
C LEU A 2001 -23.52 -41.28 -29.82
N CYS A 2002 -23.47 -40.07 -29.26
CA CYS A 2002 -23.05 -39.92 -27.86
C CYS A 2002 -23.98 -40.69 -26.92
N ASN A 2003 -25.29 -40.64 -27.18
CA ASN A 2003 -26.23 -41.34 -26.30
C ASN A 2003 -26.11 -42.85 -26.45
N LEU A 2004 -25.91 -43.33 -27.68
CA LEU A 2004 -25.68 -44.76 -27.87
C LEU A 2004 -24.42 -45.21 -27.15
N LEU A 2005 -23.39 -44.36 -27.09
CA LEU A 2005 -22.13 -44.73 -26.47
C LEU A 2005 -22.22 -44.71 -24.94
N TYR A 2006 -22.99 -43.78 -24.38
CA TYR A 2006 -22.96 -43.54 -22.94
C TYR A 2006 -23.12 -44.83 -22.15
N LYS A 2007 -22.07 -45.16 -21.39
CA LYS A 2007 -22.08 -46.34 -20.52
C LYS A 2007 -22.37 -47.63 -21.29
N ASN A 2008 -21.98 -47.67 -22.56
CA ASN A 2008 -22.24 -48.81 -23.44
C ASN A 2008 -20.95 -49.17 -24.17
N GLU A 2009 -20.18 -50.10 -23.59
CA GLU A 2009 -18.91 -50.49 -24.21
C GLU A 2009 -19.13 -51.12 -25.58
N SER A 2010 -20.17 -51.96 -25.72
CA SER A 2010 -20.37 -52.68 -26.97
C SER A 2010 -20.67 -51.73 -28.12
N MSE A 2011 -21.35 -50.62 -27.84
CA MSE A 2011 -21.57 -49.59 -28.87
C MSE A 2011 -20.26 -48.91 -29.22
O MSE A 2011 -19.99 -48.61 -30.38
CB MSE A 2011 -22.60 -48.57 -28.39
CG MSE A 2011 -24.03 -48.98 -28.62
SE MSE A 2011 -24.47 -49.08 -30.53
CE MSE A 2011 -26.31 -49.71 -30.36
H MSE A 2011 -21.69 -50.43 -27.09
HA MSE A 2011 -21.94 -50.02 -29.67
HB2 MSE A 2011 -22.48 -48.43 -27.44
HB3 MSE A 2011 -22.45 -47.74 -28.87
HG2 MSE A 2011 -24.18 -49.86 -28.23
HG3 MSE A 2011 -24.63 -48.33 -28.22
HE1 MSE A 2011 -26.85 -49.00 -30.01
HE2 MSE A 2011 -26.63 -49.97 -31.25
HE3 MSE A 2011 -26.33 -50.48 -29.77
N LYS A 2012 -19.45 -48.64 -28.19
CA LYS A 2012 -18.13 -48.08 -28.44
C LYS A 2012 -17.32 -48.95 -29.38
N LYS A 2013 -17.38 -50.28 -29.18
CA LYS A 2013 -16.69 -51.19 -30.08
C LYS A 2013 -17.38 -51.25 -31.44
N LEU A 2014 -18.71 -51.34 -31.44
CA LEU A 2014 -19.44 -51.43 -32.70
C LEU A 2014 -19.20 -50.20 -33.57
N LEU A 2015 -19.47 -49.01 -33.01
CA LEU A 2015 -19.35 -47.79 -33.81
C LEU A 2015 -17.90 -47.48 -34.17
N GLY A 2016 -16.93 -48.11 -33.50
CA GLY A 2016 -15.55 -47.96 -33.92
C GLY A 2016 -15.30 -48.61 -35.27
N THR A 2017 -15.92 -49.77 -35.51
CA THR A 2017 -15.80 -50.49 -36.77
C THR A 2017 -16.98 -50.27 -37.69
N ASN A 2018 -17.97 -49.48 -37.27
CA ASN A 2018 -19.16 -49.22 -38.06
C ASN A 2018 -18.92 -48.23 -39.18
N GLY A 2019 -17.80 -47.51 -39.18
CA GLY A 2019 -17.56 -46.44 -40.12
C GLY A 2019 -17.86 -45.06 -39.58
N ALA A 2020 -18.23 -44.95 -38.32
CA ALA A 2020 -18.56 -43.67 -37.70
C ALA A 2020 -17.34 -42.77 -37.63
N PRO A 2021 -16.17 -43.28 -37.21
CA PRO A 2021 -14.99 -42.39 -37.13
C PRO A 2021 -14.72 -41.64 -38.42
N ALA A 2022 -14.71 -42.34 -39.55
CA ALA A 2022 -14.51 -41.67 -40.83
C ALA A 2022 -15.62 -40.69 -41.14
N ALA A 2023 -16.82 -40.94 -40.62
CA ALA A 2023 -17.94 -40.03 -40.85
C ALA A 2023 -17.83 -38.77 -39.99
N LEU A 2024 -17.34 -38.92 -38.76
CA LEU A 2024 -17.15 -37.76 -37.91
C LEU A 2024 -15.99 -36.90 -38.42
N VAL A 2025 -14.95 -37.54 -38.95
CA VAL A 2025 -13.85 -36.79 -39.55
C VAL A 2025 -14.37 -35.92 -40.68
N LYS A 2026 -15.30 -36.45 -41.48
CA LYS A 2026 -15.87 -35.65 -42.56
C LYS A 2026 -16.69 -34.48 -42.01
N GLY A 2027 -17.41 -34.71 -40.91
CA GLY A 2027 -18.13 -33.61 -40.28
C GLY A 2027 -17.19 -32.52 -39.82
N LEU A 2028 -16.01 -32.89 -39.32
CA LEU A 2028 -15.01 -31.91 -38.94
C LEU A 2028 -14.50 -31.14 -40.16
N SER A 2029 -14.25 -31.84 -41.27
CA SER A 2029 -13.66 -31.19 -42.43
C SER A 2029 -14.67 -30.30 -43.15
N ASN A 2030 -15.97 -30.59 -43.02
CA ASN A 2030 -16.98 -29.72 -43.61
C ASN A 2030 -16.78 -28.26 -43.21
N TYR A 2031 -16.11 -28.02 -42.10
CA TYR A 2031 -15.87 -26.66 -41.61
C TYR A 2031 -14.78 -25.98 -42.44
N ASP A 2032 -14.96 -24.69 -42.69
CA ASP A 2032 -13.92 -23.91 -43.34
C ASP A 2032 -13.82 -22.47 -42.85
N GLY A 2033 -14.67 -22.06 -41.91
CA GLY A 2033 -14.54 -20.72 -41.35
C GLY A 2033 -15.81 -20.17 -40.73
N SER A 2034 -16.95 -20.73 -41.08
CA SER A 2034 -18.24 -20.21 -40.61
C SER A 2034 -18.26 -20.11 -39.09
N GLU A 2035 -18.47 -18.90 -38.58
CA GLU A 2035 -18.76 -18.70 -37.17
C GLU A 2035 -20.26 -18.47 -36.93
N GLU A 2036 -21.09 -18.79 -37.91
CA GLU A 2036 -22.54 -18.78 -37.71
C GLU A 2036 -22.89 -19.67 -36.53
N LYS A 2037 -23.88 -19.24 -35.74
CA LYS A 2037 -24.21 -19.94 -34.51
C LYS A 2037 -24.52 -21.42 -34.78
N THR A 2038 -25.22 -21.71 -35.88
CA THR A 2038 -25.63 -23.09 -36.15
C THR A 2038 -24.41 -23.97 -36.46
N ALA A 2039 -23.57 -23.54 -37.39
CA ALA A 2039 -22.40 -24.34 -37.74
C ALA A 2039 -21.48 -24.56 -36.55
N ILE A 2040 -21.60 -23.75 -35.51
CA ILE A 2040 -20.73 -23.85 -34.35
C ILE A 2040 -21.26 -24.88 -33.35
N ARG A 2041 -22.58 -24.93 -33.14
CA ARG A 2041 -23.14 -25.99 -32.31
C ARG A 2041 -22.88 -27.36 -32.94
N CYS A 2042 -23.04 -27.45 -34.27
CA CYS A 2042 -22.69 -28.68 -34.96
C CYS A 2042 -21.24 -29.07 -34.69
N LEU A 2043 -20.31 -28.15 -34.97
CA LEU A 2043 -18.90 -28.45 -34.75
C LEU A 2043 -18.64 -28.93 -33.32
N GLU A 2044 -19.31 -28.33 -32.35
CA GLU A 2044 -19.16 -28.75 -30.96
C GLU A 2044 -19.57 -30.21 -30.80
N SER A 2045 -20.81 -30.54 -31.16
CA SER A 2045 -21.30 -31.90 -30.94
C SER A 2045 -20.46 -32.91 -31.70
N VAL A 2046 -20.06 -32.57 -32.94
CA VAL A 2046 -19.08 -33.37 -33.66
C VAL A 2046 -17.87 -33.66 -32.76
N PHE A 2047 -17.26 -32.58 -32.23
CA PHE A 2047 -16.09 -32.76 -31.38
C PHE A 2047 -16.36 -33.71 -30.22
N LYS A 2048 -17.54 -33.59 -29.59
CA LYS A 2048 -17.83 -34.42 -28.43
C LYS A 2048 -18.06 -35.88 -28.79
N ALA A 2049 -18.66 -36.14 -29.95
CA ALA A 2049 -18.80 -37.52 -30.41
C ALA A 2049 -17.44 -38.18 -30.55
N ILE A 2050 -16.52 -37.52 -31.26
CA ILE A 2050 -15.17 -38.07 -31.45
C ILE A 2050 -14.54 -38.38 -30.10
N SER A 2051 -14.80 -37.55 -29.09
CA SER A 2051 -14.14 -37.74 -27.80
C SER A 2051 -14.72 -38.93 -27.04
N ASN A 2052 -16.05 -39.09 -27.09
CA ASN A 2052 -16.67 -40.26 -26.46
C ASN A 2052 -16.32 -41.53 -27.21
N LEU A 2053 -16.21 -41.45 -28.54
CA LEU A 2053 -15.83 -42.62 -29.32
C LEU A 2053 -14.39 -43.01 -29.04
N SER A 2054 -13.47 -42.05 -29.12
CA SER A 2054 -12.07 -42.31 -28.81
C SER A 2054 -11.85 -42.70 -27.36
N LEU A 2055 -12.87 -42.57 -26.50
CA LEU A 2055 -12.72 -42.97 -25.11
C LEU A 2055 -12.36 -44.45 -25.00
N TYR A 2056 -12.77 -45.26 -25.97
CA TYR A 2056 -12.35 -46.66 -26.07
C TYR A 2056 -11.09 -46.69 -26.94
N THR A 2057 -9.95 -46.91 -26.30
CA THR A 2057 -8.67 -46.59 -26.94
C THR A 2057 -8.48 -47.23 -28.31
N PRO A 2058 -8.92 -48.47 -28.57
CA PRO A 2058 -8.75 -49.01 -29.93
C PRO A 2058 -9.35 -48.15 -31.03
N ASN A 2059 -10.39 -47.38 -30.72
CA ASN A 2059 -11.06 -46.57 -31.73
C ASN A 2059 -10.18 -45.44 -32.26
N ILE A 2060 -8.99 -45.23 -31.69
CA ILE A 2060 -8.12 -44.17 -32.19
C ILE A 2060 -7.54 -44.54 -33.55
N GLN A 2061 -7.15 -45.80 -33.72
CA GLN A 2061 -6.59 -46.22 -35.01
C GLN A 2061 -7.54 -45.95 -36.17
N PRO A 2062 -8.83 -46.32 -36.11
CA PRO A 2062 -9.72 -45.97 -37.23
C PRO A 2062 -9.82 -44.48 -37.47
N PHE A 2063 -9.74 -43.65 -36.42
CA PHE A 2063 -9.74 -42.21 -36.62
C PHE A 2063 -8.51 -41.77 -37.40
N LEU A 2064 -7.36 -42.39 -37.12
CA LEU A 2064 -6.15 -42.09 -37.86
C LEU A 2064 -6.23 -42.60 -39.29
N ASP A 2065 -6.85 -43.77 -39.49
CA ASP A 2065 -7.05 -44.27 -40.85
C ASP A 2065 -7.83 -43.27 -41.69
N ALA A 2066 -8.82 -42.62 -41.09
CA ALA A 2066 -9.65 -41.66 -41.81
C ALA A 2066 -9.00 -40.28 -41.94
N GLY A 2067 -7.85 -40.06 -41.29
CA GLY A 2067 -7.14 -38.81 -41.43
C GLY A 2067 -7.51 -37.74 -40.43
N ILE A 2068 -7.88 -38.12 -39.21
CA ILE A 2068 -8.26 -37.12 -38.21
C ILE A 2068 -7.13 -36.13 -37.97
N GLU A 2069 -5.89 -36.56 -38.09
CA GLU A 2069 -4.77 -35.68 -37.79
C GLU A 2069 -4.68 -34.52 -38.78
N ASN A 2070 -5.02 -34.77 -40.05
CA ASN A 2070 -4.98 -33.71 -41.05
C ASN A 2070 -6.20 -32.80 -40.94
N ALA A 2071 -7.34 -33.35 -40.52
CA ALA A 2071 -8.51 -32.50 -40.27
C ALA A 2071 -8.22 -31.49 -39.18
N TYR A 2072 -7.60 -31.94 -38.08
CA TYR A 2072 -7.30 -31.04 -36.98
C TYR A 2072 -6.32 -29.96 -37.40
N SER A 2073 -5.23 -30.35 -38.05
CA SER A 2073 -4.26 -29.38 -38.55
C SER A 2073 -4.95 -28.28 -39.34
N THR A 2074 -5.71 -28.68 -40.36
CA THR A 2074 -6.41 -27.68 -41.19
C THR A 2074 -7.38 -26.85 -40.38
N TRP A 2075 -7.97 -27.44 -39.33
CA TRP A 2075 -8.88 -26.67 -38.49
C TRP A 2075 -8.12 -25.70 -37.59
N LEU A 2076 -6.95 -26.11 -37.10
CA LEU A 2076 -6.17 -25.26 -36.22
C LEU A 2076 -5.47 -24.14 -36.97
N SER A 2077 -4.93 -24.43 -38.15
CA SER A 2077 -4.17 -23.45 -38.91
C SER A 2077 -5.05 -22.45 -39.65
N ASN A 2078 -6.39 -22.61 -39.62
CA ASN A 2078 -7.30 -21.69 -40.27
C ASN A 2078 -8.24 -21.01 -39.28
N LEU A 2079 -7.93 -21.05 -38.00
CA LEU A 2079 -8.72 -20.32 -37.02
C LEU A 2079 -8.42 -18.82 -37.11
N SER A 2080 -9.47 -18.01 -36.93
CA SER A 2080 -9.32 -16.58 -36.76
C SER A 2080 -9.42 -16.25 -35.27
N GLU A 2081 -8.65 -15.27 -34.83
CA GLU A 2081 -8.67 -14.90 -33.41
C GLU A 2081 -10.07 -14.57 -32.93
N THR A 2082 -10.97 -14.19 -33.83
CA THR A 2082 -12.37 -14.01 -33.53
C THR A 2082 -13.12 -15.34 -33.38
N PHE A 2083 -12.45 -16.48 -33.53
CA PHE A 2083 -13.11 -17.77 -33.37
C PHE A 2083 -13.36 -18.04 -31.89
N PRO A 2084 -14.61 -18.33 -31.49
CA PRO A 2084 -14.92 -18.41 -30.06
C PRO A 2084 -14.03 -19.39 -29.33
N ASP A 2085 -13.44 -18.93 -28.23
CA ASP A 2085 -12.54 -19.76 -27.44
C ASP A 2085 -13.26 -20.93 -26.77
N ALA A 2086 -14.59 -20.89 -26.70
CA ALA A 2086 -15.32 -22.00 -26.09
C ALA A 2086 -15.21 -23.26 -26.93
N GLN A 2087 -15.25 -23.12 -28.25
CA GLN A 2087 -15.14 -24.27 -29.14
C GLN A 2087 -13.70 -24.63 -29.45
N LEU A 2088 -12.80 -23.65 -29.48
CA LEU A 2088 -11.37 -23.97 -29.47
C LEU A 2088 -11.04 -24.82 -28.25
N GLU A 2089 -11.65 -24.50 -27.11
CA GLU A 2089 -11.48 -25.30 -25.90
C GLU A 2089 -12.04 -26.71 -26.10
N THR A 2090 -13.22 -26.82 -26.70
CA THR A 2090 -13.83 -28.13 -26.90
C THR A 2090 -12.97 -28.98 -27.82
N GLY A 2091 -12.59 -28.45 -28.99
CA GLY A 2091 -11.80 -29.22 -29.93
C GLY A 2091 -10.48 -29.69 -29.34
N CYS A 2092 -9.77 -28.78 -28.67
CA CYS A 2092 -8.46 -29.14 -28.13
C CYS A 2092 -8.56 -30.19 -27.03
N ARG A 2093 -9.68 -30.22 -26.29
CA ARG A 2093 -9.83 -31.22 -25.24
C ARG A 2093 -10.05 -32.60 -25.83
N THR A 2094 -10.75 -32.69 -26.96
CA THR A 2094 -10.87 -33.97 -27.66
C THR A 2094 -9.59 -34.32 -28.41
N LEU A 2095 -8.72 -33.34 -28.68
CA LEU A 2095 -7.45 -33.65 -29.31
C LEU A 2095 -6.44 -34.22 -28.32
N VAL A 2096 -6.43 -33.71 -27.08
CA VAL A 2096 -5.55 -34.32 -26.09
C VAL A 2096 -6.05 -35.71 -25.74
N ASN A 2097 -7.35 -35.97 -25.89
CA ASN A 2097 -7.86 -37.32 -25.69
C ASN A 2097 -7.37 -38.28 -26.76
N LEU A 2098 -7.14 -37.77 -27.97
CA LEU A 2098 -6.67 -38.61 -29.07
C LEU A 2098 -5.18 -38.94 -28.95
N VAL A 2099 -4.40 -38.13 -28.24
CA VAL A 2099 -2.99 -38.38 -28.02
C VAL A 2099 -2.67 -38.74 -26.58
N MSE A 2100 -3.69 -38.86 -25.73
CA MSE A 2100 -3.49 -39.17 -24.32
C MSE A 2100 -2.88 -40.56 -24.16
O MSE A 2100 -1.78 -40.72 -23.62
CB MSE A 2100 -4.81 -39.06 -23.55
CG MSE A 2100 -4.80 -39.65 -22.16
SE MSE A 2100 -6.61 -39.79 -21.42
CE MSE A 2100 -6.55 -41.64 -20.81
H MSE A 2100 -4.52 -38.75 -25.94
HA MSE A 2100 -2.87 -38.52 -23.94
HB2 MSE A 2100 -5.04 -38.12 -23.47
HB3 MSE A 2100 -5.49 -39.52 -24.07
HG2 MSE A 2100 -4.43 -40.54 -22.19
HG3 MSE A 2100 -4.28 -39.09 -21.57
HE1 MSE A 2100 -6.72 -41.65 -19.86
HE2 MSE A 2100 -7.23 -42.14 -21.28
HE3 MSE A 2100 -5.68 -42.00 -21.00
N GLU A 2101 -3.61 -41.57 -24.62
CA GLU A 2101 -3.15 -42.96 -24.54
C GLU A 2101 -2.41 -43.33 -25.82
N ASN A 2102 -1.38 -42.54 -26.11
CA ASN A 2102 -0.56 -42.69 -27.30
C ASN A 2102 0.90 -42.84 -26.89
N GLU A 2103 1.60 -43.78 -27.53
CA GLU A 2103 2.99 -44.04 -27.22
C GLU A 2103 3.93 -43.48 -28.28
N GLU A 2104 4.06 -44.18 -29.41
CA GLU A 2104 5.13 -43.90 -30.36
C GLU A 2104 4.60 -43.59 -31.75
N ASN A 2105 4.08 -44.59 -32.48
CA ASN A 2105 3.75 -44.37 -33.89
C ASN A 2105 2.69 -43.28 -34.05
N ASN A 2106 1.81 -43.12 -33.07
CA ASN A 2106 0.77 -42.09 -33.17
C ASN A 2106 1.35 -40.70 -32.96
N MSE A 2107 2.34 -40.58 -32.08
CA MSE A 2107 2.97 -39.28 -31.82
C MSE A 2107 3.66 -38.75 -33.08
O MSE A 2107 3.91 -37.55 -33.21
CB MSE A 2107 3.99 -39.38 -30.69
CG MSE A 2107 3.39 -39.63 -29.32
SE MSE A 2107 1.96 -38.39 -28.86
CE MSE A 2107 1.77 -38.82 -26.98
H MSE A 2107 2.66 -41.22 -31.61
HA MSE A 2107 2.28 -38.65 -31.55
HB2 MSE A 2107 4.59 -40.12 -30.88
HB3 MSE A 2107 4.48 -38.55 -30.64
HG2 MSE A 2107 3.02 -40.53 -29.29
HG3 MSE A 2107 4.08 -39.55 -28.64
HE1 MSE A 2107 1.94 -38.02 -26.45
HE2 MSE A 2107 0.87 -39.14 -26.81
HE3 MSE A 2107 2.41 -39.52 -26.75
N ARG A 2108 3.98 -39.65 -34.01
CA ARG A 2108 4.63 -39.23 -35.25
C ARG A 2108 3.62 -38.68 -36.25
N LYS A 2109 2.46 -39.31 -36.37
CA LYS A 2109 1.45 -38.83 -37.30
C LYS A 2109 0.75 -37.58 -36.77
N PHE A 2110 0.42 -37.57 -35.48
CA PHE A 2110 -0.19 -36.38 -34.88
C PHE A 2110 0.78 -35.21 -34.83
N GLY A 2111 2.08 -35.45 -35.02
CA GLY A 2111 3.05 -34.38 -35.00
C GLY A 2111 2.75 -33.28 -35.99
N VAL A 2112 1.99 -33.59 -37.04
CA VAL A 2112 1.61 -32.59 -38.02
C VAL A 2112 0.73 -31.50 -37.44
N CYS A 2113 0.23 -31.70 -36.21
CA CYS A 2113 -0.57 -30.71 -35.51
C CYS A 2113 0.25 -29.86 -34.54
N LEU A 2114 1.51 -30.25 -34.28
CA LEU A 2114 2.33 -29.49 -33.34
C LEU A 2114 2.39 -28.01 -33.73
N LEU A 2115 2.91 -27.73 -34.92
CA LEU A 2115 3.10 -26.34 -35.33
C LEU A 2115 1.78 -25.59 -35.39
N PRO A 2116 0.70 -26.11 -35.97
CA PRO A 2116 -0.59 -25.41 -35.89
C PRO A 2116 -1.01 -25.06 -34.46
N CYS A 2117 -0.84 -25.98 -33.51
CA CYS A 2117 -1.16 -25.67 -32.13
C CYS A 2117 -0.34 -24.49 -31.62
N MSE A 2118 0.95 -24.47 -31.94
CA MSE A 2118 1.85 -23.42 -31.48
C MSE A 2118 1.43 -22.06 -32.02
O MSE A 2118 1.63 -21.03 -31.36
CB MSE A 2118 3.29 -23.74 -31.87
CG MSE A 2118 3.85 -24.99 -31.20
SE MSE A 2118 5.61 -25.61 -31.83
CE MSE A 2118 6.23 -24.04 -32.81
H MSE A 2118 1.34 -25.06 -32.43
HA MSE A 2118 1.82 -23.38 -30.50
HB2 MSE A 2118 3.33 -23.87 -32.84
HB3 MSE A 2118 3.85 -22.99 -31.63
HG2 MSE A 2118 3.94 -24.81 -30.25
HG3 MSE A 2118 3.22 -25.72 -31.35
HE1 MSE A 2118 5.73 -23.27 -32.51
HE2 MSE A 2118 7.18 -23.92 -32.62
HE3 MSE A 2118 6.10 -24.18 -33.76
N ALA A 2119 0.87 -22.04 -33.23
CA ALA A 2119 0.36 -20.79 -33.79
C ALA A 2119 -0.80 -20.25 -32.96
N VAL A 2120 -1.73 -21.13 -32.56
CA VAL A 2120 -2.85 -20.68 -31.75
C VAL A 2120 -2.37 -20.24 -30.37
N ALA A 2121 -1.32 -20.90 -29.85
CA ALA A 2121 -0.78 -20.49 -28.56
C ALA A 2121 -0.11 -19.12 -28.64
N LYS A 2122 0.51 -18.80 -29.77
CA LYS A 2122 1.12 -17.49 -29.96
C LYS A 2122 0.08 -16.40 -30.19
N GLN A 2123 -1.05 -16.74 -30.81
CA GLN A 2123 -2.13 -15.77 -30.96
C GLN A 2123 -2.57 -15.28 -29.60
N GLY A 2124 -3.05 -14.03 -29.56
CA GLY A 2124 -3.41 -13.39 -28.32
C GLY A 2124 -4.61 -14.02 -27.63
N ARG A 2125 -4.38 -15.09 -26.88
CA ARG A 2125 -5.44 -15.76 -26.13
C ARG A 2125 -5.44 -15.20 -24.72
N THR A 2126 -6.36 -14.27 -24.45
CA THR A 2126 -6.44 -13.65 -23.13
C THR A 2126 -6.89 -14.62 -22.05
N ASP A 2127 -7.52 -15.73 -22.43
CA ASP A 2127 -7.96 -16.72 -21.47
C ASP A 2127 -6.85 -17.76 -21.26
N THR A 2128 -7.11 -18.69 -20.34
CA THR A 2128 -6.17 -19.77 -20.04
C THR A 2128 -6.80 -21.15 -20.22
N LYS A 2129 -8.08 -21.23 -20.56
CA LYS A 2129 -8.76 -22.52 -20.65
C LYS A 2129 -8.26 -23.31 -21.86
N ALA A 2130 -8.31 -22.71 -23.05
CA ALA A 2130 -7.76 -23.36 -24.22
C ALA A 2130 -6.24 -23.46 -24.13
N LEU A 2131 -5.60 -22.44 -23.53
CA LEU A 2131 -4.14 -22.39 -23.51
C LEU A 2131 -3.56 -23.60 -22.81
N LEU A 2132 -4.15 -24.02 -21.69
CA LEU A 2132 -3.75 -25.27 -21.05
C LEU A 2132 -3.74 -26.42 -22.04
N LEU A 2133 -4.90 -26.65 -22.68
CA LEU A 2133 -5.03 -27.80 -23.57
C LEU A 2133 -4.00 -27.75 -24.68
N LEU A 2134 -3.68 -26.56 -25.19
CA LEU A 2134 -2.71 -26.45 -26.28
C LEU A 2134 -1.31 -26.83 -25.82
N LEU A 2135 -0.91 -26.41 -24.62
CA LEU A 2135 0.37 -26.84 -24.08
C LEU A 2135 0.34 -28.29 -23.62
N ASP A 2136 -0.84 -28.82 -23.30
CA ASP A 2136 -0.93 -30.21 -22.87
C ASP A 2136 -0.69 -31.17 -24.03
N ILE A 2137 -1.14 -30.80 -25.24
CA ILE A 2137 -0.87 -31.64 -26.41
C ILE A 2137 0.49 -31.33 -27.01
N GLU A 2138 1.02 -30.13 -26.78
CA GLU A 2138 2.42 -29.88 -27.07
C GLU A 2138 3.32 -30.77 -26.23
N ALA A 2139 2.99 -30.91 -24.94
CA ALA A 2139 3.77 -31.78 -24.06
C ALA A 2139 3.63 -33.25 -24.44
N SER A 2140 2.40 -33.68 -24.71
CA SER A 2140 2.20 -35.06 -25.15
C SER A 2140 2.96 -35.34 -26.44
N LEU A 2141 2.75 -34.51 -27.45
CA LEU A 2141 3.49 -34.67 -28.71
C LEU A 2141 4.99 -34.66 -28.47
N CYS A 2142 5.46 -33.81 -27.56
CA CYS A 2142 6.90 -33.66 -27.33
C CYS A 2142 7.52 -34.86 -26.65
N ARG A 2143 6.72 -35.86 -26.24
CA ARG A 2143 7.31 -37.12 -25.79
C ARG A 2143 8.22 -37.70 -26.86
N LEU A 2144 7.91 -37.46 -28.13
CA LEU A 2144 8.68 -37.99 -29.25
C LEU A 2144 9.79 -37.00 -29.61
N LYS A 2145 11.01 -37.52 -29.75
CA LYS A 2145 12.17 -36.63 -29.85
C LYS A 2145 12.04 -35.68 -31.04
N GLU A 2146 11.61 -36.19 -32.20
CA GLU A 2146 11.60 -35.36 -33.39
C GLU A 2146 10.63 -34.18 -33.26
N ASN A 2147 9.60 -34.30 -32.43
CA ASN A 2147 8.70 -33.17 -32.18
C ASN A 2147 9.36 -32.15 -31.25
N ALA A 2148 9.88 -32.61 -30.11
CA ALA A 2148 10.58 -31.72 -29.20
C ALA A 2148 11.63 -30.89 -29.92
N GLU A 2149 12.17 -31.41 -31.02
CA GLU A 2149 13.16 -30.67 -31.80
C GLU A 2149 12.49 -29.66 -32.73
N ALA A 2150 11.38 -30.04 -33.36
CA ALA A 2150 10.61 -29.06 -34.12
C ALA A 2150 10.04 -27.98 -33.20
N PHE A 2151 9.70 -28.36 -31.96
CA PHE A 2151 9.17 -27.40 -31.00
C PHE A 2151 10.22 -26.36 -30.64
N ALA A 2152 11.48 -26.77 -30.47
CA ALA A 2152 12.54 -25.82 -30.20
C ALA A 2152 12.92 -25.03 -31.45
N ALA A 2153 12.82 -25.66 -32.62
CA ALA A 2153 13.23 -25.01 -33.86
C ALA A 2153 12.25 -23.96 -34.34
N ASN A 2154 11.11 -23.79 -33.66
CA ASN A 2154 10.08 -22.84 -34.08
C ASN A 2154 9.62 -21.96 -32.91
N GLY A 2155 10.50 -21.71 -31.96
CA GLY A 2155 10.25 -20.70 -30.94
C GLY A 2155 9.45 -21.16 -29.74
N GLY A 2156 9.16 -22.46 -29.63
CA GLY A 2156 8.39 -22.93 -28.49
C GLY A 2156 8.98 -22.51 -27.16
N ILE A 2157 10.30 -22.59 -27.04
CA ILE A 2157 10.96 -22.23 -25.78
C ILE A 2157 10.67 -20.77 -25.44
N GLU A 2158 10.83 -19.88 -26.42
CA GLU A 2158 10.59 -18.46 -26.15
C GLU A 2158 9.11 -18.18 -25.95
N THR A 2159 8.26 -18.79 -26.78
CA THR A 2159 6.81 -18.61 -26.60
C THR A 2159 6.36 -19.15 -25.25
N THR A 2160 6.82 -20.33 -24.87
CA THR A 2160 6.41 -20.91 -23.60
C THR A 2160 6.84 -20.03 -22.44
N ILE A 2161 8.11 -19.63 -22.42
CA ILE A 2161 8.59 -18.77 -21.34
C ILE A 2161 7.78 -17.48 -21.29
N ARG A 2162 7.45 -16.92 -22.46
CA ARG A 2162 6.63 -15.72 -22.48
C ARG A 2162 5.24 -15.97 -21.93
N LEU A 2163 4.62 -17.10 -22.31
CA LEU A 2163 3.27 -17.39 -21.85
C LEU A 2163 3.25 -17.68 -20.35
N ILE A 2164 4.29 -18.34 -19.85
CA ILE A 2164 4.36 -18.62 -18.41
C ILE A 2164 4.30 -17.31 -17.63
N HIS A 2165 5.15 -16.36 -17.98
CA HIS A 2165 5.15 -15.07 -17.28
C HIS A 2165 3.77 -14.44 -17.29
N GLN A 2166 3.12 -14.42 -18.45
CA GLN A 2166 1.82 -13.76 -18.57
C GLN A 2166 0.80 -14.40 -17.64
N PHE A 2167 0.74 -15.74 -17.62
CA PHE A 2167 -0.30 -16.46 -16.93
C PHE A 2167 0.23 -17.28 -15.74
N ASP A 2168 1.31 -16.81 -15.11
CA ASP A 2168 1.88 -17.59 -14.01
C ASP A 2168 1.00 -17.60 -12.77
N TYR A 2169 -0.14 -16.91 -12.77
CA TYR A 2169 -1.11 -17.07 -11.69
C TYR A 2169 -1.87 -18.39 -11.78
N ASP A 2170 -1.78 -19.08 -12.92
CA ASP A 2170 -2.44 -20.36 -13.14
C ASP A 2170 -1.39 -21.45 -13.02
N VAL A 2171 -1.36 -22.14 -11.87
CA VAL A 2171 -0.29 -23.09 -11.62
C VAL A 2171 -0.36 -24.27 -12.58
N GLY A 2172 -1.56 -24.62 -13.04
CA GLY A 2172 -1.67 -25.72 -14.00
C GLY A 2172 -0.94 -25.40 -15.29
N LEU A 2173 -1.14 -24.19 -15.82
CA LEU A 2173 -0.42 -23.78 -17.02
C LEU A 2173 1.06 -23.58 -16.71
N LEU A 2174 1.37 -23.02 -15.54
CA LEU A 2174 2.76 -22.88 -15.14
C LEU A 2174 3.44 -24.24 -15.01
N THR A 2175 2.71 -25.24 -14.49
CA THR A 2175 3.29 -26.57 -14.33
C THR A 2175 3.52 -27.26 -15.67
N LEU A 2176 2.59 -27.08 -16.62
CA LEU A 2176 2.79 -27.65 -17.94
C LEU A 2176 3.93 -26.94 -18.67
N GLY A 2177 4.05 -25.62 -18.49
CA GLY A 2177 5.18 -24.91 -19.06
C GLY A 2177 6.50 -25.47 -18.57
N ILE A 2178 6.61 -25.69 -17.26
CA ILE A 2178 7.82 -26.30 -16.71
C ILE A 2178 8.10 -27.63 -17.40
N HIS A 2179 7.08 -28.50 -17.48
CA HIS A 2179 7.28 -29.82 -18.06
C HIS A 2179 7.77 -29.72 -19.50
N LEU A 2180 7.13 -28.87 -20.30
CA LEU A 2180 7.61 -28.63 -21.66
C LEU A 2180 9.09 -28.28 -21.65
N LEU A 2181 9.52 -27.41 -20.74
CA LEU A 2181 10.91 -26.96 -20.71
C LEU A 2181 11.83 -28.09 -20.26
N GLY A 2182 11.46 -28.80 -19.19
CA GLY A 2182 12.27 -29.91 -18.74
C GLY A 2182 12.63 -30.87 -19.85
N ILE A 2183 11.68 -31.13 -20.76
CA ILE A 2183 11.96 -31.98 -21.91
C ILE A 2183 13.11 -31.40 -22.73
N GLN A 2184 13.10 -30.08 -22.93
CA GLN A 2184 14.09 -29.43 -23.79
C GLN A 2184 15.50 -29.52 -23.22
N SER A 2185 15.66 -29.91 -21.96
CA SER A 2185 17.00 -30.10 -21.41
C SER A 2185 17.77 -31.20 -22.13
N ALA A 2186 17.11 -32.01 -22.95
CA ALA A 2186 17.75 -33.06 -23.72
C ALA A 2186 17.96 -32.69 -25.19
N VAL A 2187 17.39 -31.59 -25.66
CA VAL A 2187 17.54 -31.17 -27.05
C VAL A 2187 18.79 -30.31 -27.19
N LYS A 2188 19.43 -30.41 -28.34
CA LYS A 2188 20.68 -29.68 -28.57
C LYS A 2188 20.40 -28.19 -28.72
N ASP A 2189 21.33 -27.38 -28.20
CA ASP A 2189 21.25 -25.92 -28.24
C ASP A 2189 20.14 -25.39 -27.34
N SER A 2190 19.32 -26.26 -26.76
CA SER A 2190 18.12 -25.79 -26.06
C SER A 2190 18.47 -25.17 -24.72
N ILE A 2191 19.42 -25.75 -23.98
CA ILE A 2191 19.82 -25.16 -22.71
C ILE A 2191 20.25 -23.72 -22.91
N GLN A 2192 20.98 -23.45 -24.00
CA GLN A 2192 21.45 -22.09 -24.26
C GLN A 2192 20.33 -21.19 -24.75
N ARG A 2193 19.33 -21.75 -25.45
CA ARG A 2193 18.17 -20.95 -25.84
C ARG A 2193 17.35 -20.54 -24.64
N MSE A 2194 17.27 -21.40 -23.62
CA MSE A 2194 16.52 -21.09 -22.41
C MSE A 2194 17.26 -20.06 -21.56
O MSE A 2194 16.63 -19.21 -20.92
CB MSE A 2194 16.28 -22.36 -21.60
CG MSE A 2194 15.30 -23.32 -22.27
SE MSE A 2194 14.94 -24.91 -21.21
CE MSE A 2194 16.58 -25.90 -21.56
H MSE A 2194 17.65 -22.17 -23.62
HA MSE A 2194 15.66 -20.72 -22.66
HB2 MSE A 2194 17.13 -22.83 -21.49
HB3 MSE A 2194 15.91 -22.12 -20.74
HG2 MSE A 2194 14.46 -22.86 -22.42
HG3 MSE A 2194 15.68 -23.61 -23.13
HE1 MSE A 2194 17.26 -25.61 -20.93
HE2 MSE A 2194 16.41 -26.84 -21.45
HE3 MSE A 2194 16.86 -25.72 -22.48
N MSE A 2195 18.59 -20.13 -21.54
CA MSE A 2195 19.40 -19.15 -20.81
C MSE A 2195 19.21 -17.76 -21.41
O MSE A 2195 19.07 -16.79 -20.68
CB MSE A 2195 20.87 -19.53 -20.82
CG MSE A 2195 21.23 -20.74 -19.96
SE MSE A 2195 20.53 -20.70 -18.16
CE MSE A 2195 21.18 -18.96 -17.59
H MSE A 2195 19.05 -20.73 -21.95
HA MSE A 2195 19.11 -19.15 -19.89
HB2 MSE A 2195 21.13 -19.73 -21.73
HB3 MSE A 2195 21.39 -18.78 -20.48
HG2 MSE A 2195 20.89 -21.54 -20.40
HG3 MSE A 2195 22.21 -20.80 -19.90
HE1 MSE A 2195 21.14 -18.35 -18.35
HE2 MSE A 2195 20.62 -18.63 -16.87
HE3 MSE A 2195 22.09 -19.06 -17.30
N ASP A 2196 19.24 -17.69 -22.74
CA ASP A 2196 19.07 -16.39 -23.40
C ASP A 2196 17.71 -15.77 -23.06
N ALA A 2197 16.71 -16.59 -22.77
CA ALA A 2197 15.37 -16.11 -22.45
C ALA A 2197 15.10 -16.08 -20.95
N ASP A 2198 16.13 -16.24 -20.11
CA ASP A 2198 16.01 -16.02 -18.67
C ASP A 2198 15.05 -17.01 -18.03
N VAL A 2199 15.26 -18.31 -18.33
CA VAL A 2199 14.36 -19.33 -17.81
C VAL A 2199 14.43 -19.40 -16.29
N PHE A 2200 15.60 -19.11 -15.71
CA PHE A 2200 15.74 -19.26 -14.26
C PHE A 2200 14.84 -18.30 -13.49
N SER A 2201 14.44 -17.18 -14.09
CA SER A 2201 13.44 -16.33 -13.45
C SER A 2201 12.18 -17.12 -13.13
N ILE A 2202 11.78 -18.01 -14.04
CA ILE A 2202 10.63 -18.88 -13.78
C ILE A 2202 11.00 -19.93 -12.74
N LEU A 2203 12.12 -20.62 -12.94
CA LEU A 2203 12.48 -21.73 -12.05
C LEU A 2203 12.78 -21.24 -10.64
N VAL A 2204 13.32 -20.04 -10.49
CA VAL A 2204 13.56 -19.50 -9.15
C VAL A 2204 12.24 -19.12 -8.48
N GLY A 2205 11.32 -18.53 -9.26
CA GLY A 2205 10.11 -18.00 -8.66
C GLY A 2205 9.10 -19.04 -8.24
N CYS A 2206 9.09 -20.20 -8.89
CA CYS A 2206 7.96 -21.11 -8.80
C CYS A 2206 8.13 -22.21 -7.75
N VAL A 2207 9.28 -22.31 -7.07
CA VAL A 2207 9.47 -23.32 -6.05
C VAL A 2207 9.26 -22.76 -4.65
N GLU A 2208 8.67 -21.58 -4.52
CA GLU A 2208 8.38 -20.99 -3.22
C GLU A 2208 7.63 -21.97 -2.32
N VAL A 2209 8.04 -22.01 -1.05
CA VAL A 2209 7.31 -22.72 0.00
C VAL A 2209 7.39 -21.91 1.29
N ASP A 2210 6.48 -22.22 2.21
CA ASP A 2210 6.49 -21.61 3.53
C ASP A 2210 6.36 -22.74 4.56
N ALA A 2211 5.94 -22.39 5.78
CA ALA A 2211 5.94 -23.32 6.90
C ALA A 2211 4.62 -24.04 7.10
N GLU A 2212 3.59 -23.72 6.33
CA GLU A 2212 2.26 -24.28 6.56
C GLU A 2212 2.03 -25.60 5.82
N GLY A 2213 2.93 -26.00 4.94
CA GLY A 2213 2.85 -27.31 4.31
C GLY A 2213 1.71 -27.49 3.35
N ASN A 2214 1.32 -26.43 2.64
CA ASN A 2214 0.27 -26.51 1.63
C ASN A 2214 0.81 -26.11 0.26
N GLU A 2215 2.04 -26.53 -0.04
CA GLU A 2215 2.66 -26.15 -1.31
C GLU A 2215 1.88 -26.76 -2.48
N VAL A 2216 2.17 -26.23 -3.67
CA VAL A 2216 1.69 -26.81 -4.92
C VAL A 2216 2.75 -27.82 -5.34
N THR A 2217 2.60 -29.06 -4.88
CA THR A 2217 3.69 -30.03 -4.89
C THR A 2217 4.24 -30.24 -6.30
N ASP A 2218 3.38 -30.61 -7.25
CA ASP A 2218 3.86 -30.91 -8.59
C ASP A 2218 4.61 -29.74 -9.20
N LEU A 2219 4.30 -28.51 -8.80
CA LEU A 2219 5.00 -27.35 -9.32
C LEU A 2219 6.37 -27.19 -8.67
N VAL A 2220 6.45 -27.35 -7.35
CA VAL A 2220 7.72 -27.19 -6.65
C VAL A 2220 8.66 -28.34 -7.02
N VAL A 2221 8.15 -29.57 -7.07
CA VAL A 2221 8.97 -30.71 -7.42
C VAL A 2221 9.42 -30.62 -8.88
N GLY A 2222 8.48 -30.34 -9.79
CA GLY A 2222 8.85 -30.16 -11.18
C GLY A 2222 9.86 -29.04 -11.37
N GLY A 2223 9.67 -27.92 -10.66
CA GLY A 2223 10.60 -26.82 -10.78
C GLY A 2223 12.00 -27.20 -10.32
N LEU A 2224 12.10 -27.84 -9.15
CA LEU A 2224 13.41 -28.23 -8.65
C LEU A 2224 14.08 -29.22 -9.59
N ARG A 2225 13.32 -30.19 -10.10
CA ARG A 2225 13.90 -31.19 -11.00
C ARG A 2225 14.36 -30.54 -12.30
N CYS A 2226 13.52 -29.68 -12.88
CA CYS A 2226 13.91 -29.01 -14.12
C CYS A 2226 15.16 -28.16 -13.91
N THR A 2227 15.36 -27.62 -12.70
CA THR A 2227 16.57 -26.87 -12.41
C THR A 2227 17.78 -27.79 -12.35
N ARG A 2228 17.67 -28.89 -11.59
CA ARG A 2228 18.77 -29.84 -11.51
C ARG A 2228 19.18 -30.32 -12.90
N ARG A 2229 18.21 -30.49 -13.80
CA ARG A 2229 18.51 -31.01 -15.12
C ARG A 2229 19.17 -29.97 -16.02
N ILE A 2230 18.91 -28.69 -15.78
CA ILE A 2230 19.51 -27.66 -16.62
C ILE A 2230 20.89 -27.23 -16.13
N VAL A 2231 21.18 -27.40 -14.84
CA VAL A 2231 22.48 -27.02 -14.28
C VAL A 2231 23.45 -28.15 -14.57
N ARG A 2232 24.27 -27.98 -15.61
CA ARG A 2232 25.26 -28.98 -16.00
C ARG A 2232 26.60 -28.31 -16.32
N SER A 2233 26.93 -27.25 -15.59
CA SER A 2233 28.18 -26.54 -15.83
C SER A 2233 28.33 -25.48 -14.75
N GLU A 2234 29.58 -25.16 -14.43
CA GLU A 2234 29.86 -24.10 -13.47
C GLU A 2234 29.19 -22.80 -13.89
N GLU A 2235 29.32 -22.45 -15.17
CA GLU A 2235 28.68 -21.23 -15.67
C GLU A 2235 27.19 -21.25 -15.40
N LEU A 2236 26.51 -22.33 -15.81
CA LEU A 2236 25.07 -22.42 -15.59
C LEU A 2236 24.71 -22.35 -14.12
N ALA A 2237 25.57 -22.87 -13.24
CA ALA A 2237 25.28 -22.80 -11.81
C ALA A 2237 25.29 -21.37 -11.31
N PHE A 2238 26.26 -20.56 -11.76
CA PHE A 2238 26.32 -19.17 -11.32
C PHE A 2238 25.13 -18.37 -11.84
N GLU A 2239 24.69 -18.65 -13.07
CA GLU A 2239 23.52 -17.96 -13.60
C GLU A 2239 22.29 -18.24 -12.75
N TYR A 2240 22.15 -19.47 -12.25
CA TYR A 2240 21.07 -19.77 -11.31
C TYR A 2240 21.24 -18.98 -10.02
N CYS A 2241 22.47 -18.97 -9.49
CA CYS A 2241 22.77 -18.11 -8.35
C CYS A 2241 22.45 -16.65 -8.66
N ASN A 2242 22.85 -16.18 -9.84
CA ASN A 2242 22.64 -14.80 -10.21
C ASN A 2242 21.15 -14.45 -10.35
N ALA A 2243 20.29 -15.43 -10.54
CA ALA A 2243 18.86 -15.20 -10.69
C ALA A 2243 18.12 -15.25 -9.35
N GLY A 2244 18.80 -15.51 -8.25
CA GLY A 2244 18.18 -15.65 -6.96
C GLY A 2244 18.09 -17.08 -6.44
N GLY A 2245 18.78 -18.03 -7.08
CA GLY A 2245 18.57 -19.43 -6.76
C GLY A 2245 19.03 -19.79 -5.36
N ILE A 2246 20.16 -19.24 -4.92
CA ILE A 2246 20.72 -19.64 -3.63
C ILE A 2246 19.74 -19.34 -2.51
N ALA A 2247 19.25 -18.09 -2.45
CA ALA A 2247 18.27 -17.74 -1.43
C ALA A 2247 17.03 -18.63 -1.54
N THR A 2248 16.54 -18.84 -2.76
CA THR A 2248 15.38 -19.71 -2.95
C THR A 2248 15.65 -21.12 -2.41
N ILE A 2249 16.77 -21.73 -2.83
CA ILE A 2249 17.06 -23.10 -2.42
C ILE A 2249 17.19 -23.18 -0.90
N ALA A 2250 17.87 -22.21 -0.29
CA ALA A 2250 18.08 -22.25 1.15
C ALA A 2250 16.76 -22.25 1.90
N ASN A 2251 15.81 -21.42 1.46
CA ASN A 2251 14.52 -21.37 2.14
C ASN A 2251 13.70 -22.64 1.91
N VAL A 2252 13.82 -23.25 0.72
CA VAL A 2252 13.13 -24.52 0.47
C VAL A 2252 13.58 -25.56 1.49
N ILE A 2253 14.89 -25.76 1.60
CA ILE A 2253 15.43 -26.74 2.54
C ILE A 2253 14.93 -26.44 3.95
N CYS A 2254 14.93 -25.17 4.35
CA CYS A 2254 14.64 -24.82 5.73
C CYS A 2254 13.19 -25.07 6.10
N LYS A 2255 12.28 -25.03 5.13
CA LYS A 2255 10.86 -25.23 5.38
C LYS A 2255 10.39 -26.64 5.06
N SER A 2256 11.30 -27.55 4.69
CA SER A 2256 10.93 -28.88 4.24
C SER A 2256 11.41 -29.98 5.20
N ILE A 2257 11.44 -29.67 6.50
CA ILE A 2257 11.77 -30.70 7.49
C ILE A 2257 10.74 -31.81 7.47
N ASN A 2258 9.48 -31.48 7.18
CA ASN A 2258 8.38 -32.43 7.15
C ASN A 2258 7.80 -32.54 5.75
N GLN A 2259 8.61 -32.25 4.73
CA GLN A 2259 8.24 -32.40 3.32
C GLN A 2259 9.37 -33.15 2.62
N PRO A 2260 9.46 -34.46 2.84
CA PRO A 2260 10.64 -35.21 2.35
C PRO A 2260 10.84 -35.09 0.86
N MSE A 2261 9.78 -35.17 0.07
CA MSE A 2261 9.91 -35.16 -1.38
C MSE A 2261 10.51 -33.86 -1.87
O MSE A 2261 11.33 -33.84 -2.78
CB MSE A 2261 8.56 -35.41 -2.04
CG MSE A 2261 8.05 -36.85 -1.94
SE MSE A 2261 9.34 -38.19 -2.56
CE MSE A 2261 9.71 -39.06 -0.86
H MSE A 2261 8.97 -35.23 0.35
HA MSE A 2261 10.49 -35.89 -1.65
HB2 MSE A 2261 7.89 -34.84 -1.63
HB3 MSE A 2261 8.63 -35.19 -2.99
HG2 MSE A 2261 7.85 -37.05 -1.01
HG3 MSE A 2261 7.25 -36.94 -2.47
HE1 MSE A 2261 8.89 -39.44 -0.50
HE2 MSE A 2261 10.37 -39.77 -1.00
HE3 MSE A 2261 10.07 -38.41 -0.24
N VAL A 2262 10.09 -32.74 -1.26
CA VAL A 2262 10.63 -31.45 -1.65
C VAL A 2262 12.07 -31.32 -1.13
N MSE A 2263 12.33 -31.77 0.09
CA MSE A 2263 13.67 -31.78 0.64
C MSE A 2263 14.65 -32.49 -0.29
O MSE A 2263 15.72 -31.98 -0.59
CB MSE A 2263 13.70 -32.44 2.01
CG MSE A 2263 15.09 -32.45 2.65
SE MSE A 2263 15.70 -30.64 3.12
CE MSE A 2263 14.81 -30.49 4.84
H MSE A 2263 11.73 -32.09 0.63
HA MSE A 2263 13.95 -30.84 0.75
HB2 MSE A 2263 13.10 -31.97 2.61
HB3 MSE A 2263 13.42 -33.37 1.92
HG2 MSE A 2263 15.07 -32.98 3.47
HG3 MSE A 2263 15.73 -32.83 2.02
HE1 MSE A 2263 14.18 -29.75 4.81
HE2 MSE A 2263 14.34 -31.31 5.03
HE3 MSE A 2263 15.48 -30.31 5.53
N LEU A 2264 14.25 -33.68 -0.74
CA LEU A 2264 15.15 -34.51 -1.53
C LEU A 2264 15.57 -33.79 -2.80
N GLU A 2265 14.61 -33.25 -3.55
CA GLU A 2265 14.94 -32.60 -4.80
C GLU A 2265 15.71 -31.30 -4.57
N ALA A 2266 15.43 -30.59 -3.48
CA ALA A 2266 16.17 -29.37 -3.18
C ALA A 2266 17.64 -29.67 -2.90
N CYS A 2267 17.89 -30.66 -2.03
CA CYS A 2267 19.26 -31.03 -1.72
C CYS A 2267 20.00 -31.54 -2.95
N ARG A 2268 19.28 -32.19 -3.87
CA ARG A 2268 19.92 -32.62 -5.12
C ARG A 2268 20.31 -31.41 -5.97
N VAL A 2269 19.46 -30.38 -6.00
CA VAL A 2269 19.80 -29.16 -6.72
C VAL A 2269 21.02 -28.49 -6.10
N LEU A 2270 21.04 -28.40 -4.77
CA LEU A 2270 22.15 -27.74 -4.09
C LEU A 2270 23.45 -28.53 -4.25
N LEU A 2271 23.37 -29.86 -4.17
CA LEU A 2271 24.57 -30.68 -4.29
C LEU A 2271 25.22 -30.51 -5.66
N GLY A 2272 24.41 -30.35 -6.70
CA GLY A 2272 24.96 -30.17 -8.03
C GLY A 2272 25.57 -28.79 -8.23
N LEU A 2273 24.93 -27.76 -7.66
CA LEU A 2273 25.54 -26.44 -7.65
C LEU A 2273 26.90 -26.48 -6.97
N LEU A 2274 26.95 -27.04 -5.76
CA LEU A 2274 28.22 -27.17 -5.06
C LEU A 2274 29.24 -27.97 -5.87
N PHE A 2275 28.77 -28.93 -6.66
CA PHE A 2275 29.70 -29.79 -7.38
C PHE A 2275 30.42 -29.04 -8.50
N TYR A 2276 29.67 -28.25 -9.27
CA TYR A 2276 30.26 -27.57 -10.43
C TYR A 2276 31.09 -26.35 -10.06
N THR A 2277 31.01 -25.87 -8.81
CA THR A 2277 31.66 -24.63 -8.42
C THR A 2277 32.72 -24.82 -7.34
N THR A 2278 33.11 -26.07 -7.05
CA THR A 2278 34.03 -26.38 -5.98
C THR A 2278 35.29 -26.99 -6.58
N ARG A 2279 36.42 -26.29 -6.46
CA ARG A 2279 37.70 -26.83 -6.85
C ARG A 2279 38.20 -27.80 -5.79
N SER A 2280 39.18 -28.62 -6.17
CA SER A 2280 39.78 -29.56 -5.23
C SER A 2280 40.29 -28.81 -4.00
N GLN A 2281 40.30 -29.51 -2.86
CA GLN A 2281 40.96 -28.95 -1.69
C GLN A 2281 42.42 -28.64 -1.99
N ALA A 2282 43.02 -29.35 -2.95
CA ALA A 2282 44.43 -29.17 -3.27
C ALA A 2282 44.67 -27.89 -4.04
N ASP A 2283 43.88 -27.65 -5.10
CA ASP A 2283 44.06 -26.42 -5.87
C ASP A 2283 43.87 -25.19 -5.01
N ARG A 2284 42.89 -25.22 -4.09
CA ARG A 2284 42.63 -24.06 -3.25
C ARG A 2284 43.74 -23.87 -2.21
N GLN A 2285 44.37 -24.95 -1.76
CA GLN A 2285 45.47 -24.80 -0.82
C GLN A 2285 46.69 -24.18 -1.49
N ALA A 2286 47.01 -24.63 -2.71
CA ALA A 2286 48.08 -23.99 -3.47
C ALA A 2286 47.79 -22.52 -3.70
N ALA A 2287 46.51 -22.17 -3.85
CA ALA A 2287 46.14 -20.77 -4.02
C ALA A 2287 46.39 -19.96 -2.75
N VAL A 2288 46.11 -20.56 -1.58
CA VAL A 2288 46.26 -19.84 -0.32
C VAL A 2288 47.74 -19.62 0.00
N GLU A 2289 48.59 -20.60 -0.29
CA GLU A 2289 50.02 -20.43 -0.03
C GLU A 2289 50.61 -19.37 -0.96
N ALA A 2290 50.16 -19.34 -2.22
CA ALA A 2290 50.63 -18.29 -3.13
C ALA A 2290 50.30 -16.91 -2.59
N LEU A 2291 49.05 -16.73 -2.12
CA LEU A 2291 48.65 -15.45 -1.53
C LEU A 2291 49.54 -15.10 -0.35
N HIS A 2292 49.78 -16.06 0.54
CA HIS A 2292 50.66 -15.81 1.68
C HIS A 2292 52.08 -15.48 1.24
N ALA A 2293 52.49 -15.99 0.08
CA ALA A 2293 53.83 -15.67 -0.43
C ALA A 2293 53.89 -14.26 -1.00
N GLN A 2294 52.77 -13.74 -1.51
CA GLN A 2294 52.71 -12.33 -1.86
C GLN A 2294 52.94 -11.45 -0.64
N CYS A 2295 52.18 -11.70 0.43
CA CYS A 2295 52.27 -10.87 1.62
C CYS A 2295 53.65 -10.93 2.25
N GLN A 2296 54.21 -12.14 2.36
CA GLN A 2296 55.54 -12.29 2.94
C GLN A 2296 56.57 -11.49 2.14
N GLN A 2297 56.55 -11.64 0.82
CA GLN A 2297 57.49 -10.90 -0.02
C GLN A 2297 57.23 -9.40 0.06
N ARG A 2298 56.00 -8.99 0.35
CA ARG A 2298 55.69 -7.57 0.49
C ARG A 2298 56.14 -7.03 1.84
N ALA A 2299 55.76 -7.71 2.91
CA ALA A 2299 56.19 -7.28 4.25
C ALA A 2299 57.69 -7.21 4.37
N GLU A 2300 58.43 -7.92 3.52
CA GLU A 2300 59.89 -7.88 3.57
C GLU A 2300 60.43 -6.65 2.84
N GLN A 2301 59.84 -6.31 1.70
CA GLN A 2301 60.28 -5.11 0.99
C GLN A 2301 60.07 -3.85 1.82
N MSE A 2302 58.93 -3.76 2.50
CA MSE A 2302 58.62 -2.61 3.33
C MSE A 2302 59.51 -2.53 4.55
O MSE A 2302 60.03 -1.47 4.89
CB MSE A 2302 57.15 -2.63 3.76
CG MSE A 2302 56.15 -2.60 2.61
SE MSE A 2302 56.08 -0.88 1.69
CE MSE A 2302 57.45 -1.16 0.34
H MSE A 2302 58.31 -4.37 2.49
HA MSE A 2302 58.75 -1.80 2.79
HB2 MSE A 2302 56.99 -3.45 4.25
HB3 MSE A 2302 56.98 -1.87 4.33
HG2 MSE A 2302 56.39 -3.27 1.96
HG3 MSE A 2302 55.27 -2.77 2.96
HE1 MSE A 2302 57.31 -2.02 -0.08
HE2 MSE A 2302 57.39 -0.46 -0.33
HE3 MSE A 2302 58.32 -1.14 0.77
N HIS A 2303 59.70 -3.67 5.22
CA HIS A 2303 60.60 -3.71 6.38
C HIS A 2303 62.02 -3.30 6.02
N ALA A 2304 62.41 -3.45 4.75
CA ALA A 2304 63.74 -3.05 4.31
C ALA A 2304 63.83 -1.57 3.97
N GLN A 2305 62.73 -0.98 3.47
CA GLN A 2305 62.69 0.47 3.34
C GLN A 2305 62.65 1.15 4.70
N ALA A 2306 61.90 0.57 5.64
CA ALA A 2306 61.85 1.12 6.99
C ALA A 2306 63.23 1.12 7.65
N GLN A 2307 64.08 0.16 7.28
CA GLN A 2307 65.45 0.15 7.80
C GLN A 2307 66.33 1.15 7.06
N ALA A 2308 66.23 1.20 5.74
CA ALA A 2308 67.02 2.16 4.98
C ALA A 2308 66.65 3.59 5.34
N ASP A 2309 65.35 3.89 5.36
CA ASP A 2309 64.89 5.24 5.65
C ASP A 2309 65.36 5.71 7.02
N TYR A 2310 65.38 4.81 8.01
CA TYR A 2310 65.85 5.19 9.33
C TYR A 2310 67.36 5.41 9.35
N GLU A 2311 68.12 4.45 8.81
CA GLU A 2311 69.57 4.60 8.78
C GLU A 2311 69.99 5.80 7.94
N ALA A 2312 69.22 6.14 6.91
CA ALA A 2312 69.53 7.28 6.06
C ALA A 2312 69.15 8.61 6.70
N GLY A 2313 68.23 8.60 7.64
CA GLY A 2313 67.87 9.81 8.36
C GLY A 2313 66.68 10.56 7.81
N VAL A 2314 65.85 9.94 6.97
CA VAL A 2314 64.69 10.62 6.41
C VAL A 2314 63.41 10.33 7.19
N VAL A 2315 63.43 9.35 8.09
CA VAL A 2315 62.35 9.13 9.05
C VAL A 2315 62.99 8.96 10.41
N SER A 2316 62.17 9.16 11.46
CA SER A 2316 62.67 9.11 12.83
C SER A 2316 62.35 7.81 13.54
N GLU A 2317 61.30 7.12 13.11
CA GLU A 2317 60.89 5.89 13.78
C GLU A 2317 61.87 4.77 13.45
N PRO A 2318 62.54 4.16 14.43
CA PRO A 2318 63.34 2.99 14.15
C PRO A 2318 62.44 1.82 13.77
N PRO A 2319 62.92 0.90 12.93
CA PRO A 2319 62.09 -0.25 12.57
C PRO A 2319 62.17 -1.31 13.66
N PRO A 2320 61.21 -2.23 13.71
CA PRO A 2320 61.18 -3.21 14.79
C PRO A 2320 62.26 -4.27 14.62
N GLU A 2321 62.82 -4.72 15.74
CA GLU A 2321 63.85 -5.75 15.76
C GLU A 2321 63.48 -6.88 14.81
N GLU A 2322 62.21 -7.27 14.79
CA GLU A 2322 61.74 -8.32 13.90
C GLU A 2322 60.40 -7.91 13.30
N MSE A 2323 60.15 -8.39 12.08
CA MSE A 2323 58.91 -8.12 11.38
C MSE A 2323 57.68 -8.57 12.15
O MSE A 2323 57.76 -9.36 13.09
CB MSE A 2323 58.91 -8.83 10.02
CG MSE A 2323 59.53 -8.06 8.88
SE MSE A 2323 59.35 -9.02 7.20
CE MSE A 2323 60.79 -10.30 7.44
H MSE A 2323 60.70 -8.89 11.64
HA MSE A 2323 58.87 -7.16 11.26
HB2 MSE A 2323 59.39 -9.66 10.11
HB3 MSE A 2323 57.98 -9.01 9.78
HG2 MSE A 2323 59.09 -7.19 8.80
HG3 MSE A 2323 60.48 -7.93 9.07
HE1 MSE A 2323 60.76 -10.66 8.35
HE2 MSE A 2323 60.67 -11.03 6.80
HE3 MSE A 2323 61.64 -9.85 7.29
N GLU A 2324 56.53 -8.04 11.75
CA GLU A 2324 55.23 -8.58 12.12
C GLU A 2324 54.73 -9.47 10.98
N VAL A 2325 54.19 -10.63 11.33
CA VAL A 2325 53.68 -11.56 10.33
C VAL A 2325 52.54 -10.87 9.56
N PRO A 2326 52.64 -10.73 8.24
CA PRO A 2326 51.60 -10.01 7.50
C PRO A 2326 50.41 -10.91 7.20
N GLU A 2327 49.22 -10.47 7.63
CA GLU A 2327 47.98 -11.19 7.32
C GLU A 2327 47.45 -10.72 5.97
N PRO A 2328 47.04 -11.63 5.09
CA PRO A 2328 46.45 -11.19 3.82
C PRO A 2328 45.05 -10.62 3.99
N ASP A 2329 44.68 -9.75 3.06
CA ASP A 2329 43.32 -9.26 2.91
C ASP A 2329 42.35 -10.43 3.06
N PRO A 2330 41.49 -10.44 4.09
CA PRO A 2330 40.67 -11.63 4.33
C PRO A 2330 39.73 -11.97 3.19
N ASP A 2331 39.28 -10.97 2.42
CA ASP A 2331 38.39 -11.26 1.29
C ASP A 2331 39.15 -11.96 0.17
N GLU A 2332 40.38 -11.55 -0.10
CA GLU A 2332 41.18 -12.26 -1.10
C GLU A 2332 41.52 -13.67 -0.64
N LEU A 2333 41.62 -13.88 0.68
CA LEU A 2333 41.96 -15.19 1.21
C LEU A 2333 40.75 -16.12 1.21
N ALA A 2334 39.57 -15.57 1.47
CA ALA A 2334 38.35 -16.38 1.40
C ALA A 2334 38.11 -16.86 -0.03
N ASN A 2335 38.33 -15.99 -1.02
CA ASN A 2335 38.12 -16.38 -2.41
C ASN A 2335 39.07 -17.51 -2.81
N ALA A 2336 40.33 -17.42 -2.40
CA ALA A 2336 41.30 -18.46 -2.74
C ALA A 2336 41.02 -19.75 -1.98
N ALA A 2337 40.62 -19.64 -0.72
CA ALA A 2337 40.58 -20.79 0.18
C ALA A 2337 39.27 -21.59 0.09
N TYR A 2338 38.15 -20.92 -0.09
CA TYR A 2338 36.85 -21.55 0.14
C TYR A 2338 36.26 -22.14 -1.14
N GLY A 2339 35.41 -23.15 -0.93
CA GLY A 2339 34.80 -23.87 -2.03
C GLY A 2339 33.67 -23.10 -2.67
N GLY A 2340 32.91 -23.83 -3.51
CA GLY A 2340 31.84 -23.22 -4.28
C GLY A 2340 30.75 -22.59 -3.45
N TRP A 2341 30.58 -23.02 -2.20
CA TRP A 2341 29.58 -22.41 -1.34
C TRP A 2341 29.85 -20.91 -1.18
N TYR A 2342 31.11 -20.53 -0.99
CA TYR A 2342 31.45 -19.12 -0.82
C TYR A 2342 31.41 -18.38 -2.16
N GLN A 2343 31.89 -19.01 -3.24
CA GLN A 2343 31.84 -18.38 -4.55
C GLN A 2343 30.42 -18.08 -5.00
N MSE A 2344 29.42 -18.69 -4.36
CA MSE A 2344 28.02 -18.49 -4.74
C MSE A 2344 27.30 -17.56 -3.76
O MSE A 2344 26.15 -17.20 -3.97
CB MSE A 2344 27.29 -19.84 -4.81
CG MSE A 2344 27.74 -20.71 -5.97
SE MSE A 2344 26.66 -22.33 -6.19
CE MSE A 2344 27.20 -23.29 -4.58
H MSE A 2344 29.53 -19.25 -3.71
HA MSE A 2344 28.00 -18.09 -5.61
HB2 MSE A 2344 27.47 -20.33 -3.98
HB3 MSE A 2344 26.35 -19.67 -4.90
HG2 MSE A 2344 27.67 -20.19 -6.79
HG3 MSE A 2344 28.65 -20.97 -5.83
HE1 MSE A 2344 26.97 -22.76 -3.81
HE2 MSE A 2344 26.74 -24.14 -4.55
HE3 MSE A 2344 28.16 -23.44 -4.61
N GLY A 2345 27.99 -17.18 -2.70
CA GLY A 2345 27.45 -16.21 -1.75
C GLY A 2345 26.75 -16.79 -0.56
N MSE A 2346 26.98 -18.06 -0.23
CA MSE A 2346 26.43 -18.65 0.98
C MSE A 2346 27.29 -18.21 2.15
O MSE A 2346 28.51 -18.04 2.00
CB MSE A 2346 26.41 -20.17 0.88
CG MSE A 2346 25.76 -20.71 -0.38
SE MSE A 2346 25.69 -22.66 -0.47
CE MSE A 2346 24.75 -23.06 1.20
H MSE A 2346 27.44 -18.60 -0.72
HA MSE A 2346 25.51 -18.38 1.11
HB2 MSE A 2346 27.32 -20.50 0.92
HB3 MSE A 2346 25.91 -20.52 1.64
HG2 MSE A 2346 24.85 -20.37 -0.44
HG3 MSE A 2346 26.28 -20.40 -1.15
HE1 MSE A 2346 23.91 -23.47 0.99
HE2 MSE A 2346 25.29 -23.65 1.73
HE3 MSE A 2346 24.59 -22.23 1.68
N ASP A 2347 26.68 -18.02 3.32
CA ASP A 2347 27.37 -17.51 4.50
C ASP A 2347 27.07 -18.40 5.69
N GLU A 2348 27.84 -18.20 6.76
CA GLU A 2348 27.79 -19.08 7.93
C GLU A 2348 26.36 -19.27 8.44
N VAL A 2349 25.59 -18.19 8.54
CA VAL A 2349 24.27 -18.30 9.16
C VAL A 2349 23.33 -19.13 8.29
N MSE A 2350 23.46 -19.01 6.98
CA MSE A 2350 22.62 -19.77 6.05
C MSE A 2350 22.96 -21.25 6.14
O MSE A 2350 22.07 -22.09 6.24
CB MSE A 2350 22.84 -19.24 4.62
CG MSE A 2350 22.35 -20.16 3.51
SE MSE A 2350 22.55 -19.38 1.73
CE MSE A 2350 22.32 -21.03 0.70
H MSE A 2350 24.02 -18.49 6.59
HA MSE A 2350 21.69 -19.65 6.25
HB2 MSE A 2350 22.36 -18.41 4.53
HB3 MSE A 2350 23.78 -19.10 4.48
HG2 MSE A 2350 22.87 -20.99 3.53
HG3 MSE A 2350 21.41 -20.36 3.64
HE1 MSE A 2350 23.13 -21.20 0.19
HE2 MSE A 2350 22.15 -21.77 1.30
HE3 MSE A 2350 21.57 -20.92 0.09
N ILE A 2351 24.26 -21.55 6.12
CA ILE A 2351 24.71 -22.94 6.18
C ILE A 2351 24.31 -23.57 7.50
N ASP A 2352 24.45 -22.85 8.61
CA ASP A 2352 24.06 -23.39 9.91
C ASP A 2352 22.58 -23.76 9.92
N ALA A 2353 21.74 -22.95 9.27
CA ALA A 2353 20.31 -23.24 9.26
C ALA A 2353 19.96 -24.37 8.30
N ILE A 2354 20.65 -24.44 7.16
CA ILE A 2354 20.45 -25.56 6.24
C ILE A 2354 20.78 -26.87 6.92
N LEU A 2355 21.99 -26.97 7.47
CA LEU A 2355 22.41 -28.23 8.09
C LEU A 2355 21.57 -28.58 9.30
N GLN A 2356 20.99 -27.59 9.97
CA GLN A 2356 20.06 -27.88 11.05
C GLN A 2356 18.79 -28.52 10.51
N ALA A 2357 18.30 -28.03 9.36
CA ALA A 2357 17.09 -28.61 8.77
C ALA A 2357 17.37 -29.99 8.20
N VAL A 2358 18.48 -30.13 7.46
CA VAL A 2358 18.90 -31.43 6.94
C VAL A 2358 18.92 -32.46 8.07
N CYS A 2359 19.49 -32.09 9.21
CA CYS A 2359 19.58 -33.04 10.33
C CYS A 2359 18.22 -33.30 10.94
N ALA A 2360 17.38 -32.27 11.03
CA ALA A 2360 16.02 -32.48 11.54
C ALA A 2360 15.25 -33.41 10.62
N CYS A 2361 15.34 -33.19 9.31
CA CYS A 2361 14.60 -34.01 8.36
C CYS A 2361 15.07 -35.45 8.39
N ALA A 2362 16.39 -35.67 8.37
CA ALA A 2362 16.95 -37.00 8.35
C ALA A 2362 16.59 -37.82 9.58
N ALA A 2363 16.04 -37.19 10.63
CA ALA A 2363 15.75 -37.88 11.87
C ALA A 2363 14.26 -37.96 12.19
N VAL A 2364 13.39 -37.41 11.35
CA VAL A 2364 11.98 -37.76 11.45
C VAL A 2364 11.84 -39.27 11.31
N GLU A 2365 11.03 -39.87 12.19
CA GLU A 2365 10.96 -41.33 12.23
C GLU A 2365 10.46 -41.90 10.90
N ALA A 2366 9.48 -41.24 10.28
CA ALA A 2366 8.98 -41.69 8.98
C ALA A 2366 10.03 -41.58 7.88
N HIS A 2367 11.18 -40.95 8.16
CA HIS A 2367 12.21 -40.74 7.16
C HIS A 2367 13.43 -41.66 7.33
N ALA A 2368 13.50 -42.41 8.43
CA ALA A 2368 14.73 -43.15 8.74
C ALA A 2368 15.08 -44.15 7.66
N LYS A 2369 14.09 -44.68 6.95
CA LYS A 2369 14.31 -45.71 5.94
C LYS A 2369 14.05 -45.20 4.52
N GLN A 2370 14.09 -43.88 4.32
CA GLN A 2370 14.01 -43.28 2.98
C GLN A 2370 15.44 -43.00 2.53
N LEU A 2371 16.10 -44.06 2.05
CA LEU A 2371 17.53 -44.03 1.79
C LEU A 2371 17.90 -42.90 0.83
N ARG A 2372 17.15 -42.76 -0.27
CA ARG A 2372 17.45 -41.71 -1.23
C ARG A 2372 17.53 -40.35 -0.56
N LEU A 2373 16.64 -40.11 0.42
CA LEU A 2373 16.67 -38.84 1.15
C LEU A 2373 17.83 -38.80 2.14
N GLN A 2374 18.08 -39.91 2.84
CA GLN A 2374 19.19 -39.96 3.78
C GLN A 2374 20.52 -39.74 3.07
N ARG A 2375 20.66 -40.28 1.86
CA ARG A 2375 21.91 -40.15 1.11
C ARG A 2375 22.22 -38.67 0.86
N VAL A 2376 21.22 -37.90 0.43
CA VAL A 2376 21.48 -36.49 0.10
C VAL A 2376 21.63 -35.65 1.35
N CYS A 2377 20.90 -35.97 2.43
CA CYS A 2377 21.12 -35.28 3.70
C CYS A 2377 22.55 -35.50 4.18
N LEU A 2378 23.00 -36.75 4.24
CA LEU A 2378 24.37 -37.03 4.64
C LEU A 2378 25.38 -36.43 3.67
N GLY A 2379 24.98 -36.24 2.41
CA GLY A 2379 25.90 -35.67 1.44
C GLY A 2379 26.20 -34.21 1.72
N LEU A 2380 25.16 -33.41 1.99
CA LEU A 2380 25.38 -32.03 2.38
C LEU A 2380 26.13 -31.95 3.70
N ALA A 2381 25.77 -32.80 4.66
CA ALA A 2381 26.49 -32.83 5.93
C ALA A 2381 27.96 -33.18 5.72
N ALA A 2382 28.24 -34.08 4.79
CA ALA A 2382 29.63 -34.47 4.54
C ALA A 2382 30.38 -33.38 3.80
N TYR A 2383 29.73 -32.73 2.84
CA TYR A 2383 30.39 -31.65 2.10
C TYR A 2383 30.85 -30.55 3.05
N PHE A 2384 29.92 -30.03 3.86
CA PHE A 2384 30.26 -28.90 4.72
C PHE A 2384 31.18 -29.33 5.86
N ALA A 2385 31.00 -30.55 6.38
CA ALA A 2385 31.94 -31.07 7.37
C ALA A 2385 33.36 -31.11 6.79
N SER A 2386 33.49 -31.58 5.55
CA SER A 2386 34.82 -31.76 4.96
C SER A 2386 35.47 -30.43 4.59
N GLU A 2387 34.67 -29.38 4.34
CA GLU A 2387 35.21 -28.04 4.12
C GLU A 2387 35.21 -27.21 5.41
N GLN A 2388 35.05 -27.87 6.56
CA GLN A 2388 35.07 -27.22 7.87
C GLN A 2388 34.12 -26.01 7.90
N MSE A 2389 32.85 -26.30 7.66
CA MSE A 2389 31.77 -25.34 7.84
C MSE A 2389 30.61 -26.03 8.54
O MSE A 2389 30.48 -27.26 8.48
CB MSE A 2389 31.31 -24.75 6.51
CG MSE A 2389 32.24 -23.69 5.95
SE MSE A 2389 32.25 -22.04 6.99
CE MSE A 2389 34.04 -21.44 6.53
H MSE A 2389 32.58 -27.06 7.37
HA MSE A 2389 32.09 -24.59 8.37
HB2 MSE A 2389 31.24 -25.46 5.86
HB3 MSE A 2389 30.44 -24.34 6.65
HG2 MSE A 2389 33.14 -24.04 5.94
HG3 MSE A 2389 31.95 -23.48 5.05
HE1 MSE A 2389 34.27 -21.74 5.65
HE2 MSE A 2389 34.08 -20.46 6.58
HE3 MSE A 2389 34.67 -21.81 7.18
N GLY A 2390 29.76 -25.25 9.22
CA GLY A 2390 28.57 -25.78 9.85
C GLY A 2390 28.80 -26.95 10.79
N THR A 2391 30.05 -27.21 11.15
CA THR A 2391 30.36 -28.34 12.01
C THR A 2391 29.56 -28.28 13.31
N SER A 2392 29.50 -27.10 13.93
CA SER A 2392 28.80 -26.95 15.20
C SER A 2392 27.30 -27.18 15.02
N SER A 2393 26.75 -26.80 13.87
CA SER A 2393 25.33 -27.05 13.62
C SER A 2393 25.06 -28.55 13.45
N LEU A 2394 25.98 -29.26 12.80
CA LEU A 2394 25.82 -30.71 12.64
C LEU A 2394 25.79 -31.39 14.00
N VAL A 2395 26.81 -31.16 14.83
CA VAL A 2395 26.85 -31.81 16.13
C VAL A 2395 25.72 -31.31 17.02
N GLY A 2396 25.34 -30.04 16.89
CA GLY A 2396 24.31 -29.50 17.75
C GLY A 2396 22.91 -29.94 17.37
N SER A 2397 22.69 -30.25 16.09
CA SER A 2397 21.40 -30.73 15.62
C SER A 2397 21.32 -32.25 15.57
N GLY A 2398 22.25 -32.94 16.21
CA GLY A 2398 22.15 -34.38 16.36
C GLY A 2398 22.68 -35.19 15.20
N ILE A 2399 23.83 -34.81 14.64
CA ILE A 2399 24.42 -35.59 13.56
C ILE A 2399 24.72 -37.02 14.03
N GLU A 2400 25.03 -37.18 15.32
CA GLU A 2400 25.39 -38.50 15.84
C GLU A 2400 24.26 -39.49 15.63
N GLN A 2401 23.05 -39.15 16.07
CA GLN A 2401 21.94 -40.09 15.97
C GLN A 2401 21.54 -40.32 14.52
N VAL A 2402 21.78 -39.35 13.65
CA VAL A 2402 21.54 -39.54 12.22
C VAL A 2402 22.54 -40.54 11.65
N LEU A 2403 23.82 -40.42 12.04
CA LEU A 2403 24.83 -41.38 11.58
C LEU A 2403 24.58 -42.76 12.17
N THR A 2404 24.12 -42.82 13.43
CA THR A 2404 23.93 -44.11 14.07
C THR A 2404 22.78 -44.88 13.43
N GLN A 2405 21.69 -44.20 13.09
CA GLN A 2405 20.54 -44.89 12.52
C GLN A 2405 20.82 -45.36 11.10
N ILE A 2406 21.48 -44.52 10.29
CA ILE A 2406 21.77 -44.93 8.91
C ILE A 2406 22.64 -46.17 8.90
N MSE A 2407 23.62 -46.25 9.79
CA MSE A 2407 24.53 -47.38 9.83
C MSE A 2407 23.87 -48.61 10.44
O MSE A 2407 24.35 -49.72 10.28
CB MSE A 2407 25.79 -47.02 10.61
CG MSE A 2407 26.67 -45.96 9.95
SE MSE A 2407 28.31 -45.61 10.93
CE MSE A 2407 29.33 -44.76 9.51
H MSE A 2407 23.77 -45.65 10.38
HA MSE A 2407 24.81 -47.59 8.92
HB2 MSE A 2407 25.54 -46.68 11.48
HB3 MSE A 2407 26.33 -47.82 10.72
HG2 MSE A 2407 26.90 -46.26 9.05
HG3 MSE A 2407 26.17 -45.14 9.89
HE1 MSE A 2407 29.58 -43.86 9.79
HE2 MSE A 2407 30.13 -45.28 9.34
HE3 MSE A 2407 28.79 -44.71 8.71
N THR A 2408 22.77 -48.39 11.15
CA THR A 2408 22.00 -49.48 11.75
C THR A 2408 20.89 -49.95 10.82
N ASN A 2409 20.14 -49.02 10.24
CA ASN A 2409 19.06 -49.38 9.33
C ASN A 2409 19.56 -49.81 7.95
N PHE A 2410 20.79 -49.41 7.58
CA PHE A 2410 21.38 -49.75 6.29
C PHE A 2410 22.82 -50.23 6.47
N ALA A 2411 23.02 -51.15 7.41
CA ALA A 2411 24.37 -51.66 7.65
C ALA A 2411 24.95 -52.26 6.38
N GLY A 2412 26.19 -51.87 6.06
CA GLY A 2412 26.92 -52.40 4.93
C GLY A 2412 26.91 -51.52 3.69
N GLU A 2413 25.84 -50.74 3.49
CA GLU A 2413 25.67 -50.03 2.23
C GLU A 2413 26.82 -49.06 2.01
N GLY A 2414 27.31 -49.02 0.77
CA GLY A 2414 28.58 -48.36 0.51
C GLY A 2414 28.51 -46.85 0.52
N THR A 2415 27.48 -46.28 -0.10
CA THR A 2415 27.41 -44.83 -0.26
C THR A 2415 27.28 -44.14 1.10
N THR A 2416 26.28 -44.54 1.89
CA THR A 2416 26.10 -43.91 3.19
C THR A 2416 27.32 -44.09 4.08
N MSE A 2417 28.09 -45.16 3.88
CA MSE A 2417 29.26 -45.41 4.71
C MSE A 2417 30.42 -44.49 4.34
O MSE A 2417 31.16 -44.04 5.21
CB MSE A 2417 29.70 -46.88 4.59
CG MSE A 2417 28.90 -47.82 5.48
SE MSE A 2417 29.07 -47.39 7.38
CE MSE A 2417 30.98 -47.74 7.60
H MSE A 2417 27.95 -45.75 3.27
HA MSE A 2417 29.03 -45.24 5.64
HB2 MSE A 2417 29.58 -47.16 3.68
HB3 MSE A 2417 30.62 -46.94 4.86
HG2 MSE A 2417 27.95 -47.75 5.25
HG3 MSE A 2417 29.21 -48.72 5.34
HE1 MSE A 2417 31.48 -47.19 6.97
HE2 MSE A 2417 31.24 -47.52 8.51
HE3 MSE A 2417 31.14 -48.68 7.41
N GLN A 2418 30.59 -44.21 3.05
CA GLN A 2418 31.56 -43.20 2.63
C GLN A 2418 31.21 -41.84 3.22
N LEU A 2419 30.02 -41.34 2.88
CA LEU A 2419 29.58 -40.04 3.38
C LEU A 2419 29.65 -39.98 4.89
N SER A 2420 29.15 -41.02 5.57
CA SER A 2420 29.19 -41.05 7.03
C SER A 2420 30.62 -40.96 7.52
N CYS A 2421 31.51 -41.79 6.96
CA CYS A 2421 32.91 -41.79 7.40
C CYS A 2421 33.57 -40.44 7.13
N VAL A 2422 33.28 -39.83 5.98
CA VAL A 2422 33.81 -38.50 5.70
C VAL A 2422 33.38 -37.51 6.78
N ILE A 2423 32.14 -37.63 7.24
CA ILE A 2423 31.66 -36.77 8.32
C ILE A 2423 32.44 -37.05 9.60
N ILE A 2424 32.59 -38.32 9.95
CA ILE A 2424 33.33 -38.66 11.17
C ILE A 2424 34.77 -38.18 11.08
N ASN A 2425 35.43 -38.45 9.95
CA ASN A 2425 36.82 -38.04 9.80
C ASN A 2425 36.96 -36.53 9.90
N SER A 2426 36.18 -35.79 9.10
CA SER A 2426 36.30 -34.34 9.08
C SER A 2426 36.00 -33.72 10.44
N ILE A 2427 35.04 -34.29 11.16
CA ILE A 2427 34.71 -33.76 12.49
C ILE A 2427 35.83 -34.07 13.48
N ALA A 2428 36.43 -35.26 13.37
CA ALA A 2428 37.50 -35.62 14.28
C ALA A 2428 38.71 -34.71 14.12
N MSE A 2429 38.98 -34.24 12.91
CA MSE A 2429 40.13 -33.39 12.63
C MSE A 2429 39.85 -31.92 12.94
O MSE A 2429 40.77 -31.10 12.99
CB MSE A 2429 40.55 -33.54 11.17
CG MSE A 2429 41.07 -34.90 10.79
SE MSE A 2429 42.88 -35.33 11.41
CE MSE A 2429 43.56 -33.56 11.85
H MSE A 2429 38.49 -34.41 12.21
HA MSE A 2429 40.85 -33.69 13.20
HB2 MSE A 2429 39.78 -33.34 10.60
HB3 MSE A 2429 41.26 -32.89 10.99
HG2 MSE A 2429 40.48 -35.57 11.16
HG3 MSE A 2429 41.08 -34.97 9.82
HE1 MSE A 2429 43.02 -33.17 12.55
HE2 MSE A 2429 44.48 -33.63 12.14
HE3 MSE A 2429 43.53 -33.00 11.05
N THR A 2430 38.58 -31.58 13.14
CA THR A 2430 38.19 -30.19 13.37
C THR A 2430 38.25 -29.82 14.85
N SER A 2431 37.63 -30.62 15.72
CA SER A 2431 37.52 -30.29 17.13
C SER A 2431 37.46 -31.57 17.94
N GLY A 2432 38.44 -31.77 18.83
CA GLY A 2432 38.44 -32.92 19.71
C GLY A 2432 37.31 -32.94 20.71
N ASP A 2433 36.57 -31.84 20.84
CA ASP A 2433 35.49 -31.71 21.80
C ASP A 2433 34.14 -32.12 21.20
N MSE A 2434 33.84 -31.61 20.01
CA MSE A 2434 32.63 -32.00 19.28
C MSE A 2434 32.78 -33.44 18.80
O MSE A 2434 31.79 -34.18 18.75
CB MSE A 2434 32.39 -31.07 18.12
CG MSE A 2434 31.72 -29.78 18.51
SE MSE A 2434 31.41 -28.64 16.96
CE MSE A 2434 33.21 -28.62 16.19
H MSE A 2434 34.32 -31.04 19.59
HA MSE A 2434 31.86 -31.94 19.87
HB2 MSE A 2434 33.24 -30.85 17.70
HB3 MSE A 2434 31.82 -31.51 17.47
HG2 MSE A 2434 30.86 -29.97 18.92
HG3 MSE A 2434 32.29 -29.30 19.13
HE1 MSE A 2434 33.44 -29.54 15.93
HE2 MSE A 2434 33.21 -28.05 15.41
HE3 MSE A 2434 33.83 -28.30 16.85
N TYR A 2435 34.00 -33.82 18.44
CA TYR A 2435 34.26 -35.22 18.10
C TYR A 2435 33.86 -36.13 19.24
N GLU A 2436 34.24 -35.77 20.46
CA GLU A 2436 33.86 -36.57 21.63
C GLU A 2436 32.33 -36.64 21.76
N GLU A 2437 31.64 -35.54 21.44
CA GLU A 2437 30.19 -35.53 21.56
C GLU A 2437 29.55 -36.57 20.66
N ILE A 2438 30.07 -36.74 19.44
CA ILE A 2438 29.49 -37.71 18.51
C ILE A 2438 30.06 -39.11 18.68
N LYS A 2439 31.21 -39.25 19.32
CA LYS A 2439 31.88 -40.54 19.48
C LYS A 2439 31.27 -41.26 20.70
N THR A 2440 30.29 -42.12 20.44
CA THR A 2440 29.53 -42.76 21.50
C THR A 2440 29.44 -44.27 21.26
N SER A 2441 29.03 -44.98 22.32
CA SER A 2441 28.88 -46.43 22.24
C SER A 2441 27.96 -46.82 21.09
N ALA A 2442 26.82 -46.16 20.98
CA ALA A 2442 25.87 -46.50 19.91
C ALA A 2442 26.49 -46.27 18.54
N LEU A 2443 27.32 -45.24 18.40
CA LEU A 2443 27.89 -44.93 17.10
C LEU A 2443 29.00 -45.91 16.74
N LEU A 2444 29.86 -46.25 17.71
CA LEU A 2444 30.95 -47.17 17.43
C LEU A 2444 30.43 -48.59 17.22
N SER A 2445 29.42 -48.99 17.99
CA SER A 2445 28.80 -50.29 17.77
C SER A 2445 28.16 -50.36 16.38
N ALA A 2446 27.54 -49.27 15.94
CA ALA A 2446 26.97 -49.25 14.59
C ALA A 2446 28.06 -49.17 13.53
N LEU A 2447 29.15 -48.46 13.81
CA LEU A 2447 30.25 -48.37 12.85
C LEU A 2447 30.92 -49.73 12.68
N LYS A 2448 31.25 -50.40 13.79
CA LYS A 2448 31.81 -51.74 13.74
C LYS A 2448 30.92 -52.66 12.91
N THR A 2449 29.65 -52.77 13.30
CA THR A 2449 28.75 -53.70 12.61
C THR A 2449 28.61 -53.37 11.13
N SER A 2450 28.65 -52.09 10.78
CA SER A 2450 28.44 -51.70 9.39
C SER A 2450 29.70 -51.92 8.56
N VAL A 2451 30.87 -51.64 9.12
CA VAL A 2451 32.11 -51.87 8.39
C VAL A 2451 32.27 -53.34 8.05
N GLY A 2452 31.80 -54.23 8.93
CA GLY A 2452 31.92 -55.65 8.68
C GLY A 2452 30.94 -56.20 7.67
N LYS A 2453 29.82 -55.52 7.46
CA LYS A 2453 28.80 -55.95 6.52
C LYS A 2453 29.05 -55.43 5.10
N MSE A 2454 30.15 -54.73 4.86
CA MSE A 2454 30.40 -54.15 3.55
C MSE A 2454 30.86 -55.20 2.55
O MSE A 2454 31.48 -56.21 2.93
CB MSE A 2454 31.43 -53.02 3.66
CG MSE A 2454 30.95 -51.83 4.48
SE MSE A 2454 32.17 -50.30 4.52
CE MSE A 2454 32.05 -49.75 2.65
H MSE A 2454 30.76 -54.58 5.44
HA MSE A 2454 29.58 -53.75 3.22
HB2 MSE A 2454 32.24 -53.37 4.08
HB3 MSE A 2454 31.65 -52.70 2.76
HG2 MSE A 2454 30.11 -51.52 4.11
HG3 MSE A 2454 30.82 -52.12 5.40
HE1 MSE A 2454 31.14 -49.48 2.46
HE2 MSE A 2454 32.66 -49.03 2.49
HE3 MSE A 2454 32.28 -50.51 2.08
N ALA A 2455 30.55 -54.97 1.28
CA ALA A 2455 30.92 -55.91 0.23
C ALA A 2455 32.43 -56.12 0.20
N THR A 2456 32.83 -57.31 -0.28
CA THR A 2456 34.24 -57.64 -0.41
C THR A 2456 34.54 -58.48 -1.64
N LYS A 2457 33.55 -58.73 -2.51
CA LYS A 2457 33.76 -59.57 -3.68
C LYS A 2457 34.67 -58.89 -4.68
N LYS A 2458 34.19 -57.80 -5.28
CA LYS A 2458 34.88 -57.13 -6.37
C LYS A 2458 36.00 -56.25 -5.83
N PRO A 2459 37.02 -55.96 -6.65
CA PRO A 2459 38.16 -55.19 -6.12
C PRO A 2459 37.79 -53.77 -5.77
N GLU A 2460 36.90 -53.15 -6.54
CA GLU A 2460 36.44 -51.80 -6.20
C GLU A 2460 35.79 -51.76 -4.82
N GLU A 2461 35.10 -52.84 -4.44
CA GLU A 2461 34.41 -52.87 -3.17
C GLU A 2461 35.39 -53.01 -2.01
N LYS A 2462 36.44 -53.82 -2.20
CA LYS A 2462 37.44 -53.98 -1.14
C LYS A 2462 38.21 -52.70 -0.91
N ALA A 2463 38.34 -51.85 -1.94
CA ALA A 2463 38.94 -50.54 -1.73
C ALA A 2463 38.05 -49.67 -0.85
N LEU A 2464 36.75 -49.65 -1.12
CA LEU A 2464 35.83 -48.85 -0.32
C LEU A 2464 35.83 -49.31 1.13
N LYS A 2465 35.78 -50.62 1.36
CA LYS A 2465 35.75 -51.14 2.72
C LYS A 2465 37.01 -50.73 3.48
N GLU A 2466 38.15 -50.70 2.78
CA GLU A 2466 39.41 -50.33 3.44
C GLU A 2466 39.37 -48.87 3.92
N THR A 2467 38.72 -48.00 3.15
CA THR A 2467 38.61 -46.60 3.55
C THR A 2467 37.75 -46.45 4.81
N CYS A 2468 36.58 -47.08 4.81
CA CYS A 2468 35.74 -47.09 6.01
C CYS A 2468 36.46 -47.78 7.15
N ALA A 2469 37.17 -48.87 6.84
CA ALA A 2469 37.93 -49.57 7.88
C ALA A 2469 38.96 -48.66 8.53
N ALA A 2470 39.59 -47.79 7.73
CA ALA A 2470 40.55 -46.84 8.29
C ALA A 2470 39.87 -45.87 9.25
N THR A 2471 38.62 -45.51 8.96
CA THR A 2471 37.87 -44.66 9.90
C THR A 2471 37.58 -45.40 11.19
N LEU A 2472 37.12 -46.66 11.10
CA LEU A 2472 36.85 -47.43 12.30
C LEU A 2472 38.11 -47.60 13.15
N GLU A 2473 39.27 -47.75 12.50
CA GLU A 2473 40.50 -47.95 13.24
C GLU A 2473 40.90 -46.68 13.99
N ALA A 2474 41.01 -45.56 13.27
CA ALA A 2474 41.43 -44.32 13.90
C ALA A 2474 40.51 -43.92 15.04
N ALA A 2475 39.22 -44.25 14.93
CA ALA A 2475 38.30 -44.00 16.03
C ALA A 2475 38.72 -44.78 17.27
N SER A 2476 38.96 -46.08 17.12
CA SER A 2476 39.24 -46.94 18.27
C SER A 2476 40.60 -46.68 18.88
N SER A 2477 41.53 -46.07 18.15
CA SER A 2477 42.85 -45.80 18.68
C SER A 2477 42.76 -44.77 19.81
N GLY A 2478 43.42 -45.06 20.93
CA GLY A 2478 43.49 -44.11 22.02
C GLY A 2478 44.37 -42.91 21.76
N GLU A 2479 45.17 -42.95 20.70
CA GLU A 2479 45.96 -41.81 20.27
C GLU A 2479 45.03 -40.65 19.88
N ASP A 2480 45.56 -39.44 19.97
CA ASP A 2480 44.82 -38.23 19.62
C ASP A 2480 44.06 -38.43 18.31
N PRO A 2481 42.82 -37.91 18.19
CA PRO A 2481 42.16 -37.95 16.88
C PRO A 2481 42.92 -37.21 15.80
N PHE A 2482 43.53 -36.07 16.12
CA PHE A 2482 44.26 -35.31 15.12
C PHE A 2482 45.34 -36.16 14.44
N ASP A 2483 45.90 -37.12 15.16
CA ASP A 2483 46.87 -38.04 14.57
C ASP A 2483 46.21 -39.31 14.04
N ALA A 2484 45.20 -39.82 14.75
CA ALA A 2484 44.56 -41.06 14.35
C ALA A 2484 43.96 -40.95 12.95
N PHE A 2485 43.14 -39.92 12.72
CA PHE A 2485 42.47 -39.71 11.45
C PHE A 2485 43.32 -38.94 10.45
N SER A 2486 44.63 -38.83 10.68
CA SER A 2486 45.44 -37.94 9.85
C SER A 2486 45.55 -38.43 8.41
N LYS A 2487 45.41 -39.74 8.17
CA LYS A 2487 45.59 -40.30 6.84
C LYS A 2487 44.28 -40.79 6.22
N THR A 2488 43.15 -40.40 6.77
CA THR A 2488 41.86 -40.75 6.21
C THR A 2488 41.29 -39.59 5.41
N VAL A 2489 40.35 -39.90 4.52
CA VAL A 2489 39.85 -38.93 3.56
C VAL A 2489 38.91 -37.96 4.24
N THR A 2490 39.17 -36.66 4.08
CA THR A 2490 38.32 -35.59 4.59
C THR A 2490 37.90 -34.67 3.44
N GLU A 2491 37.53 -35.27 2.30
CA GLU A 2491 37.10 -34.53 1.13
C GLU A 2491 36.05 -35.35 0.39
N LEU A 2492 35.04 -34.66 -0.14
CA LEU A 2492 33.85 -35.32 -0.65
C LEU A 2492 34.01 -35.69 -2.13
N ASP A 2493 33.80 -36.96 -2.44
CA ASP A 2493 33.55 -37.42 -3.79
C ASP A 2493 32.05 -37.39 -4.02
N PHE A 2494 31.60 -36.54 -4.95
CA PHE A 2494 30.16 -36.28 -5.07
C PHE A 2494 29.38 -37.48 -5.61
N LYS A 2495 30.04 -38.47 -6.21
CA LYS A 2495 29.31 -39.59 -6.77
C LYS A 2495 28.60 -40.39 -5.69
N PHE A 2496 29.13 -40.40 -4.46
CA PHE A 2496 28.50 -41.14 -3.37
C PHE A 2496 27.17 -40.53 -2.96
N THR A 2497 26.92 -39.27 -3.32
CA THR A 2497 25.62 -38.66 -3.06
C THR A 2497 24.58 -39.00 -4.12
N GLU A 2498 25.01 -39.53 -5.27
CA GLU A 2498 24.11 -39.90 -6.36
C GLU A 2498 23.13 -38.78 -6.68
N TRP A 2499 23.56 -37.53 -6.53
CA TRP A 2499 22.66 -36.40 -6.66
C TRP A 2499 22.03 -36.32 -8.05
N ASN A 2500 22.77 -36.70 -9.09
CA ASN A 2500 22.29 -36.61 -10.46
C ASN A 2500 21.87 -37.96 -11.02
N VAL A 2501 21.60 -38.94 -10.15
CA VAL A 2501 21.27 -40.29 -10.58
C VAL A 2501 19.75 -40.43 -10.66
N ASP A 2502 19.24 -40.71 -11.85
CA ASP A 2502 17.81 -40.94 -12.00
C ASP A 2502 17.40 -42.20 -11.24
N PRO A 2503 16.30 -42.16 -10.50
CA PRO A 2503 15.83 -43.36 -9.80
C PRO A 2503 14.94 -44.21 -10.70
N TYR A 2504 14.59 -45.38 -10.18
CA TYR A 2504 13.57 -46.20 -10.81
C TYR A 2504 13.99 -46.56 -12.24
N PRO A 2505 15.17 -47.13 -12.45
CA PRO A 2505 15.57 -47.50 -13.82
C PRO A 2505 14.68 -48.58 -14.42
N ASN A 2506 14.07 -49.42 -13.58
CA ASN A 2506 13.19 -50.49 -14.07
C ASN A 2506 11.72 -50.11 -14.01
N GLY A 2507 11.33 -49.15 -13.17
CA GLY A 2507 9.97 -48.67 -13.12
C GLY A 2507 9.38 -48.78 -11.72
N VAL A 2508 8.07 -49.02 -11.68
CA VAL A 2508 7.34 -48.96 -10.40
C VAL A 2508 7.86 -50.00 -9.42
N HIS A 2509 8.32 -51.14 -9.91
CA HIS A 2509 8.75 -52.22 -9.03
C HIS A 2509 10.16 -52.01 -8.48
N ASP A 2510 10.79 -50.87 -8.80
CA ASP A 2510 11.98 -50.42 -8.09
C ASP A 2510 11.62 -49.57 -6.87
N LEU A 2511 10.36 -49.18 -6.72
CA LEU A 2511 9.95 -48.46 -5.53
C LEU A 2511 10.42 -49.18 -4.28
N PRO A 2512 10.79 -48.46 -3.21
CA PRO A 2512 11.13 -49.13 -1.96
C PRO A 2512 9.99 -50.03 -1.50
N SER A 2513 10.35 -51.13 -0.83
CA SER A 2513 9.35 -52.11 -0.45
C SER A 2513 8.29 -51.50 0.46
N ASN A 2514 8.69 -50.61 1.37
CA ASN A 2514 7.72 -50.02 2.29
C ASN A 2514 6.75 -49.09 1.55
N VAL A 2515 7.22 -48.41 0.50
CA VAL A 2515 6.30 -47.60 -0.30
C VAL A 2515 5.35 -48.50 -1.08
N LYS A 2516 5.87 -49.59 -1.65
CA LYS A 2516 5.00 -50.57 -2.31
C LYS A 2516 4.02 -51.17 -1.31
N GLU A 2517 4.51 -51.58 -0.15
CA GLU A 2517 3.62 -52.15 0.86
C GLU A 2517 2.57 -51.14 1.30
N ALA A 2518 2.95 -49.86 1.44
CA ALA A 2518 2.00 -48.85 1.86
C ALA A 2518 1.05 -48.45 0.73
N LEU A 2519 1.56 -48.35 -0.50
CA LEU A 2519 0.68 -48.15 -1.64
C LEU A 2519 -0.39 -49.23 -1.69
N ARG A 2520 0.02 -50.49 -1.51
CA ARG A 2520 -0.95 -51.58 -1.47
C ARG A 2520 -1.82 -51.51 -0.22
N LYS A 2521 -1.21 -51.19 0.92
CA LYS A 2521 -1.97 -50.93 2.15
C LYS A 2521 -3.16 -50.03 1.85
N GLY A 2522 -2.90 -48.87 1.27
CA GLY A 2522 -3.95 -47.92 0.98
C GLY A 2522 -4.33 -47.12 2.20
N GLY A 2523 -5.56 -46.61 2.18
CA GLY A 2523 -6.07 -45.84 3.30
C GLY A 2523 -7.51 -45.47 3.07
N LYS A 2524 -8.10 -44.85 4.10
CA LYS A 2524 -9.46 -44.35 4.05
C LYS A 2524 -9.46 -42.84 4.15
N LEU A 2525 -10.38 -42.21 3.43
CA LEU A 2525 -10.51 -40.75 3.43
C LEU A 2525 -11.99 -40.42 3.32
N LYS A 2526 -12.29 -39.14 3.15
CA LYS A 2526 -13.64 -38.68 2.82
C LYS A 2526 -13.54 -37.85 1.55
N VAL A 2527 -14.39 -38.16 0.58
CA VAL A 2527 -14.40 -37.49 -0.71
C VAL A 2527 -15.61 -36.58 -0.75
N PHE A 2528 -15.40 -35.32 -1.16
CA PHE A 2528 -16.48 -34.37 -1.33
C PHE A 2528 -16.83 -34.33 -2.82
N LEU A 2529 -17.68 -35.28 -3.21
CA LEU A 2529 -18.15 -35.42 -4.58
C LEU A 2529 -18.71 -34.10 -5.08
N PRO A 2530 -18.90 -33.94 -6.40
CA PRO A 2530 -19.31 -32.62 -6.90
C PRO A 2530 -20.63 -32.12 -6.34
N GLU A 2531 -21.69 -32.91 -6.46
CA GLU A 2531 -23.00 -32.51 -5.99
C GLU A 2531 -23.59 -33.51 -5.00
N LYS A 2532 -22.80 -33.89 -4.00
CA LYS A 2532 -23.24 -34.84 -2.99
C LYS A 2532 -22.55 -34.52 -1.67
N GLU A 2533 -22.99 -35.20 -0.61
CA GLU A 2533 -22.48 -34.93 0.73
C GLU A 2533 -21.14 -35.63 0.96
N LYS A 2534 -20.55 -35.35 2.12
CA LYS A 2534 -19.30 -35.97 2.55
C LYS A 2534 -19.46 -37.49 2.55
N GLU A 2535 -18.80 -38.17 1.63
CA GLU A 2535 -18.94 -39.62 1.46
C GLU A 2535 -17.61 -40.30 1.76
N GLU A 2536 -17.67 -41.38 2.53
CA GLU A 2536 -16.49 -42.17 2.83
C GLU A 2536 -15.89 -42.77 1.56
N ILE A 2537 -14.58 -42.93 1.55
CA ILE A 2537 -13.86 -43.45 0.38
C ILE A 2537 -12.65 -44.22 0.84
N ARG A 2538 -12.48 -45.43 0.29
CA ARG A 2538 -11.32 -46.27 0.55
C ARG A 2538 -10.56 -46.43 -0.76
N TRP A 2539 -9.28 -46.09 -0.75
CA TRP A 2539 -8.42 -46.24 -1.92
C TRP A 2539 -7.36 -47.29 -1.63
N ARG A 2540 -6.63 -47.65 -2.68
CA ARG A 2540 -5.60 -48.69 -2.61
C ARG A 2540 -5.00 -48.91 -3.98
N SER A 2541 -3.67 -49.06 -4.04
CA SER A 2541 -3.02 -49.46 -5.28
C SER A 2541 -3.25 -50.95 -5.52
N SER A 2542 -3.48 -51.29 -6.79
CA SER A 2542 -3.52 -52.69 -7.16
C SER A 2542 -2.20 -53.37 -6.79
N GLN A 2543 -2.27 -54.69 -6.59
CA GLN A 2543 -1.05 -55.49 -6.55
C GLN A 2543 -0.15 -55.13 -7.72
N ASP A 2544 -0.77 -54.72 -8.83
CA ASP A 2544 -0.01 -54.39 -10.04
C ASP A 2544 0.93 -53.21 -9.84
N LEU A 2545 0.57 -52.28 -8.95
CA LEU A 2545 1.23 -50.97 -8.87
C LEU A 2545 1.10 -50.21 -10.18
N ASN A 2546 0.08 -50.53 -10.96
CA ASN A 2546 -0.24 -49.82 -12.19
C ASN A 2546 -1.60 -49.14 -12.14
N VAL A 2547 -2.39 -49.38 -11.09
CA VAL A 2547 -3.79 -48.99 -11.04
C VAL A 2547 -4.10 -48.39 -9.68
N PHE A 2548 -4.74 -47.22 -9.69
CA PHE A 2548 -5.25 -46.59 -8.47
C PHE A 2548 -6.69 -47.05 -8.27
N GLU A 2549 -6.87 -48.09 -7.46
CA GLU A 2549 -8.18 -48.64 -7.20
C GLU A 2549 -8.84 -47.90 -6.04
N TRP A 2550 -10.18 -47.96 -5.99
CA TRP A 2550 -10.88 -47.32 -4.89
C TRP A 2550 -12.34 -47.76 -4.90
N CYS A 2551 -12.86 -48.02 -3.70
CA CYS A 2551 -14.29 -48.23 -3.47
C CYS A 2551 -14.82 -47.06 -2.66
N MSE A 2552 -16.14 -46.88 -2.69
CA MSE A 2552 -16.77 -45.72 -2.08
C MSE A 2552 -17.95 -46.14 -1.19
O MSE A 2552 -18.54 -47.19 -1.41
CB MSE A 2552 -17.24 -44.74 -3.16
CG MSE A 2552 -17.01 -43.27 -2.84
SE MSE A 2552 -17.58 -42.11 -4.29
CE MSE A 2552 -15.84 -41.47 -4.91
H MSE A 2552 -16.69 -47.42 -3.07
HA MSE A 2552 -16.12 -45.26 -1.52
HB2 MSE A 2552 -16.75 -44.93 -3.97
HB3 MSE A 2552 -18.19 -44.87 -3.30
HG2 MSE A 2552 -17.53 -43.04 -2.04
HG3 MSE A 2552 -16.07 -43.12 -2.67
HE1 MSE A 2552 -15.81 -41.53 -5.88
HE2 MSE A 2552 -15.72 -40.55 -4.63
HE3 MSE A 2552 -15.14 -42.02 -4.53
N GLY A 2553 -18.28 -45.30 -0.21
CA GLY A 2553 -19.38 -45.62 0.68
C GLY A 2553 -19.10 -46.88 1.46
N ASN A 2554 -20.06 -47.80 1.46
CA ASN A 2554 -19.91 -49.09 2.13
C ASN A 2554 -19.46 -50.19 1.18
N ASP A 2555 -19.34 -49.90 -0.11
CA ASP A 2555 -18.81 -50.88 -1.06
C ASP A 2555 -17.47 -51.39 -0.57
N GLN A 2556 -17.18 -52.65 -0.87
CA GLN A 2556 -15.90 -53.26 -0.53
C GLN A 2556 -15.17 -53.86 -1.73
N ASP A 2557 -15.82 -53.97 -2.88
CA ASP A 2557 -15.14 -54.28 -4.13
C ASP A 2557 -14.70 -52.97 -4.77
N TYR A 2558 -13.44 -52.92 -5.20
CA TYR A 2558 -12.82 -51.67 -5.66
C TYR A 2558 -13.02 -51.54 -7.16
N ASN A 2559 -14.20 -51.05 -7.54
CA ASN A 2559 -14.63 -51.03 -8.93
C ASN A 2559 -14.21 -49.77 -9.68
N ASN A 2560 -13.70 -48.76 -8.99
CA ASN A 2560 -13.29 -47.50 -9.61
C ASN A 2560 -11.77 -47.52 -9.75
N ARG A 2561 -11.28 -47.32 -10.98
CA ARG A 2561 -9.88 -47.57 -11.29
C ARG A 2561 -9.33 -46.49 -12.21
N ILE A 2562 -8.11 -46.05 -11.91
CA ILE A 2562 -7.42 -45.05 -12.70
C ILE A 2562 -5.98 -45.55 -12.90
N PRO A 2563 -5.51 -45.72 -14.14
CA PRO A 2563 -4.10 -46.10 -14.32
C PRO A 2563 -3.20 -44.97 -13.84
N ILE A 2564 -2.19 -45.33 -13.04
CA ILE A 2564 -1.41 -44.34 -12.31
C ILE A 2564 -0.76 -43.34 -13.26
N VAL A 2565 -0.44 -43.77 -14.50
CA VAL A 2565 0.21 -42.88 -15.43
C VAL A 2565 -0.74 -41.79 -15.92
N ARG A 2566 -2.05 -42.01 -15.83
CA ARG A 2566 -3.03 -41.04 -16.30
C ARG A 2566 -3.50 -40.11 -15.20
N ILE A 2567 -2.91 -40.18 -14.00
CA ILE A 2567 -3.26 -39.27 -12.91
C ILE A 2567 -2.51 -37.97 -13.14
N ARG A 2568 -3.21 -36.95 -13.64
CA ARG A 2568 -2.53 -35.76 -14.14
C ARG A 2568 -1.94 -34.92 -13.02
N ASN A 2569 -2.51 -34.98 -11.82
CA ASN A 2569 -2.07 -34.06 -10.77
C ASN A 2569 -2.72 -34.45 -9.45
N VAL A 2570 -2.01 -34.12 -8.36
CA VAL A 2570 -2.51 -34.30 -7.00
C VAL A 2570 -2.12 -33.04 -6.23
N ALA A 2571 -3.11 -32.21 -5.91
CA ALA A 2571 -2.86 -30.86 -5.41
C ALA A 2571 -3.35 -30.72 -3.96
N LYS A 2572 -2.59 -29.98 -3.17
CA LYS A 2572 -2.93 -29.71 -1.79
C LYS A 2572 -3.85 -28.51 -1.68
N GLY A 2573 -4.73 -28.54 -0.69
CA GLY A 2573 -5.49 -27.38 -0.29
C GLY A 2573 -6.90 -27.33 -0.86
N LEU A 2574 -7.48 -26.14 -0.78
CA LEU A 2574 -8.85 -25.90 -1.25
C LEU A 2574 -8.78 -25.42 -2.70
N VAL A 2575 -8.73 -26.40 -3.61
CA VAL A 2575 -8.59 -26.14 -5.03
C VAL A 2575 -9.80 -26.60 -5.82
N HIS A 2576 -10.83 -27.13 -5.15
CA HIS A 2576 -12.04 -27.58 -5.81
C HIS A 2576 -13.25 -26.95 -5.13
N PRO A 2577 -14.26 -26.51 -5.90
CA PRO A 2577 -15.42 -25.86 -5.27
C PRO A 2577 -16.13 -26.73 -4.25
N ALA A 2578 -16.06 -28.06 -4.39
CA ALA A 2578 -16.66 -28.95 -3.39
C ALA A 2578 -15.88 -28.91 -2.07
N LEU A 2579 -14.65 -28.42 -2.09
CA LEU A 2579 -13.87 -28.20 -0.87
C LEU A 2579 -13.95 -26.75 -0.38
N LYS A 2580 -13.92 -25.79 -1.31
CA LYS A 2580 -14.12 -24.39 -0.93
C LYS A 2580 -15.51 -24.18 -0.35
N ALA A 2581 -16.49 -24.98 -0.78
CA ALA A 2581 -17.85 -24.87 -0.27
C ALA A 2581 -18.06 -25.70 0.98
N ALA A 2582 -17.34 -26.81 1.15
CA ALA A 2582 -17.38 -27.53 2.42
C ALA A 2582 -16.61 -26.78 3.50
N ALA A 2583 -15.76 -25.82 3.12
CA ALA A 2583 -15.02 -25.02 4.10
C ALA A 2583 -15.92 -23.97 4.73
N LYS A 2584 -16.54 -23.12 3.92
CA LYS A 2584 -17.48 -22.12 4.42
C LYS A 2584 -18.53 -22.73 5.32
N LYS A 2585 -18.82 -24.03 5.16
CA LYS A 2585 -19.87 -24.71 5.89
C LYS A 2585 -19.34 -25.63 6.99
N GLU A 2586 -18.02 -25.69 7.17
CA GLU A 2586 -17.40 -26.59 8.13
C GLU A 2586 -15.92 -26.24 8.23
N PRO A 2587 -15.59 -25.00 8.62
CA PRO A 2587 -14.23 -24.49 8.35
C PRO A 2587 -13.12 -25.22 9.09
N ARG A 2588 -13.39 -25.81 10.25
CA ARG A 2588 -12.30 -26.40 11.04
C ARG A 2588 -11.99 -27.84 10.64
N LYS A 2589 -12.98 -28.59 10.18
CA LYS A 2589 -12.73 -29.95 9.71
C LYS A 2589 -12.33 -30.00 8.24
N VAL A 2590 -12.75 -29.01 7.45
CA VAL A 2590 -12.34 -28.90 6.07
C VAL A 2590 -11.46 -27.67 5.91
N ALA A 2591 -10.22 -27.76 6.39
CA ALA A 2591 -9.24 -26.69 6.26
C ALA A 2591 -8.17 -27.10 5.25
N ALA A 2592 -7.46 -26.10 4.73
CA ALA A 2592 -6.54 -26.34 3.63
C ALA A 2592 -5.48 -27.37 3.97
N LYS A 2593 -5.13 -27.51 5.25
CA LYS A 2593 -4.12 -28.49 5.65
C LYS A 2593 -4.67 -29.91 5.72
N PHE A 2594 -5.98 -30.09 5.57
CA PHE A 2594 -6.60 -31.40 5.57
C PHE A 2594 -7.02 -31.89 4.19
N THR A 2595 -7.04 -31.03 3.19
CA THR A 2595 -7.73 -31.29 1.94
C THR A 2595 -6.77 -31.47 0.78
N MSE A 2596 -7.30 -32.02 -0.31
CA MSE A 2596 -6.53 -32.34 -1.51
C MSE A 2596 -7.50 -32.65 -2.64
O MSE A 2596 -8.69 -32.85 -2.40
CB MSE A 2596 -5.62 -33.53 -1.24
CG MSE A 2596 -6.36 -34.84 -1.13
SE MSE A 2596 -5.77 -35.97 0.35
CE MSE A 2596 -7.28 -35.69 1.54
H MSE A 2596 -8.14 -32.22 -0.38
HA MSE A 2596 -5.97 -31.59 -1.75
HB2 MSE A 2596 -4.99 -33.60 -1.98
HB3 MSE A 2596 -5.13 -33.37 -0.41
HG2 MSE A 2596 -7.31 -34.64 -0.99
HG3 MSE A 2596 -6.25 -35.34 -1.95
HE1 MSE A 2596 -7.37 -34.75 1.73
HE2 MSE A 2596 -8.08 -36.02 1.11
HE3 MSE A 2596 -7.12 -36.18 2.36
N CYS A 2597 -7.00 -32.73 -3.87
CA CYS A 2597 -7.81 -33.18 -4.99
C CYS A 2597 -6.93 -33.95 -5.97
N LEU A 2598 -7.50 -35.02 -6.52
CA LEU A 2598 -6.78 -35.94 -7.41
C LEU A 2598 -7.44 -35.89 -8.78
N PHE A 2599 -6.71 -35.37 -9.77
CA PHE A 2599 -7.23 -35.17 -11.11
C PHE A 2599 -6.75 -36.27 -12.04
N GLY A 2600 -7.67 -36.78 -12.86
CA GLY A 2600 -7.40 -37.93 -13.70
C GLY A 2600 -8.01 -37.85 -15.08
N PRO A 2601 -8.11 -38.99 -15.76
CA PRO A 2601 -8.52 -38.99 -17.16
C PRO A 2601 -10.02 -38.84 -17.31
N PRO A 2602 -10.49 -38.47 -18.49
CA PRO A 2602 -11.94 -38.31 -18.69
C PRO A 2602 -12.69 -39.63 -18.53
N ASN A 2603 -13.99 -39.51 -18.32
CA ASN A 2603 -14.84 -40.65 -18.01
C ASN A 2603 -16.25 -40.36 -18.54
N ASP A 2604 -17.03 -41.42 -18.75
CA ASP A 2604 -18.40 -41.25 -19.20
C ASP A 2604 -19.15 -40.30 -18.26
N ASP A 2605 -18.87 -40.38 -16.97
CA ASP A 2605 -19.44 -39.43 -16.02
C ASP A 2605 -18.81 -38.05 -16.18
N PHE A 2606 -17.48 -37.98 -16.21
CA PHE A 2606 -16.76 -36.72 -16.31
C PHE A 2606 -16.24 -36.54 -17.73
N PRO A 2607 -16.94 -35.78 -18.58
CA PRO A 2607 -16.43 -35.58 -19.95
C PRO A 2607 -15.16 -34.75 -20.00
N GLU A 2608 -14.85 -33.98 -18.95
CA GLU A 2608 -13.68 -33.11 -18.93
C GLU A 2608 -12.55 -33.64 -18.07
N GLY A 2609 -12.81 -34.64 -17.22
CA GLY A 2609 -11.77 -35.20 -16.38
C GLY A 2609 -12.25 -35.57 -14.99
N VAL A 2610 -11.88 -36.75 -14.51
CA VAL A 2610 -12.28 -37.18 -13.17
C VAL A 2610 -11.54 -36.37 -12.13
N GLU A 2611 -12.26 -35.99 -11.07
CA GLU A 2611 -11.70 -35.19 -9.99
C GLU A 2611 -12.26 -35.69 -8.66
N LEU A 2612 -11.38 -35.95 -7.70
CA LEU A 2612 -11.76 -36.50 -6.40
C LEU A 2612 -11.34 -35.55 -5.30
N PRO A 2613 -12.19 -34.58 -4.92
CA PRO A 2613 -11.85 -33.68 -3.81
C PRO A 2613 -12.05 -34.38 -2.48
N MSE A 2614 -10.98 -34.47 -1.69
CA MSE A 2614 -11.00 -35.26 -0.47
C MSE A 2614 -10.44 -34.53 0.75
O MSE A 2614 -9.89 -33.44 0.62
CB MSE A 2614 -10.21 -36.56 -0.67
CG MSE A 2614 -10.86 -37.55 -1.62
SE MSE A 2614 -9.61 -38.91 -2.22
CE MSE A 2614 -8.53 -37.80 -3.41
H MSE A 2614 -10.23 -34.07 -1.84
HA MSE A 2614 -11.93 -35.48 -0.28
HB2 MSE A 2614 -9.34 -36.33 -1.04
HB3 MSE A 2614 -10.11 -37.00 0.19
HG2 MSE A 2614 -11.60 -37.98 -1.17
HG3 MSE A 2614 -11.19 -37.07 -2.40
HE1 MSE A 2614 -8.38 -36.93 -2.99
HE2 MSE A 2614 -7.67 -38.24 -3.56
HE3 MSE A 2614 -8.99 -37.69 -4.25
N VAL A 2615 -10.60 -35.14 1.91
CA VAL A 2615 -10.15 -34.57 3.17
C VAL A 2615 -9.69 -35.69 4.08
N ALA A 2616 -8.61 -35.46 4.81
CA ALA A 2616 -8.05 -36.43 5.75
C ALA A 2616 -8.32 -35.99 7.18
N LYS A 2617 -8.09 -36.91 8.12
CA LYS A 2617 -8.24 -36.61 9.53
C LYS A 2617 -7.13 -35.69 10.04
N SER A 2618 -6.03 -35.55 9.29
CA SER A 2618 -4.87 -34.81 9.76
C SER A 2618 -4.10 -34.31 8.55
N GLN A 2619 -3.18 -33.37 8.81
CA GLN A 2619 -2.26 -32.97 7.75
C GLN A 2619 -1.21 -34.04 7.49
N LYS A 2620 -0.81 -34.77 8.54
CA LYS A 2620 0.16 -35.84 8.36
C LYS A 2620 -0.39 -36.93 7.45
N GLU A 2621 -1.69 -37.25 7.58
CA GLU A 2621 -2.32 -38.19 6.67
C GLU A 2621 -2.47 -37.57 5.28
N ARG A 2622 -2.81 -36.29 5.22
CA ARG A 2622 -2.93 -35.63 3.92
C ARG A 2622 -1.59 -35.52 3.22
N ASP A 2623 -0.53 -35.16 3.97
CA ASP A 2623 0.79 -35.03 3.35
C ASP A 2623 1.37 -36.38 2.96
N ALA A 2624 1.10 -37.42 3.77
CA ALA A 2624 1.57 -38.75 3.42
C ALA A 2624 0.95 -39.22 2.11
N PHE A 2625 -0.36 -39.04 1.95
CA PHE A 2625 -1.01 -39.41 0.71
C PHE A 2625 -0.32 -38.78 -0.49
N VAL A 2626 -0.16 -37.45 -0.47
CA VAL A 2626 0.50 -36.77 -1.58
C VAL A 2626 1.93 -37.27 -1.75
N GLU A 2627 2.56 -37.73 -0.67
CA GLU A 2627 3.95 -38.15 -0.75
C GLU A 2627 4.10 -39.45 -1.54
N MSE A 2628 3.25 -40.44 -1.28
CA MSE A 2628 3.29 -41.69 -2.02
C MSE A 2628 2.94 -41.45 -3.49
O MSE A 2628 3.57 -41.99 -4.40
CB MSE A 2628 2.32 -42.72 -1.46
CG MSE A 2628 2.50 -43.08 0.00
SE MSE A 2628 1.00 -44.17 0.59
CE MSE A 2628 -0.41 -42.93 0.08
H MSE A 2628 2.64 -40.41 -0.66
HA MSE A 2628 4.19 -42.05 -1.94
HB2 MSE A 2628 1.42 -42.38 -1.56
HB3 MSE A 2628 2.42 -43.54 -1.98
HG2 MSE A 2628 3.32 -43.59 0.10
HG3 MSE A 2628 2.54 -42.27 0.53
HE1 MSE A 2628 -0.75 -43.19 -0.80
HE2 MSE A 2628 -1.11 -42.96 0.74
HE3 MSE A 2628 -0.03 -42.04 0.04
N MSE A 2629 1.90 -40.65 -3.71
CA MSE A 2629 1.43 -40.37 -5.06
C MSE A 2629 2.55 -39.77 -5.90
O MSE A 2629 2.65 -40.03 -7.10
CB MSE A 2629 0.23 -39.42 -5.03
CG MSE A 2629 -1.02 -40.01 -4.38
SE MSE A 2629 -1.69 -41.61 -5.28
CE MSE A 2629 -2.03 -40.82 -7.02
H MSE A 2629 1.44 -40.27 -3.10
HA MSE A 2629 1.14 -41.19 -5.48
HB2 MSE A 2629 0.47 -38.63 -4.54
HB3 MSE A 2629 0.00 -39.19 -5.94
HG2 MSE A 2629 -0.80 -40.25 -3.46
HG3 MSE A 2629 -1.72 -39.35 -4.38
HE1 MSE A 2629 -1.18 -40.61 -7.44
HE2 MSE A 2629 -2.53 -41.45 -7.57
HE3 MSE A 2629 -2.55 -40.00 -6.91
N VAL A 2630 3.42 -38.97 -5.27
CA VAL A 2630 4.51 -38.35 -5.99
C VAL A 2630 5.51 -39.40 -6.46
N GLN A 2631 5.96 -40.27 -5.54
CA GLN A 2631 6.89 -41.32 -5.93
C GLN A 2631 6.26 -42.29 -6.92
N TRP A 2632 5.03 -42.71 -6.64
CA TRP A 2632 4.35 -43.68 -7.50
C TRP A 2632 4.29 -43.20 -8.93
N ARG A 2633 3.74 -42.00 -9.15
CA ARG A 2633 3.65 -41.47 -10.51
C ARG A 2633 5.04 -41.26 -11.12
N ASP A 2634 5.99 -40.82 -10.30
CA ASP A 2634 7.35 -40.61 -10.78
C ASP A 2634 7.95 -41.92 -11.28
N ALA A 2635 7.84 -42.98 -10.47
CA ALA A 2635 8.41 -44.26 -10.85
C ALA A 2635 7.69 -44.87 -12.05
N ALA A 2636 6.41 -44.52 -12.24
CA ALA A 2636 5.66 -45.09 -13.36
C ALA A 2636 6.16 -44.55 -14.70
N THR A 2637 6.75 -43.37 -14.72
CA THR A 2637 7.29 -42.80 -15.95
C THR A 2637 8.57 -43.50 -16.41
N TYR A 2638 9.07 -44.48 -15.66
CA TYR A 2638 10.22 -45.27 -16.08
C TYR A 2638 9.83 -46.74 -16.28
N ASN A 2639 8.72 -46.99 -16.97
CA ASN A 2639 8.23 -48.34 -17.19
C ASN A 2639 8.54 -48.79 -18.62
N PHE A 2640 8.09 -49.99 -18.95
CA PHE A 2640 8.22 -50.55 -20.29
C PHE A 2640 9.70 -50.68 -20.70
C ACT B . -28.21 -34.50 -49.80
O ACT B . -28.34 -33.80 -48.77
OXT ACT B . -27.22 -34.57 -50.59
CH3 ACT B . -29.43 -35.39 -50.17
H1 ACT B . -29.15 -36.32 -50.19
H2 ACT B . -29.76 -35.13 -51.05
H3 ACT B . -30.12 -35.27 -49.51
K K C . 33.63 30.00 12.10
K K D . 22.90 11.45 51.93
#